data_7LAA
#
_entry.id   7LAA
#
loop_
_entity.id
_entity.type
_entity.pdbx_description
1 polymer 'Spike glycoprotein'
2 polymer 'DH1041 heavy chain'
3 polymer 'DH1041 light chain'
4 branched 2-acetamido-2-deoxy-beta-D-glucopyranose-(1-4)-2-acetamido-2-deoxy-beta-D-glucopyranose
5 branched beta-D-mannopyranose-(1-4)-2-acetamido-2-deoxy-beta-D-glucopyranose-(1-4)-2-acetamido-2-deoxy-beta-D-glucopyranose
6 non-polymer 2-acetamido-2-deoxy-beta-D-glucopyranose
#
loop_
_entity_poly.entity_id
_entity_poly.type
_entity_poly.pdbx_seq_one_letter_code
_entity_poly.pdbx_strand_id
1 'polypeptide(L)'
;AYTNSFTRGVYYPDKVFRSSVLHSTQDLFLPFFSNVTWFHAIHVSGTNGTKRFDNPVLPFNDGVYFASTEKSNIIRGWIF
GTTLDSKTQSLLIVNNATNVVIKVCEFQFCNDPFLGVYYHKNNKSWMESEFRVYSSANNCTFEYVSQPFLMDLEGKQGNF
KNLREFVFKNIDGYFKIYSKHTPINLVRDLPQGFSALEPLVDLPIGINITRFQTLLALHRSYLTPGDSSSGWTAGAAAYY
VGYLQPRTFLLKYNENGTITDAVDCALDPLSETKCTLKSFTVEKGIYQTSNFRVQPTESIVRFPNITNLCPFGEVFNATR
FASVYAWNRKRISNCVADYSVLYNSASFSTFKCYGVSPTKLNDLCFTNVYADSFVIRGDEVRQIAPGQTGKIADYNYKLP
DDFTGCVIAWNSNNLDSKVGGNYNYLYRLFRKSNLKPFERDISTEIYQAGSTPCNGVEGFNCYFPLQSYGFQPTNGVGYQ
PYRVVVLSFELLHAPATVCGPKKSTNLVKNKCVNFNFNGLTGTGVLTESNKKFLPFQQFGRDIADTTDAVRDPQTLEILD
ITPCSFGGVSVITPGTNTSNEVAVLYQDVNCTEVPVAIHADQLTPTWRVYSTGSNVFQTRAGCLIGAEHVNNSYECDIPI
GAGICASYQTQTNSPRRARSVASQSIIAYTMSLGAENSVAYSNNSIAIPTNFTISVTTEILPVSMTKTSVDCTMYICGDS
TECSNLLLQYGSFCTQLNRALTGIAVEQDKNTQEVFAQVKQIYKTPPIKDFGGFNFSQILPDPSKPSKRSFIEDLLFNKV
TLADAGFIKQYGDCLGDIAARDLICAQKFNGLTVLPPLLTDEMIAQYTSALLAGTITSGWTFGAGAALQIPFAMQMAYRF
NGIGVTQNVLYENQKLIANQFNSAIGKIQDSLSSTASALGKLQDVVNQNAQALNTLVKQLSSNFGAISSVLNDILSRLDP
PEAEVQIDRLITGRLQSLQTYVTQQLIRAAEIRASANLAATKMSECVLGQSKRVDFCGKGYHLMSFPQSAPHGVVFLHVT
YVPAQEKNFTTAPAICHDGKAHFPREGVFVSNGTHWFVTQRNFYEPQIITTDNTFVSGNCDVVIGIVNNTVYDPLQPELD
S
;
A,B,C
2 'polypeptide(L)'
;EVQLVESGGGLVQPGGSLRLSCAASGVTFSSYWMSWVRQAPGKGLEWVANIRQDGSEKYSVDSVKGRFTISRDNAKNSLY
LQMNSLRAEDTAVYYCARARRADNSGYYGFHFDCWGQGTLVTVSSASTKGPSVFPLAPSSKSTSGGTAALGCLVKDYFPE
PVTVSWNSGALTSGVHTFPAVLQSSGLYSLSSVVTVPSSSLGTQTYICNVNHKPSNTKVDKKVEPK
;
H
3 'polypeptide(L)'
;QSVLTQPPSVSGAPGQRVTISCTGSSSNIGAGYDVHWYQQLPGTAPKLLIYGNNNRPSGVPDRFSDSKSGTSASLAITRL
QAEDEADYYCQSYDSSLSGWVFGGGTKLTVLGQPKANPTVTLFPPSSEELQANKATLVCLISDFYPGAVTVAWKADSSPV
KAGVETTTPSKQSNNKYAASSYLSLTPEQWKSHRSYSCQVTHEGSTVEKTVAPTECS
;
L
#
loop_
_chem_comp.id
_chem_comp.type
_chem_comp.name
_chem_comp.formula
BMA D-saccharide, beta linking beta-D-mannopyranose 'C6 H12 O6'
NAG D-saccharide, beta linking 2-acetamido-2-deoxy-beta-D-glucopyranose 'C8 H15 N O6'
#
# COMPACT_ATOMS: atom_id res chain seq x y z
N ALA A 1 22.80 -7.17 -56.66
CA ALA A 1 21.75 -6.63 -57.53
C ALA A 1 20.38 -7.07 -57.02
N TYR A 2 19.37 -6.21 -57.20
CA TYR A 2 18.02 -6.38 -56.61
C TYR A 2 16.99 -5.56 -57.39
N THR A 3 15.71 -5.81 -57.09
CA THR A 3 14.57 -4.94 -57.41
C THR A 3 13.72 -4.76 -56.14
N ASN A 4 13.08 -3.60 -55.95
CA ASN A 4 12.26 -3.39 -54.76
C ASN A 4 10.91 -4.10 -54.86
N SER A 5 10.63 -4.94 -53.87
CA SER A 5 9.42 -5.74 -53.75
C SER A 5 8.18 -4.86 -53.66
N PHE A 6 7.04 -5.35 -54.17
CA PHE A 6 5.73 -4.94 -53.65
C PHE A 6 5.30 -5.85 -52.49
N THR A 7 4.12 -5.59 -51.92
CA THR A 7 3.68 -6.16 -50.65
C THR A 7 3.23 -7.62 -50.75
N ARG A 8 4.20 -8.54 -50.88
CA ARG A 8 4.04 -10.00 -50.75
C ARG A 8 5.08 -10.55 -49.78
N GLY A 9 5.15 -11.87 -49.67
CA GLY A 9 5.93 -12.56 -48.63
C GLY A 9 5.22 -12.62 -47.29
N VAL A 10 3.88 -12.62 -47.32
CA VAL A 10 3.01 -12.71 -46.15
C VAL A 10 2.19 -13.97 -46.24
N TYR A 11 2.04 -14.65 -45.11
CA TYR A 11 1.50 -16.01 -45.02
C TYR A 11 0.72 -16.17 -43.71
N TYR A 12 -0.21 -17.13 -43.65
CA TYR A 12 -0.96 -17.46 -42.45
C TYR A 12 -0.03 -18.02 -41.38
N PRO A 13 0.19 -17.36 -40.24
CA PRO A 13 1.38 -17.63 -39.43
C PRO A 13 1.20 -18.73 -38.38
N ASP A 14 -0.03 -19.07 -38.00
CA ASP A 14 -0.28 -19.83 -36.76
C ASP A 14 -1.43 -20.86 -36.80
N LYS A 15 -1.86 -21.31 -37.99
CA LYS A 15 -2.84 -22.40 -38.20
C LYS A 15 -4.27 -22.12 -37.70
N VAL A 16 -4.57 -20.86 -37.34
CA VAL A 16 -5.86 -20.45 -36.74
C VAL A 16 -6.76 -19.72 -37.74
N PHE A 17 -8.03 -20.11 -37.83
CA PHE A 17 -9.05 -19.33 -38.54
C PHE A 17 -9.40 -18.06 -37.78
N ARG A 18 -9.45 -16.92 -38.48
CA ARG A 18 -9.97 -15.65 -37.95
C ARG A 18 -10.81 -14.95 -39.01
N SER A 19 -11.91 -14.31 -38.64
CA SER A 19 -12.73 -13.51 -39.53
C SER A 19 -12.70 -12.06 -39.09
N SER A 20 -12.52 -11.14 -40.04
CA SER A 20 -12.63 -9.69 -39.87
C SER A 20 -11.65 -9.00 -38.90
N VAL A 21 -11.19 -9.66 -37.84
CA VAL A 21 -10.31 -9.07 -36.82
C VAL A 21 -8.93 -8.72 -37.39
N LEU A 22 -8.54 -7.45 -37.28
CA LEU A 22 -7.18 -7.02 -37.54
C LEU A 22 -6.25 -7.61 -36.45
N HIS A 23 -5.51 -8.65 -36.78
CA HIS A 23 -4.71 -9.42 -35.83
C HIS A 23 -3.23 -9.03 -35.89
N SER A 24 -2.65 -8.60 -34.77
CA SER A 24 -1.24 -8.22 -34.71
C SER A 24 -0.36 -9.41 -34.44
N THR A 25 0.76 -9.50 -35.16
CA THR A 25 1.63 -10.66 -35.08
C THR A 25 3.08 -10.28 -35.30
N GLN A 26 4.00 -11.02 -34.70
CA GLN A 26 5.43 -10.97 -35.04
C GLN A 26 5.85 -12.35 -35.53
N ASP A 27 6.40 -12.41 -36.73
CA ASP A 27 6.88 -13.64 -37.37
C ASP A 27 7.85 -13.28 -38.49
N LEU A 28 8.53 -14.27 -39.06
CA LEU A 28 9.51 -14.11 -40.13
C LEU A 28 8.88 -13.74 -41.48
N PHE A 29 8.27 -12.57 -41.58
CA PHE A 29 7.73 -12.07 -42.85
C PHE A 29 8.82 -11.46 -43.73
N LEU A 30 8.50 -11.21 -45.01
CA LEU A 30 9.31 -10.32 -45.83
C LEU A 30 8.97 -8.85 -45.48
N PRO A 31 9.95 -7.97 -45.22
CA PRO A 31 9.74 -6.53 -45.10
C PRO A 31 9.11 -5.92 -46.37
N PHE A 32 8.07 -5.11 -46.19
CA PHE A 32 7.03 -4.94 -47.20
C PHE A 32 7.47 -4.46 -48.58
N PHE A 33 8.37 -3.47 -48.64
CA PHE A 33 8.90 -2.92 -49.89
C PHE A 33 10.38 -3.21 -50.12
N SER A 34 10.95 -4.14 -49.35
CA SER A 34 12.39 -4.37 -49.36
C SER A 34 12.90 -5.01 -50.66
N ASN A 35 14.21 -4.91 -50.86
CA ASN A 35 14.94 -5.34 -52.02
C ASN A 35 14.87 -6.88 -52.20
N VAL A 36 13.97 -7.41 -53.03
CA VAL A 36 14.13 -8.81 -53.46
C VAL A 36 15.39 -8.88 -54.31
N THR A 37 16.29 -9.78 -53.94
CA THR A 37 17.48 -10.08 -54.74
C THR A 37 17.04 -10.75 -56.03
N TRP A 38 17.58 -10.30 -57.14
CA TRP A 38 17.16 -10.71 -58.48
C TRP A 38 18.16 -11.72 -59.06
N PHE A 39 17.65 -12.84 -59.57
CA PHE A 39 18.42 -13.83 -60.31
C PHE A 39 17.99 -13.88 -61.78
N HIS A 40 18.97 -13.76 -62.67
CA HIS A 40 18.85 -14.06 -64.09
C HIS A 40 20.04 -14.94 -64.44
N ALA A 41 19.91 -16.22 -64.08
CA ALA A 41 21.00 -17.19 -63.95
C ALA A 41 21.47 -17.78 -65.31
N ILE A 42 21.57 -16.96 -66.35
CA ILE A 42 22.17 -17.34 -67.62
C ILE A 42 23.69 -17.57 -67.47
N HIS A 43 24.29 -18.22 -68.48
CA HIS A 43 25.72 -18.58 -68.55
C HIS A 43 26.25 -19.19 -67.27
N PRO A 56 22.65 -21.02 -58.92
CA PRO A 56 23.82 -20.83 -58.06
C PRO A 56 23.51 -20.78 -56.56
N VAL A 57 24.53 -21.00 -55.72
CA VAL A 57 24.38 -21.08 -54.24
C VAL A 57 23.91 -19.76 -53.65
N LEU A 58 23.18 -19.81 -52.55
CA LEU A 58 22.72 -18.67 -51.76
C LEU A 58 22.75 -18.95 -50.25
N PRO A 59 22.87 -17.91 -49.40
CA PRO A 59 22.80 -18.07 -47.97
C PRO A 59 21.35 -18.10 -47.50
N PHE A 60 21.03 -18.98 -46.57
CA PHE A 60 19.67 -19.10 -46.00
C PHE A 60 19.55 -18.22 -44.74
N ASN A 61 19.61 -16.90 -44.93
CA ASN A 61 19.87 -15.92 -43.86
C ASN A 61 19.00 -16.10 -42.60
N ASP A 62 17.68 -16.24 -42.75
CA ASP A 62 16.75 -16.43 -41.63
C ASP A 62 15.42 -17.06 -42.12
N GLY A 63 15.52 -18.05 -43.00
CA GLY A 63 14.47 -18.36 -43.95
C GLY A 63 14.55 -17.48 -45.19
N VAL A 64 13.83 -17.86 -46.23
CA VAL A 64 13.86 -17.23 -47.54
C VAL A 64 12.44 -17.02 -48.07
N TYR A 65 12.16 -15.83 -48.58
CA TYR A 65 11.11 -15.65 -49.57
C TYR A 65 11.69 -15.93 -50.95
N PHE A 66 11.11 -16.86 -51.69
CA PHE A 66 11.54 -17.25 -53.03
C PHE A 66 10.38 -17.10 -54.00
N ALA A 67 10.60 -16.51 -55.16
CA ALA A 67 9.63 -16.48 -56.23
C ALA A 67 10.30 -16.82 -57.55
N SER A 68 9.52 -17.27 -58.54
CA SER A 68 10.06 -17.66 -59.85
C SER A 68 9.20 -17.23 -61.03
N THR A 69 9.86 -16.73 -62.06
CA THR A 69 9.24 -16.30 -63.32
C THR A 69 9.85 -17.10 -64.46
N GLU A 70 9.78 -18.43 -64.38
CA GLU A 70 10.22 -19.33 -65.44
C GLU A 70 9.39 -20.62 -65.54
N LYS A 71 9.54 -21.32 -66.66
CA LYS A 71 8.83 -22.54 -67.08
C LYS A 71 9.05 -23.75 -66.14
N SER A 72 8.09 -24.66 -66.18
CA SER A 72 7.99 -25.87 -65.33
C SER A 72 9.05 -26.94 -65.55
N ASN A 73 9.72 -26.97 -66.71
CA ASN A 73 10.72 -27.99 -67.06
C ASN A 73 11.99 -27.90 -66.17
N ILE A 74 12.42 -26.69 -65.82
CA ILE A 74 13.71 -26.41 -65.16
C ILE A 74 13.59 -26.58 -63.64
N ILE A 75 13.29 -25.51 -62.91
CA ILE A 75 13.35 -25.51 -61.45
C ILE A 75 12.26 -26.43 -60.94
N ARG A 76 12.71 -27.48 -60.24
CA ARG A 76 11.92 -28.59 -59.67
C ARG A 76 12.06 -28.75 -58.15
N GLY A 77 13.03 -28.06 -57.56
CA GLY A 77 13.39 -28.20 -56.15
C GLY A 77 14.63 -27.39 -55.75
N TRP A 78 15.07 -27.58 -54.52
CA TRP A 78 16.19 -26.87 -53.90
C TRP A 78 16.90 -27.81 -52.92
N ILE A 79 18.22 -27.65 -52.70
CA ILE A 79 19.00 -28.39 -51.68
C ILE A 79 19.53 -27.43 -50.64
N PHE A 80 19.30 -27.69 -49.37
CA PHE A 80 19.74 -26.84 -48.26
C PHE A 80 20.93 -27.45 -47.51
N GLY A 81 21.58 -26.70 -46.61
CA GLY A 81 22.67 -27.23 -45.79
C GLY A 81 23.37 -26.22 -44.89
N THR A 82 24.25 -26.71 -44.03
CA THR A 82 25.38 -25.94 -43.46
C THR A 82 26.67 -26.18 -44.26
N THR A 83 26.70 -27.29 -45.01
CA THR A 83 27.73 -27.80 -45.93
C THR A 83 27.02 -28.43 -47.14
N LEU A 84 27.70 -28.58 -48.28
CA LEU A 84 27.12 -29.18 -49.51
C LEU A 84 27.92 -30.41 -50.02
N ASP A 85 28.78 -30.98 -49.18
CA ASP A 85 29.73 -32.02 -49.56
C ASP A 85 29.95 -33.07 -48.45
N SER A 86 28.87 -33.72 -48.03
CA SER A 86 28.87 -34.95 -47.21
C SER A 86 29.59 -34.81 -45.86
N LYS A 87 29.19 -33.82 -45.05
CA LYS A 87 29.75 -33.64 -43.70
C LYS A 87 28.77 -33.00 -42.71
N SER A 90 23.15 -31.40 -48.91
CA SER A 90 22.74 -32.72 -48.45
C SER A 90 21.25 -32.83 -48.10
N LEU A 91 20.52 -31.71 -48.06
CA LEU A 91 19.16 -31.59 -47.51
C LEU A 91 18.13 -31.23 -48.61
N LEU A 92 17.86 -32.16 -49.53
CA LEU A 92 17.01 -31.91 -50.71
C LEU A 92 15.52 -31.72 -50.40
N ILE A 93 14.84 -30.91 -51.20
CA ILE A 93 13.41 -31.01 -51.48
C ILE A 93 13.22 -30.97 -53.00
N VAL A 94 12.41 -31.85 -53.55
CA VAL A 94 11.83 -31.79 -54.89
C VAL A 94 10.31 -31.72 -54.73
N ASN A 95 9.60 -31.03 -55.62
CA ASN A 95 8.13 -31.11 -55.71
C ASN A 95 7.72 -31.25 -57.19
N ASN A 96 7.56 -32.50 -57.64
CA ASN A 96 7.12 -32.88 -58.99
C ASN A 96 5.57 -32.87 -59.11
N ALA A 97 4.86 -32.24 -58.17
CA ALA A 97 3.42 -32.34 -57.88
C ALA A 97 2.92 -33.75 -57.50
N THR A 98 3.08 -34.73 -58.38
CA THR A 98 2.74 -36.15 -58.19
C THR A 98 3.59 -36.88 -57.13
N ASN A 99 4.85 -36.49 -56.94
CA ASN A 99 5.69 -36.85 -55.81
C ASN A 99 6.61 -35.70 -55.33
N VAL A 100 7.08 -35.81 -54.09
CA VAL A 100 7.82 -34.77 -53.35
C VAL A 100 9.00 -35.46 -52.65
N VAL A 101 10.02 -35.82 -53.42
CA VAL A 101 11.21 -36.48 -52.91
C VAL A 101 11.93 -35.52 -51.98
N ILE A 102 12.44 -35.98 -50.85
CA ILE A 102 13.04 -35.15 -49.81
C ILE A 102 14.32 -35.84 -49.29
N LYS A 103 15.21 -35.14 -48.58
CA LYS A 103 16.08 -35.83 -47.64
C LYS A 103 16.66 -34.98 -46.50
N VAL A 104 17.02 -35.65 -45.41
CA VAL A 104 18.10 -35.23 -44.47
C VAL A 104 19.08 -36.40 -44.35
N CYS A 105 20.34 -36.15 -44.68
CA CYS A 105 21.23 -37.18 -45.19
C CYS A 105 22.70 -36.71 -45.18
N GLU A 106 23.62 -37.54 -45.66
CA GLU A 106 25.01 -37.16 -46.00
C GLU A 106 25.25 -37.12 -47.52
N PHE A 107 24.21 -37.09 -48.35
CA PHE A 107 24.34 -36.99 -49.81
C PHE A 107 25.10 -35.72 -50.26
N GLN A 108 25.67 -35.76 -51.45
CA GLN A 108 26.58 -34.75 -51.98
C GLN A 108 25.92 -33.90 -53.09
N PHE A 109 26.02 -32.57 -53.00
CA PHE A 109 25.76 -31.71 -54.15
C PHE A 109 26.88 -31.88 -55.19
N CYS A 110 26.60 -32.53 -56.32
CA CYS A 110 27.60 -32.90 -57.33
C CYS A 110 28.39 -31.72 -57.92
N ASN A 111 27.75 -30.56 -58.01
CA ASN A 111 28.29 -29.23 -58.33
C ASN A 111 27.16 -28.25 -58.02
N ASP A 112 26.95 -27.24 -58.85
CA ASP A 112 25.60 -26.67 -59.00
C ASP A 112 24.86 -27.66 -59.94
N PRO A 113 23.83 -28.43 -59.52
CA PRO A 113 23.42 -29.63 -60.25
C PRO A 113 23.05 -29.46 -61.73
N PHE A 114 23.28 -30.51 -62.53
CA PHE A 114 23.29 -30.45 -63.99
C PHE A 114 21.91 -30.78 -64.63
N LEU A 115 20.84 -30.07 -64.22
CA LEU A 115 19.44 -30.50 -64.43
C LEU A 115 19.03 -30.75 -65.89
N GLY A 116 18.32 -31.87 -66.07
CA GLY A 116 17.84 -32.43 -67.34
C GLY A 116 17.09 -33.75 -67.11
N VAL A 117 16.93 -34.57 -68.15
CA VAL A 117 16.34 -35.92 -68.08
C VAL A 117 17.24 -36.99 -68.70
N CYS A 140 22.48 -40.26 -44.28
CA CYS A 140 21.69 -41.42 -44.66
C CYS A 140 20.38 -41.56 -43.85
N THR A 141 20.14 -40.69 -42.86
CA THR A 141 19.29 -41.01 -41.69
C THR A 141 17.80 -40.71 -41.80
N PHE A 142 17.34 -39.70 -42.54
CA PHE A 142 15.90 -39.48 -42.85
C PHE A 142 15.73 -39.05 -44.33
N GLU A 143 16.22 -39.89 -45.24
CA GLU A 143 15.84 -39.84 -46.66
C GLU A 143 14.37 -40.26 -46.81
N TYR A 144 13.60 -39.61 -47.67
CA TYR A 144 12.13 -39.57 -47.55
C TYR A 144 11.43 -39.26 -48.88
N VAL A 145 10.18 -39.66 -49.04
CA VAL A 145 9.31 -39.28 -50.17
C VAL A 145 7.91 -38.93 -49.66
N SER A 146 7.25 -37.99 -50.33
CA SER A 146 5.86 -37.60 -50.07
C SER A 146 5.06 -37.31 -51.34
N PHE A 160 1.97 -15.03 -69.05
CA PHE A 160 2.84 -15.99 -68.38
C PHE A 160 2.03 -17.07 -67.62
N LYS A 161 2.73 -18.07 -67.05
CA LYS A 161 2.17 -19.24 -66.32
C LYS A 161 1.31 -18.81 -65.10
N ASN A 162 1.99 -18.36 -64.04
CA ASN A 162 1.45 -17.81 -62.80
C ASN A 162 2.60 -17.35 -61.92
N LEU A 163 2.37 -16.44 -60.97
CA LEU A 163 3.44 -16.03 -60.07
C LEU A 163 3.78 -17.17 -59.09
N ARG A 164 4.88 -17.88 -59.35
CA ARG A 164 5.41 -18.92 -58.44
C ARG A 164 5.94 -18.23 -57.19
N GLU A 165 5.33 -18.45 -56.02
CA GLU A 165 5.74 -17.86 -54.74
C GLU A 165 5.88 -18.88 -53.63
N PHE A 166 6.94 -18.73 -52.85
CA PHE A 166 7.31 -19.59 -51.73
C PHE A 166 7.81 -18.74 -50.57
N VAL A 167 7.48 -19.15 -49.35
CA VAL A 167 8.22 -18.82 -48.13
C VAL A 167 8.76 -20.12 -47.61
N PHE A 168 10.05 -20.18 -47.32
CA PHE A 168 10.69 -21.25 -46.55
C PHE A 168 11.16 -20.69 -45.21
N LYS A 169 10.77 -21.29 -44.08
CA LYS A 169 11.43 -21.00 -42.79
C LYS A 169 11.81 -22.24 -41.98
N ASN A 170 13.02 -22.21 -41.45
CA ASN A 170 13.48 -23.09 -40.40
C ASN A 170 12.99 -22.62 -39.03
N ILE A 171 12.63 -23.57 -38.17
CA ILE A 171 12.29 -23.40 -36.74
C ILE A 171 13.02 -24.51 -35.96
N ASP A 172 13.26 -24.35 -34.66
CA ASP A 172 14.13 -25.23 -33.85
C ASP A 172 13.95 -26.76 -34.02
N GLY A 173 12.75 -27.23 -34.36
CA GLY A 173 12.46 -28.64 -34.70
C GLY A 173 11.83 -28.88 -36.07
N TYR A 174 11.67 -27.85 -36.92
CA TYR A 174 10.71 -27.86 -38.04
C TYR A 174 11.23 -27.11 -39.26
N PHE A 175 10.65 -27.39 -40.42
CA PHE A 175 10.94 -26.72 -41.68
C PHE A 175 9.63 -26.55 -42.43
N LYS A 176 9.05 -25.35 -42.36
CA LYS A 176 7.73 -25.02 -42.90
C LYS A 176 7.85 -24.39 -44.29
N ILE A 177 6.97 -24.80 -45.19
CA ILE A 177 6.82 -24.30 -46.56
C ILE A 177 5.42 -23.71 -46.76
N TYR A 178 5.33 -22.51 -47.33
CA TYR A 178 4.09 -21.82 -47.64
C TYR A 178 4.12 -21.30 -49.07
N SER A 179 3.01 -21.42 -49.81
CA SER A 179 2.91 -21.03 -51.22
C SER A 179 1.48 -20.65 -51.65
N LYS A 180 1.36 -19.86 -52.73
CA LYS A 180 0.10 -19.57 -53.44
C LYS A 180 0.40 -19.16 -54.89
N HIS A 181 -0.57 -19.24 -55.80
CA HIS A 181 -0.38 -19.04 -57.25
C HIS A 181 -1.52 -18.19 -57.85
N THR A 182 -1.25 -17.41 -58.89
CA THR A 182 -2.15 -16.40 -59.49
C THR A 182 -1.62 -15.99 -60.86
N PRO A 183 -2.42 -15.98 -61.95
CA PRO A 183 -1.95 -15.65 -63.29
C PRO A 183 -1.52 -14.19 -63.41
N ILE A 184 -0.54 -13.93 -64.28
CA ILE A 184 0.07 -12.61 -64.58
C ILE A 184 0.55 -12.52 -66.04
N ASN A 185 0.77 -11.30 -66.52
CA ASN A 185 1.65 -10.95 -67.65
C ASN A 185 2.54 -9.73 -67.34
N LEU A 186 2.61 -9.34 -66.06
CA LEU A 186 3.47 -8.28 -65.52
C LEU A 186 4.88 -8.85 -65.23
N VAL A 187 5.47 -9.54 -66.21
CA VAL A 187 6.62 -10.46 -66.05
C VAL A 187 7.90 -9.82 -65.51
N ARG A 188 7.96 -8.50 -65.35
CA ARG A 188 9.12 -7.79 -64.78
C ARG A 188 9.30 -8.12 -63.30
N ASP A 189 8.27 -8.02 -62.46
CA ASP A 189 8.38 -8.26 -61.01
C ASP A 189 6.99 -8.46 -60.39
N LEU A 190 6.92 -8.81 -59.11
CA LEU A 190 5.67 -9.09 -58.41
C LEU A 190 4.65 -7.99 -58.68
N PRO A 191 3.37 -8.31 -58.96
CA PRO A 191 2.36 -7.29 -59.20
C PRO A 191 2.07 -6.53 -57.90
N GLN A 192 1.51 -5.33 -58.04
CA GLN A 192 1.33 -4.42 -56.90
C GLN A 192 0.35 -4.97 -55.85
N GLY A 193 -0.53 -5.89 -56.25
CA GLY A 193 -1.53 -6.51 -55.38
C GLY A 193 -0.95 -7.52 -54.40
N PHE A 194 -1.48 -7.51 -53.20
CA PHE A 194 -1.22 -8.49 -52.15
C PHE A 194 -1.82 -9.87 -52.49
N SER A 195 -1.19 -10.93 -52.00
CA SER A 195 -1.83 -12.26 -51.86
C SER A 195 -1.14 -13.03 -50.73
N ALA A 196 -1.90 -13.80 -49.96
CA ALA A 196 -1.38 -14.54 -48.83
C ALA A 196 -0.99 -15.97 -49.22
N LEU A 197 0.26 -16.33 -48.92
CA LEU A 197 0.80 -17.68 -49.05
C LEU A 197 0.19 -18.59 -47.98
N GLU A 198 -0.23 -19.79 -48.37
CA GLU A 198 -0.83 -20.78 -47.47
C GLU A 198 0.11 -21.94 -47.16
N PRO A 199 0.06 -22.52 -45.95
CA PRO A 199 0.85 -23.68 -45.58
C PRO A 199 0.72 -24.85 -46.57
N LEU A 200 1.83 -25.51 -46.90
CA LEU A 200 1.86 -26.76 -47.65
C LEU A 200 2.25 -27.97 -46.79
N VAL A 201 3.34 -27.88 -46.02
CA VAL A 201 3.96 -29.02 -45.33
C VAL A 201 4.89 -28.58 -44.21
N ASP A 202 5.31 -29.52 -43.37
CA ASP A 202 6.44 -29.39 -42.46
C ASP A 202 7.39 -30.60 -42.60
N LEU A 203 8.70 -30.38 -42.68
CA LEU A 203 9.72 -31.44 -42.60
C LEU A 203 10.48 -31.27 -41.26
N PRO A 204 10.35 -32.15 -40.25
CA PRO A 204 10.94 -31.92 -38.91
C PRO A 204 12.48 -32.03 -38.77
N ILE A 205 13.25 -31.48 -39.72
CA ILE A 205 14.73 -31.42 -39.76
C ILE A 205 15.24 -30.35 -38.77
N GLY A 206 16.19 -30.71 -37.91
CA GLY A 206 16.73 -29.83 -36.85
C GLY A 206 18.05 -29.12 -37.17
N ILE A 207 18.38 -28.93 -38.44
CA ILE A 207 19.75 -28.54 -38.86
C ILE A 207 20.01 -27.03 -38.85
N ASN A 208 21.24 -26.65 -38.49
CA ASN A 208 21.81 -25.30 -38.44
C ASN A 208 22.05 -24.69 -39.84
N ILE A 209 21.02 -24.69 -40.71
CA ILE A 209 21.14 -24.39 -42.14
C ILE A 209 21.53 -22.92 -42.38
N THR A 210 22.50 -22.72 -43.25
CA THR A 210 23.02 -21.40 -43.66
C THR A 210 23.35 -21.34 -45.16
N ARG A 211 23.00 -22.37 -45.94
CA ARG A 211 23.21 -22.49 -47.38
C ARG A 211 21.99 -23.08 -48.07
N PHE A 212 21.83 -22.80 -49.35
CA PHE A 212 20.98 -23.58 -50.26
C PHE A 212 21.38 -23.41 -51.74
N GLN A 213 20.83 -24.26 -52.60
CA GLN A 213 20.90 -24.19 -54.05
C GLN A 213 19.50 -24.29 -54.67
N THR A 214 19.15 -23.38 -55.57
CA THR A 214 18.03 -23.53 -56.52
C THR A 214 18.45 -24.52 -57.62
N LEU A 215 17.65 -25.53 -57.95
CA LEU A 215 18.02 -26.53 -58.98
C LEU A 215 17.82 -26.00 -60.40
N LEU A 216 18.58 -24.97 -60.78
CA LEU A 216 18.61 -24.41 -62.14
C LEU A 216 20.04 -24.18 -62.63
N ALA A 237 16.03 -17.27 -67.49
CA ALA A 237 16.50 -17.80 -66.22
C ALA A 237 16.06 -16.98 -65.00
N ALA A 238 14.90 -16.31 -65.08
CA ALA A 238 14.48 -15.26 -64.16
C ALA A 238 13.73 -15.75 -62.89
N TYR A 239 14.32 -15.53 -61.71
CA TYR A 239 13.70 -15.81 -60.42
C TYR A 239 14.19 -14.83 -59.32
N TYR A 240 13.48 -14.68 -58.20
CA TYR A 240 13.79 -13.69 -57.17
C TYR A 240 13.86 -14.31 -55.79
N VAL A 241 14.80 -13.89 -54.94
CA VAL A 241 14.89 -14.29 -53.52
C VAL A 241 15.11 -13.10 -52.62
N GLY A 242 14.36 -13.03 -51.53
CA GLY A 242 14.56 -12.09 -50.43
C GLY A 242 14.59 -12.81 -49.09
N TYR A 243 15.09 -12.15 -48.05
CA TYR A 243 15.32 -12.77 -46.75
C TYR A 243 14.33 -12.29 -45.71
N LEU A 244 13.77 -13.23 -44.97
CA LEU A 244 12.76 -12.95 -43.96
C LEU A 244 13.36 -12.22 -42.75
N GLN A 245 12.56 -11.50 -41.99
CA GLN A 245 12.95 -10.87 -40.72
C GLN A 245 11.80 -10.98 -39.71
N PRO A 246 12.03 -10.97 -38.39
CA PRO A 246 11.00 -11.08 -37.36
C PRO A 246 10.21 -9.76 -37.19
N ARG A 247 9.59 -9.28 -38.27
CA ARG A 247 8.82 -8.03 -38.34
C ARG A 247 7.52 -8.14 -37.57
N THR A 248 7.11 -7.03 -36.96
CA THR A 248 5.75 -6.86 -36.42
C THR A 248 4.82 -6.49 -37.56
N PHE A 249 3.66 -7.11 -37.63
CA PHE A 249 2.65 -6.95 -38.68
C PHE A 249 1.25 -6.81 -38.08
N LEU A 250 0.28 -6.31 -38.84
CA LEU A 250 -1.15 -6.39 -38.55
C LEU A 250 -1.86 -6.99 -39.76
N LEU A 251 -2.65 -8.05 -39.60
CA LEU A 251 -3.24 -8.82 -40.71
C LEU A 251 -4.76 -8.60 -40.85
N LYS A 252 -5.26 -8.21 -42.02
CA LYS A 252 -6.69 -8.03 -42.32
C LYS A 252 -7.31 -9.29 -42.90
N TYR A 253 -7.68 -10.19 -42.01
CA TYR A 253 -8.64 -11.25 -42.28
C TYR A 253 -9.99 -10.67 -42.73
N ASN A 254 -10.65 -11.23 -43.75
CA ASN A 254 -11.97 -10.79 -44.21
C ASN A 254 -13.11 -11.69 -43.65
N GLU A 255 -14.36 -11.46 -44.06
CA GLU A 255 -15.53 -12.24 -43.63
C GLU A 255 -15.47 -13.73 -44.04
N ASN A 256 -14.87 -14.02 -45.20
CA ASN A 256 -14.52 -15.37 -45.70
C ASN A 256 -13.27 -15.95 -44.99
N GLY A 257 -12.93 -15.47 -43.80
CA GLY A 257 -11.78 -15.91 -43.01
C GLY A 257 -10.40 -15.75 -43.65
N THR A 258 -10.31 -14.99 -44.75
CA THR A 258 -9.18 -14.97 -45.68
C THR A 258 -8.42 -13.67 -45.55
N ILE A 259 -7.09 -13.73 -45.37
CA ILE A 259 -6.26 -12.54 -45.28
C ILE A 259 -6.27 -11.82 -46.63
N THR A 260 -6.56 -10.53 -46.62
CA THR A 260 -6.67 -9.68 -47.83
C THR A 260 -5.57 -8.62 -47.94
N ASP A 261 -5.08 -8.14 -46.82
CA ASP A 261 -4.16 -7.01 -46.73
C ASP A 261 -3.46 -7.02 -45.37
N ALA A 262 -2.40 -6.24 -45.22
CA ALA A 262 -1.52 -6.26 -44.06
C ALA A 262 -0.86 -4.90 -43.83
N VAL A 263 -0.38 -4.62 -42.62
CA VAL A 263 0.48 -3.46 -42.33
C VAL A 263 1.81 -3.94 -41.78
N ASP A 264 2.92 -3.58 -42.41
CA ASP A 264 4.27 -3.74 -41.86
C ASP A 264 4.52 -2.66 -40.80
N CYS A 265 4.36 -2.98 -39.52
CA CYS A 265 4.38 -2.01 -38.42
C CYS A 265 5.76 -1.37 -38.16
N ALA A 266 6.76 -1.58 -39.02
CA ALA A 266 8.07 -0.97 -38.95
C ALA A 266 8.49 -0.29 -40.26
N LEU A 267 7.66 -0.34 -41.30
CA LEU A 267 7.94 0.26 -42.61
C LEU A 267 8.11 1.77 -42.54
N ASP A 268 7.06 2.48 -42.13
CA ASP A 268 7.00 3.95 -42.06
C ASP A 268 6.13 4.42 -40.87
N PRO A 269 6.21 5.70 -40.46
CA PRO A 269 5.46 6.21 -39.32
C PRO A 269 3.94 6.06 -39.45
N LEU A 270 3.39 6.14 -40.66
CA LEU A 270 1.98 5.86 -40.87
C LEU A 270 1.69 4.41 -40.50
N SER A 271 2.50 3.46 -40.94
CA SER A 271 2.32 2.06 -40.56
C SER A 271 2.49 1.83 -39.06
N GLU A 272 3.45 2.49 -38.43
CA GLU A 272 3.60 2.48 -36.97
C GLU A 272 2.36 3.05 -36.27
N THR A 273 1.68 4.03 -36.87
CA THR A 273 0.42 4.60 -36.39
C THR A 273 -0.74 3.61 -36.55
N LYS A 274 -0.85 2.98 -37.72
CA LYS A 274 -1.87 1.98 -38.01
C LYS A 274 -1.82 0.87 -36.98
N CYS A 275 -0.64 0.33 -36.69
CA CYS A 275 -0.51 -0.71 -35.67
C CYS A 275 -0.67 -0.21 -34.23
N THR A 276 -0.36 1.06 -33.94
CA THR A 276 -0.67 1.68 -32.64
C THR A 276 -2.19 1.68 -32.39
N LEU A 277 -2.97 2.04 -33.40
CA LEU A 277 -4.42 2.12 -33.34
C LEU A 277 -5.13 0.76 -33.51
N LYS A 278 -4.40 -0.27 -33.96
CA LYS A 278 -4.95 -1.54 -34.47
C LYS A 278 -6.02 -1.31 -35.54
N SER A 279 -5.79 -0.36 -36.43
CA SER A 279 -6.74 0.02 -37.50
C SER A 279 -6.01 0.35 -38.80
N PHE A 280 -6.58 -0.07 -39.93
CA PHE A 280 -6.01 0.26 -41.25
C PHE A 280 -6.38 1.69 -41.65
N THR A 281 -7.61 2.10 -41.35
CA THR A 281 -8.00 3.52 -41.42
C THR A 281 -7.33 4.29 -40.28
N VAL A 282 -6.85 5.51 -40.54
CA VAL A 282 -6.37 6.44 -39.51
C VAL A 282 -7.22 7.70 -39.59
N GLU A 283 -7.89 8.08 -38.51
CA GLU A 283 -8.59 9.36 -38.42
C GLU A 283 -7.58 10.51 -38.32
N LYS A 284 -7.94 11.72 -38.78
CA LYS A 284 -7.10 12.91 -38.61
C LYS A 284 -6.74 13.10 -37.14
N GLY A 285 -5.49 13.45 -36.85
CA GLY A 285 -5.08 13.80 -35.50
C GLY A 285 -3.58 13.73 -35.27
N ILE A 286 -3.20 13.80 -34.00
CA ILE A 286 -1.86 13.49 -33.51
C ILE A 286 -1.93 12.25 -32.62
N TYR A 287 -1.08 11.25 -32.85
CA TYR A 287 -1.05 10.00 -32.09
C TYR A 287 0.34 9.73 -31.55
N GLN A 288 0.52 9.41 -30.26
CA GLN A 288 1.81 8.93 -29.75
C GLN A 288 1.97 7.46 -30.09
N THR A 289 3.04 7.08 -30.81
CA THR A 289 3.17 5.74 -31.44
C THR A 289 4.32 4.88 -30.92
N SER A 290 5.38 5.50 -30.41
CA SER A 290 6.63 4.84 -30.01
C SER A 290 7.39 5.79 -29.08
N ASN A 291 8.44 5.35 -28.41
CA ASN A 291 9.42 6.27 -27.82
C ASN A 291 10.74 6.17 -28.57
N PHE A 292 11.37 7.31 -28.82
CA PHE A 292 12.74 7.39 -29.30
C PHE A 292 13.70 7.56 -28.13
N ARG A 293 14.75 6.73 -28.08
CA ARG A 293 15.86 6.83 -27.12
C ARG A 293 17.18 6.93 -27.88
N VAL A 294 18.03 7.91 -27.57
CA VAL A 294 19.42 7.89 -28.04
C VAL A 294 20.09 6.59 -27.59
N GLN A 295 20.82 5.91 -28.48
CA GLN A 295 21.57 4.70 -28.16
C GLN A 295 23.00 5.03 -27.70
N PRO A 296 23.62 4.22 -26.83
CA PRO A 296 24.99 4.43 -26.40
C PRO A 296 25.97 4.12 -27.53
N THR A 297 27.10 4.82 -27.55
CA THR A 297 28.17 4.58 -28.51
C THR A 297 29.01 3.34 -28.13
N GLU A 298 29.44 3.25 -26.88
CA GLU A 298 30.34 2.21 -26.37
C GLU A 298 30.24 2.13 -24.84
N SER A 299 30.69 1.03 -24.24
CA SER A 299 30.86 0.95 -22.79
C SER A 299 32.20 1.52 -22.33
N ILE A 300 32.24 2.11 -21.14
CA ILE A 300 33.45 2.67 -20.52
C ILE A 300 33.57 2.09 -19.12
N VAL A 301 34.56 1.24 -18.90
CA VAL A 301 34.76 0.53 -17.64
C VAL A 301 35.97 1.09 -16.92
N ARG A 302 35.82 1.55 -15.69
CA ARG A 302 36.91 2.07 -14.86
C ARG A 302 36.76 1.61 -13.41
N PHE A 303 37.49 0.58 -13.02
CA PHE A 303 37.85 0.37 -11.61
C PHE A 303 39.06 1.25 -11.26
N PRO A 304 39.53 1.31 -9.99
CA PRO A 304 40.67 2.14 -9.65
C PRO A 304 41.96 1.66 -10.32
N ASN A 305 43.02 2.45 -10.20
CA ASN A 305 44.33 2.18 -10.81
C ASN A 305 45.06 0.94 -10.23
N ILE A 306 44.64 0.45 -9.05
CA ILE A 306 45.34 -0.56 -8.23
C ILE A 306 45.38 -1.93 -8.91
N THR A 307 46.58 -2.39 -9.27
CA THR A 307 46.86 -3.71 -9.86
C THR A 307 47.36 -4.75 -8.85
N ASN A 308 47.47 -4.39 -7.57
CA ASN A 308 47.86 -5.28 -6.48
C ASN A 308 46.97 -6.54 -6.43
N LEU A 309 47.51 -7.73 -6.70
CA LEU A 309 46.71 -8.96 -6.70
C LEU A 309 46.25 -9.36 -5.29
N CYS A 310 45.00 -9.82 -5.15
CA CYS A 310 44.44 -10.24 -3.86
C CYS A 310 44.91 -11.63 -3.39
N PRO A 311 44.96 -11.85 -2.07
CA PRO A 311 45.57 -13.03 -1.46
C PRO A 311 44.68 -14.28 -1.48
N PHE A 312 43.81 -14.48 -2.47
CA PHE A 312 42.91 -15.65 -2.50
C PHE A 312 43.72 -16.97 -2.51
N GLY A 313 44.85 -17.02 -3.22
CA GLY A 313 45.82 -18.12 -3.18
C GLY A 313 46.69 -18.18 -1.92
N GLU A 314 46.54 -17.26 -0.96
CA GLU A 314 47.11 -17.35 0.40
C GLU A 314 46.09 -17.85 1.42
N VAL A 315 44.78 -17.65 1.19
CA VAL A 315 43.71 -18.27 2.00
C VAL A 315 43.38 -19.69 1.53
N PHE A 316 43.09 -19.92 0.25
CA PHE A 316 42.68 -21.23 -0.28
C PHE A 316 43.77 -22.30 -0.33
N ASN A 317 44.94 -22.02 0.23
CA ASN A 317 46.10 -22.89 0.30
C ASN A 317 46.75 -22.89 1.69
N ALA A 318 46.18 -22.20 2.67
CA ALA A 318 46.73 -22.12 4.01
C ALA A 318 46.83 -23.50 4.67
N THR A 319 47.85 -23.68 5.51
CA THR A 319 48.17 -25.02 6.04
C THR A 319 47.08 -25.57 6.94
N ARG A 320 46.49 -24.76 7.82
CA ARG A 320 45.65 -25.24 8.93
C ARG A 320 44.44 -24.33 9.09
N PHE A 321 43.38 -24.59 8.34
CA PHE A 321 42.06 -24.04 8.69
C PHE A 321 41.63 -24.56 10.05
N ALA A 322 41.23 -23.65 10.94
CA ALA A 322 40.87 -23.98 12.30
C ALA A 322 39.64 -24.88 12.39
N SER A 323 39.42 -25.42 13.59
CA SER A 323 38.13 -25.93 14.00
C SER A 323 37.06 -24.90 13.69
N VAL A 324 35.94 -25.33 13.12
CA VAL A 324 34.77 -24.47 12.86
C VAL A 324 34.27 -23.74 14.10
N TYR A 325 34.63 -24.21 15.29
CA TYR A 325 34.51 -23.50 16.58
C TYR A 325 35.12 -22.07 16.59
N ALA A 326 36.26 -21.86 15.92
CA ALA A 326 37.04 -20.62 16.00
C ALA A 326 37.76 -20.31 14.67
N TRP A 327 36.95 -20.19 13.60
CA TRP A 327 37.34 -19.98 12.21
C TRP A 327 38.28 -18.82 12.01
N ASN A 328 39.19 -18.92 11.03
CA ASN A 328 40.10 -17.83 10.68
C ASN A 328 39.47 -16.99 9.58
N ARG A 329 39.27 -15.69 9.82
CA ARG A 329 38.78 -14.70 8.84
C ARG A 329 39.94 -13.86 8.37
N LYS A 330 40.12 -13.67 7.06
CA LYS A 330 41.03 -12.65 6.49
C LYS A 330 40.26 -11.58 5.73
N ARG A 331 40.52 -10.31 6.03
CA ARG A 331 39.80 -9.13 5.51
C ARG A 331 40.48 -8.61 4.25
N ILE A 332 39.95 -8.97 3.10
CA ILE A 332 40.51 -8.59 1.80
C ILE A 332 40.06 -7.16 1.49
N SER A 333 40.99 -6.30 1.08
CA SER A 333 40.72 -4.92 0.65
C SER A 333 41.84 -4.38 -0.25
N ASN A 334 41.55 -3.35 -1.04
CA ASN A 334 42.51 -2.63 -1.90
C ASN A 334 43.38 -3.56 -2.77
N CYS A 335 42.75 -4.48 -3.51
CA CYS A 335 43.41 -5.42 -4.42
C CYS A 335 42.45 -5.97 -5.52
N VAL A 336 43.03 -6.54 -6.57
CA VAL A 336 42.32 -7.17 -7.70
C VAL A 336 41.99 -8.62 -7.36
N ALA A 337 40.71 -8.97 -7.33
CA ALA A 337 40.24 -10.28 -6.95
C ALA A 337 39.88 -11.14 -8.17
N ASP A 338 40.80 -11.96 -8.65
CA ASP A 338 40.46 -12.93 -9.71
C ASP A 338 39.80 -14.17 -9.11
N TYR A 339 38.50 -14.08 -8.86
CA TYR A 339 37.66 -15.20 -8.47
C TYR A 339 37.47 -16.23 -9.59
N SER A 340 37.80 -15.94 -10.85
CA SER A 340 37.85 -16.98 -11.89
C SER A 340 39.06 -17.90 -11.79
N VAL A 341 40.01 -17.64 -10.88
CA VAL A 341 40.91 -18.68 -10.38
C VAL A 341 40.15 -19.72 -9.54
N LEU A 342 39.15 -19.28 -8.78
CA LEU A 342 38.38 -20.13 -7.89
C LEU A 342 37.20 -20.81 -8.59
N TYR A 343 36.38 -20.09 -9.35
CA TYR A 343 35.21 -20.65 -10.07
C TYR A 343 35.58 -21.79 -11.03
N ASN A 344 36.68 -21.67 -11.74
CA ASN A 344 37.15 -22.71 -12.66
C ASN A 344 37.74 -23.95 -11.96
N SER A 345 37.96 -23.92 -10.64
CA SER A 345 38.79 -24.93 -9.97
C SER A 345 38.24 -26.34 -10.07
N ALA A 346 39.13 -27.30 -10.31
CA ALA A 346 38.84 -28.73 -10.22
C ALA A 346 38.66 -29.23 -8.77
N SER A 347 39.07 -28.46 -7.76
CA SER A 347 38.97 -28.85 -6.35
C SER A 347 37.55 -28.81 -5.81
N PHE A 348 36.86 -27.68 -5.96
CA PHE A 348 35.70 -27.39 -5.12
C PHE A 348 34.52 -28.33 -5.36
N SER A 349 34.08 -28.94 -4.27
CA SER A 349 32.92 -29.83 -4.18
C SER A 349 31.60 -29.05 -4.17
N THR A 350 31.58 -27.86 -3.57
CA THR A 350 30.48 -26.90 -3.66
C THR A 350 31.04 -25.52 -3.93
N PHE A 351 30.33 -24.77 -4.75
CA PHE A 351 30.60 -23.38 -5.07
C PHE A 351 29.29 -22.60 -4.98
N LYS A 352 28.41 -22.99 -4.05
CA LYS A 352 27.10 -22.36 -3.85
C LYS A 352 27.31 -20.88 -3.55
N CYS A 353 26.53 -20.03 -4.20
CA CYS A 353 26.60 -18.57 -4.06
C CYS A 353 25.20 -17.97 -3.94
N TYR A 354 25.10 -16.83 -3.26
CA TYR A 354 23.83 -16.19 -2.91
C TYR A 354 23.95 -14.68 -3.17
N GLY A 355 22.96 -14.07 -3.82
CA GLY A 355 22.96 -12.65 -4.17
C GLY A 355 24.05 -12.20 -5.16
N VAL A 356 24.89 -13.11 -5.64
CA VAL A 356 25.91 -12.93 -6.68
C VAL A 356 26.03 -14.23 -7.46
N SER A 357 26.14 -14.20 -8.78
CA SER A 357 26.51 -15.37 -9.59
C SER A 357 28.02 -15.50 -9.71
N PRO A 358 28.59 -16.71 -9.59
CA PRO A 358 30.03 -16.92 -9.71
C PRO A 358 30.60 -16.63 -11.11
N THR A 359 29.80 -16.65 -12.17
CA THR A 359 30.27 -16.23 -13.51
C THR A 359 30.23 -14.71 -13.68
N LYS A 360 29.33 -14.00 -13.00
CA LYS A 360 29.30 -12.52 -12.99
C LYS A 360 30.30 -11.88 -12.01
N LEU A 361 30.67 -12.64 -10.98
CA LEU A 361 31.57 -12.26 -9.89
C LEU A 361 32.91 -11.65 -10.35
N ASN A 362 33.44 -12.01 -11.51
CA ASN A 362 34.75 -11.51 -11.95
C ASN A 362 34.70 -10.16 -12.70
N ASP A 363 33.54 -9.51 -12.79
CA ASP A 363 33.39 -8.20 -13.44
C ASP A 363 32.47 -7.29 -12.59
N LEU A 364 32.89 -7.09 -11.35
CA LEU A 364 32.15 -6.52 -10.23
C LEU A 364 33.14 -5.95 -9.21
N CYS A 365 32.71 -5.17 -8.22
CA CYS A 365 33.60 -4.75 -7.12
C CYS A 365 32.87 -4.62 -5.78
N PHE A 366 33.59 -4.93 -4.70
CA PHE A 366 33.05 -5.12 -3.36
C PHE A 366 33.72 -4.13 -2.42
N THR A 367 33.02 -3.72 -1.37
CA THR A 367 33.56 -2.75 -0.42
C THR A 367 34.64 -3.36 0.45
N ASN A 368 34.50 -4.62 0.87
CA ASN A 368 35.51 -5.54 1.41
C ASN A 368 35.07 -6.98 1.11
N VAL A 369 35.94 -7.98 1.28
CA VAL A 369 35.54 -9.40 1.26
C VAL A 369 36.16 -10.12 2.45
N TYR A 370 35.38 -10.90 3.20
CA TYR A 370 35.90 -11.66 4.33
C TYR A 370 35.81 -13.16 4.05
N ALA A 371 36.96 -13.82 4.07
CA ALA A 371 37.12 -15.23 3.75
C ALA A 371 37.12 -16.09 5.03
N ASP A 372 35.94 -16.50 5.47
CA ASP A 372 35.78 -17.17 6.74
C ASP A 372 36.06 -18.67 6.58
N SER A 373 37.14 -19.15 7.17
CA SER A 373 37.75 -20.44 6.83
C SER A 373 37.78 -21.42 8.01
N PHE A 374 37.44 -22.68 7.72
CA PHE A 374 37.32 -23.78 8.70
C PHE A 374 37.19 -25.16 8.04
N VAL A 375 37.20 -26.20 8.88
CA VAL A 375 36.97 -27.62 8.55
C VAL A 375 35.77 -28.20 9.31
N ILE A 376 35.00 -29.06 8.66
CA ILE A 376 33.78 -29.74 9.16
C ILE A 376 33.75 -31.20 8.68
N ARG A 377 32.91 -32.08 9.25
CA ARG A 377 32.61 -33.34 8.55
C ARG A 377 31.80 -32.99 7.31
N GLY A 378 32.06 -33.61 6.15
CA GLY A 378 31.45 -33.28 4.88
C GLY A 378 29.92 -33.21 4.87
N ASP A 379 29.22 -34.08 5.60
CA ASP A 379 27.76 -34.00 5.74
C ASP A 379 27.25 -32.65 6.25
N GLU A 380 28.01 -31.98 7.11
CA GLU A 380 27.62 -30.74 7.78
C GLU A 380 27.54 -29.54 6.82
N VAL A 381 27.96 -29.67 5.56
CA VAL A 381 27.77 -28.65 4.52
C VAL A 381 26.31 -28.21 4.42
N ARG A 382 25.35 -29.12 4.66
CA ARG A 382 23.92 -28.79 4.75
C ARG A 382 23.58 -27.70 5.78
N GLN A 383 24.32 -27.59 6.88
CA GLN A 383 24.16 -26.53 7.88
C GLN A 383 24.97 -25.27 7.55
N ILE A 384 25.93 -25.32 6.62
CA ILE A 384 26.62 -24.14 6.09
C ILE A 384 25.82 -23.55 4.91
N ALA A 385 24.63 -23.02 5.19
CA ALA A 385 23.77 -22.35 4.21
C ALA A 385 22.84 -21.33 4.90
N PRO A 386 22.51 -20.19 4.27
CA PRO A 386 21.73 -19.15 4.91
C PRO A 386 20.32 -19.64 5.25
N GLY A 387 19.86 -19.33 6.46
CA GLY A 387 18.53 -19.69 6.94
C GLY A 387 18.34 -21.16 7.37
N GLN A 388 19.32 -22.02 7.19
CA GLN A 388 19.21 -23.41 7.65
C GLN A 388 19.33 -23.50 9.18
N THR A 389 18.45 -24.24 9.85
CA THR A 389 18.36 -24.27 11.33
C THR A 389 19.43 -25.17 11.96
N GLY A 390 20.70 -24.83 11.78
CA GLY A 390 21.82 -25.69 12.12
C GLY A 390 22.26 -25.64 13.59
N LYS A 391 22.29 -26.79 14.25
CA LYS A 391 22.83 -26.94 15.61
C LYS A 391 24.32 -26.63 15.66
N ILE A 392 25.09 -27.07 14.67
CA ILE A 392 26.50 -26.67 14.54
C ILE A 392 26.59 -25.18 14.18
N ALA A 393 25.73 -24.69 13.28
CA ALA A 393 25.79 -23.31 12.82
C ALA A 393 25.65 -22.35 13.99
N ASP A 394 24.62 -22.54 14.82
CA ASP A 394 24.31 -21.68 15.96
C ASP A 394 25.39 -21.58 17.04
N TYR A 395 26.40 -22.46 17.07
CA TYR A 395 27.50 -22.44 18.06
C TYR A 395 28.89 -22.36 17.41
N ASN A 396 29.03 -22.38 16.08
CA ASN A 396 30.32 -22.48 15.38
C ASN A 396 30.46 -21.44 14.27
N TYR A 397 29.68 -21.58 13.21
CA TYR A 397 29.61 -20.64 12.10
C TYR A 397 28.16 -20.42 11.68
N LYS A 398 27.54 -19.36 12.22
CA LYS A 398 26.21 -18.89 11.81
C LYS A 398 26.30 -18.20 10.43
N LEU A 399 25.15 -17.87 9.84
CA LEU A 399 25.01 -17.03 8.64
C LEU A 399 23.80 -16.11 8.79
N PRO A 400 23.74 -14.97 8.07
CA PRO A 400 22.50 -14.23 7.88
C PRO A 400 21.47 -15.08 7.14
N ASP A 401 20.18 -14.88 7.38
CA ASP A 401 19.12 -15.49 6.57
C ASP A 401 18.98 -14.80 5.20
N ASP A 402 19.53 -13.59 5.10
CA ASP A 402 19.58 -12.72 3.92
C ASP A 402 21.04 -12.45 3.50
N PHE A 403 21.85 -13.50 3.51
CA PHE A 403 23.29 -13.49 3.20
C PHE A 403 23.62 -13.19 1.73
N THR A 404 24.75 -12.51 1.49
CA THR A 404 25.41 -12.42 0.17
C THR A 404 26.82 -12.96 0.25
N GLY A 405 27.15 -13.96 -0.56
CA GLY A 405 28.44 -14.66 -0.45
C GLY A 405 28.50 -15.97 -1.23
N CYS A 406 29.61 -16.68 -1.14
CA CYS A 406 29.78 -18.02 -1.67
C CYS A 406 30.37 -18.95 -0.61
N VAL A 407 29.83 -20.16 -0.47
CA VAL A 407 30.31 -21.21 0.42
C VAL A 407 31.16 -22.15 -0.42
N ILE A 408 32.46 -21.87 -0.49
CA ILE A 408 33.38 -22.61 -1.35
C ILE A 408 33.99 -23.73 -0.51
N ALA A 409 33.60 -24.97 -0.78
CA ALA A 409 34.01 -26.12 0.02
C ALA A 409 34.66 -27.20 -0.84
N TRP A 410 35.64 -27.91 -0.28
CA TRP A 410 36.26 -29.07 -0.92
C TRP A 410 36.53 -30.15 0.09
N ASN A 411 36.51 -31.37 -0.41
CA ASN A 411 36.97 -32.50 0.37
C ASN A 411 38.49 -32.38 0.51
N SER A 412 38.98 -32.67 1.72
CA SER A 412 40.39 -32.65 2.04
C SER A 412 40.78 -33.88 2.87
N ASN A 413 40.02 -34.97 2.77
CA ASN A 413 40.43 -36.26 3.35
C ASN A 413 41.85 -36.64 2.94
N ASN A 414 42.18 -36.52 1.66
CA ASN A 414 43.49 -36.86 1.09
C ASN A 414 44.66 -35.98 1.59
N LEU A 415 44.35 -34.89 2.31
CA LEU A 415 45.30 -33.99 2.93
C LEU A 415 45.28 -34.18 4.46
N ASP A 416 44.15 -33.91 5.08
CA ASP A 416 44.06 -33.67 6.52
C ASP A 416 44.03 -34.96 7.35
N SER A 417 43.44 -36.04 6.81
CA SER A 417 43.38 -37.33 7.49
C SER A 417 44.75 -38.03 7.44
N LYS A 418 45.60 -37.84 8.45
CA LYS A 418 46.93 -38.46 8.56
C LYS A 418 46.86 -39.98 8.47
N VAL A 419 47.92 -40.63 7.97
CA VAL A 419 48.03 -42.10 7.80
C VAL A 419 47.95 -42.87 9.14
N GLY A 420 48.33 -42.24 10.25
CA GLY A 420 48.16 -42.75 11.62
C GLY A 420 46.82 -42.40 12.29
N GLY A 421 45.85 -41.86 11.53
CA GLY A 421 44.59 -41.32 12.03
C GLY A 421 44.71 -39.85 12.43
N ASN A 422 43.83 -38.98 11.92
CA ASN A 422 43.68 -37.61 12.43
C ASN A 422 42.52 -37.55 13.44
N TYR A 423 42.76 -36.89 14.57
CA TYR A 423 41.77 -36.57 15.60
C TYR A 423 41.99 -35.14 16.15
N ASN A 424 42.41 -34.20 15.30
CA ASN A 424 42.93 -32.89 15.72
C ASN A 424 41.84 -31.84 16.01
N TYR A 425 40.83 -31.76 15.15
CA TYR A 425 39.83 -30.68 15.12
C TYR A 425 38.60 -31.02 15.96
N LEU A 426 37.85 -29.99 16.33
CA LEU A 426 36.78 -30.10 17.32
C LEU A 426 35.45 -29.54 16.79
N TYR A 427 34.38 -30.28 17.02
CA TYR A 427 33.03 -29.73 17.05
C TYR A 427 32.86 -28.69 18.18
N ARG A 428 31.78 -27.90 18.13
CA ARG A 428 31.15 -27.35 19.35
C ARG A 428 29.69 -27.81 19.37
N LEU A 429 29.29 -28.52 20.42
CA LEU A 429 28.03 -29.26 20.53
C LEU A 429 26.91 -28.55 21.32
N PHE A 430 27.26 -27.67 22.26
CA PHE A 430 26.32 -27.03 23.20
C PHE A 430 26.69 -25.56 23.44
N ARG A 431 25.69 -24.78 23.82
CA ARG A 431 25.75 -23.39 24.32
C ARG A 431 24.41 -23.05 24.97
N LYS A 432 24.33 -21.98 25.77
CA LYS A 432 23.05 -21.52 26.30
C LYS A 432 22.09 -21.07 25.20
N SER A 433 22.57 -20.39 24.16
CA SER A 433 21.71 -19.81 23.10
C SER A 433 22.41 -19.68 21.73
N ASN A 434 21.61 -19.41 20.71
CA ASN A 434 22.05 -19.28 19.32
C ASN A 434 22.89 -18.00 19.12
N LEU A 435 24.00 -18.07 18.39
CA LEU A 435 24.80 -16.92 17.99
C LEU A 435 24.11 -16.02 16.95
N LYS A 436 24.56 -14.77 16.84
CA LYS A 436 24.17 -13.81 15.78
C LYS A 436 24.89 -14.11 14.45
N PRO A 437 24.46 -13.53 13.31
CA PRO A 437 24.85 -13.94 11.97
C PRO A 437 26.32 -14.27 11.63
N PHE A 438 27.32 -13.62 12.23
CA PHE A 438 28.72 -14.08 12.13
C PHE A 438 29.46 -13.96 13.48
N GLU A 439 28.73 -14.02 14.58
CA GLU A 439 29.30 -13.89 15.92
C GLU A 439 30.16 -15.12 16.26
N ARG A 440 31.49 -15.01 16.20
CA ARG A 440 32.39 -15.97 16.87
C ARG A 440 32.29 -15.78 18.38
N ASP A 441 32.49 -16.85 19.15
CA ASP A 441 32.41 -16.82 20.62
C ASP A 441 33.28 -17.90 21.26
N ILE A 442 34.60 -17.71 21.30
CA ILE A 442 35.53 -18.57 22.04
C ILE A 442 35.08 -18.65 23.50
N SER A 443 34.91 -19.85 24.06
CA SER A 443 34.45 -20.04 25.44
C SER A 443 34.94 -21.35 26.08
N THR A 444 34.98 -21.40 27.42
CA THR A 444 35.52 -22.53 28.21
C THR A 444 34.50 -23.13 29.17
N GLU A 445 33.20 -22.88 28.99
CA GLU A 445 32.18 -23.05 30.03
C GLU A 445 31.36 -24.33 29.87
N ILE A 446 31.22 -25.08 30.96
CA ILE A 446 30.38 -26.29 31.07
C ILE A 446 28.89 -25.94 30.88
N TYR A 447 28.20 -26.71 30.04
CA TYR A 447 26.75 -26.67 29.92
C TYR A 447 26.07 -27.65 30.89
N GLN A 448 24.97 -27.22 31.47
CA GLN A 448 24.11 -28.03 32.36
C GLN A 448 22.76 -28.30 31.66
N ALA A 449 22.42 -29.56 31.45
CA ALA A 449 21.22 -29.99 30.71
C ALA A 449 20.15 -30.61 31.63
N GLY A 450 19.84 -29.95 32.75
CA GLY A 450 18.91 -30.46 33.77
C GLY A 450 19.13 -29.78 35.11
N SER A 451 19.03 -30.56 36.19
CA SER A 451 19.08 -30.06 37.58
C SER A 451 20.47 -30.11 38.23
N THR A 452 21.49 -30.73 37.63
CA THR A 452 22.77 -30.96 38.34
C THR A 452 23.63 -29.68 38.45
N PRO A 453 24.30 -29.43 39.58
CA PRO A 453 25.32 -28.40 39.71
C PRO A 453 26.70 -28.91 39.27
N CYS A 454 27.44 -28.13 38.47
CA CYS A 454 28.70 -28.58 37.84
C CYS A 454 29.97 -27.89 38.37
N ASN A 455 29.84 -26.69 38.91
CA ASN A 455 30.93 -25.95 39.57
C ASN A 455 32.23 -25.86 38.73
N GLY A 456 32.08 -25.67 37.41
CA GLY A 456 33.19 -25.58 36.45
C GLY A 456 33.96 -26.89 36.20
N VAL A 457 33.39 -28.06 36.54
CA VAL A 457 34.00 -29.38 36.28
C VAL A 457 32.95 -30.33 35.70
N GLU A 458 33.36 -31.14 34.73
CA GLU A 458 32.47 -31.95 33.88
C GLU A 458 31.97 -33.27 34.49
N GLY A 459 30.98 -33.87 33.82
CA GLY A 459 30.47 -35.21 34.10
C GLY A 459 29.18 -35.49 33.32
N PHE A 460 28.48 -36.57 33.66
CA PHE A 460 27.08 -36.73 33.31
C PHE A 460 26.27 -35.47 33.67
N ASN A 461 25.38 -35.04 32.78
CA ASN A 461 24.58 -33.81 32.86
C ASN A 461 25.40 -32.49 32.93
N CYS A 462 26.74 -32.58 32.91
CA CYS A 462 27.70 -31.49 33.05
C CYS A 462 28.70 -31.53 31.87
N TYR A 463 28.32 -30.98 30.72
CA TYR A 463 28.98 -31.25 29.44
C TYR A 463 29.94 -30.13 29.04
N PHE A 464 31.16 -30.47 28.61
CA PHE A 464 32.07 -29.51 27.99
C PHE A 464 31.72 -29.30 26.51
N PRO A 465 31.94 -28.12 25.90
CA PRO A 465 31.35 -27.82 24.60
C PRO A 465 31.92 -28.59 23.40
N LEU A 466 33.13 -29.15 23.51
CA LEU A 466 33.92 -29.60 22.36
C LEU A 466 34.19 -31.11 22.40
N GLN A 467 34.26 -31.73 21.24
CA GLN A 467 34.66 -33.14 21.07
C GLN A 467 35.33 -33.37 19.71
N SER A 468 36.23 -34.35 19.67
CA SER A 468 37.03 -34.78 18.52
C SER A 468 36.20 -35.05 17.25
N TYR A 469 36.63 -34.49 16.11
CA TYR A 469 36.30 -35.03 14.80
C TYR A 469 37.20 -36.26 14.53
N GLY A 470 36.60 -37.44 14.43
CA GLY A 470 37.30 -38.63 13.96
C GLY A 470 37.57 -38.52 12.47
N PHE A 471 38.81 -38.29 12.08
CA PHE A 471 39.22 -38.13 10.69
C PHE A 471 40.27 -39.19 10.34
N GLN A 472 39.85 -40.46 10.41
CA GLN A 472 40.63 -41.59 9.94
C GLN A 472 40.99 -41.42 8.44
N PRO A 473 42.15 -41.86 7.95
CA PRO A 473 42.43 -41.87 6.51
C PRO A 473 41.49 -42.81 5.75
N THR A 474 40.97 -43.83 6.44
CA THR A 474 39.95 -44.81 6.03
C THR A 474 38.51 -44.32 6.25
N ASN A 475 38.28 -43.08 6.72
CA ASN A 475 36.93 -42.53 6.90
C ASN A 475 36.18 -42.55 5.56
N GLY A 476 34.95 -43.08 5.54
CA GLY A 476 34.30 -43.60 4.33
C GLY A 476 34.08 -42.58 3.21
N VAL A 477 33.12 -41.67 3.38
CA VAL A 477 32.85 -40.56 2.46
C VAL A 477 32.40 -39.32 3.23
N GLY A 478 31.25 -39.38 3.89
CA GLY A 478 30.58 -38.20 4.43
C GLY A 478 31.20 -37.61 5.70
N TYR A 479 31.76 -38.44 6.58
CA TYR A 479 32.32 -38.01 7.87
C TYR A 479 33.80 -37.54 7.77
N GLN A 480 34.32 -37.35 6.56
CA GLN A 480 35.70 -36.91 6.27
C GLN A 480 35.92 -35.43 6.59
N PRO A 481 37.17 -34.97 6.80
CA PRO A 481 37.47 -33.55 6.85
C PRO A 481 37.16 -32.88 5.51
N TYR A 482 36.21 -31.96 5.53
CA TYR A 482 35.91 -31.06 4.42
C TYR A 482 36.36 -29.68 4.82
N ARG A 483 37.22 -29.06 4.01
CA ARG A 483 37.59 -27.66 4.11
C ARG A 483 36.53 -26.77 3.48
N VAL A 484 36.31 -25.61 4.08
CA VAL A 484 35.37 -24.58 3.63
C VAL A 484 36.02 -23.21 3.76
N VAL A 485 35.88 -22.38 2.74
CA VAL A 485 35.98 -20.94 2.87
C VAL A 485 34.61 -20.39 2.52
N VAL A 486 33.99 -19.67 3.44
CA VAL A 486 32.83 -18.86 3.14
C VAL A 486 33.33 -17.48 2.79
N LEU A 487 33.37 -17.17 1.50
CA LEU A 487 33.53 -15.81 1.03
C LEU A 487 32.24 -15.05 1.32
N SER A 488 32.26 -14.19 2.32
CA SER A 488 31.22 -13.19 2.52
C SER A 488 31.53 -11.95 1.67
N PHE A 489 30.54 -11.50 0.91
CA PHE A 489 30.65 -10.34 0.05
C PHE A 489 29.84 -9.18 0.61
N GLU A 490 30.48 -8.06 0.93
CA GLU A 490 29.78 -6.81 1.25
C GLU A 490 29.73 -5.91 0.01
N LEU A 491 28.56 -5.30 -0.21
CA LEU A 491 28.13 -4.66 -1.46
C LEU A 491 27.54 -3.28 -1.19
N LEU A 492 28.07 -2.62 -0.17
CA LEU A 492 27.53 -1.40 0.42
C LEU A 492 27.62 -0.21 -0.56
N HIS A 493 26.85 0.86 -0.34
CA HIS A 493 26.98 2.12 -1.11
C HIS A 493 28.33 2.85 -0.90
N ALA A 494 29.12 2.47 0.10
CA ALA A 494 30.48 2.97 0.33
C ALA A 494 31.41 2.71 -0.87
N PRO A 495 32.48 3.50 -1.08
CA PRO A 495 33.38 3.31 -2.22
C PRO A 495 34.06 1.94 -2.18
N ALA A 496 34.07 1.23 -3.31
CA ALA A 496 34.54 -0.15 -3.38
C ALA A 496 36.08 -0.29 -3.29
N THR A 497 36.57 -1.46 -2.89
CA THR A 497 38.02 -1.72 -2.66
C THR A 497 38.53 -3.05 -3.21
N VAL A 498 37.67 -4.04 -3.45
CA VAL A 498 38.07 -5.37 -3.93
C VAL A 498 37.45 -5.59 -5.29
N CYS A 499 38.19 -5.36 -6.37
CA CYS A 499 37.62 -5.23 -7.72
C CYS A 499 38.04 -6.35 -8.67
N GLY A 500 37.17 -6.72 -9.60
CA GLY A 500 37.46 -7.69 -10.65
C GLY A 500 38.58 -7.22 -11.59
N PRO A 501 39.26 -8.14 -12.28
CA PRO A 501 40.34 -7.84 -13.24
C PRO A 501 39.82 -7.26 -14.57
N LYS A 502 39.15 -6.11 -14.54
CA LYS A 502 38.52 -5.45 -15.69
C LYS A 502 39.45 -4.57 -16.53
N LYS A 503 39.03 -4.22 -17.74
CA LYS A 503 39.89 -3.65 -18.78
C LYS A 503 40.43 -2.22 -18.57
N SER A 504 39.78 -1.32 -17.80
CA SER A 504 40.14 0.12 -17.72
C SER A 504 40.14 0.86 -19.08
N THR A 505 38.96 1.15 -19.61
CA THR A 505 38.75 1.93 -20.84
C THR A 505 39.22 3.38 -20.69
N ASN A 506 39.60 4.06 -21.78
CA ASN A 506 39.80 5.51 -21.80
C ASN A 506 38.48 6.27 -21.50
N LEU A 507 38.54 7.38 -20.77
CA LEU A 507 37.38 8.25 -20.57
C LEU A 507 37.01 9.00 -21.87
N VAL A 508 35.72 9.11 -22.15
CA VAL A 508 35.15 9.98 -23.19
C VAL A 508 34.13 10.90 -22.52
N LYS A 509 34.15 12.19 -22.88
CA LYS A 509 33.21 13.21 -22.40
C LYS A 509 32.32 13.70 -23.56
N ASN A 510 31.11 14.12 -23.20
CA ASN A 510 30.12 14.75 -24.06
C ASN A 510 29.58 13.87 -25.19
N LYS A 511 29.52 12.54 -24.99
CA LYS A 511 28.82 11.57 -25.84
C LYS A 511 28.15 10.52 -24.97
N CYS A 512 27.11 9.87 -25.47
CA CYS A 512 26.41 8.80 -24.77
C CYS A 512 27.20 7.48 -24.70
N VAL A 513 27.40 6.96 -23.49
CA VAL A 513 28.20 5.77 -23.22
C VAL A 513 27.58 4.93 -22.09
N ASN A 514 27.79 3.61 -22.12
CA ASN A 514 27.29 2.67 -21.13
C ASN A 514 28.36 2.44 -20.05
N PHE A 515 28.47 3.35 -19.10
CA PHE A 515 29.60 3.40 -18.15
C PHE A 515 29.55 2.33 -17.04
N ASN A 516 30.69 2.08 -16.41
CA ASN A 516 30.84 1.29 -15.18
C ASN A 516 32.02 1.82 -14.36
N PHE A 517 31.77 2.56 -13.28
CA PHE A 517 32.77 3.16 -12.40
C PHE A 517 32.76 2.47 -11.04
N ASN A 518 33.89 1.90 -10.59
CA ASN A 518 33.92 1.10 -9.36
C ASN A 518 32.81 0.03 -9.24
N GLY A 519 32.28 -0.50 -10.35
CA GLY A 519 31.18 -1.47 -10.33
C GLY A 519 29.77 -0.85 -10.32
N LEU A 520 29.64 0.44 -10.01
CA LEU A 520 28.43 1.25 -10.20
C LEU A 520 28.26 1.56 -11.71
N THR A 521 27.14 1.18 -12.30
CA THR A 521 27.00 1.16 -13.76
C THR A 521 25.63 1.61 -14.25
N GLY A 522 25.61 2.31 -15.39
CA GLY A 522 24.43 2.85 -16.06
C GLY A 522 24.78 3.42 -17.44
N THR A 523 23.87 4.14 -18.07
CA THR A 523 24.07 4.76 -19.39
C THR A 523 23.78 6.26 -19.33
N GLY A 524 24.59 7.07 -20.00
CA GLY A 524 24.35 8.51 -20.03
C GLY A 524 25.35 9.30 -20.87
N VAL A 525 25.02 10.56 -21.08
CA VAL A 525 25.95 11.63 -21.43
C VAL A 525 26.76 11.91 -20.19
N LEU A 526 28.07 11.80 -20.30
CA LEU A 526 29.00 12.17 -19.24
C LEU A 526 29.56 13.53 -19.57
N THR A 527 29.51 14.49 -18.66
CA THR A 527 30.20 15.78 -18.80
C THR A 527 31.03 16.08 -17.57
N GLU A 528 32.26 16.58 -17.72
CA GLU A 528 32.89 17.20 -16.54
C GLU A 528 32.04 18.38 -16.07
N SER A 529 31.92 18.57 -14.77
CA SER A 529 30.93 19.46 -14.15
C SER A 529 31.57 20.37 -13.11
N ASN A 530 30.89 21.46 -12.74
CA ASN A 530 31.37 22.41 -11.74
C ASN A 530 31.20 21.96 -10.28
N LYS A 531 30.48 20.86 -10.02
CA LYS A 531 29.98 20.52 -8.68
C LYS A 531 31.11 20.29 -7.68
N LYS A 532 31.10 21.05 -6.59
CA LYS A 532 32.11 21.05 -5.54
C LYS A 532 31.94 19.88 -4.58
N PHE A 533 32.16 18.67 -5.05
CA PHE A 533 32.40 17.51 -4.20
C PHE A 533 33.46 17.86 -3.16
N LEU A 534 33.18 17.58 -1.89
CA LEU A 534 34.18 17.61 -0.85
C LEU A 534 35.17 16.45 -1.10
N PRO A 535 36.46 16.54 -0.71
CA PRO A 535 37.45 15.54 -1.11
C PRO A 535 37.15 14.10 -0.67
N PHE A 536 36.29 13.91 0.34
CA PHE A 536 35.85 12.62 0.84
C PHE A 536 34.59 12.06 0.16
N GLN A 537 33.87 12.86 -0.63
CA GLN A 537 32.67 12.43 -1.35
C GLN A 537 33.06 11.80 -2.69
N GLN A 538 32.53 10.62 -2.99
CA GLN A 538 32.91 9.86 -4.18
C GLN A 538 31.87 9.89 -5.31
N PHE A 539 30.60 10.15 -5.02
CA PHE A 539 29.59 10.38 -6.04
C PHE A 539 28.49 11.30 -5.54
N GLY A 540 27.71 11.86 -6.46
CA GLY A 540 26.58 12.72 -6.17
C GLY A 540 25.27 11.97 -6.38
N ARG A 541 24.28 12.23 -5.55
CA ARG A 541 22.90 11.73 -5.73
C ARG A 541 21.89 12.87 -5.75
N ASP A 542 20.87 12.69 -6.56
CA ASP A 542 19.87 13.72 -6.86
C ASP A 542 18.75 13.76 -5.83
N ILE A 543 17.84 14.72 -5.97
CA ILE A 543 16.59 14.80 -5.22
C ILE A 543 15.73 13.52 -5.37
N ALA A 544 15.87 12.81 -6.49
CA ALA A 544 15.19 11.57 -6.81
C ALA A 544 15.85 10.31 -6.21
N ASP A 545 16.93 10.46 -5.44
CA ASP A 545 17.79 9.36 -4.97
C ASP A 545 18.50 8.55 -6.07
N THR A 546 18.45 9.03 -7.32
CA THR A 546 19.26 8.57 -8.46
C THR A 546 20.72 9.02 -8.32
N THR A 547 21.67 8.25 -8.83
CA THR A 547 23.06 8.72 -9.01
C THR A 547 23.15 9.76 -10.13
N ASP A 548 23.74 10.92 -9.85
CA ASP A 548 23.68 12.13 -10.66
C ASP A 548 25.06 12.63 -11.10
N ALA A 549 26.10 12.37 -10.32
CA ALA A 549 27.49 12.66 -10.66
C ALA A 549 28.40 11.60 -10.06
N VAL A 550 29.59 11.42 -10.59
CA VAL A 550 30.60 10.49 -10.08
C VAL A 550 31.97 11.12 -10.20
N ARG A 551 32.94 10.64 -9.42
CA ARG A 551 34.34 11.00 -9.55
C ARG A 551 35.11 9.84 -10.14
N ASP A 552 35.71 10.02 -11.30
CA ASP A 552 36.41 8.95 -12.00
C ASP A 552 37.54 8.35 -11.11
N PRO A 553 37.55 7.05 -10.84
CA PRO A 553 38.50 6.41 -9.92
C PRO A 553 39.95 6.35 -10.44
N GLN A 554 40.25 6.90 -11.62
CA GLN A 554 41.62 7.10 -12.12
C GLN A 554 41.93 8.57 -12.38
N THR A 555 41.02 9.50 -12.11
CA THR A 555 41.20 10.95 -12.30
C THR A 555 40.13 11.70 -11.51
N LEU A 556 40.48 12.55 -10.54
CA LEU A 556 39.51 13.17 -9.64
C LEU A 556 38.56 14.20 -10.27
N GLU A 557 38.33 14.16 -11.58
CA GLU A 557 37.37 14.94 -12.36
C GLU A 557 35.92 14.53 -12.08
N ILE A 558 35.05 15.50 -11.83
CA ILE A 558 33.66 15.29 -11.44
C ILE A 558 32.77 15.16 -12.67
N LEU A 559 32.39 13.94 -13.04
CA LEU A 559 31.52 13.66 -14.19
C LEU A 559 30.05 13.74 -13.79
N ASP A 560 29.28 14.67 -14.36
CA ASP A 560 27.83 14.65 -14.29
C ASP A 560 27.28 13.57 -15.21
N ILE A 561 26.40 12.70 -14.70
CA ILE A 561 25.64 11.75 -15.50
C ILE A 561 24.30 12.39 -15.90
N THR A 562 24.14 12.72 -17.17
CA THR A 562 22.86 13.13 -17.75
C THR A 562 22.32 11.96 -18.56
N PRO A 563 21.08 11.48 -18.38
CA PRO A 563 20.57 10.31 -19.09
C PRO A 563 20.59 10.52 -20.60
N CYS A 564 20.79 9.46 -21.38
CA CYS A 564 20.75 9.57 -22.84
C CYS A 564 19.34 9.98 -23.30
N SER A 565 19.27 10.97 -24.18
CA SER A 565 18.03 11.71 -24.44
C SER A 565 16.90 10.83 -24.96
N PHE A 566 15.65 11.14 -24.60
CA PHE A 566 14.49 10.36 -25.00
C PHE A 566 13.19 11.17 -25.08
N GLY A 567 12.20 10.66 -25.81
CA GLY A 567 10.86 11.25 -25.88
C GLY A 567 9.84 10.39 -26.60
N GLY A 568 8.57 10.71 -26.44
CA GLY A 568 7.50 10.14 -27.25
C GLY A 568 7.61 10.58 -28.71
N VAL A 569 7.30 9.67 -29.63
CA VAL A 569 7.29 9.91 -31.07
C VAL A 569 5.85 9.87 -31.50
N SER A 570 5.32 11.04 -31.82
CA SER A 570 3.93 11.22 -32.23
C SER A 570 3.83 11.49 -33.71
N VAL A 571 2.79 11.00 -34.37
CA VAL A 571 2.59 11.19 -35.82
C VAL A 571 1.41 12.13 -36.05
N ILE A 572 1.61 13.20 -36.79
CA ILE A 572 0.61 14.17 -37.21
C ILE A 572 0.12 13.73 -38.58
N THR A 573 -1.19 13.59 -38.77
CA THR A 573 -1.74 13.17 -40.06
C THR A 573 -3.15 13.69 -40.30
N PRO A 574 -3.55 14.05 -41.54
CA PRO A 574 -4.95 14.06 -41.92
C PRO A 574 -5.48 12.63 -41.89
N GLY A 575 -6.78 12.46 -42.13
CA GLY A 575 -7.32 11.12 -42.29
C GLY A 575 -6.65 10.38 -43.46
N THR A 576 -6.56 9.06 -43.39
CA THR A 576 -6.16 8.25 -44.55
C THR A 576 -7.15 8.36 -45.72
N ASN A 577 -8.40 8.77 -45.48
CA ASN A 577 -9.31 9.27 -46.52
C ASN A 577 -9.03 10.76 -46.80
N THR A 578 -7.80 11.10 -47.13
CA THR A 578 -7.33 12.41 -47.65
C THR A 578 -5.90 12.32 -48.16
N SER A 579 -4.95 11.79 -47.38
CA SER A 579 -3.57 11.58 -47.83
C SER A 579 -2.85 10.52 -46.99
N ASN A 580 -1.84 9.86 -47.55
CA ASN A 580 -0.93 8.97 -46.82
C ASN A 580 0.35 9.67 -46.33
N GLU A 581 0.53 10.96 -46.62
CA GLU A 581 1.64 11.73 -46.07
C GLU A 581 1.44 12.01 -44.56
N VAL A 582 2.55 12.19 -43.84
CA VAL A 582 2.59 12.38 -42.39
C VAL A 582 3.73 13.32 -42.00
N ALA A 583 3.66 13.91 -40.81
CA ALA A 583 4.77 14.56 -40.15
C ALA A 583 4.96 13.95 -38.76
N VAL A 584 6.17 13.96 -38.21
CA VAL A 584 6.49 13.22 -36.98
C VAL A 584 7.07 14.14 -35.94
N LEU A 585 6.46 14.19 -34.76
CA LEU A 585 6.89 15.02 -33.65
C LEU A 585 7.68 14.17 -32.67
N TYR A 586 8.97 14.44 -32.52
CA TYR A 586 9.84 13.87 -31.51
C TYR A 586 9.77 14.75 -30.27
N GLN A 587 8.99 14.37 -29.26
CA GLN A 587 8.74 15.22 -28.11
C GLN A 587 10.00 15.50 -27.30
N ASP A 588 10.18 16.76 -26.92
CA ASP A 588 11.25 17.26 -26.05
C ASP A 588 12.70 17.11 -26.51
N VAL A 589 13.04 16.45 -27.62
CA VAL A 589 14.41 16.39 -28.12
C VAL A 589 14.83 17.73 -28.75
N ASN A 590 16.13 18.06 -28.72
CA ASN A 590 16.68 19.22 -29.43
C ASN A 590 16.96 18.86 -30.89
N CYS A 591 16.77 19.77 -31.86
CA CYS A 591 16.88 19.45 -33.30
C CYS A 591 18.30 19.38 -33.87
N THR A 592 19.31 19.25 -33.01
CA THR A 592 20.57 18.60 -33.37
C THR A 592 20.42 17.08 -33.47
N GLU A 593 19.51 16.47 -32.71
CA GLU A 593 19.27 15.04 -32.71
C GLU A 593 18.72 14.50 -34.03
N VAL A 594 19.13 13.27 -34.38
CA VAL A 594 18.59 12.42 -35.46
C VAL A 594 18.46 13.16 -36.80
N ASN A 615 14.09 19.36 -43.91
CA ASN A 615 12.70 19.70 -43.60
C ASN A 615 12.33 19.34 -42.15
N VAL A 616 12.99 20.01 -41.20
CA VAL A 616 12.82 19.86 -39.74
C VAL A 616 12.55 21.23 -39.13
N PHE A 617 11.66 21.28 -38.13
CA PHE A 617 11.31 22.50 -37.42
C PHE A 617 11.31 22.27 -35.89
N GLN A 618 11.92 23.18 -35.13
CA GLN A 618 11.88 23.15 -33.67
C GLN A 618 10.59 23.81 -33.17
N THR A 619 9.54 23.03 -32.98
CA THR A 619 8.41 23.47 -32.14
C THR A 619 8.83 23.54 -30.67
N ARG A 620 8.11 24.27 -29.83
CA ARG A 620 8.34 24.23 -28.39
C ARG A 620 8.00 22.89 -27.75
N ALA A 621 7.23 22.02 -28.42
CA ALA A 621 6.95 20.64 -27.98
C ALA A 621 8.06 19.64 -28.37
N GLY A 622 8.93 19.97 -29.32
CA GLY A 622 9.99 19.07 -29.82
C GLY A 622 10.29 19.29 -31.30
N CYS A 623 11.09 18.44 -31.90
CA CYS A 623 11.31 18.50 -33.35
C CYS A 623 10.09 17.98 -34.10
N LEU A 624 9.48 18.80 -34.93
CA LEU A 624 8.46 18.35 -35.87
C LEU A 624 9.15 18.17 -37.21
N ILE A 625 9.19 16.95 -37.72
CA ILE A 625 9.92 16.58 -38.93
C ILE A 625 8.91 16.32 -40.03
N GLY A 626 9.09 16.92 -41.19
CA GLY A 626 8.23 16.72 -42.36
C GLY A 626 7.09 17.74 -42.52
N ALA A 627 6.97 18.74 -41.65
CA ALA A 627 5.97 19.81 -41.77
C ALA A 627 6.61 21.16 -42.09
N GLU A 628 6.04 21.89 -43.04
CA GLU A 628 6.49 23.22 -43.46
C GLU A 628 6.08 24.30 -42.45
N HIS A 629 7.02 24.98 -41.82
CA HIS A 629 6.72 26.12 -40.94
C HIS A 629 6.34 27.37 -41.76
N VAL A 630 5.33 28.12 -41.32
CA VAL A 630 4.74 29.24 -42.08
C VAL A 630 4.59 30.47 -41.19
N ASN A 631 4.87 31.69 -41.67
CA ASN A 631 4.58 32.93 -40.91
C ASN A 631 3.08 33.06 -40.61
N ASN A 632 2.26 33.04 -41.66
CA ASN A 632 0.82 33.24 -41.65
C ASN A 632 0.11 32.22 -40.75
N SER A 633 -0.80 32.70 -39.90
CA SER A 633 -1.57 31.88 -38.95
C SER A 633 -2.96 31.53 -39.49
N TYR A 634 -3.53 30.44 -39.00
CA TYR A 634 -4.84 29.89 -39.39
C TYR A 634 -5.58 29.45 -38.13
N GLU A 635 -6.86 29.09 -38.21
CA GLU A 635 -7.53 28.41 -37.11
C GLU A 635 -6.89 27.04 -36.84
N CYS A 636 -6.82 26.58 -35.59
CA CYS A 636 -6.16 25.32 -35.26
C CYS A 636 -6.88 24.13 -35.91
N ASP A 637 -6.17 23.31 -36.70
CA ASP A 637 -6.69 22.08 -37.28
C ASP A 637 -6.25 20.86 -36.46
N ILE A 638 -4.96 20.49 -36.53
CA ILE A 638 -4.36 19.45 -35.68
C ILE A 638 -3.54 20.16 -34.61
N PRO A 639 -3.74 19.90 -33.30
CA PRO A 639 -2.98 20.51 -32.23
C PRO A 639 -1.60 19.86 -32.08
N ILE A 640 -0.58 20.66 -31.76
CA ILE A 640 0.74 20.16 -31.41
C ILE A 640 1.10 20.56 -29.99
N GLY A 641 0.95 21.83 -29.63
CA GLY A 641 1.29 22.35 -28.30
C GLY A 641 2.04 23.67 -28.37
N ALA A 642 2.08 24.41 -27.27
CA ALA A 642 2.77 25.69 -27.20
C ALA A 642 2.39 26.65 -28.33
N GLY A 643 1.10 26.70 -28.66
CA GLY A 643 0.53 27.53 -29.71
C GLY A 643 0.74 27.00 -31.13
N ILE A 644 1.56 25.97 -31.34
CA ILE A 644 1.67 25.34 -32.67
C ILE A 644 0.47 24.46 -32.94
N CYS A 645 -0.07 24.59 -34.13
CA CYS A 645 -0.99 23.65 -34.75
C CYS A 645 -0.46 23.30 -36.14
N ALA A 646 -1.05 22.32 -36.79
CA ALA A 646 -0.67 21.88 -38.12
C ALA A 646 -1.89 21.57 -38.98
N SER A 647 -1.78 21.67 -40.29
CA SER A 647 -2.89 21.43 -41.22
C SER A 647 -2.40 21.07 -42.62
N TYR A 648 -3.29 20.54 -43.45
CA TYR A 648 -2.97 20.13 -44.81
C TYR A 648 -3.41 21.19 -45.85
N GLN A 649 -2.45 21.82 -46.54
CA GLN A 649 -2.62 23.01 -47.38
C GLN A 649 -1.65 23.00 -48.59
N THR A 650 -1.93 23.80 -49.63
CA THR A 650 -0.99 24.00 -50.76
C THR A 650 0.26 24.75 -50.33
N GLN A 664 -0.68 19.09 -52.25
CA GLN A 664 -0.80 19.60 -50.88
C GLN A 664 0.11 18.86 -49.89
N SER A 665 0.51 19.54 -48.81
CA SER A 665 1.48 19.08 -47.81
C SER A 665 1.09 19.54 -46.40
N ILE A 666 1.68 18.93 -45.38
CA ILE A 666 1.50 19.34 -43.99
C ILE A 666 2.24 20.67 -43.75
N ILE A 667 1.54 21.65 -43.19
CA ILE A 667 2.12 22.91 -42.71
C ILE A 667 1.95 22.99 -41.21
N ALA A 668 2.89 23.64 -40.54
CA ALA A 668 2.81 23.98 -39.13
C ALA A 668 2.83 25.51 -38.94
N TYR A 669 2.02 26.01 -38.04
CA TYR A 669 1.82 27.44 -37.85
C TYR A 669 1.49 27.71 -36.39
N THR A 670 1.76 28.91 -35.91
CA THR A 670 1.16 29.36 -34.64
C THR A 670 -0.31 29.60 -34.89
N MET A 671 -1.20 29.05 -34.08
CA MET A 671 -2.64 29.17 -34.30
C MET A 671 -3.15 30.59 -34.10
N SER A 672 -4.20 30.95 -34.83
CA SER A 672 -4.89 32.23 -34.72
C SER A 672 -6.18 32.07 -33.93
N LEU A 673 -6.37 32.94 -32.94
CA LEU A 673 -7.46 32.85 -31.97
C LEU A 673 -8.81 33.31 -32.55
N GLY A 674 -8.76 34.18 -33.55
CA GLY A 674 -9.91 34.77 -34.23
C GLY A 674 -9.53 36.10 -34.85
N ALA A 675 -10.30 36.56 -35.84
CA ALA A 675 -10.03 37.84 -36.47
C ALA A 675 -10.07 38.97 -35.44
N GLU A 676 -9.15 39.93 -35.53
CA GLU A 676 -9.20 41.09 -34.65
C GLU A 676 -10.39 41.98 -35.03
N ASN A 677 -11.09 42.50 -34.04
CA ASN A 677 -12.28 43.33 -34.23
C ASN A 677 -12.33 44.46 -33.20
N SER A 678 -11.53 45.49 -33.38
CA SER A 678 -11.58 46.73 -32.62
C SER A 678 -13.01 47.26 -32.60
N VAL A 679 -13.73 47.12 -31.49
CA VAL A 679 -15.14 47.56 -31.41
C VAL A 679 -15.17 49.07 -31.56
N ALA A 680 -16.04 49.60 -32.41
CA ALA A 680 -16.08 51.03 -32.74
C ALA A 680 -16.67 51.93 -31.63
N TYR A 681 -16.32 51.69 -30.37
CA TYR A 681 -16.81 52.43 -29.22
C TYR A 681 -16.44 53.91 -29.30
N SER A 682 -17.33 54.73 -28.76
CA SER A 682 -17.05 56.10 -28.36
C SER A 682 -18.12 56.48 -27.33
N ASN A 683 -17.89 57.47 -26.48
CA ASN A 683 -19.03 58.11 -25.83
C ASN A 683 -19.97 58.68 -26.90
N ASN A 684 -21.24 58.88 -26.55
CA ASN A 684 -22.33 59.16 -27.47
C ASN A 684 -22.60 58.16 -28.62
N SER A 685 -21.85 57.07 -28.81
CA SER A 685 -22.15 56.11 -29.88
C SER A 685 -22.79 54.83 -29.34
N ILE A 686 -23.94 54.45 -29.87
CA ILE A 686 -24.58 53.15 -29.63
C ILE A 686 -24.94 52.51 -30.96
N ALA A 687 -24.89 51.18 -31.05
CA ALA A 687 -25.43 50.45 -32.17
C ALA A 687 -26.63 49.62 -31.73
N ILE A 688 -27.70 49.62 -32.51
CA ILE A 688 -28.95 48.91 -32.21
C ILE A 688 -29.33 48.00 -33.37
N PRO A 689 -29.76 46.74 -33.17
CA PRO A 689 -30.20 45.86 -34.25
C PRO A 689 -31.43 46.41 -34.93
N THR A 690 -31.50 46.43 -36.25
CA THR A 690 -32.76 46.73 -36.92
C THR A 690 -33.62 45.48 -37.08
N ASN A 691 -33.05 44.28 -36.92
CA ASN A 691 -33.61 42.99 -37.35
C ASN A 691 -33.14 41.82 -36.46
N PHE A 692 -33.49 40.57 -36.78
CA PHE A 692 -33.08 39.38 -36.04
C PHE A 692 -32.95 38.12 -36.89
N THR A 693 -32.20 37.15 -36.39
CA THR A 693 -32.25 35.76 -36.87
C THR A 693 -32.65 34.86 -35.73
N ILE A 694 -33.78 34.17 -35.82
CA ILE A 694 -34.04 33.01 -34.97
C ILE A 694 -33.15 31.88 -35.48
N SER A 695 -32.28 31.34 -34.63
CA SER A 695 -31.41 30.22 -34.95
C SER A 695 -31.67 29.05 -34.03
N VAL A 696 -31.54 27.85 -34.56
CA VAL A 696 -31.67 26.60 -33.82
C VAL A 696 -30.30 25.93 -33.77
N THR A 697 -29.85 25.52 -32.59
CA THR A 697 -28.56 24.87 -32.38
C THR A 697 -28.77 23.55 -31.66
N THR A 698 -27.88 22.59 -31.88
CA THR A 698 -27.99 21.24 -31.35
C THR A 698 -26.98 21.06 -30.24
N GLU A 699 -27.42 20.75 -29.03
CA GLU A 699 -26.53 20.36 -27.95
C GLU A 699 -26.74 18.89 -27.61
N ILE A 700 -25.67 18.10 -27.57
CA ILE A 700 -25.73 16.66 -27.39
C ILE A 700 -25.07 16.32 -26.06
N LEU A 701 -25.76 15.63 -25.16
CA LEU A 701 -25.25 15.31 -23.81
C LEU A 701 -25.37 13.82 -23.51
N PRO A 702 -24.29 13.14 -23.06
CA PRO A 702 -24.37 11.80 -22.51
C PRO A 702 -25.28 11.68 -21.32
N VAL A 703 -25.98 10.56 -21.18
CA VAL A 703 -26.88 10.33 -20.04
C VAL A 703 -26.61 9.02 -19.33
N SER A 704 -26.34 7.95 -20.05
CA SER A 704 -26.15 6.63 -19.45
C SER A 704 -25.14 5.80 -20.21
N MET A 705 -24.30 5.08 -19.50
CA MET A 705 -23.45 4.03 -20.06
C MET A 705 -24.26 2.78 -20.38
N THR A 706 -23.65 1.80 -21.04
CA THR A 706 -24.19 0.43 -21.01
C THR A 706 -24.15 -0.09 -19.58
N LYS A 707 -25.21 -0.80 -19.13
CA LYS A 707 -25.29 -1.45 -17.82
C LYS A 707 -24.46 -2.75 -17.81
N THR A 708 -23.16 -2.68 -18.06
CA THR A 708 -22.30 -3.86 -18.09
C THR A 708 -22.02 -4.36 -16.68
N SER A 709 -22.10 -5.66 -16.44
CA SER A 709 -21.71 -6.30 -15.19
C SER A 709 -20.90 -7.57 -15.45
N VAL A 710 -20.01 -7.96 -14.54
CA VAL A 710 -19.01 -9.01 -14.77
C VAL A 710 -18.91 -9.88 -13.53
N ASP A 711 -19.24 -11.17 -13.64
CA ASP A 711 -19.01 -12.10 -12.54
C ASP A 711 -17.52 -12.33 -12.34
N CYS A 712 -16.95 -11.76 -11.28
CA CYS A 712 -15.56 -11.98 -10.94
C CYS A 712 -15.24 -13.45 -10.62
N THR A 713 -16.23 -14.27 -10.24
CA THR A 713 -16.01 -15.70 -10.02
C THR A 713 -15.68 -16.38 -11.35
N MET A 714 -16.56 -16.28 -12.34
CA MET A 714 -16.36 -16.88 -13.66
C MET A 714 -15.30 -16.19 -14.52
N TYR A 715 -15.05 -14.91 -14.30
CA TYR A 715 -13.91 -14.23 -14.93
C TYR A 715 -12.59 -14.74 -14.38
N ILE A 716 -12.39 -14.74 -13.06
CA ILE A 716 -11.11 -15.18 -12.48
C ILE A 716 -10.92 -16.70 -12.62
N CYS A 717 -11.91 -17.51 -12.23
CA CYS A 717 -11.84 -18.96 -12.27
C CYS A 717 -12.70 -19.52 -13.41
N GLY A 718 -13.92 -19.97 -13.11
CA GLY A 718 -14.91 -20.43 -14.08
C GLY A 718 -14.81 -21.91 -14.42
N ASP A 719 -15.79 -22.70 -13.99
CA ASP A 719 -15.79 -24.16 -14.13
C ASP A 719 -14.47 -24.83 -13.69
N SER A 720 -13.94 -24.39 -12.54
CA SER A 720 -12.59 -24.71 -12.08
C SER A 720 -12.47 -24.64 -10.56
N THR A 721 -12.98 -25.66 -9.88
CA THR A 721 -13.12 -25.63 -8.42
C THR A 721 -11.76 -25.53 -7.72
N GLU A 722 -10.69 -26.08 -8.29
CA GLU A 722 -9.33 -25.92 -7.78
C GLU A 722 -8.90 -24.44 -7.71
N CYS A 723 -9.33 -23.62 -8.68
CA CYS A 723 -9.16 -22.16 -8.62
C CYS A 723 -10.11 -21.53 -7.60
N SER A 724 -11.40 -21.90 -7.58
CA SER A 724 -12.39 -21.33 -6.65
C SER A 724 -11.95 -21.48 -5.19
N ASN A 725 -11.47 -22.66 -4.81
CA ASN A 725 -10.89 -22.93 -3.49
C ASN A 725 -9.68 -22.04 -3.15
N LEU A 726 -8.92 -21.60 -4.15
CA LEU A 726 -7.83 -20.63 -3.98
C LEU A 726 -8.42 -19.21 -3.87
N LEU A 727 -9.31 -18.82 -4.78
CA LEU A 727 -9.87 -17.47 -4.89
C LEU A 727 -10.59 -17.04 -3.62
N LEU A 728 -11.36 -17.94 -3.02
CA LEU A 728 -12.13 -17.64 -1.81
C LEU A 728 -11.23 -17.21 -0.64
N GLN A 729 -9.93 -17.54 -0.66
CA GLN A 729 -8.97 -17.14 0.36
C GLN A 729 -8.63 -15.65 0.33
N TYR A 730 -8.78 -14.99 -0.82
CA TYR A 730 -8.70 -13.53 -0.99
C TYR A 730 -9.94 -12.80 -0.46
N GLY A 731 -10.96 -13.52 -0.02
CA GLY A 731 -12.03 -12.99 0.82
C GLY A 731 -13.03 -12.13 0.06
N SER A 732 -13.28 -10.93 0.57
CA SER A 732 -14.36 -10.09 0.08
C SER A 732 -14.15 -9.47 -1.30
N PHE A 733 -12.96 -9.50 -1.92
CA PHE A 733 -12.70 -8.70 -3.12
C PHE A 733 -13.72 -8.92 -4.24
N CYS A 734 -14.05 -10.15 -4.61
CA CYS A 734 -15.05 -10.37 -5.64
C CYS A 734 -16.47 -9.90 -5.22
N THR A 735 -16.86 -10.07 -3.97
CA THR A 735 -18.15 -9.51 -3.48
C THR A 735 -18.17 -7.99 -3.59
N GLN A 736 -17.11 -7.27 -3.19
CA GLN A 736 -17.10 -5.81 -3.32
C GLN A 736 -16.96 -5.31 -4.77
N LEU A 737 -16.46 -6.12 -5.71
CA LEU A 737 -16.52 -5.81 -7.15
C LEU A 737 -17.94 -5.98 -7.69
N ASN A 738 -18.63 -7.10 -7.45
CA ASN A 738 -20.02 -7.30 -7.89
C ASN A 738 -20.96 -6.21 -7.35
N ARG A 739 -20.78 -5.81 -6.09
CA ARG A 739 -21.55 -4.74 -5.46
C ARG A 739 -21.26 -3.38 -6.10
N ALA A 740 -20.01 -3.09 -6.40
CA ALA A 740 -19.62 -1.82 -7.03
C ALA A 740 -20.14 -1.68 -8.47
N LEU A 741 -19.95 -2.66 -9.35
CA LEU A 741 -20.57 -2.63 -10.68
C LEU A 741 -22.09 -2.66 -10.64
N THR A 742 -22.72 -3.31 -9.66
CA THR A 742 -24.18 -3.22 -9.49
C THR A 742 -24.61 -1.79 -9.17
N GLY A 743 -23.88 -1.07 -8.33
CA GLY A 743 -24.13 0.35 -8.07
C GLY A 743 -24.06 1.19 -9.34
N ILE A 744 -23.06 0.98 -10.19
CA ILE A 744 -22.97 1.65 -11.49
C ILE A 744 -24.17 1.31 -12.36
N ALA A 745 -24.58 0.05 -12.44
CA ALA A 745 -25.68 -0.37 -13.31
C ALA A 745 -27.00 0.30 -12.92
N VAL A 746 -27.33 0.34 -11.63
CA VAL A 746 -28.57 0.95 -11.14
C VAL A 746 -28.60 2.45 -11.42
N GLU A 747 -27.47 3.12 -11.26
CA GLU A 747 -27.33 4.54 -11.52
C GLU A 747 -27.55 4.91 -12.98
N GLN A 748 -27.27 4.05 -13.96
CA GLN A 748 -27.57 4.36 -15.36
C GLN A 748 -29.07 4.51 -15.61
N ASP A 749 -29.90 3.78 -14.86
CA ASP A 749 -31.35 3.98 -14.88
C ASP A 749 -31.79 5.20 -14.09
N LYS A 750 -31.14 5.55 -12.97
CA LYS A 750 -31.44 6.83 -12.31
C LYS A 750 -31.12 8.01 -13.22
N ASN A 751 -29.98 8.01 -13.89
CA ASN A 751 -29.65 9.06 -14.84
C ASN A 751 -30.67 9.17 -15.97
N THR A 752 -31.03 8.06 -16.58
CA THR A 752 -32.03 8.06 -17.66
C THR A 752 -33.38 8.55 -17.15
N GLN A 753 -33.76 8.17 -15.94
CA GLN A 753 -35.00 8.64 -15.30
C GLN A 753 -34.93 10.14 -15.05
N GLU A 754 -33.89 10.67 -14.42
CA GLU A 754 -33.88 12.07 -14.00
C GLU A 754 -33.81 13.06 -15.17
N VAL A 755 -33.26 12.65 -16.32
CA VAL A 755 -33.26 13.51 -17.51
C VAL A 755 -34.64 13.57 -18.12
N PHE A 756 -35.23 12.42 -18.45
CA PHE A 756 -36.44 12.38 -19.27
C PHE A 756 -37.74 12.37 -18.49
N ALA A 757 -37.82 11.68 -17.36
CA ALA A 757 -39.06 11.46 -16.61
C ALA A 757 -39.49 12.63 -15.72
N GLN A 758 -39.25 13.87 -16.16
CA GLN A 758 -39.60 15.09 -15.41
C GLN A 758 -41.09 15.44 -15.52
N VAL A 759 -41.71 15.05 -16.62
CA VAL A 759 -43.09 15.37 -16.97
C VAL A 759 -44.11 14.55 -16.16
N LYS A 760 -45.21 15.16 -15.73
CA LYS A 760 -46.22 14.49 -14.90
C LYS A 760 -47.15 13.54 -15.67
N GLN A 761 -47.39 13.81 -16.94
CA GLN A 761 -48.40 13.16 -17.78
C GLN A 761 -47.87 13.01 -19.20
N ILE A 762 -48.42 12.10 -20.01
CA ILE A 762 -47.98 11.92 -21.39
C ILE A 762 -48.83 12.78 -22.32
N TYR A 763 -48.45 14.04 -22.46
CA TYR A 763 -49.13 14.98 -23.36
C TYR A 763 -49.02 14.57 -24.83
N LYS A 764 -50.04 14.87 -25.62
CA LYS A 764 -50.07 14.67 -27.07
C LYS A 764 -50.74 15.85 -27.77
N THR A 765 -50.37 16.11 -29.03
CA THR A 765 -50.91 17.25 -29.81
C THR A 765 -52.29 16.95 -30.38
N PRO A 766 -53.15 17.96 -30.61
CA PRO A 766 -54.37 17.83 -31.40
C PRO A 766 -54.07 17.36 -32.84
N PRO A 767 -55.05 16.88 -33.59
CA PRO A 767 -54.84 16.38 -34.93
C PRO A 767 -54.42 17.51 -35.90
N ILE A 768 -55.09 18.67 -35.84
CA ILE A 768 -54.77 19.83 -36.69
C ILE A 768 -53.53 20.55 -36.14
N LYS A 769 -52.46 20.62 -36.93
CA LYS A 769 -51.17 21.21 -36.49
C LYS A 769 -51.13 22.72 -36.68
N ASP A 770 -52.12 23.44 -36.16
CA ASP A 770 -52.26 24.89 -36.28
C ASP A 770 -51.40 25.67 -35.25
N PHE A 771 -50.09 25.43 -35.26
CA PHE A 771 -49.12 26.09 -34.37
C PHE A 771 -48.63 27.44 -34.90
N GLY A 772 -49.53 28.33 -35.28
CA GLY A 772 -49.17 29.69 -35.72
C GLY A 772 -48.26 29.77 -36.96
N GLY A 773 -48.21 28.71 -37.77
CA GLY A 773 -47.33 28.58 -38.93
C GLY A 773 -45.93 28.03 -38.63
N PHE A 774 -45.52 27.95 -37.35
CA PHE A 774 -44.34 27.20 -36.98
C PHE A 774 -44.59 25.71 -37.23
N ASN A 775 -43.58 25.00 -37.70
CA ASN A 775 -43.73 23.63 -38.18
C ASN A 775 -42.81 22.64 -37.48
N PHE A 776 -43.37 21.70 -36.74
CA PHE A 776 -42.66 20.74 -35.93
C PHE A 776 -42.55 19.36 -36.57
N SER A 777 -42.79 19.24 -37.88
CA SER A 777 -42.83 17.96 -38.61
C SER A 777 -41.60 17.09 -38.39
N GLN A 778 -40.42 17.68 -38.30
CA GLN A 778 -39.20 16.91 -38.12
C GLN A 778 -39.08 16.32 -36.72
N ILE A 779 -39.76 16.86 -35.70
CA ILE A 779 -39.43 16.65 -34.27
C ILE A 779 -40.55 16.02 -33.45
N LEU A 780 -41.81 16.13 -33.86
CA LEU A 780 -42.93 15.35 -33.32
C LEU A 780 -42.90 13.91 -33.87
N PRO A 781 -43.41 12.91 -33.13
CA PRO A 781 -43.22 11.50 -33.47
C PRO A 781 -43.98 11.08 -34.71
N ASP A 782 -43.36 10.20 -35.52
CA ASP A 782 -43.99 9.57 -36.67
C ASP A 782 -44.90 8.42 -36.21
N PRO A 783 -46.23 8.51 -36.40
CA PRO A 783 -47.14 7.39 -36.11
C PRO A 783 -46.91 6.19 -37.05
N SER A 784 -46.17 6.38 -38.14
CA SER A 784 -45.86 5.39 -39.17
C SER A 784 -44.71 4.43 -38.84
N LYS A 785 -44.14 4.48 -37.63
CA LYS A 785 -42.94 3.69 -37.26
C LYS A 785 -43.11 2.89 -35.95
N SER A 787 -40.15 1.63 -33.10
CA SER A 787 -40.49 2.75 -32.24
C SER A 787 -41.02 3.94 -33.04
N LYS A 788 -41.96 4.68 -32.45
CA LYS A 788 -42.51 5.92 -33.00
C LYS A 788 -41.59 7.12 -32.73
N ARG A 789 -40.33 7.02 -33.12
CA ARG A 789 -39.36 8.13 -33.06
C ARG A 789 -39.78 9.22 -34.05
N SER A 790 -39.32 10.45 -33.83
CA SER A 790 -39.45 11.54 -34.80
C SER A 790 -38.44 11.41 -35.93
N PHE A 791 -38.56 12.22 -36.98
CA PHE A 791 -37.60 12.20 -38.09
C PHE A 791 -36.18 12.52 -37.61
N ILE A 792 -36.00 13.59 -36.84
CA ILE A 792 -34.68 13.97 -36.31
C ILE A 792 -34.17 12.90 -35.34
N GLU A 793 -34.99 12.30 -34.47
CA GLU A 793 -34.54 11.20 -33.61
C GLU A 793 -34.12 9.94 -34.37
N ASP A 794 -34.74 9.58 -35.50
CA ASP A 794 -34.19 8.52 -36.33
C ASP A 794 -32.81 8.87 -36.86
N LEU A 795 -32.63 10.07 -37.42
CA LEU A 795 -31.32 10.48 -37.87
C LEU A 795 -30.30 10.49 -36.72
N LEU A 796 -30.71 10.66 -35.46
CA LEU A 796 -29.83 10.53 -34.30
C LEU A 796 -29.47 9.07 -34.04
N PHE A 797 -30.44 8.15 -34.02
CA PHE A 797 -30.17 6.72 -33.82
C PHE A 797 -29.43 6.07 -35.01
N ASN A 798 -29.51 6.62 -36.21
CA ASN A 798 -28.76 6.16 -37.38
C ASN A 798 -27.27 6.52 -37.35
N LYS A 799 -26.80 7.41 -36.46
CA LYS A 799 -25.44 8.00 -36.49
C LYS A 799 -24.56 7.67 -35.28
N VAL A 800 -24.89 6.58 -34.58
CA VAL A 800 -24.11 6.00 -33.48
C VAL A 800 -23.91 4.50 -33.73
N THR A 801 -22.73 3.94 -33.45
CA THR A 801 -22.48 2.50 -33.72
C THR A 801 -23.36 1.62 -32.84
N PHE A 829 -16.95 -12.68 -23.88
CA PHE A 829 -18.34 -13.09 -23.68
C PHE A 829 -18.51 -14.11 -22.55
N ASN A 830 -17.46 -14.36 -21.77
CA ASN A 830 -17.38 -15.31 -20.66
C ASN A 830 -17.20 -14.56 -19.34
N GLY A 831 -18.13 -14.74 -18.41
CA GLY A 831 -18.21 -13.94 -17.17
C GLY A 831 -18.85 -12.55 -17.34
N LEU A 832 -18.75 -11.94 -18.52
CA LEU A 832 -19.46 -10.71 -18.87
C LEU A 832 -20.98 -10.91 -18.93
N THR A 833 -21.74 -9.87 -18.62
CA THR A 833 -23.19 -9.74 -18.86
C THR A 833 -23.49 -8.28 -19.19
N VAL A 834 -24.54 -8.01 -19.97
CA VAL A 834 -25.05 -6.66 -20.21
C VAL A 834 -26.54 -6.68 -19.87
N LEU A 835 -26.93 -5.92 -18.86
CA LEU A 835 -28.32 -5.81 -18.46
C LEU A 835 -29.06 -4.82 -19.40
N PRO A 836 -30.36 -4.98 -19.66
CA PRO A 836 -31.11 -3.99 -20.42
C PRO A 836 -31.41 -2.73 -19.58
N PRO A 837 -31.48 -1.54 -20.20
CA PRO A 837 -31.95 -0.32 -19.55
C PRO A 837 -33.44 -0.39 -19.22
N LEU A 838 -33.89 0.33 -18.19
CA LEU A 838 -35.27 0.21 -17.68
C LEU A 838 -36.30 0.85 -18.59
N LEU A 839 -36.01 1.99 -19.19
CA LEU A 839 -36.84 2.62 -20.22
C LEU A 839 -36.35 2.14 -21.58
N THR A 840 -37.19 1.46 -22.36
CA THR A 840 -36.82 1.13 -23.75
C THR A 840 -36.68 2.40 -24.59
N ASP A 841 -36.01 2.34 -25.73
CA ASP A 841 -35.95 3.47 -26.65
C ASP A 841 -37.33 4.00 -27.02
N GLU A 842 -38.35 3.14 -27.11
CA GLU A 842 -39.73 3.58 -27.33
C GLU A 842 -40.29 4.37 -26.14
N MET A 843 -39.98 3.98 -24.91
CA MET A 843 -40.38 4.75 -23.74
C MET A 843 -39.64 6.07 -23.64
N ILE A 844 -38.36 6.16 -24.00
CA ILE A 844 -37.68 7.46 -24.09
C ILE A 844 -38.35 8.31 -25.18
N ALA A 845 -38.80 7.70 -26.28
CA ALA A 845 -39.51 8.40 -27.33
C ALA A 845 -40.92 8.85 -26.89
N GLN A 846 -41.64 8.10 -26.06
CA GLN A 846 -42.88 8.59 -25.49
C GLN A 846 -42.63 9.69 -24.47
N TYR A 847 -41.64 9.59 -23.57
CA TYR A 847 -41.33 10.70 -22.65
C TYR A 847 -40.91 11.95 -23.41
N THR A 848 -40.05 11.85 -24.42
CA THR A 848 -39.70 13.03 -25.19
C THR A 848 -40.84 13.55 -26.04
N SER A 849 -41.77 12.74 -26.52
CA SER A 849 -43.00 13.26 -27.12
C SER A 849 -43.89 13.99 -26.11
N ALA A 850 -44.01 13.51 -24.88
CA ALA A 850 -44.72 14.23 -23.83
C ALA A 850 -44.09 15.59 -23.54
N LEU A 851 -42.76 15.65 -23.45
CA LEU A 851 -42.02 16.89 -23.26
C LEU A 851 -42.22 17.83 -24.46
N LEU A 852 -42.14 17.35 -25.70
CA LEU A 852 -42.45 18.13 -26.90
C LEU A 852 -43.86 18.67 -26.86
N ALA A 853 -44.88 17.82 -26.82
CA ALA A 853 -46.26 18.25 -26.92
C ALA A 853 -46.69 19.10 -25.73
N GLY A 854 -46.12 18.88 -24.54
CA GLY A 854 -46.32 19.76 -23.39
C GLY A 854 -45.80 21.14 -23.72
N THR A 855 -44.54 21.24 -24.15
CA THR A 855 -43.91 22.53 -24.46
C THR A 855 -44.65 23.25 -25.57
N ILE A 856 -44.99 22.57 -26.66
CA ILE A 856 -45.66 23.15 -27.83
C ILE A 856 -47.06 23.67 -27.52
N THR A 857 -47.84 22.99 -26.68
CA THR A 857 -49.25 23.39 -26.43
C THR A 857 -49.45 24.26 -25.21
N SER A 858 -48.51 24.30 -24.25
CA SER A 858 -48.75 24.88 -22.92
C SER A 858 -47.59 25.68 -22.33
N GLY A 859 -46.55 25.93 -23.12
CA GLY A 859 -45.43 26.78 -22.75
C GLY A 859 -44.61 26.20 -21.60
N TRP A 860 -44.19 27.02 -20.66
CA TRP A 860 -43.50 26.56 -19.44
C TRP A 860 -44.44 25.93 -18.41
N THR A 861 -45.75 26.08 -18.56
CA THR A 861 -46.68 25.85 -17.45
C THR A 861 -46.76 24.40 -17.03
N PHE A 862 -46.60 23.45 -17.95
CA PHE A 862 -46.57 22.02 -17.59
C PHE A 862 -45.37 21.62 -16.71
N GLY A 863 -44.33 22.46 -16.69
CA GLY A 863 -43.16 22.34 -15.81
C GLY A 863 -43.35 22.94 -14.41
N ALA A 864 -44.52 23.50 -14.12
CA ALA A 864 -44.77 24.30 -12.91
C ALA A 864 -46.19 24.14 -12.35
N GLY A 865 -46.91 23.10 -12.75
CA GLY A 865 -48.33 22.93 -12.47
C GLY A 865 -49.05 22.31 -13.66
N ALA A 866 -50.31 22.66 -13.83
CA ALA A 866 -51.14 22.14 -14.92
C ALA A 866 -50.63 22.55 -16.31
N ALA A 867 -50.85 21.75 -17.34
CA ALA A 867 -50.55 22.14 -18.71
C ALA A 867 -51.62 23.08 -19.28
N LEU A 868 -51.66 24.32 -18.81
CA LEU A 868 -52.55 25.36 -19.32
C LEU A 868 -52.28 25.63 -20.81
N GLN A 869 -53.27 25.48 -21.71
CA GLN A 869 -53.02 25.72 -23.12
C GLN A 869 -52.85 27.19 -23.44
N ILE A 870 -52.09 27.51 -24.49
CA ILE A 870 -51.98 28.85 -25.06
C ILE A 870 -51.69 28.75 -26.57
N PRO A 871 -52.14 29.66 -27.43
CA PRO A 871 -51.88 29.58 -28.87
C PRO A 871 -50.41 29.83 -29.15
N PHE A 872 -49.77 29.11 -30.05
CA PHE A 872 -48.31 29.18 -30.15
C PHE A 872 -47.80 30.56 -30.59
N ALA A 873 -48.58 31.28 -31.39
CA ALA A 873 -48.30 32.67 -31.73
C ALA A 873 -48.16 33.58 -30.50
N MET A 874 -48.88 33.28 -29.41
CA MET A 874 -48.81 34.04 -28.15
C MET A 874 -47.78 33.43 -27.21
N GLN A 875 -47.55 32.13 -27.26
CA GLN A 875 -46.45 31.52 -26.52
C GLN A 875 -45.13 32.15 -26.94
N MET A 876 -44.86 32.27 -28.23
CA MET A 876 -43.67 32.98 -28.71
C MET A 876 -43.69 34.47 -28.39
N ALA A 877 -44.85 35.10 -28.18
CA ALA A 877 -44.89 36.47 -27.69
C ALA A 877 -44.40 36.58 -26.25
N TYR A 878 -44.72 35.63 -25.36
CA TYR A 878 -44.13 35.61 -24.02
C TYR A 878 -42.62 35.42 -24.13
N ARG A 879 -42.15 34.46 -24.94
CA ARG A 879 -40.72 34.18 -25.10
C ARG A 879 -39.96 35.41 -25.63
N PHE A 880 -40.49 36.14 -26.60
CA PHE A 880 -39.91 37.41 -27.07
C PHE A 880 -39.95 38.50 -25.99
N ASN A 881 -41.06 38.65 -25.30
CA ASN A 881 -41.18 39.62 -24.21
C ASN A 881 -40.12 39.35 -23.14
N GLY A 882 -39.90 38.08 -22.82
CA GLY A 882 -38.95 37.64 -21.81
C GLY A 882 -37.50 38.02 -22.10
N ILE A 883 -37.09 38.09 -23.37
CA ILE A 883 -35.75 38.54 -23.78
C ILE A 883 -35.67 40.06 -23.96
N GLY A 884 -36.64 40.82 -23.45
CA GLY A 884 -36.66 42.28 -23.50
C GLY A 884 -37.02 42.88 -24.87
N VAL A 885 -37.53 42.08 -25.81
CA VAL A 885 -37.99 42.52 -27.12
C VAL A 885 -39.51 42.62 -27.08
N THR A 886 -40.08 43.80 -27.30
CA THR A 886 -41.50 44.05 -27.04
C THR A 886 -42.36 43.16 -27.93
N GLN A 887 -43.45 42.59 -27.42
CA GLN A 887 -44.13 41.51 -28.13
C GLN A 887 -44.75 41.90 -29.47
N ASN A 888 -44.95 43.18 -29.76
CA ASN A 888 -45.36 43.60 -31.11
C ASN A 888 -44.30 43.32 -32.18
N VAL A 889 -43.03 43.21 -31.82
CA VAL A 889 -41.97 42.75 -32.74
C VAL A 889 -42.25 41.35 -33.25
N LEU A 890 -42.79 40.44 -32.43
CA LEU A 890 -43.22 39.15 -32.93
C LEU A 890 -44.39 39.30 -33.88
N TYR A 891 -45.50 39.88 -33.41
CA TYR A 891 -46.73 39.82 -34.15
C TYR A 891 -46.63 40.47 -35.54
N GLU A 892 -45.89 41.57 -35.66
CA GLU A 892 -45.62 42.25 -36.92
C GLU A 892 -44.78 41.42 -37.91
N ASN A 893 -44.14 40.33 -37.46
CA ASN A 893 -43.15 39.56 -38.21
C ASN A 893 -43.37 38.04 -38.15
N GLN A 894 -44.52 37.56 -37.71
CA GLN A 894 -44.73 36.15 -37.39
C GLN A 894 -44.56 35.22 -38.59
N LYS A 895 -44.91 35.64 -39.81
CA LYS A 895 -44.68 34.84 -41.02
C LYS A 895 -43.18 34.67 -41.35
N LEU A 896 -42.39 35.74 -41.27
CA LEU A 896 -40.93 35.68 -41.33
C LEU A 896 -40.38 34.72 -40.28
N ILE A 897 -40.76 34.92 -39.02
CA ILE A 897 -40.21 34.15 -37.90
C ILE A 897 -40.53 32.67 -38.03
N ALA A 898 -41.74 32.28 -38.44
CA ALA A 898 -42.02 30.89 -38.73
C ALA A 898 -41.08 30.35 -39.83
N ASN A 899 -40.87 31.08 -40.93
CA ASN A 899 -39.96 30.65 -42.00
C ASN A 899 -38.50 30.55 -41.52
N GLN A 900 -38.02 31.48 -40.68
CA GLN A 900 -36.69 31.38 -40.06
C GLN A 900 -36.57 30.15 -39.16
N PHE A 901 -37.56 29.89 -38.31
CA PHE A 901 -37.57 28.72 -37.44
C PHE A 901 -37.57 27.43 -38.25
N ASN A 902 -38.49 27.31 -39.21
CA ASN A 902 -38.68 26.11 -40.01
C ASN A 902 -37.40 25.77 -40.78
N SER A 903 -36.83 26.73 -41.51
CA SER A 903 -35.60 26.50 -42.26
C SER A 903 -34.39 26.29 -41.36
N ALA A 904 -34.37 26.81 -40.13
CA ALA A 904 -33.33 26.48 -39.16
C ALA A 904 -33.41 25.03 -38.67
N ILE A 905 -34.60 24.45 -38.44
CA ILE A 905 -34.71 23.01 -38.19
C ILE A 905 -34.34 22.23 -39.45
N GLY A 906 -34.67 22.72 -40.64
CA GLY A 906 -34.23 22.13 -41.90
C GLY A 906 -32.71 21.96 -42.01
N LYS A 907 -31.93 22.97 -41.61
CA LYS A 907 -30.46 22.86 -41.53
C LYS A 907 -29.98 21.74 -40.60
N ILE A 908 -30.70 21.45 -39.53
CA ILE A 908 -30.39 20.32 -38.63
C ILE A 908 -30.73 19.00 -39.32
N GLN A 909 -31.90 18.91 -39.95
CA GLN A 909 -32.35 17.72 -40.71
C GLN A 909 -31.37 17.33 -41.83
N ASP A 910 -30.67 18.30 -42.42
CA ASP A 910 -29.53 18.09 -43.31
C ASP A 910 -28.29 17.64 -42.54
N SER A 911 -27.87 18.42 -41.54
CA SER A 911 -26.59 18.23 -40.86
C SER A 911 -26.45 16.83 -40.28
N LEU A 912 -27.46 16.34 -39.58
CA LEU A 912 -27.44 14.99 -39.00
C LEU A 912 -27.47 13.87 -40.06
N SER A 913 -27.88 14.18 -41.29
CA SER A 913 -27.87 13.23 -42.41
C SER A 913 -26.53 13.21 -43.13
N SER A 914 -25.96 14.38 -43.45
CA SER A 914 -24.70 14.48 -44.20
C SER A 914 -23.45 14.31 -43.33
N THR A 915 -23.50 14.65 -42.04
CA THR A 915 -22.29 14.93 -41.24
C THR A 915 -22.30 14.16 -39.92
N ALA A 916 -21.15 13.57 -39.57
CA ALA A 916 -21.00 12.64 -38.45
C ALA A 916 -20.56 13.29 -37.13
N SER A 917 -19.93 14.48 -37.17
CA SER A 917 -19.18 15.03 -36.03
C SER A 917 -20.03 15.31 -34.78
N ALA A 918 -21.31 15.58 -34.94
CA ALA A 918 -22.19 15.98 -33.83
C ALA A 918 -22.40 14.87 -32.80
N LEU A 919 -22.67 13.65 -33.25
CA LEU A 919 -22.89 12.50 -32.38
C LEU A 919 -21.60 12.02 -31.69
N GLY A 920 -20.42 12.57 -32.01
CA GLY A 920 -19.13 12.14 -31.47
C GLY A 920 -19.11 12.11 -29.94
N LYS A 921 -19.78 13.05 -29.28
CA LYS A 921 -19.86 13.09 -27.81
C LYS A 921 -20.67 11.94 -27.21
N LEU A 922 -21.60 11.32 -27.93
CA LEU A 922 -22.22 10.06 -27.52
C LEU A 922 -21.41 8.84 -27.98
N GLN A 923 -20.80 8.91 -29.15
CA GLN A 923 -19.94 7.83 -29.66
C GLN A 923 -18.72 7.59 -28.75
N ASP A 924 -18.21 8.61 -28.07
CA ASP A 924 -17.13 8.50 -27.08
C ASP A 924 -17.52 7.66 -25.86
N VAL A 925 -18.76 7.74 -25.40
CA VAL A 925 -19.29 6.88 -24.32
C VAL A 925 -19.26 5.43 -24.76
N VAL A 926 -19.62 5.15 -26.01
CA VAL A 926 -19.60 3.80 -26.60
C VAL A 926 -18.16 3.32 -26.76
N ASN A 927 -17.31 4.09 -27.42
CA ASN A 927 -15.92 3.74 -27.68
C ASN A 927 -15.11 3.51 -26.41
N GLN A 928 -15.28 4.33 -25.36
CA GLN A 928 -14.63 4.07 -24.08
C GLN A 928 -15.10 2.77 -23.44
N ASN A 929 -16.37 2.42 -23.53
CA ASN A 929 -16.83 1.15 -22.96
C ASN A 929 -16.34 -0.04 -23.77
N ALA A 930 -16.48 -0.05 -25.09
CA ALA A 930 -15.96 -1.15 -25.90
C ALA A 930 -14.43 -1.34 -25.74
N GLN A 931 -13.65 -0.27 -25.61
CA GLN A 931 -12.22 -0.40 -25.30
C GLN A 931 -11.95 -0.92 -23.88
N ALA A 932 -12.73 -0.52 -22.89
CA ALA A 932 -12.60 -1.02 -21.53
C ALA A 932 -12.94 -2.51 -21.44
N LEU A 933 -13.95 -3.01 -22.15
CA LEU A 933 -14.22 -4.45 -22.17
C LEU A 933 -13.23 -5.26 -23.01
N ASN A 934 -12.80 -4.80 -24.19
CA ASN A 934 -11.76 -5.52 -24.93
C ASN A 934 -10.48 -5.61 -24.10
N THR A 935 -10.05 -4.52 -23.46
CA THR A 935 -8.90 -4.57 -22.56
C THR A 935 -9.14 -5.55 -21.41
N LEU A 936 -10.33 -5.58 -20.82
CA LEU A 936 -10.64 -6.53 -19.75
C LEU A 936 -10.57 -7.98 -20.24
N VAL A 937 -11.04 -8.30 -21.44
CA VAL A 937 -11.02 -9.68 -21.95
C VAL A 937 -9.64 -10.09 -22.43
N LYS A 938 -8.88 -9.22 -23.09
CA LYS A 938 -7.50 -9.53 -23.46
C LYS A 938 -6.62 -9.84 -22.25
N GLN A 939 -6.87 -9.25 -21.09
CA GLN A 939 -6.18 -9.64 -19.86
C GLN A 939 -6.45 -11.07 -19.35
N LEU A 940 -7.46 -11.81 -19.85
CA LEU A 940 -7.53 -13.26 -19.60
C LEU A 940 -6.40 -14.04 -20.29
N SER A 941 -5.87 -13.56 -21.41
CA SER A 941 -4.84 -14.26 -22.19
C SER A 941 -3.41 -14.08 -21.68
N SER A 942 -3.15 -13.12 -20.79
CA SER A 942 -1.80 -12.80 -20.29
C SER A 942 -1.28 -13.84 -19.31
N ASN A 943 0.03 -14.10 -19.29
CA ASN A 943 0.62 -15.13 -18.44
C ASN A 943 0.76 -14.75 -16.96
N PHE A 944 1.03 -13.49 -16.62
CA PHE A 944 1.29 -13.01 -15.25
C PHE A 944 2.43 -13.73 -14.51
N GLY A 945 3.33 -14.39 -15.25
CA GLY A 945 4.40 -15.24 -14.74
C GLY A 945 4.03 -16.70 -14.47
N ALA A 946 2.77 -17.11 -14.62
CA ALA A 946 2.43 -18.53 -14.60
C ALA A 946 2.89 -19.23 -15.90
N ILE A 947 3.08 -20.55 -15.86
CA ILE A 947 3.56 -21.32 -17.03
C ILE A 947 2.59 -21.33 -18.22
N SER A 948 1.29 -21.13 -17.98
CA SER A 948 0.30 -20.89 -19.02
C SER A 948 -0.74 -19.90 -18.52
N SER A 949 -1.29 -19.08 -19.40
CA SER A 949 -2.47 -18.26 -19.14
C SER A 949 -3.78 -19.03 -19.22
N VAL A 950 -3.80 -20.24 -19.79
CA VAL A 950 -4.99 -21.08 -19.82
C VAL A 950 -5.10 -21.79 -18.49
N LEU A 951 -6.21 -21.64 -17.79
CA LEU A 951 -6.42 -22.27 -16.48
C LEU A 951 -6.45 -23.80 -16.55
N ASN A 952 -7.04 -24.37 -17.60
CA ASN A 952 -7.06 -25.82 -17.86
C ASN A 952 -5.68 -26.44 -18.16
N ASP A 953 -4.75 -25.69 -18.74
CA ASP A 953 -3.38 -26.19 -18.96
C ASP A 953 -2.73 -26.53 -17.64
N ILE A 954 -2.79 -25.63 -16.66
CA ILE A 954 -2.25 -25.86 -15.33
C ILE A 954 -3.00 -27.02 -14.65
N LEU A 955 -4.32 -27.03 -14.73
CA LEU A 955 -5.16 -28.14 -14.27
C LEU A 955 -5.19 -29.33 -15.26
N SER A 956 -4.03 -29.64 -15.84
CA SER A 956 -3.75 -30.86 -16.60
C SER A 956 -2.28 -31.23 -16.46
N ARG A 957 -1.38 -30.26 -16.69
CA ARG A 957 0.06 -30.45 -16.79
C ARG A 957 0.76 -30.56 -15.45
N LEU A 958 0.14 -30.12 -14.35
CA LEU A 958 0.77 -30.00 -13.04
C LEU A 958 -0.08 -30.58 -11.90
N ASP A 959 0.58 -31.15 -10.90
CA ASP A 959 -0.04 -31.62 -9.66
C ASP A 959 -0.36 -30.44 -8.73
N PRO A 960 -1.33 -30.56 -7.81
CA PRO A 960 -1.71 -29.47 -6.92
C PRO A 960 -0.57 -28.74 -6.19
N PRO A 961 0.51 -29.39 -5.73
CA PRO A 961 1.57 -28.67 -5.00
C PRO A 961 2.28 -27.59 -5.82
N GLU A 962 2.40 -27.76 -7.14
CA GLU A 962 2.88 -26.71 -8.04
C GLU A 962 1.71 -25.88 -8.60
N ALA A 963 0.64 -26.54 -9.07
CA ALA A 963 -0.48 -25.89 -9.76
C ALA A 963 -1.14 -24.82 -8.92
N GLU A 964 -1.25 -24.99 -7.61
CA GLU A 964 -1.81 -23.96 -6.73
C GLU A 964 -0.92 -22.73 -6.57
N VAL A 965 0.37 -22.81 -6.82
CA VAL A 965 1.25 -21.63 -6.87
C VAL A 965 1.17 -20.98 -8.25
N GLN A 966 1.10 -21.77 -9.32
CA GLN A 966 0.90 -21.25 -10.67
C GLN A 966 -0.42 -20.49 -10.79
N ILE A 967 -1.52 -21.05 -10.29
CA ILE A 967 -2.83 -20.41 -10.23
C ILE A 967 -2.81 -19.16 -9.37
N ASP A 968 -2.09 -19.12 -8.25
CA ASP A 968 -2.01 -17.90 -7.44
C ASP A 968 -1.34 -16.73 -8.18
N ARG A 969 -0.47 -17.00 -9.17
CA ARG A 969 -0.05 -15.96 -10.13
C ARG A 969 -1.18 -15.52 -11.03
N LEU A 970 -1.94 -16.44 -11.61
CA LEU A 970 -3.08 -16.06 -12.44
C LEU A 970 -4.14 -15.30 -11.67
N ILE A 971 -4.54 -15.75 -10.48
CA ILE A 971 -5.55 -15.07 -9.67
C ILE A 971 -5.08 -13.68 -9.32
N THR A 972 -3.85 -13.49 -8.86
CA THR A 972 -3.28 -12.16 -8.63
C THR A 972 -3.39 -11.25 -9.87
N GLY A 973 -3.15 -11.79 -11.06
CA GLY A 973 -3.27 -11.05 -12.31
C GLY A 973 -4.72 -10.75 -12.70
N ARG A 974 -5.58 -11.75 -12.81
CA ARG A 974 -6.99 -11.61 -13.19
C ARG A 974 -7.80 -10.81 -12.17
N LEU A 975 -7.39 -10.76 -10.91
CA LEU A 975 -7.98 -9.90 -9.91
C LEU A 975 -7.55 -8.44 -10.08
N GLN A 976 -6.27 -8.18 -10.38
CA GLN A 976 -5.81 -6.83 -10.70
C GLN A 976 -6.38 -6.30 -12.03
N SER A 977 -6.72 -7.14 -13.01
CA SER A 977 -7.41 -6.67 -14.21
C SER A 977 -8.84 -6.23 -13.91
N LEU A 978 -9.56 -6.95 -13.06
CA LEU A 978 -10.87 -6.51 -12.59
C LEU A 978 -10.80 -5.26 -11.72
N GLN A 979 -9.96 -5.18 -10.70
CA GLN A 979 -9.84 -3.96 -9.89
C GLN A 979 -9.47 -2.74 -10.74
N THR A 980 -8.70 -2.92 -11.82
CA THR A 980 -8.43 -1.85 -12.80
C THR A 980 -9.71 -1.41 -13.46
N TYR A 981 -10.41 -2.33 -14.10
CA TYR A 981 -11.62 -2.04 -14.86
C TYR A 981 -12.71 -1.46 -13.97
N VAL A 982 -13.00 -2.04 -12.81
CA VAL A 982 -14.06 -1.53 -11.93
C VAL A 982 -13.72 -0.15 -11.40
N THR A 983 -12.46 0.13 -11.07
CA THR A 983 -12.10 1.49 -10.68
C THR A 983 -12.29 2.47 -11.84
N GLN A 984 -11.85 2.14 -13.05
CA GLN A 984 -12.06 3.02 -14.20
C GLN A 984 -13.54 3.19 -14.54
N GLN A 985 -14.40 2.18 -14.42
CA GLN A 985 -15.84 2.33 -14.59
C GLN A 985 -16.48 3.14 -13.47
N LEU A 986 -16.02 3.08 -12.23
CA LEU A 986 -16.51 3.96 -11.17
C LEU A 986 -16.18 5.42 -11.48
N ILE A 987 -14.98 5.69 -11.97
CA ILE A 987 -14.56 7.03 -12.34
C ILE A 987 -15.37 7.52 -13.55
N ARG A 988 -15.52 6.69 -14.57
CA ARG A 988 -16.31 6.98 -15.77
C ARG A 988 -17.78 7.21 -15.44
N ALA A 989 -18.37 6.43 -14.56
CA ALA A 989 -19.73 6.66 -14.11
C ALA A 989 -19.89 8.01 -13.41
N ALA A 990 -18.91 8.47 -12.64
CA ALA A 990 -18.95 9.82 -12.08
C ALA A 990 -18.91 10.90 -13.17
N GLU A 991 -18.10 10.71 -14.21
CA GLU A 991 -18.01 11.59 -15.37
C GLU A 991 -19.31 11.67 -16.16
N ILE A 992 -19.96 10.53 -16.41
CA ILE A 992 -21.26 10.46 -17.09
C ILE A 992 -22.40 10.98 -16.22
N ARG A 993 -22.43 10.68 -14.93
CA ARG A 993 -23.42 11.24 -13.98
C ARG A 993 -23.37 12.76 -13.92
N ALA A 994 -22.20 13.38 -14.02
CA ALA A 994 -22.15 14.84 -14.09
C ALA A 994 -22.78 15.40 -15.37
N SER A 995 -22.69 14.67 -16.50
CA SER A 995 -23.41 15.01 -17.75
C SER A 995 -24.88 14.66 -17.71
N ALA A 996 -25.30 13.60 -17.04
CA ALA A 996 -26.72 13.35 -16.81
C ALA A 996 -27.36 14.40 -15.92
N ASN A 997 -26.70 14.86 -14.85
CA ASN A 997 -27.20 15.97 -14.04
C ASN A 997 -27.22 17.28 -14.81
N LEU A 998 -26.23 17.55 -15.67
CA LEU A 998 -26.30 18.70 -16.58
C LEU A 998 -27.47 18.58 -17.55
N ALA A 999 -27.73 17.41 -18.13
CA ALA A 999 -28.89 17.19 -18.98
C ALA A 999 -30.20 17.36 -18.22
N ALA A 1000 -30.35 16.79 -17.04
CA ALA A 1000 -31.56 16.95 -16.25
C ALA A 1000 -31.82 18.42 -15.91
N THR A 1001 -30.76 19.18 -15.61
CA THR A 1001 -30.83 20.62 -15.40
C THR A 1001 -31.27 21.34 -16.67
N LYS A 1002 -30.62 21.11 -17.81
CA LYS A 1002 -31.01 21.78 -19.06
C LYS A 1002 -32.45 21.49 -19.42
N MET A 1003 -32.98 20.31 -19.10
CA MET A 1003 -34.37 20.02 -19.39
C MET A 1003 -35.35 20.77 -18.49
N SER A 1004 -35.07 20.86 -17.20
CA SER A 1004 -35.90 21.65 -16.29
C SER A 1004 -35.82 23.14 -16.62
N GLU A 1005 -34.64 23.65 -16.93
CA GLU A 1005 -34.45 25.09 -17.04
C GLU A 1005 -34.70 25.63 -18.44
N CYS A 1006 -34.31 24.91 -19.49
CA CYS A 1006 -34.42 25.39 -20.86
C CYS A 1006 -35.63 24.86 -21.62
N VAL A 1007 -36.08 23.62 -21.39
CA VAL A 1007 -37.29 23.09 -22.04
C VAL A 1007 -38.51 23.48 -21.22
N LEU A 1008 -38.58 23.02 -19.97
CA LEU A 1008 -39.70 23.27 -19.06
C LEU A 1008 -39.82 24.74 -18.62
N GLY A 1009 -38.91 25.62 -19.05
CA GLY A 1009 -38.85 27.03 -18.71
C GLY A 1009 -38.32 27.88 -19.86
N GLN A 1010 -37.87 29.09 -19.56
CA GLN A 1010 -37.03 29.88 -20.44
C GLN A 1010 -35.81 30.32 -19.64
N SER A 1011 -34.60 30.12 -20.15
CA SER A 1011 -33.41 30.38 -19.36
C SER A 1011 -32.87 31.78 -19.60
N LYS A 1012 -32.65 32.53 -18.53
CA LYS A 1012 -31.93 33.82 -18.56
C LYS A 1012 -30.41 33.66 -18.54
N ARG A 1013 -29.87 32.44 -18.53
CA ARG A 1013 -28.45 32.15 -18.26
C ARG A 1013 -27.65 32.22 -19.55
N VAL A 1014 -26.75 33.20 -19.69
CA VAL A 1014 -26.06 33.48 -20.95
C VAL A 1014 -25.22 32.30 -21.43
N ASP A 1015 -25.30 31.97 -22.72
CA ASP A 1015 -24.66 30.81 -23.34
C ASP A 1015 -24.89 29.50 -22.59
N PHE A 1016 -25.97 29.39 -21.79
CA PHE A 1016 -26.36 28.11 -21.18
C PHE A 1016 -27.15 27.25 -22.15
N CYS A 1017 -28.03 27.87 -22.94
CA CYS A 1017 -28.82 27.20 -23.95
C CYS A 1017 -28.59 27.81 -25.34
N GLY A 1018 -27.33 27.74 -25.78
CA GLY A 1018 -26.83 28.25 -27.05
C GLY A 1018 -26.47 29.72 -27.03
N LYS A 1019 -25.71 30.19 -28.02
CA LYS A 1019 -25.52 31.62 -28.23
C LYS A 1019 -26.84 32.31 -28.62
N GLY A 1020 -27.00 33.58 -28.25
CA GLY A 1020 -28.22 34.34 -28.50
C GLY A 1020 -29.28 34.08 -27.43
N TYR A 1021 -30.21 35.01 -27.29
CA TYR A 1021 -31.21 34.99 -26.23
C TYR A 1021 -32.18 33.82 -26.41
N HIS A 1022 -32.44 33.06 -25.36
CA HIS A 1022 -33.12 31.78 -25.44
C HIS A 1022 -34.64 31.93 -25.53
N LEU A 1023 -35.27 31.49 -26.61
CA LEU A 1023 -36.73 31.50 -26.70
C LEU A 1023 -37.33 30.26 -26.07
N MET A 1024 -37.02 29.08 -26.60
CA MET A 1024 -37.46 27.77 -26.09
C MET A 1024 -36.54 26.68 -26.61
N SER A 1025 -36.80 25.42 -26.29
CA SER A 1025 -35.96 24.30 -26.71
C SER A 1025 -36.72 23.00 -26.76
N PHE A 1026 -36.28 22.05 -27.58
CA PHE A 1026 -36.99 20.78 -27.74
C PHE A 1026 -36.06 19.59 -27.50
N PRO A 1027 -36.39 18.63 -26.63
CA PRO A 1027 -35.61 17.43 -26.49
C PRO A 1027 -35.91 16.41 -27.57
N GLN A 1028 -34.87 15.77 -28.07
CA GLN A 1028 -34.90 14.64 -28.98
C GLN A 1028 -34.09 13.53 -28.32
N SER A 1029 -34.63 12.33 -28.20
CA SER A 1029 -33.88 11.19 -27.66
C SER A 1029 -32.69 10.83 -28.55
N ALA A 1030 -31.68 10.18 -28.00
CA ALA A 1030 -30.56 9.61 -28.75
C ALA A 1030 -30.05 8.37 -28.02
N PRO A 1031 -29.37 7.41 -28.65
CA PRO A 1031 -28.90 6.22 -27.95
C PRO A 1031 -27.91 6.65 -26.87
N HIS A 1032 -28.16 6.25 -25.63
CA HIS A 1032 -27.36 6.60 -24.45
C HIS A 1032 -27.24 8.10 -24.15
N GLY A 1033 -28.13 8.94 -24.65
CA GLY A 1033 -28.02 10.38 -24.45
C GLY A 1033 -29.27 11.17 -24.75
N VAL A 1034 -29.14 12.48 -24.77
CA VAL A 1034 -30.19 13.41 -25.11
C VAL A 1034 -29.66 14.49 -26.01
N VAL A 1035 -30.52 15.01 -26.87
CA VAL A 1035 -30.18 16.09 -27.77
C VAL A 1035 -31.19 17.20 -27.61
N PHE A 1036 -30.73 18.43 -27.46
CA PHE A 1036 -31.58 19.58 -27.32
C PHE A 1036 -31.48 20.45 -28.54
N LEU A 1037 -32.60 20.73 -29.20
CA LEU A 1037 -32.68 21.73 -30.27
C LEU A 1037 -32.97 23.08 -29.61
N HIS A 1038 -31.95 23.82 -29.19
CA HIS A 1038 -32.12 25.13 -28.54
C HIS A 1038 -32.48 26.19 -29.57
N VAL A 1039 -33.53 26.98 -29.33
CA VAL A 1039 -34.02 28.03 -30.23
C VAL A 1039 -33.68 29.38 -29.66
N THR A 1040 -33.01 30.24 -30.42
CA THR A 1040 -32.43 31.47 -29.91
C THR A 1040 -32.63 32.63 -30.83
N TYR A 1041 -33.09 33.76 -30.31
CA TYR A 1041 -33.03 35.05 -30.98
C TYR A 1041 -31.58 35.53 -30.99
N VAL A 1042 -30.98 35.66 -32.15
CA VAL A 1042 -29.67 36.29 -32.34
C VAL A 1042 -29.91 37.62 -33.05
N PRO A 1043 -29.49 38.77 -32.49
CA PRO A 1043 -29.74 40.06 -33.09
C PRO A 1043 -28.99 40.23 -34.41
N ALA A 1044 -29.50 41.04 -35.33
CA ALA A 1044 -28.90 41.17 -36.66
C ALA A 1044 -29.09 42.56 -37.25
N GLN A 1045 -28.24 42.91 -38.21
CA GLN A 1045 -28.30 44.15 -38.98
C GLN A 1045 -28.35 45.39 -38.09
N GLU A 1046 -27.37 45.54 -37.20
CA GLU A 1046 -27.25 46.73 -36.38
C GLU A 1046 -26.86 47.99 -37.17
N LYS A 1047 -27.33 49.15 -36.71
CA LYS A 1047 -27.00 50.46 -37.24
C LYS A 1047 -26.49 51.37 -36.14
N ASN A 1048 -25.54 52.25 -36.47
CA ASN A 1048 -25.04 53.26 -35.55
C ASN A 1048 -26.10 54.33 -35.27
N PHE A 1049 -26.14 54.86 -34.05
CA PHE A 1049 -26.86 56.08 -33.72
C PHE A 1049 -26.10 56.88 -32.68
N THR A 1050 -26.21 58.21 -32.74
CA THR A 1050 -25.87 59.05 -31.60
C THR A 1050 -26.82 58.74 -30.46
N THR A 1051 -26.36 58.76 -29.22
CA THR A 1051 -27.16 58.50 -28.03
C THR A 1051 -26.85 59.47 -26.90
N ALA A 1052 -27.75 59.55 -25.93
CA ALA A 1052 -27.57 60.31 -24.71
C ALA A 1052 -28.19 59.57 -23.53
N PRO A 1053 -27.64 59.70 -22.32
CA PRO A 1053 -28.21 59.06 -21.16
C PRO A 1053 -29.58 59.62 -20.75
N ALA A 1054 -29.83 60.90 -21.04
CA ALA A 1054 -31.03 61.63 -20.63
C ALA A 1054 -31.25 62.84 -21.54
N ILE A 1055 -32.36 63.56 -21.42
CA ILE A 1055 -32.59 64.85 -22.08
C ILE A 1055 -33.07 65.96 -21.14
N CYS A 1056 -32.68 67.19 -21.40
CA CYS A 1056 -33.15 68.38 -20.70
C CYS A 1056 -34.35 68.93 -21.43
N HIS A 1057 -35.54 68.89 -20.83
CA HIS A 1057 -36.75 69.54 -21.37
C HIS A 1057 -37.41 70.42 -20.33
N ASP A 1058 -37.44 71.72 -20.61
CA ASP A 1058 -37.63 72.78 -19.62
C ASP A 1058 -36.77 72.59 -18.34
N GLY A 1059 -35.51 72.18 -18.51
CA GLY A 1059 -34.51 72.10 -17.43
C GLY A 1059 -34.54 70.84 -16.57
N LYS A 1060 -35.65 70.10 -16.55
CA LYS A 1060 -35.75 68.77 -15.93
C LYS A 1060 -34.91 67.75 -16.71
N ALA A 1061 -34.30 66.79 -16.04
CA ALA A 1061 -33.68 65.65 -16.73
C ALA A 1061 -34.71 64.52 -16.90
N HIS A 1062 -35.02 64.17 -18.14
CA HIS A 1062 -35.90 63.06 -18.49
C HIS A 1062 -35.07 61.86 -18.92
N PHE A 1063 -35.36 60.69 -18.38
CA PHE A 1063 -34.70 59.40 -18.65
C PHE A 1063 -35.69 58.43 -19.28
N PRO A 1064 -35.26 57.44 -20.08
CA PRO A 1064 -36.18 56.49 -20.69
C PRO A 1064 -36.74 55.54 -19.64
N ARG A 1065 -38.02 55.15 -19.74
CA ARG A 1065 -38.64 54.20 -18.79
C ARG A 1065 -38.10 52.78 -18.91
N GLU A 1066 -37.62 52.40 -20.06
CA GLU A 1066 -37.18 51.06 -20.39
C GLU A 1066 -36.25 51.01 -21.59
N GLY A 1067 -36.49 51.90 -22.55
CA GLY A 1067 -35.71 52.01 -23.76
C GLY A 1067 -34.37 52.72 -23.63
N VAL A 1068 -33.83 53.12 -24.76
CA VAL A 1068 -32.61 53.89 -24.94
C VAL A 1068 -32.91 55.02 -25.91
N PHE A 1069 -32.41 56.22 -25.64
CA PHE A 1069 -32.54 57.35 -26.55
C PHE A 1069 -31.54 57.25 -27.70
N VAL A 1070 -31.97 57.53 -28.92
CA VAL A 1070 -31.14 57.51 -30.13
C VAL A 1070 -31.59 58.53 -31.16
N SER A 1071 -30.67 58.95 -32.01
CA SER A 1071 -30.91 60.02 -33.00
C SER A 1071 -30.49 59.64 -34.40
N ASN A 1072 -31.31 59.95 -35.39
CA ASN A 1072 -30.97 59.84 -36.80
C ASN A 1072 -30.33 61.15 -37.30
N GLY A 1073 -29.29 61.56 -36.59
CA GLY A 1073 -28.47 62.74 -36.87
C GLY A 1073 -29.12 64.07 -36.47
N THR A 1074 -30.44 64.12 -36.39
CA THR A 1074 -31.22 65.37 -36.40
C THR A 1074 -32.22 65.37 -35.25
N HIS A 1075 -33.35 64.69 -35.41
CA HIS A 1075 -34.39 64.43 -34.42
C HIS A 1075 -33.97 63.31 -33.43
N TRP A 1076 -34.85 62.90 -32.53
CA TRP A 1076 -34.54 61.94 -31.46
C TRP A 1076 -35.74 61.05 -31.18
N PHE A 1077 -35.48 59.85 -30.71
CA PHE A 1077 -36.48 58.84 -30.42
C PHE A 1077 -36.08 58.02 -29.21
N VAL A 1078 -37.04 57.44 -28.53
CA VAL A 1078 -36.77 56.29 -27.66
C VAL A 1078 -36.87 55.01 -28.49
N THR A 1079 -36.15 53.96 -28.13
CA THR A 1079 -36.42 52.62 -28.64
C THR A 1079 -36.17 51.58 -27.55
N GLN A 1080 -36.78 50.40 -27.60
CA GLN A 1080 -36.26 49.23 -26.89
C GLN A 1080 -34.79 48.98 -27.31
N ARG A 1081 -33.95 48.45 -26.42
CA ARG A 1081 -32.51 48.30 -26.69
C ARG A 1081 -32.17 47.25 -27.74
N ASN A 1082 -32.98 46.21 -27.86
CA ASN A 1082 -32.65 45.01 -28.64
C ASN A 1082 -33.14 45.03 -30.09
N PHE A 1083 -33.88 46.06 -30.49
CA PHE A 1083 -34.48 46.15 -31.82
C PHE A 1083 -34.91 47.60 -32.08
N TYR A 1084 -34.32 48.31 -33.03
CA TYR A 1084 -34.66 49.70 -33.33
C TYR A 1084 -36.11 49.82 -33.77
N GLU A 1085 -36.92 50.45 -32.94
CA GLU A 1085 -38.34 50.72 -33.17
C GLU A 1085 -38.62 52.11 -32.59
N PRO A 1086 -38.13 53.17 -33.24
CA PRO A 1086 -38.17 54.51 -32.70
C PRO A 1086 -39.60 54.95 -32.39
N GLN A 1087 -39.83 55.52 -31.22
CA GLN A 1087 -41.10 56.11 -30.78
C GLN A 1087 -40.86 57.54 -30.30
N ILE A 1088 -41.80 58.44 -30.56
CA ILE A 1088 -41.58 59.87 -30.28
C ILE A 1088 -41.50 60.04 -28.77
N ILE A 1089 -40.55 60.84 -28.28
CA ILE A 1089 -40.24 60.87 -26.85
C ILE A 1089 -41.36 61.60 -26.11
N THR A 1090 -42.30 60.88 -25.55
CA THR A 1090 -43.43 61.44 -24.80
C THR A 1090 -43.22 61.32 -23.29
N THR A 1091 -44.06 61.97 -22.50
CA THR A 1091 -44.12 61.72 -21.05
C THR A 1091 -44.56 60.30 -20.70
N ASP A 1092 -45.26 59.60 -21.59
CA ASP A 1092 -45.67 58.21 -21.44
C ASP A 1092 -44.56 57.18 -21.67
N ASN A 1093 -43.36 57.60 -22.06
CA ASN A 1093 -42.21 56.71 -22.20
C ASN A 1093 -40.93 57.23 -21.52
N THR A 1094 -41.04 58.19 -20.61
CA THR A 1094 -39.91 58.75 -19.83
C THR A 1094 -40.29 58.91 -18.37
N PHE A 1095 -39.32 59.07 -17.50
CA PHE A 1095 -39.54 59.48 -16.11
C PHE A 1095 -38.57 60.60 -15.76
N VAL A 1096 -38.84 61.36 -14.72
CA VAL A 1096 -38.10 62.59 -14.42
C VAL A 1096 -37.28 62.38 -13.16
N SER A 1097 -36.06 62.92 -13.12
CA SER A 1097 -35.35 63.10 -11.86
C SER A 1097 -34.35 64.23 -11.93
N GLY A 1098 -34.52 65.28 -11.14
CA GLY A 1098 -33.53 66.34 -11.04
C GLY A 1098 -33.41 67.18 -12.31
N ASN A 1099 -32.27 67.85 -12.48
CA ASN A 1099 -32.06 68.90 -13.49
C ASN A 1099 -30.72 68.73 -14.22
N CYS A 1100 -30.47 69.57 -15.22
CA CYS A 1100 -29.34 69.47 -16.13
C CYS A 1100 -27.95 69.48 -15.45
N ASP A 1101 -27.78 69.97 -14.22
CA ASP A 1101 -26.48 69.92 -13.53
C ASP A 1101 -25.95 68.49 -13.33
N VAL A 1102 -26.79 67.55 -12.88
CA VAL A 1102 -26.26 66.33 -12.25
C VAL A 1102 -25.88 65.22 -13.22
N VAL A 1103 -26.33 65.27 -14.48
CA VAL A 1103 -26.08 64.21 -15.48
C VAL A 1103 -25.01 64.65 -16.45
N ILE A 1104 -24.00 63.81 -16.68
CA ILE A 1104 -22.94 64.06 -17.65
C ILE A 1104 -23.48 63.76 -19.06
N GLY A 1105 -23.39 64.71 -19.99
CA GLY A 1105 -23.76 64.47 -21.39
C GLY A 1105 -25.27 64.48 -21.68
N ILE A 1106 -26.08 65.11 -20.85
CA ILE A 1106 -27.52 65.28 -21.07
C ILE A 1106 -27.77 66.14 -22.30
N VAL A 1107 -28.63 65.70 -23.23
CA VAL A 1107 -28.92 66.41 -24.49
C VAL A 1107 -30.07 67.40 -24.32
N ASN A 1108 -30.08 68.51 -25.06
CA ASN A 1108 -31.25 69.38 -25.18
C ASN A 1108 -32.14 68.88 -26.32
N ASN A 1109 -33.30 68.31 -26.02
CA ASN A 1109 -34.33 67.99 -27.02
C ASN A 1109 -35.73 68.11 -26.45
N THR A 1110 -36.71 68.32 -27.33
CA THR A 1110 -38.14 68.39 -27.00
C THR A 1110 -38.69 67.06 -26.49
N VAL A 1111 -39.51 67.09 -25.44
CA VAL A 1111 -40.43 65.99 -25.07
C VAL A 1111 -41.86 66.36 -25.49
N TYR A 1112 -42.55 65.43 -26.15
CA TYR A 1112 -43.93 65.57 -26.59
C TYR A 1112 -44.93 65.24 -25.46
N ASP A 1113 -45.66 66.23 -24.97
CA ASP A 1113 -46.76 66.01 -24.03
C ASP A 1113 -47.98 65.43 -24.79
N PRO A 1114 -48.52 64.25 -24.40
CA PRO A 1114 -49.63 63.62 -25.11
C PRO A 1114 -51.01 64.12 -24.64
N LEU A 1115 -51.10 64.85 -23.53
CA LEU A 1115 -52.34 65.46 -23.09
C LEU A 1115 -52.63 66.73 -23.88
N GLN A 1116 -51.63 67.59 -24.10
CA GLN A 1116 -51.84 68.94 -24.60
C GLN A 1116 -52.57 69.08 -25.95
N PRO A 1117 -52.40 68.19 -26.94
CA PRO A 1117 -53.26 68.19 -28.13
C PRO A 1117 -54.74 67.89 -27.80
N GLU A 1118 -55.01 66.94 -26.91
CA GLU A 1118 -56.36 66.61 -26.49
C GLU A 1118 -57.02 67.76 -25.74
N LEU A 1119 -56.32 68.36 -24.76
CA LEU A 1119 -56.80 69.50 -23.96
C LEU A 1119 -57.01 70.75 -24.82
N ASP A 1120 -56.20 70.95 -25.86
CA ASP A 1120 -56.31 72.13 -26.72
C ASP A 1120 -57.62 72.20 -27.52
N SER A 1121 -58.25 71.05 -27.81
CA SER A 1121 -59.51 70.94 -28.55
C SER A 1121 -60.64 71.79 -27.95
N ALA B 1 30.97 17.70 36.07
CA ALA B 1 30.32 18.84 35.40
C ALA B 1 29.48 18.38 34.21
N TYR B 2 28.30 18.99 33.99
CA TYR B 2 27.46 18.77 32.82
C TYR B 2 27.08 20.08 32.13
N THR B 3 27.12 20.06 30.80
CA THR B 3 27.15 21.26 29.96
C THR B 3 26.38 21.06 28.65
N ASN B 4 25.75 22.10 28.11
CA ASN B 4 24.82 22.01 26.98
C ASN B 4 25.49 21.59 25.66
N SER B 5 24.88 20.69 24.88
CA SER B 5 25.38 20.16 23.59
C SER B 5 24.74 20.80 22.34
N PHE B 6 23.97 21.86 22.49
CA PHE B 6 23.14 22.50 21.46
C PHE B 6 23.69 22.60 20.02
N THR B 7 22.90 22.14 19.04
CA THR B 7 23.17 22.22 17.58
C THR B 7 24.54 21.69 17.15
N ARG B 8 25.10 20.69 17.85
CA ARG B 8 26.49 20.24 17.68
C ARG B 8 26.60 18.75 17.47
N GLY B 9 27.70 18.33 16.87
CA GLY B 9 28.00 16.91 16.59
C GLY B 9 27.32 16.33 15.35
N VAL B 10 26.86 17.16 14.42
CA VAL B 10 26.38 16.70 13.10
C VAL B 10 27.59 16.44 12.22
N TYR B 11 27.48 15.45 11.36
CA TYR B 11 28.54 14.97 10.48
C TYR B 11 27.93 14.44 9.19
N TYR B 12 28.70 14.36 8.10
CA TYR B 12 28.19 13.86 6.83
C TYR B 12 27.92 12.36 6.93
N PRO B 13 26.68 11.88 6.78
CA PRO B 13 26.30 10.51 7.16
C PRO B 13 26.90 9.44 6.25
N ASP B 14 27.37 9.80 5.06
CA ASP B 14 27.99 8.91 4.08
C ASP B 14 28.85 9.71 3.09
N LYS B 15 29.64 9.00 2.28
CA LYS B 15 30.57 9.59 1.28
C LYS B 15 29.88 10.06 0.00
N VAL B 16 28.62 10.53 0.10
CA VAL B 16 27.80 10.96 -1.04
C VAL B 16 27.57 12.47 -1.02
N PHE B 17 27.84 13.15 -2.14
CA PHE B 17 27.48 14.54 -2.35
C PHE B 17 25.98 14.67 -2.60
N ARG B 18 25.33 15.65 -1.98
CA ARG B 18 23.89 15.91 -2.13
C ARG B 18 23.61 17.42 -2.09
N SER B 19 23.89 18.17 -3.14
CA SER B 19 23.55 19.60 -3.17
C SER B 19 22.04 19.84 -3.11
N SER B 20 21.63 20.95 -2.48
CA SER B 20 20.29 21.53 -2.61
C SER B 20 19.16 20.54 -2.31
N VAL B 21 19.25 19.85 -1.18
CA VAL B 21 18.22 18.93 -0.70
C VAL B 21 18.17 18.91 0.81
N LEU B 22 16.97 18.73 1.35
CA LEU B 22 16.74 18.51 2.77
C LEU B 22 16.68 17.00 2.98
N HIS B 23 17.83 16.33 3.00
CA HIS B 23 17.87 14.87 3.11
C HIS B 23 17.58 14.39 4.53
N SER B 24 17.07 13.18 4.71
CA SER B 24 16.75 12.66 6.05
C SER B 24 17.12 11.19 6.22
N THR B 25 17.63 10.84 7.39
CA THR B 25 18.40 9.62 7.65
C THR B 25 18.30 9.19 9.12
N GLN B 26 18.38 7.89 9.41
CA GLN B 26 18.47 7.37 10.78
C GLN B 26 19.91 6.88 11.03
N ASP B 27 20.59 7.44 12.03
CA ASP B 27 21.97 7.09 12.35
C ASP B 27 22.36 7.51 13.76
N LEU B 28 23.56 7.14 14.21
CA LEU B 28 24.09 7.53 15.52
C LEU B 28 24.53 9.00 15.52
N PHE B 29 23.77 9.89 16.14
CA PHE B 29 24.12 11.32 16.29
C PHE B 29 24.08 11.75 17.74
N LEU B 30 24.84 12.79 18.09
CA LEU B 30 24.68 13.48 19.37
C LEU B 30 23.28 14.09 19.46
N PRO B 31 22.45 13.77 20.46
CA PRO B 31 21.13 14.36 20.60
C PRO B 31 21.24 15.87 20.84
N PHE B 32 20.49 16.69 20.12
CA PHE B 32 20.48 18.13 20.31
C PHE B 32 20.05 18.52 21.73
N PHE B 33 20.64 19.59 22.28
CA PHE B 33 20.31 20.16 23.60
C PHE B 33 20.44 19.19 24.80
N SER B 34 20.99 18.00 24.60
CA SER B 34 21.42 17.09 25.67
C SER B 34 22.66 17.63 26.40
N ASN B 35 23.21 16.90 27.37
CA ASN B 35 24.43 17.28 28.09
C ASN B 35 25.68 16.58 27.54
N VAL B 36 26.62 17.34 27.01
CA VAL B 36 28.02 16.90 26.98
C VAL B 36 28.58 17.00 28.40
N THR B 37 29.41 16.05 28.80
CA THR B 37 30.18 16.12 30.05
C THR B 37 31.44 16.95 29.80
N TRP B 38 31.85 17.79 30.75
CA TRP B 38 33.06 18.62 30.65
C TRP B 38 34.12 18.16 31.65
N PHE B 39 35.38 18.20 31.29
CA PHE B 39 36.49 17.66 32.08
C PHE B 39 37.60 18.66 32.29
N HIS B 40 38.49 18.37 33.24
CA HIS B 40 39.56 19.26 33.66
C HIS B 40 40.91 18.55 33.91
N ASN B 55 41.31 14.19 33.43
CA ASN B 55 42.09 13.03 33.85
C ASN B 55 41.51 11.64 33.56
N PRO B 56 40.20 11.38 33.50
CA PRO B 56 39.67 10.03 33.65
C PRO B 56 39.50 9.25 32.35
N VAL B 57 39.45 7.93 32.47
CA VAL B 57 38.86 7.03 31.48
C VAL B 57 37.35 7.18 31.48
N LEU B 58 36.70 6.80 30.37
CA LEU B 58 35.27 6.96 30.15
C LEU B 58 34.67 5.78 29.38
N PRO B 59 33.37 5.49 29.51
CA PRO B 59 32.68 4.47 28.73
C PRO B 59 32.44 4.93 27.29
N PHE B 60 32.82 4.13 26.30
CA PHE B 60 32.59 4.38 24.88
C PHE B 60 31.20 3.91 24.45
N ASN B 61 30.16 4.52 25.01
CA ASN B 61 28.79 3.98 25.02
C ASN B 61 28.32 3.49 23.65
N ASP B 62 28.34 4.35 22.63
CA ASP B 62 28.08 3.97 21.24
C ASP B 62 28.73 4.99 20.30
N GLY B 63 30.03 5.20 20.46
CA GLY B 63 30.75 6.31 19.84
C GLY B 63 30.74 7.58 20.66
N VAL B 64 31.55 8.55 20.28
CA VAL B 64 31.83 9.78 21.04
C VAL B 64 31.82 11.00 20.14
N TYR B 65 31.31 12.13 20.65
CA TYR B 65 31.62 13.49 20.22
C TYR B 65 32.58 14.14 21.23
N PHE B 66 33.63 14.76 20.73
CA PHE B 66 34.73 15.36 21.49
C PHE B 66 34.92 16.81 21.07
N ALA B 67 35.24 17.70 21.99
CA ALA B 67 35.67 19.05 21.64
C ALA B 67 36.64 19.63 22.67
N SER B 68 37.61 20.42 22.23
CA SER B 68 38.48 21.16 23.14
C SER B 68 38.94 22.47 22.53
N THR B 69 39.39 23.37 23.41
CA THR B 69 39.65 24.79 23.13
C THR B 69 40.89 25.24 23.90
N GLU B 70 42.05 25.17 23.26
CA GLU B 70 43.34 25.58 23.83
C GLU B 70 44.41 25.81 22.76
N LYS B 71 45.45 26.56 23.13
CA LYS B 71 46.45 27.13 22.20
C LYS B 71 47.59 26.19 21.85
N SER B 72 48.32 25.73 22.86
CA SER B 72 49.66 25.13 22.77
C SER B 72 49.72 23.72 22.15
N ASN B 73 48.65 23.26 21.48
CA ASN B 73 48.48 21.92 20.91
C ASN B 73 48.70 20.83 21.97
N ILE B 74 47.82 20.81 22.98
CA ILE B 74 47.97 20.11 24.26
C ILE B 74 47.67 18.58 24.20
N ILE B 75 46.98 18.10 23.16
CA ILE B 75 46.53 16.70 23.03
C ILE B 75 47.38 15.95 21.99
N ARG B 76 47.86 14.77 22.39
CA ARG B 76 48.59 13.83 21.52
C ARG B 76 47.65 12.93 20.73
N GLY B 77 46.64 12.37 21.37
CA GLY B 77 45.73 11.43 20.75
C GLY B 77 44.90 10.68 21.77
N TRP B 78 44.33 9.56 21.36
CA TRP B 78 43.24 8.89 22.07
C TRP B 78 43.50 7.39 22.19
N ILE B 79 42.85 6.77 23.16
CA ILE B 79 42.98 5.35 23.51
C ILE B 79 41.58 4.76 23.55
N PHE B 80 41.35 3.59 22.98
CA PHE B 80 40.06 2.90 23.00
C PHE B 80 40.24 1.40 23.15
N GLY B 81 39.29 0.70 23.73
CA GLY B 81 39.34 -0.77 23.82
C GLY B 81 38.47 -1.36 24.92
N THR B 82 38.69 -2.63 25.23
CA THR B 82 37.96 -3.32 26.30
C THR B 82 38.65 -3.08 27.64
N THR B 83 39.90 -3.51 27.77
CA THR B 83 40.67 -3.55 29.03
C THR B 83 41.69 -2.41 29.17
N LEU B 84 42.22 -1.89 28.06
CA LEU B 84 43.37 -0.97 27.99
C LEU B 84 44.68 -1.52 28.59
N ASP B 85 44.80 -2.85 28.72
CA ASP B 85 45.98 -3.59 29.17
C ASP B 85 45.95 -5.01 28.58
N SER B 86 47.07 -5.72 28.58
CA SER B 86 47.35 -6.84 27.69
C SER B 86 46.38 -8.04 27.76
N LYS B 87 46.50 -8.94 26.80
CA LYS B 87 45.62 -10.08 26.52
C LYS B 87 44.29 -9.77 25.81
N THR B 88 44.14 -8.55 25.28
CA THR B 88 43.26 -8.28 24.12
C THR B 88 43.75 -7.06 23.35
N GLN B 89 43.60 -7.03 22.02
CA GLN B 89 44.09 -5.92 21.20
C GLN B 89 43.26 -4.64 21.44
N SER B 90 43.94 -3.53 21.69
CA SER B 90 43.39 -2.22 22.06
C SER B 90 43.87 -1.15 21.07
N LEU B 91 43.09 -0.10 20.81
CA LEU B 91 43.33 0.90 19.75
C LEU B 91 43.95 2.19 20.31
N LEU B 92 45.08 2.61 19.76
CA LEU B 92 45.85 3.77 20.16
C LEU B 92 45.97 4.72 18.97
N ILE B 93 45.96 6.03 19.21
CA ILE B 93 46.24 7.05 18.19
C ILE B 93 47.20 8.06 18.82
N VAL B 94 48.20 8.53 18.06
CA VAL B 94 49.20 9.53 18.52
C VAL B 94 49.46 10.60 17.43
N ASN B 95 49.72 11.85 17.78
CA ASN B 95 50.30 12.87 16.91
C ASN B 95 51.69 13.24 17.44
N ASN B 96 52.74 13.11 16.62
CA ASN B 96 54.08 13.61 16.94
C ASN B 96 54.49 14.75 15.99
N ALA B 97 53.61 15.75 15.88
CA ALA B 97 53.62 16.88 14.96
C ALA B 97 53.56 16.48 13.48
N THR B 98 54.61 15.87 12.95
CA THR B 98 54.79 15.59 11.53
C THR B 98 53.86 14.52 10.97
N ASN B 99 53.40 13.58 11.81
CA ASN B 99 52.43 12.56 11.44
C ASN B 99 51.45 12.29 12.57
N VAL B 100 50.19 12.04 12.22
CA VAL B 100 49.30 11.27 13.07
C VAL B 100 49.58 9.79 12.77
N VAL B 101 49.68 8.99 13.82
CA VAL B 101 49.86 7.55 13.84
C VAL B 101 48.61 6.92 14.43
N ILE B 102 48.15 5.82 13.85
CA ILE B 102 47.17 4.91 14.45
C ILE B 102 47.84 3.57 14.69
N LYS B 103 47.62 2.93 15.83
CA LYS B 103 48.23 1.64 16.17
C LYS B 103 47.25 0.74 16.95
N VAL B 104 47.32 -0.58 16.81
CA VAL B 104 46.44 -1.51 17.54
C VAL B 104 47.25 -2.68 18.11
N CYS B 105 47.29 -2.88 19.43
CA CYS B 105 48.16 -3.90 20.06
C CYS B 105 47.61 -4.49 21.38
N GLU B 106 48.08 -5.66 21.83
CA GLU B 106 47.82 -6.15 23.17
C GLU B 106 48.72 -5.45 24.21
N PHE B 107 48.52 -4.14 24.37
CA PHE B 107 49.48 -3.19 24.94
C PHE B 107 49.94 -3.46 26.39
N GLN B 108 51.13 -2.94 26.69
CA GLN B 108 51.82 -2.96 27.99
C GLN B 108 51.66 -1.66 28.81
N PHE B 109 50.54 -0.95 28.66
CA PHE B 109 50.29 0.37 29.28
C PHE B 109 50.38 0.38 30.81
N CYS B 110 50.90 1.48 31.36
CA CYS B 110 50.85 1.82 32.79
C CYS B 110 49.44 2.24 33.25
N ASN B 111 49.28 2.51 34.55
CA ASN B 111 48.01 2.99 35.12
C ASN B 111 47.70 4.48 34.87
N ASP B 112 48.66 5.27 34.42
CA ASP B 112 48.54 6.71 34.24
C ASP B 112 49.25 7.21 32.96
N PRO B 113 48.83 6.77 31.76
CA PRO B 113 49.51 7.07 30.49
C PRO B 113 49.16 8.47 29.95
N PHE B 114 49.85 9.52 30.42
CA PHE B 114 49.56 10.89 29.99
C PHE B 114 49.92 11.13 28.51
N ASN B 138 52.37 -6.08 23.07
CA ASN B 138 52.90 -6.90 22.00
C ASN B 138 51.83 -7.41 21.03
N ASN B 139 52.26 -8.05 19.94
CA ASN B 139 51.40 -8.68 18.92
C ASN B 139 50.39 -7.70 18.28
N CYS B 140 50.90 -6.61 17.71
CA CYS B 140 50.08 -5.59 17.06
C CYS B 140 49.38 -6.06 15.77
N THR B 141 48.08 -5.82 15.64
CA THR B 141 47.27 -6.33 14.51
C THR B 141 47.20 -5.37 13.33
N PHE B 142 47.22 -4.06 13.55
CA PHE B 142 47.14 -3.03 12.51
C PHE B 142 47.91 -1.77 12.92
N GLU B 143 48.38 -1.02 11.92
CA GLU B 143 48.98 0.30 12.08
C GLU B 143 48.73 1.17 10.83
N TYR B 144 48.63 2.48 10.97
CA TYR B 144 48.45 3.43 9.87
C TYR B 144 49.08 4.80 10.20
N VAL B 145 49.43 5.58 9.17
CA VAL B 145 50.06 6.90 9.35
C VAL B 145 49.51 7.89 8.31
N SER B 146 49.39 9.17 8.68
CA SER B 146 48.91 10.23 7.80
C SER B 146 49.52 11.58 8.10
N PHE B 160 41.00 29.80 22.94
CA PHE B 160 39.99 29.36 21.97
C PHE B 160 40.59 29.17 20.56
N LYS B 161 41.93 29.07 20.44
CA LYS B 161 42.68 29.06 19.17
C LYS B 161 42.07 28.16 18.10
N ASN B 162 41.51 27.02 18.50
CA ASN B 162 40.64 26.17 17.69
C ASN B 162 39.39 25.75 18.50
N LEU B 163 38.34 25.30 17.81
CA LEU B 163 37.30 24.42 18.34
C LEU B 163 37.54 23.02 17.75
N ARG B 164 38.29 22.22 18.51
CA ARG B 164 38.89 20.94 18.13
C ARG B 164 37.87 19.80 18.16
N GLU B 165 36.83 19.86 17.32
CA GLU B 165 35.77 18.86 17.30
C GLU B 165 36.19 17.57 16.59
N PHE B 166 35.88 16.43 17.21
CA PHE B 166 36.09 15.10 16.62
C PHE B 166 34.96 14.15 17.01
N VAL B 167 34.67 13.18 16.16
CA VAL B 167 33.70 12.10 16.39
C VAL B 167 34.28 10.76 15.99
N PHE B 168 34.04 9.73 16.80
CA PHE B 168 34.50 8.36 16.59
C PHE B 168 33.32 7.39 16.72
N LYS B 169 33.13 6.46 15.78
CA LYS B 169 32.05 5.45 15.82
C LYS B 169 32.51 4.09 15.30
N ASN B 170 31.96 3.00 15.85
CA ASN B 170 32.44 1.65 15.62
C ASN B 170 31.87 1.00 14.35
N TYR B 174 32.54 -1.58 10.74
CA TYR B 174 33.94 -1.25 11.03
C TYR B 174 34.14 0.24 11.39
N PHE B 175 35.33 0.59 11.89
CA PHE B 175 35.58 1.84 12.64
C PHE B 175 35.66 3.10 11.77
N LYS B 176 35.21 4.25 12.28
CA LYS B 176 35.06 5.53 11.54
C LYS B 176 35.42 6.74 12.41
N ILE B 177 35.96 7.79 11.82
CA ILE B 177 36.37 9.05 12.47
C ILE B 177 35.96 10.27 11.64
N TYR B 178 35.48 11.33 12.28
CA TYR B 178 35.09 12.62 11.69
C TYR B 178 35.64 13.79 12.51
N SER B 179 35.74 14.98 11.92
CA SER B 179 36.23 16.18 12.62
C SER B 179 35.79 17.51 12.00
N LYS B 180 36.03 18.60 12.74
CA LYS B 180 36.10 19.96 12.19
C LYS B 180 37.16 20.80 12.91
N HIS B 181 38.37 20.26 13.01
CA HIS B 181 39.59 20.94 13.50
C HIS B 181 39.79 22.27 12.76
N THR B 182 39.33 23.37 13.34
CA THR B 182 39.26 24.69 12.68
C THR B 182 39.44 25.84 13.67
N PRO B 183 39.90 27.02 13.21
CA PRO B 183 40.00 28.21 14.04
C PRO B 183 38.64 28.90 14.20
N ILE B 184 38.23 29.16 15.45
CA ILE B 184 37.06 29.99 15.79
C ILE B 184 37.44 30.92 16.94
N ASN B 185 38.18 31.97 16.61
CA ASN B 185 38.63 33.02 17.53
C ASN B 185 38.82 34.37 16.80
N LEU B 190 29.83 24.36 26.21
CA LEU B 190 30.25 24.15 24.82
C LEU B 190 29.99 25.40 23.96
N PRO B 191 30.83 25.75 22.97
CA PRO B 191 30.58 26.91 22.12
C PRO B 191 29.33 26.77 21.25
N GLN B 192 28.68 27.91 20.98
CA GLN B 192 27.43 28.00 20.23
C GLN B 192 27.58 27.88 18.70
N GLY B 193 26.44 27.90 18.01
CA GLY B 193 26.32 27.87 16.55
C GLY B 193 26.32 26.48 15.93
N PHE B 194 26.27 26.41 14.60
CA PHE B 194 26.22 25.17 13.84
C PHE B 194 27.44 24.98 12.92
N SER B 195 28.11 23.83 13.01
CA SER B 195 29.04 23.36 11.98
C SER B 195 29.05 21.84 11.88
N ALA B 196 29.33 21.29 10.70
CA ALA B 196 29.26 19.86 10.41
C ALA B 196 30.66 19.22 10.25
N LEU B 197 30.85 18.06 10.87
CA LEU B 197 32.12 17.35 10.88
C LEU B 197 32.31 16.54 9.59
N GLU B 198 33.38 16.77 8.85
CA GLU B 198 33.77 15.94 7.70
C GLU B 198 34.44 14.64 8.17
N PRO B 199 34.39 13.52 7.42
CA PRO B 199 35.22 12.36 7.72
C PRO B 199 36.71 12.70 7.75
N LEU B 200 37.47 12.04 8.62
CA LEU B 200 38.94 12.00 8.58
C LEU B 200 39.47 10.66 8.09
N VAL B 201 39.03 9.57 8.74
CA VAL B 201 39.55 8.21 8.55
C VAL B 201 38.40 7.23 8.72
N ASP B 202 38.41 6.12 8.01
CA ASP B 202 37.72 4.91 8.43
C ASP B 202 38.64 3.70 8.25
N LEU B 203 38.62 2.80 9.23
CA LEU B 203 39.52 1.66 9.34
C LEU B 203 38.70 0.40 9.14
N PRO B 204 38.99 -0.47 8.17
CA PRO B 204 38.24 -1.71 7.98
C PRO B 204 38.56 -2.81 9.01
N ILE B 205 38.35 -2.51 10.29
CA ILE B 205 38.59 -3.33 11.48
C ILE B 205 37.38 -3.26 12.41
N GLY B 206 37.15 -4.30 13.22
CA GLY B 206 36.08 -4.36 14.24
C GLY B 206 36.56 -4.95 15.57
N ILE B 207 36.17 -4.35 16.68
CA ILE B 207 36.70 -4.59 18.05
C ILE B 207 35.55 -4.44 19.06
N ASN B 208 35.59 -5.12 20.20
CA ASN B 208 34.63 -5.00 21.30
C ASN B 208 34.97 -3.81 22.24
N ILE B 209 34.93 -2.58 21.73
CA ILE B 209 35.31 -1.39 22.50
C ILE B 209 34.26 -1.07 23.58
N THR B 210 34.71 -0.80 24.80
CA THR B 210 33.85 -0.43 25.92
C THR B 210 34.43 0.68 26.79
N ARG B 211 35.68 1.11 26.56
CA ARG B 211 36.38 2.17 27.31
C ARG B 211 37.24 3.07 26.42
N PHE B 212 37.41 4.33 26.82
CA PHE B 212 37.99 5.45 26.07
C PHE B 212 38.90 6.30 26.99
N GLN B 213 39.98 6.90 26.49
CA GLN B 213 40.79 7.90 27.20
C GLN B 213 41.56 8.85 26.28
N THR B 214 42.03 9.99 26.81
CA THR B 214 42.76 11.02 26.07
C THR B 214 44.19 11.23 26.57
N LEU B 215 45.16 11.18 25.68
CA LEU B 215 46.54 11.56 25.94
C LEU B 215 46.67 13.09 26.01
N LEU B 216 46.72 13.64 27.21
CA LEU B 216 47.05 15.05 27.42
C LEU B 216 48.54 15.34 27.13
N ALA B 237 43.91 22.13 32.06
CA ALA B 237 43.51 21.75 30.71
C ALA B 237 42.12 21.10 30.69
N ALA B 238 41.35 21.26 29.60
CA ALA B 238 39.93 20.90 29.57
C ALA B 238 39.38 20.47 28.20
N TYR B 239 38.44 19.50 28.19
CA TYR B 239 37.74 18.99 26.99
C TYR B 239 36.32 18.47 27.31
N TYR B 240 35.46 18.40 26.30
CA TYR B 240 34.05 17.97 26.39
C TYR B 240 33.82 16.62 25.71
N VAL B 241 32.91 15.81 26.23
CA VAL B 241 32.57 14.47 25.71
C VAL B 241 31.06 14.20 25.77
N GLY B 242 30.47 13.62 24.73
CA GLY B 242 29.11 13.10 24.78
C GLY B 242 28.86 12.00 23.76
N TYR B 243 28.04 11.02 24.09
CA TYR B 243 27.91 9.78 23.32
C TYR B 243 26.72 9.82 22.36
N LEU B 244 26.92 9.36 21.13
CA LEU B 244 25.92 9.38 20.07
C LEU B 244 24.76 8.42 20.41
N GLN B 245 23.55 8.67 19.89
CA GLN B 245 22.39 7.78 20.01
C GLN B 245 21.67 7.56 18.67
N PRO B 246 20.98 6.44 18.44
CA PRO B 246 20.35 6.14 17.16
C PRO B 246 19.06 6.95 17.00
N ARG B 247 19.06 7.90 16.08
CA ARG B 247 18.01 8.94 15.94
C ARG B 247 17.76 9.25 14.47
N THR B 248 16.60 9.78 14.13
CA THR B 248 16.33 10.30 12.78
C THR B 248 16.70 11.77 12.71
N PHE B 249 17.36 12.21 11.66
CA PHE B 249 17.75 13.61 11.45
C PHE B 249 17.27 14.08 10.08
N LEU B 250 16.92 15.36 9.96
CA LEU B 250 16.75 16.08 8.70
C LEU B 250 17.96 16.99 8.52
N LEU B 251 18.60 16.99 7.36
CA LEU B 251 19.87 17.66 7.11
C LEU B 251 19.73 18.66 5.96
N LYS B 252 20.00 19.94 6.20
CA LYS B 252 19.99 20.98 5.18
C LYS B 252 21.32 21.04 4.47
N TYR B 253 21.43 20.33 3.35
CA TYR B 253 22.51 20.54 2.41
C TYR B 253 22.22 21.82 1.60
N ASN B 254 23.15 22.77 1.60
CA ASN B 254 23.02 23.99 0.82
C ASN B 254 23.34 23.79 -0.67
N GLU B 255 23.40 24.89 -1.42
CA GLU B 255 23.74 24.95 -2.85
C GLU B 255 25.05 24.24 -3.21
N ASN B 256 25.95 24.03 -2.24
CA ASN B 256 27.30 23.48 -2.46
C ASN B 256 27.48 22.05 -1.95
N GLY B 257 26.41 21.36 -1.55
CA GLY B 257 26.51 20.01 -0.97
C GLY B 257 27.09 19.95 0.45
N THR B 258 27.16 21.08 1.16
CA THR B 258 27.62 21.14 2.55
C THR B 258 26.44 21.18 3.50
N ILE B 259 26.45 20.44 4.60
CA ILE B 259 25.37 20.50 5.60
C ILE B 259 25.50 21.85 6.34
N THR B 260 24.39 22.53 6.58
CA THR B 260 24.37 23.90 7.16
C THR B 260 23.31 24.12 8.23
N ASP B 261 22.33 23.23 8.34
CA ASP B 261 21.39 23.18 9.46
C ASP B 261 20.84 21.76 9.56
N ALA B 262 20.27 21.40 10.69
CA ALA B 262 19.67 20.08 10.87
C ALA B 262 18.52 20.10 11.87
N VAL B 263 17.63 19.12 11.79
CA VAL B 263 16.54 18.95 12.76
C VAL B 263 16.65 17.60 13.40
N ASP B 264 16.93 17.59 14.71
CA ASP B 264 16.88 16.42 15.54
C ASP B 264 15.42 16.02 15.76
N CYS B 265 14.95 15.03 15.01
CA CYS B 265 13.55 14.65 14.92
C CYS B 265 12.85 14.54 16.29
N ALA B 266 13.40 13.70 17.17
CA ALA B 266 12.77 13.37 18.45
C ALA B 266 12.94 14.43 19.55
N LEU B 267 13.61 15.55 19.28
CA LEU B 267 13.90 16.58 20.28
C LEU B 267 12.62 17.12 20.93
N ASP B 268 11.63 17.50 20.13
CA ASP B 268 10.41 18.18 20.57
C ASP B 268 9.33 18.08 19.47
N PRO B 269 8.08 18.48 19.72
CA PRO B 269 6.99 18.24 18.77
C PRO B 269 7.16 19.01 17.45
N LEU B 270 7.68 20.24 17.50
CA LEU B 270 7.97 21.02 16.29
C LEU B 270 9.07 20.36 15.45
N SER B 271 10.08 19.77 16.06
CA SER B 271 11.15 19.07 15.38
C SER B 271 10.67 17.80 14.68
N GLU B 272 9.77 17.02 15.26
CA GLU B 272 9.13 15.95 14.49
C GLU B 272 8.12 16.48 13.44
N THR B 273 7.58 17.69 13.61
CA THR B 273 6.71 18.34 12.61
C THR B 273 7.49 18.74 11.38
N LYS B 274 8.61 19.45 11.56
CA LYS B 274 9.59 19.76 10.51
C LYS B 274 10.05 18.50 9.80
N CYS B 275 10.29 17.41 10.52
CA CYS B 275 10.62 16.11 9.93
C CYS B 275 9.45 15.47 9.19
N THR B 276 8.22 15.57 9.71
CA THR B 276 7.02 15.00 9.09
C THR B 276 6.81 15.56 7.68
N LEU B 277 6.97 16.87 7.49
CA LEU B 277 6.79 17.53 6.21
C LEU B 277 8.10 17.98 5.52
N LYS B 278 9.26 17.42 5.93
CA LYS B 278 10.57 17.59 5.28
C LYS B 278 10.91 19.07 4.99
N SER B 279 10.81 19.93 6.00
CA SER B 279 10.99 21.37 5.84
C SER B 279 11.60 22.04 7.06
N PHE B 280 12.38 23.10 6.85
CA PHE B 280 12.90 23.98 7.91
C PHE B 280 11.98 25.18 8.21
N THR B 281 10.82 25.27 7.58
CA THR B 281 9.71 26.16 7.95
C THR B 281 8.40 25.40 8.00
N VAL B 282 7.58 25.62 9.02
CA VAL B 282 6.25 25.00 9.17
C VAL B 282 5.21 26.11 9.17
N GLU B 283 4.32 26.11 8.20
CA GLU B 283 3.23 27.09 8.12
C GLU B 283 2.20 26.88 9.23
N LYS B 284 1.37 27.88 9.52
CA LYS B 284 0.33 27.79 10.55
C LYS B 284 -0.61 26.63 10.28
N GLY B 285 -0.96 25.84 11.29
CA GLY B 285 -1.94 24.78 11.11
C GLY B 285 -1.94 23.71 12.19
N ILE B 286 -2.54 22.58 11.86
CA ILE B 286 -2.46 21.35 12.63
C ILE B 286 -1.93 20.23 11.74
N TYR B 287 -1.02 19.42 12.26
CA TYR B 287 -0.32 18.40 11.48
C TYR B 287 -0.30 17.09 12.25
N GLN B 288 -0.81 15.98 11.71
CA GLN B 288 -0.57 14.69 12.35
C GLN B 288 0.89 14.29 12.11
N THR B 289 1.72 14.31 13.14
CA THR B 289 3.13 13.96 13.07
C THR B 289 3.43 12.51 13.37
N SER B 290 2.59 11.86 14.18
CA SER B 290 3.00 10.71 14.97
C SER B 290 1.83 9.80 15.33
N ASN B 291 2.11 8.58 15.79
CA ASN B 291 1.15 7.68 16.42
C ASN B 291 1.45 7.54 17.92
N PHE B 292 0.43 7.35 18.72
CA PHE B 292 0.52 6.91 20.10
C PHE B 292 -0.09 5.52 20.25
N ARG B 293 0.57 4.63 20.99
CA ARG B 293 -0.04 3.41 21.53
C ARG B 293 0.44 3.21 22.96
N VAL B 294 -0.44 2.76 23.85
CA VAL B 294 -0.04 2.17 25.13
C VAL B 294 0.50 0.76 24.88
N GLN B 295 1.81 0.59 24.96
CA GLN B 295 2.44 -0.74 24.89
C GLN B 295 2.08 -1.57 26.13
N PRO B 296 1.82 -2.88 26.02
CA PRO B 296 1.29 -3.66 27.13
C PRO B 296 2.22 -3.65 28.34
N THR B 297 1.64 -3.42 29.51
CA THR B 297 2.40 -3.22 30.75
C THR B 297 3.04 -4.51 31.26
N GLU B 298 2.37 -5.64 31.04
CA GLU B 298 2.84 -6.97 31.38
C GLU B 298 2.14 -8.01 30.49
N SER B 299 2.68 -9.22 30.44
CA SER B 299 2.09 -10.35 29.73
C SER B 299 1.52 -11.38 30.71
N ILE B 300 0.29 -11.81 30.46
CA ILE B 300 -0.51 -12.66 31.34
C ILE B 300 -0.81 -14.00 30.65
N VAL B 301 -0.84 -15.07 31.43
CA VAL B 301 -1.22 -16.41 30.97
C VAL B 301 -2.31 -16.95 31.88
N ARG B 302 -3.29 -17.66 31.33
CA ARG B 302 -4.24 -18.48 32.10
C ARG B 302 -4.34 -19.85 31.43
N PHE B 303 -4.33 -20.93 32.21
CA PHE B 303 -4.64 -22.30 31.80
C PHE B 303 -5.49 -22.99 32.90
N PRO B 304 -6.19 -24.11 32.62
CA PRO B 304 -7.20 -24.69 33.52
C PRO B 304 -6.65 -25.29 34.81
N ASN B 305 -7.55 -25.46 35.79
CA ASN B 305 -7.26 -26.03 37.10
C ASN B 305 -6.58 -27.41 37.03
N LYS B 503 1.93 -22.37 32.81
CA LYS B 503 1.03 -22.23 33.96
C LYS B 503 0.53 -20.79 34.17
N SER B 504 -0.63 -20.62 34.80
CA SER B 504 -1.26 -19.31 34.96
C SER B 504 -0.43 -18.29 35.76
N THR B 505 -0.40 -17.04 35.31
CA THR B 505 -0.07 -15.87 36.13
C THR B 505 -1.30 -15.40 36.89
N ASN B 506 -1.09 -14.59 37.93
CA ASN B 506 -2.19 -13.84 38.54
C ASN B 506 -2.83 -12.90 37.50
N LEU B 507 -4.16 -12.83 37.46
CA LEU B 507 -4.91 -11.98 36.54
C LEU B 507 -4.70 -10.50 36.88
N VAL B 508 -4.76 -9.61 35.90
CA VAL B 508 -4.84 -8.15 36.12
C VAL B 508 -6.02 -7.58 35.35
N LYS B 509 -7.17 -7.47 36.01
CA LYS B 509 -8.29 -6.64 35.54
C LYS B 509 -7.86 -5.16 35.52
N ASN B 510 -8.52 -4.35 34.71
CA ASN B 510 -8.43 -2.89 34.72
C ASN B 510 -7.02 -2.36 34.38
N LYS B 511 -6.24 -3.06 33.53
CA LYS B 511 -4.91 -2.63 33.05
C LYS B 511 -4.63 -3.10 31.62
N CYS B 512 -3.84 -2.37 30.84
CA CYS B 512 -3.42 -2.82 29.49
C CYS B 512 -2.36 -3.92 29.57
N VAL B 513 -2.70 -5.10 29.07
CA VAL B 513 -1.89 -6.32 29.17
C VAL B 513 -1.88 -7.05 27.84
N ASN B 514 -0.79 -7.73 27.58
CA ASN B 514 -0.76 -8.82 26.62
C ASN B 514 -1.28 -10.08 27.31
N PHE B 515 -2.04 -10.95 26.65
CA PHE B 515 -2.68 -12.09 27.31
C PHE B 515 -2.68 -13.35 26.45
N ASN B 516 -2.72 -14.50 27.13
CA ASN B 516 -2.79 -15.84 26.54
C ASN B 516 -3.78 -16.68 27.34
N PHE B 517 -4.97 -16.91 26.77
CA PHE B 517 -5.99 -17.83 27.26
C PHE B 517 -6.05 -19.09 26.38
N ASN B 518 -6.69 -20.14 26.87
CA ASN B 518 -7.15 -21.25 26.03
C ASN B 518 -7.99 -20.78 24.82
N GLY B 519 -8.71 -19.66 24.97
CA GLY B 519 -9.45 -19.00 23.89
C GLY B 519 -8.56 -18.39 22.80
N LEU B 520 -7.79 -17.34 23.11
CA LEU B 520 -6.90 -16.64 22.19
C LEU B 520 -5.76 -15.89 22.88
N THR B 521 -4.74 -15.55 22.09
CA THR B 521 -3.72 -14.55 22.45
C THR B 521 -4.06 -13.17 21.87
N GLY B 522 -3.89 -12.11 22.66
CA GLY B 522 -4.21 -10.74 22.24
C GLY B 522 -3.71 -9.68 23.22
N THR B 523 -3.98 -8.41 22.94
CA THR B 523 -3.56 -7.28 23.80
C THR B 523 -4.70 -6.29 23.97
N GLY B 524 -4.94 -5.83 25.20
CA GLY B 524 -6.10 -5.00 25.52
C GLY B 524 -6.18 -4.61 27.00
N VAL B 525 -7.14 -3.78 27.36
CA VAL B 525 -7.60 -3.67 28.75
C VAL B 525 -8.63 -4.78 28.99
N LEU B 526 -8.26 -5.79 29.77
CA LEU B 526 -9.21 -6.76 30.32
C LEU B 526 -10.07 -6.08 31.39
N THR B 527 -11.38 -6.34 31.45
CA THR B 527 -12.22 -5.92 32.59
C THR B 527 -13.36 -6.88 32.89
N GLU B 528 -13.72 -7.00 34.16
CA GLU B 528 -15.04 -7.49 34.57
C GLU B 528 -16.17 -6.60 34.03
N SER B 529 -17.38 -7.12 33.90
CA SER B 529 -18.48 -6.44 33.20
C SER B 529 -19.86 -7.01 33.51
N ASN B 530 -20.89 -6.31 33.03
CA ASN B 530 -22.30 -6.74 33.05
C ASN B 530 -22.67 -7.72 31.92
N LYS B 531 -21.72 -8.11 31.06
CA LYS B 531 -21.93 -9.08 29.97
C LYS B 531 -22.18 -10.49 30.53
N LYS B 532 -23.10 -11.27 29.95
CA LYS B 532 -23.33 -12.68 30.31
C LYS B 532 -23.26 -13.58 29.08
N PHE B 533 -22.32 -14.53 29.06
CA PHE B 533 -22.31 -15.62 28.07
C PHE B 533 -23.35 -16.68 28.43
N LEU B 534 -23.71 -17.56 27.49
CA LEU B 534 -24.30 -18.85 27.84
C LEU B 534 -23.20 -19.82 28.36
N PRO B 535 -23.54 -20.87 29.14
CA PRO B 535 -22.57 -21.60 29.94
C PRO B 535 -21.45 -22.32 29.16
N PHE B 536 -21.75 -22.78 27.95
CA PHE B 536 -20.82 -23.53 27.07
C PHE B 536 -19.96 -22.64 26.16
N GLN B 537 -20.15 -21.32 26.19
CA GLN B 537 -19.35 -20.36 25.42
C GLN B 537 -18.08 -19.95 26.18
N GLN B 538 -16.99 -19.74 25.45
CA GLN B 538 -15.64 -19.50 25.97
C GLN B 538 -15.03 -18.17 25.52
N PHE B 539 -15.48 -17.59 24.41
CA PHE B 539 -15.08 -16.25 23.96
C PHE B 539 -16.19 -15.60 23.11
N GLY B 540 -16.16 -14.29 22.91
CA GLY B 540 -17.16 -13.54 22.14
C GLY B 540 -16.68 -13.01 20.79
N ARG B 541 -17.56 -12.40 20.01
CA ARG B 541 -17.21 -11.62 18.81
C ARG B 541 -18.02 -10.33 18.69
N ASP B 542 -17.32 -9.26 18.31
CA ASP B 542 -17.87 -7.99 17.83
C ASP B 542 -18.57 -8.17 16.46
N ILE B 543 -19.27 -7.17 15.94
CA ILE B 543 -20.02 -7.27 14.68
C ILE B 543 -19.09 -7.53 13.48
N ALA B 544 -17.92 -6.90 13.44
CA ALA B 544 -16.87 -7.19 12.47
C ALA B 544 -16.03 -8.43 12.81
N ASP B 545 -16.60 -9.37 13.56
CA ASP B 545 -16.02 -10.63 14.03
C ASP B 545 -14.76 -10.57 14.92
N THR B 546 -14.12 -9.43 15.15
CA THR B 546 -13.01 -9.34 16.13
C THR B 546 -13.48 -9.79 17.51
N THR B 547 -12.76 -10.71 18.15
CA THR B 547 -13.10 -11.19 19.49
C THR B 547 -12.89 -10.11 20.54
N ASP B 548 -13.85 -10.03 21.46
CA ASP B 548 -14.07 -8.89 22.35
C ASP B 548 -14.44 -9.29 23.79
N ALA B 549 -14.52 -10.59 24.10
CA ALA B 549 -14.75 -11.08 25.46
C ALA B 549 -14.23 -12.53 25.61
N VAL B 550 -13.91 -12.95 26.83
CA VAL B 550 -13.36 -14.28 27.15
C VAL B 550 -13.84 -14.77 28.50
N ARG B 551 -13.86 -16.09 28.66
CA ARG B 551 -14.01 -16.73 29.97
C ARG B 551 -12.64 -17.07 30.50
N ASP B 552 -12.34 -16.74 31.75
CA ASP B 552 -11.13 -17.21 32.40
C ASP B 552 -11.17 -18.74 32.51
N PRO B 553 -10.20 -19.52 32.00
CA PRO B 553 -10.22 -20.99 32.08
C PRO B 553 -10.18 -21.55 33.51
N GLN B 554 -9.91 -20.72 34.52
CA GLN B 554 -9.97 -21.04 35.95
C GLN B 554 -11.24 -20.47 36.63
N THR B 555 -11.37 -19.15 36.76
CA THR B 555 -12.49 -18.51 37.48
C THR B 555 -13.81 -18.64 36.71
N LEU B 556 -14.92 -18.73 37.44
CA LEU B 556 -16.29 -18.79 36.90
C LEU B 556 -16.79 -17.43 36.38
N GLU B 557 -16.08 -16.78 35.44
CA GLU B 557 -16.36 -15.38 35.08
C GLU B 557 -15.94 -14.96 33.68
N ILE B 558 -16.57 -13.89 33.22
CA ILE B 558 -16.43 -13.25 31.90
C ILE B 558 -15.62 -11.95 32.04
N LEU B 559 -14.60 -11.83 31.19
CA LEU B 559 -13.83 -10.62 30.96
C LEU B 559 -14.20 -10.06 29.60
N ASP B 560 -14.47 -8.77 29.51
CA ASP B 560 -14.38 -8.07 28.23
C ASP B 560 -12.92 -7.96 27.82
N ILE B 561 -12.63 -8.04 26.52
CA ILE B 561 -11.40 -7.54 25.93
C ILE B 561 -11.76 -6.20 25.28
N THR B 562 -11.11 -5.12 25.70
CA THR B 562 -11.27 -3.80 25.07
C THR B 562 -9.92 -3.34 24.51
N PRO B 563 -9.80 -2.96 23.22
CA PRO B 563 -8.53 -2.58 22.60
C PRO B 563 -7.74 -1.53 23.38
N CYS B 564 -6.45 -1.78 23.60
CA CYS B 564 -5.61 -0.93 24.42
C CYS B 564 -5.34 0.42 23.76
N SER B 565 -5.40 1.50 24.55
CA SER B 565 -5.52 2.89 24.07
C SER B 565 -4.47 3.29 23.02
N PHE B 566 -4.93 3.80 21.89
CA PHE B 566 -4.11 4.24 20.77
C PHE B 566 -4.76 5.43 20.06
N GLY B 567 -3.97 6.23 19.35
CA GLY B 567 -4.49 7.38 18.62
C GLY B 567 -3.45 8.04 17.74
N GLY B 568 -3.89 8.84 16.78
CA GLY B 568 -2.99 9.75 16.07
C GLY B 568 -2.54 10.89 16.98
N VAL B 569 -1.36 11.43 16.78
CA VAL B 569 -0.85 12.57 17.55
C VAL B 569 -0.61 13.72 16.59
N SER B 570 -1.19 14.87 16.88
CA SER B 570 -1.15 16.05 16.02
C SER B 570 -0.57 17.25 16.72
N VAL B 571 0.24 18.03 16.02
CA VAL B 571 0.88 19.24 16.53
C VAL B 571 0.15 20.47 16.00
N ILE B 572 -0.34 21.30 16.90
CA ILE B 572 -0.96 22.59 16.64
C ILE B 572 0.16 23.62 16.71
N THR B 573 0.33 24.41 15.66
CA THR B 573 1.46 25.32 15.54
C THR B 573 1.09 26.63 14.88
N PRO B 574 1.55 27.78 15.41
CA PRO B 574 1.75 28.96 14.59
C PRO B 574 2.75 28.67 13.47
N GLY B 575 2.80 29.54 12.47
CA GLY B 575 3.91 29.50 11.52
C GLY B 575 5.24 29.69 12.22
N THR B 576 6.31 29.02 11.81
CA THR B 576 7.64 29.22 12.40
C THR B 576 8.24 30.60 12.12
N ASN B 577 7.73 31.32 11.13
CA ASN B 577 8.03 32.74 10.95
C ASN B 577 7.50 33.60 12.11
N THR B 578 6.45 33.13 12.79
CA THR B 578 5.84 33.78 13.98
C THR B 578 6.38 33.25 15.30
N SER B 579 6.32 31.93 15.57
CA SER B 579 6.83 31.38 16.84
C SER B 579 7.16 29.89 16.78
N ASN B 580 8.07 29.44 17.64
CA ASN B 580 8.42 28.04 17.86
C ASN B 580 7.61 27.38 19.00
N GLU B 581 6.76 28.11 19.70
CA GLU B 581 5.84 27.50 20.66
C GLU B 581 4.76 26.69 19.93
N VAL B 582 4.40 25.53 20.45
CA VAL B 582 3.42 24.61 19.83
C VAL B 582 2.61 23.90 20.90
N ALA B 583 1.53 23.23 20.51
CA ALA B 583 0.70 22.39 21.39
C ALA B 583 0.47 21.04 20.73
N VAL B 584 0.08 20.03 21.49
CA VAL B 584 -0.08 18.66 20.99
C VAL B 584 -1.46 18.15 21.33
N LEU B 585 -2.19 17.67 20.33
CA LEU B 585 -3.46 16.97 20.47
C LEU B 585 -3.21 15.47 20.29
N TYR B 586 -3.48 14.68 21.33
CA TYR B 586 -3.48 13.22 21.27
C TYR B 586 -4.89 12.77 20.92
N GLN B 587 -5.13 12.46 19.64
CA GLN B 587 -6.47 12.21 19.11
C GLN B 587 -7.11 10.99 19.78
N ASP B 588 -8.36 11.11 20.21
CA ASP B 588 -9.16 9.99 20.73
C ASP B 588 -8.55 9.21 21.92
N VAL B 589 -7.74 9.86 22.77
CA VAL B 589 -7.31 9.30 24.07
C VAL B 589 -7.66 10.24 25.21
N ASN B 590 -7.91 9.70 26.40
CA ASN B 590 -8.18 10.52 27.57
C ASN B 590 -6.89 11.16 28.09
N CYS B 591 -7.01 12.32 28.73
CA CYS B 591 -5.98 12.95 29.54
C CYS B 591 -5.69 12.16 30.84
N THR B 592 -5.04 11.02 30.69
CA THR B 592 -4.54 10.11 31.74
C THR B 592 -3.48 9.17 31.18
N GLU B 593 -3.60 8.76 29.91
CA GLU B 593 -2.50 8.19 29.15
C GLU B 593 -1.40 9.25 28.87
N VAL B 594 -0.13 8.83 28.88
CA VAL B 594 1.05 9.64 28.53
C VAL B 594 2.05 8.79 27.75
N ASN B 615 -2.97 24.29 31.25
CA ASN B 615 -1.93 23.67 30.42
C ASN B 615 -2.40 22.39 29.71
N VAL B 616 -3.27 21.62 30.35
CA VAL B 616 -3.89 20.40 29.80
C VAL B 616 -5.39 20.54 29.82
N PHE B 617 -6.06 20.21 28.71
CA PHE B 617 -7.51 20.19 28.60
C PHE B 617 -8.00 18.94 27.86
N GLN B 618 -9.05 18.32 28.36
CA GLN B 618 -9.75 17.23 27.69
C GLN B 618 -10.72 17.82 26.64
N THR B 619 -10.26 18.02 25.40
CA THR B 619 -11.18 18.33 24.30
C THR B 619 -12.10 17.14 24.02
N ARG B 620 -13.18 17.34 23.26
CA ARG B 620 -13.98 16.23 22.73
C ARG B 620 -13.28 15.43 21.62
N ALA B 621 -12.26 16.01 20.96
CA ALA B 621 -11.45 15.33 19.94
C ALA B 621 -10.28 14.47 20.49
N GLY B 622 -9.82 14.71 21.71
CA GLY B 622 -8.65 14.05 22.29
C GLY B 622 -7.91 14.95 23.26
N CYS B 623 -6.98 14.41 24.05
CA CYS B 623 -6.28 15.21 25.04
C CYS B 623 -5.40 16.30 24.39
N LEU B 624 -5.55 17.55 24.78
CA LEU B 624 -4.80 18.69 24.25
C LEU B 624 -3.86 19.24 25.31
N ILE B 625 -2.59 19.40 24.96
CA ILE B 625 -1.52 19.77 25.89
C ILE B 625 -0.75 20.95 25.32
N GLY B 626 -0.44 21.95 26.16
CA GLY B 626 0.36 23.11 25.78
C GLY B 626 -0.42 24.31 25.25
N ALA B 627 -1.73 24.19 25.07
CA ALA B 627 -2.62 25.29 24.73
C ALA B 627 -3.55 25.57 25.91
N GLU B 628 -3.58 26.81 26.40
CA GLU B 628 -4.48 27.16 27.49
C GLU B 628 -5.92 27.28 27.01
N HIS B 629 -6.87 26.75 27.79
CA HIS B 629 -8.30 26.82 27.46
C HIS B 629 -8.92 28.11 28.02
N VAL B 630 -9.75 28.76 27.21
CA VAL B 630 -10.13 30.17 27.42
C VAL B 630 -11.64 30.35 27.31
N ASN B 631 -12.22 31.13 28.23
CA ASN B 631 -13.67 31.41 28.26
C ASN B 631 -14.14 32.22 27.03
N ASN B 632 -13.33 33.15 26.52
CA ASN B 632 -13.69 33.92 25.34
C ASN B 632 -13.80 33.06 24.07
N SER B 633 -14.68 33.43 23.16
CA SER B 633 -14.80 32.83 21.83
C SER B 633 -14.44 33.82 20.73
N TYR B 634 -13.54 33.40 19.84
CA TYR B 634 -13.14 34.13 18.64
C TYR B 634 -13.56 33.34 17.39
N GLU B 635 -13.26 33.86 16.21
CA GLU B 635 -13.30 33.07 14.98
C GLU B 635 -12.33 31.89 15.05
N CYS B 636 -12.54 30.86 14.25
CA CYS B 636 -11.54 29.79 14.15
C CYS B 636 -10.23 30.30 13.56
N ASP B 637 -9.14 29.55 13.74
CA ASP B 637 -7.81 29.96 13.30
C ASP B 637 -6.93 28.76 12.92
N ILE B 638 -6.65 27.88 13.87
CA ILE B 638 -6.24 26.50 13.64
C ILE B 638 -7.39 25.61 14.11
N PRO B 639 -7.97 24.72 13.29
CA PRO B 639 -9.11 23.92 13.69
C PRO B 639 -8.67 22.74 14.55
N ILE B 640 -9.49 22.29 15.50
CA ILE B 640 -9.26 21.05 16.25
C ILE B 640 -10.35 20.03 15.98
N GLY B 641 -11.61 20.36 16.23
CA GLY B 641 -12.72 19.40 16.13
C GLY B 641 -13.80 19.67 17.17
N ALA B 642 -15.02 19.17 16.96
CA ALA B 642 -16.14 19.34 17.88
C ALA B 642 -16.33 20.80 18.35
N GLY B 643 -16.13 21.76 17.45
CA GLY B 643 -16.22 23.19 17.69
C GLY B 643 -15.05 23.80 18.46
N ILE B 644 -14.09 23.01 18.94
CA ILE B 644 -12.83 23.55 19.46
C ILE B 644 -11.96 24.02 18.29
N CYS B 645 -11.42 25.23 18.39
CA CYS B 645 -10.31 25.73 17.59
C CYS B 645 -9.19 26.21 18.52
N ALA B 646 -8.06 26.56 17.94
CA ALA B 646 -6.93 27.14 18.64
C ALA B 646 -6.30 28.27 17.84
N SER B 647 -5.62 29.19 18.49
CA SER B 647 -4.93 30.30 17.84
C SER B 647 -3.69 30.68 18.64
N TYR B 648 -2.61 31.09 17.97
CA TYR B 648 -1.54 31.85 18.59
C TYR B 648 -2.00 33.28 18.84
N GLN B 649 -1.88 33.77 20.05
CA GLN B 649 -2.65 34.92 20.52
C GLN B 649 -1.88 35.65 21.64
N THR B 650 -2.55 36.45 22.45
CA THR B 650 -1.97 37.31 23.48
C THR B 650 -3.05 37.69 24.48
N SER B 663 3.62 38.85 26.09
CA SER B 663 2.48 38.18 26.70
C SER B 663 1.95 36.99 25.88
N GLN B 664 2.61 36.63 24.78
CA GLN B 664 2.08 35.72 23.76
C GLN B 664 1.86 34.28 24.26
N SER B 665 0.77 33.65 23.84
CA SER B 665 0.53 32.21 24.05
C SER B 665 -0.46 31.63 23.04
N ILE B 666 -0.44 30.31 22.84
CA ILE B 666 -1.53 29.58 22.16
C ILE B 666 -2.72 29.47 23.10
N ILE B 667 -3.91 29.86 22.64
CA ILE B 667 -5.20 29.67 23.32
C ILE B 667 -6.10 28.74 22.51
N ALA B 668 -7.03 28.06 23.17
CA ALA B 668 -8.05 27.22 22.54
C ALA B 668 -9.44 27.41 23.17
N TYR B 669 -10.49 27.31 22.35
CA TYR B 669 -11.83 27.79 22.68
C TYR B 669 -12.89 27.15 21.79
N THR B 670 -14.17 27.20 22.17
CA THR B 670 -15.28 26.96 21.24
C THR B 670 -15.39 28.11 20.26
N MET B 671 -15.17 27.89 18.96
CA MET B 671 -15.23 28.96 17.96
C MET B 671 -16.62 29.60 17.89
N SER B 672 -16.69 30.88 17.56
CA SER B 672 -17.95 31.60 17.36
C SER B 672 -18.29 31.75 15.88
N LEU B 673 -19.55 31.51 15.53
CA LEU B 673 -20.01 31.45 14.15
C LEU B 673 -20.20 32.84 13.52
N GLY B 674 -20.31 33.88 14.35
CA GLY B 674 -20.49 35.26 13.94
C GLY B 674 -21.17 36.07 15.04
N ALA B 675 -21.43 37.35 14.76
CA ALA B 675 -22.03 38.24 15.74
C ALA B 675 -23.51 37.91 15.98
N GLU B 676 -24.01 38.12 17.20
CA GLU B 676 -25.44 38.19 17.49
C GLU B 676 -26.07 39.38 16.77
N ASN B 677 -27.29 39.26 16.23
CA ASN B 677 -28.02 40.40 15.70
C ASN B 677 -29.53 40.24 15.80
N SER B 678 -30.17 40.88 16.76
CA SER B 678 -31.62 41.06 16.81
C SER B 678 -32.06 41.96 15.65
N VAL B 679 -32.46 41.39 14.50
CA VAL B 679 -33.00 42.21 13.41
C VAL B 679 -34.22 42.94 13.94
N ALA B 680 -34.29 44.26 13.77
CA ALA B 680 -35.22 45.12 14.49
C ALA B 680 -36.68 45.06 14.00
N TYR B 681 -37.14 43.87 13.59
CA TYR B 681 -38.42 43.61 12.94
C TYR B 681 -39.57 44.15 13.78
N SER B 682 -40.47 44.86 13.10
CA SER B 682 -41.76 45.32 13.59
C SER B 682 -42.73 45.22 12.43
N ASN B 683 -44.01 44.92 12.65
CA ASN B 683 -44.96 44.70 11.56
C ASN B 683 -45.21 45.93 10.67
N ASN B 684 -44.75 47.11 11.08
CA ASN B 684 -45.02 48.41 10.46
C ASN B 684 -43.80 49.14 9.89
N SER B 685 -42.60 48.52 9.84
CA SER B 685 -41.35 49.24 9.53
C SER B 685 -40.48 48.50 8.53
N ILE B 686 -39.89 49.21 7.58
CA ILE B 686 -38.91 48.71 6.60
C ILE B 686 -37.67 49.59 6.65
N ALA B 687 -36.49 49.03 6.45
CA ALA B 687 -35.28 49.81 6.25
C ALA B 687 -34.90 49.83 4.77
N ILE B 688 -34.68 51.01 4.19
CA ILE B 688 -34.32 51.18 2.78
C ILE B 688 -32.94 51.83 2.70
N PRO B 689 -31.99 51.33 1.91
CA PRO B 689 -30.64 51.84 1.87
C PRO B 689 -30.62 53.24 1.29
N THR B 690 -30.01 54.22 1.96
CA THR B 690 -29.95 55.58 1.42
C THR B 690 -28.79 55.80 0.47
N ASN B 691 -27.92 54.81 0.31
CA ASN B 691 -26.70 54.90 -0.47
C ASN B 691 -26.25 53.51 -0.94
N PHE B 692 -25.17 53.43 -1.69
CA PHE B 692 -24.58 52.18 -2.14
C PHE B 692 -23.07 52.18 -2.03
N THR B 693 -22.49 50.99 -1.99
CA THR B 693 -21.08 50.76 -2.23
C THR B 693 -20.92 49.81 -3.38
N ILE B 694 -20.21 50.21 -4.42
CA ILE B 694 -19.65 49.29 -5.41
C ILE B 694 -18.53 48.51 -4.74
N SER B 695 -18.49 47.20 -4.87
CA SER B 695 -17.41 46.34 -4.37
C SER B 695 -16.80 45.57 -5.54
N VAL B 696 -15.52 45.19 -5.50
CA VAL B 696 -14.90 44.36 -6.56
C VAL B 696 -14.33 43.09 -5.94
N THR B 697 -15.21 42.24 -5.43
CA THR B 697 -14.85 40.93 -4.85
C THR B 697 -14.06 40.12 -5.87
N THR B 698 -12.98 39.48 -5.45
CA THR B 698 -12.15 38.64 -6.33
C THR B 698 -12.42 37.17 -6.09
N GLU B 699 -12.47 36.36 -7.13
CA GLU B 699 -12.66 34.92 -7.03
C GLU B 699 -11.67 34.17 -7.91
N ILE B 700 -11.07 33.10 -7.42
CA ILE B 700 -9.99 32.39 -8.08
C ILE B 700 -10.38 30.94 -8.29
N LEU B 701 -10.26 30.39 -9.49
CA LEU B 701 -10.66 29.01 -9.78
C LEU B 701 -9.57 28.28 -10.56
N PRO B 702 -9.20 27.04 -10.22
CA PRO B 702 -8.25 26.26 -10.98
C PRO B 702 -8.92 25.67 -12.22
N VAL B 703 -8.18 25.52 -13.31
CA VAL B 703 -8.74 25.15 -14.62
C VAL B 703 -8.01 23.99 -15.26
N SER B 704 -6.69 23.93 -15.12
CA SER B 704 -5.87 22.96 -15.83
C SER B 704 -4.77 22.41 -14.95
N MET B 705 -4.52 21.11 -15.03
CA MET B 705 -3.34 20.52 -14.41
C MET B 705 -2.12 20.69 -15.28
N THR B 706 -0.94 20.47 -14.73
CA THR B 706 0.24 20.24 -15.57
C THR B 706 0.02 18.94 -16.34
N LYS B 707 0.27 18.92 -17.64
CA LYS B 707 -0.05 17.79 -18.53
C LYS B 707 0.95 16.63 -18.43
N THR B 708 1.34 16.23 -17.23
CA THR B 708 2.41 15.26 -17.02
C THR B 708 2.04 13.89 -17.59
N SER B 709 2.90 13.34 -18.43
CA SER B 709 2.79 11.98 -18.96
C SER B 709 4.00 11.14 -18.56
N VAL B 710 3.76 9.93 -18.08
CA VAL B 710 4.80 9.00 -17.64
C VAL B 710 4.76 7.75 -18.51
N ASP B 711 5.86 7.40 -19.19
CA ASP B 711 5.91 6.17 -19.97
C ASP B 711 5.94 4.95 -19.05
N CYS B 712 4.98 4.04 -19.21
CA CYS B 712 4.88 2.85 -18.36
C CYS B 712 6.15 1.99 -18.37
N THR B 713 6.75 1.69 -19.52
CA THR B 713 7.93 0.82 -19.57
C THR B 713 9.14 1.55 -19.03
N MET B 714 9.48 2.74 -19.53
CA MET B 714 10.67 3.44 -19.02
C MET B 714 10.58 3.74 -17.53
N TYR B 715 9.38 3.90 -16.93
CA TYR B 715 9.24 3.95 -15.48
C TYR B 715 9.49 2.60 -14.82
N ILE B 716 8.77 1.54 -15.20
CA ILE B 716 8.89 0.24 -14.53
C ILE B 716 10.29 -0.38 -14.71
N CYS B 717 10.81 -0.39 -15.93
CA CYS B 717 12.01 -1.14 -16.34
C CYS B 717 13.24 -0.30 -16.70
N GLY B 718 13.14 1.01 -16.84
CA GLY B 718 14.22 1.77 -17.46
C GLY B 718 14.57 1.21 -18.83
N ASP B 719 15.85 1.11 -19.16
CA ASP B 719 16.33 0.63 -20.47
C ASP B 719 16.47 -0.90 -20.55
N SER B 720 16.13 -1.65 -19.51
CA SER B 720 16.40 -3.10 -19.44
C SER B 720 15.53 -3.91 -20.42
N THR B 721 16.17 -4.62 -21.36
CA THR B 721 15.45 -5.51 -22.29
C THR B 721 14.84 -6.72 -21.57
N GLU B 722 15.53 -7.23 -20.55
CA GLU B 722 15.09 -8.37 -19.75
C GLU B 722 13.86 -8.04 -18.90
N CYS B 723 13.84 -6.88 -18.25
CA CYS B 723 12.65 -6.41 -17.54
C CYS B 723 11.47 -6.20 -18.50
N SER B 724 11.69 -5.60 -19.68
CA SER B 724 10.65 -5.42 -20.68
C SER B 724 9.99 -6.73 -21.14
N ASN B 725 10.77 -7.77 -21.41
CA ASN B 725 10.24 -9.09 -21.76
C ASN B 725 9.42 -9.73 -20.64
N LEU B 726 9.74 -9.46 -19.37
CA LEU B 726 8.91 -9.86 -18.24
C LEU B 726 7.68 -8.96 -18.11
N LEU B 727 7.79 -7.66 -18.34
CA LEU B 727 6.67 -6.72 -18.27
C LEU B 727 5.56 -7.10 -19.25
N LEU B 728 5.89 -7.50 -20.47
CA LEU B 728 4.92 -7.97 -21.46
C LEU B 728 4.13 -9.22 -21.04
N GLN B 729 4.51 -9.92 -19.97
CA GLN B 729 3.68 -11.01 -19.40
C GLN B 729 2.45 -10.50 -18.64
N TYR B 730 2.43 -9.24 -18.21
CA TYR B 730 1.29 -8.58 -17.58
C TYR B 730 0.30 -7.97 -18.60
N GLY B 731 0.57 -8.11 -19.90
CA GLY B 731 -0.29 -7.63 -20.98
C GLY B 731 -0.52 -6.12 -20.94
N SER B 732 -1.79 -5.73 -21.04
CA SER B 732 -2.20 -4.36 -21.34
C SER B 732 -2.00 -3.33 -20.22
N PHE B 733 -1.57 -3.72 -19.02
CA PHE B 733 -1.39 -2.77 -17.90
C PHE B 733 -0.39 -1.67 -18.22
N CYS B 734 0.62 -1.91 -19.04
CA CYS B 734 1.53 -0.86 -19.44
C CYS B 734 0.80 0.19 -20.30
N THR B 735 0.24 -0.20 -21.45
CA THR B 735 -0.40 0.74 -22.38
C THR B 735 -1.68 1.36 -21.84
N GLN B 736 -2.50 0.64 -21.08
CA GLN B 736 -3.68 1.19 -20.41
C GLN B 736 -3.34 2.33 -19.44
N LEU B 737 -2.14 2.35 -18.84
CA LEU B 737 -1.68 3.48 -18.01
C LEU B 737 -1.18 4.63 -18.88
N ASN B 738 -0.53 4.38 -20.02
CA ASN B 738 -0.23 5.42 -21.00
C ASN B 738 -1.51 6.10 -21.52
N ARG B 739 -2.58 5.34 -21.79
CA ARG B 739 -3.85 5.86 -22.31
C ARG B 739 -4.60 6.69 -21.28
N ALA B 740 -4.68 6.23 -20.04
CA ALA B 740 -5.29 6.99 -18.96
C ALA B 740 -4.60 8.34 -18.78
N LEU B 741 -3.27 8.36 -18.68
CA LEU B 741 -2.51 9.61 -18.56
C LEU B 741 -2.60 10.49 -19.81
N THR B 742 -2.74 9.91 -21.00
CA THR B 742 -2.97 10.72 -22.22
C THR B 742 -4.36 11.33 -22.20
N GLY B 743 -5.40 10.59 -21.85
CA GLY B 743 -6.78 11.09 -21.71
C GLY B 743 -6.88 12.24 -20.71
N ILE B 744 -6.26 12.13 -19.54
CA ILE B 744 -6.15 13.24 -18.58
C ILE B 744 -5.48 14.43 -19.24
N ALA B 745 -4.34 14.23 -19.90
CA ALA B 745 -3.54 15.33 -20.41
C ALA B 745 -4.23 16.07 -21.55
N VAL B 746 -4.88 15.36 -22.48
CA VAL B 746 -5.65 15.99 -23.56
C VAL B 746 -6.83 16.77 -22.99
N GLU B 747 -7.51 16.24 -21.98
CA GLU B 747 -8.62 16.94 -21.31
C GLU B 747 -8.20 18.29 -20.74
N GLN B 748 -6.96 18.51 -20.32
CA GLN B 748 -6.55 19.83 -19.79
C GLN B 748 -6.54 20.91 -20.87
N ASP B 749 -6.36 20.56 -22.14
CA ASP B 749 -6.55 21.49 -23.25
C ASP B 749 -8.04 21.74 -23.52
N LYS B 750 -8.93 20.74 -23.41
CA LYS B 750 -10.38 20.98 -23.42
C LYS B 750 -10.76 21.94 -22.30
N ASN B 751 -10.32 21.72 -21.07
CA ASN B 751 -10.62 22.62 -19.95
C ASN B 751 -10.17 24.05 -20.22
N THR B 752 -8.93 24.25 -20.62
CA THR B 752 -8.41 25.59 -20.84
C THR B 752 -9.07 26.26 -22.04
N GLN B 753 -9.47 25.49 -23.05
CA GLN B 753 -10.23 26.00 -24.17
C GLN B 753 -11.62 26.45 -23.75
N GLU B 754 -12.44 25.57 -23.16
CA GLU B 754 -13.82 25.92 -22.90
C GLU B 754 -13.98 27.02 -21.85
N VAL B 755 -13.02 27.17 -20.95
CA VAL B 755 -12.98 28.30 -20.02
C VAL B 755 -12.65 29.62 -20.72
N PHE B 756 -11.59 29.73 -21.51
CA PHE B 756 -11.16 31.01 -22.07
C PHE B 756 -11.71 31.31 -23.45
N ALA B 757 -11.76 30.34 -24.36
CA ALA B 757 -12.16 30.50 -25.76
C ALA B 757 -13.68 30.55 -25.94
N GLN B 758 -14.37 31.42 -25.20
CA GLN B 758 -15.82 31.61 -25.26
C GLN B 758 -16.26 32.67 -26.28
N VAL B 759 -15.31 33.34 -26.94
CA VAL B 759 -15.54 34.52 -27.78
C VAL B 759 -15.10 34.26 -29.21
N LYS B 760 -15.92 34.61 -30.20
CA LYS B 760 -15.65 34.25 -31.60
C LYS B 760 -14.54 35.07 -32.27
N GLN B 761 -14.22 36.26 -31.76
CA GLN B 761 -13.28 37.20 -32.35
C GLN B 761 -12.47 37.92 -31.27
N ILE B 762 -11.26 38.33 -31.60
CA ILE B 762 -10.40 39.07 -30.68
C ILE B 762 -10.81 40.53 -30.76
N TYR B 763 -11.86 40.90 -30.05
CA TYR B 763 -12.14 42.30 -29.79
C TYR B 763 -10.93 42.95 -29.08
N LYS B 764 -10.68 44.24 -29.29
CA LYS B 764 -9.75 45.06 -28.49
C LYS B 764 -10.33 46.46 -28.29
N THR B 765 -9.84 47.21 -27.31
CA THR B 765 -10.32 48.57 -27.06
C THR B 765 -9.76 49.57 -28.07
N PRO B 766 -10.54 50.60 -28.46
CA PRO B 766 -10.03 51.75 -29.21
C PRO B 766 -8.98 52.54 -28.41
N PRO B 767 -8.27 53.51 -29.02
CA PRO B 767 -7.18 54.24 -28.37
C PRO B 767 -7.59 55.03 -27.11
N ILE B 768 -8.55 55.94 -27.21
CA ILE B 768 -8.94 56.81 -26.10
C ILE B 768 -9.91 56.12 -25.13
N LYS B 769 -9.49 55.99 -23.86
CA LYS B 769 -10.19 55.21 -22.84
C LYS B 769 -11.28 56.02 -22.11
N ASP B 770 -12.19 56.62 -22.85
CA ASP B 770 -13.32 57.38 -22.32
C ASP B 770 -14.45 56.49 -21.82
N PHE B 771 -14.18 55.64 -20.82
CA PHE B 771 -15.15 54.70 -20.25
C PHE B 771 -15.95 55.31 -19.10
N GLY B 772 -16.70 56.39 -19.34
CA GLY B 772 -17.60 56.96 -18.33
C GLY B 772 -16.90 57.47 -17.06
N GLY B 773 -15.58 57.61 -17.08
CA GLY B 773 -14.76 57.97 -15.93
C GLY B 773 -14.19 56.78 -15.14
N PHE B 774 -14.61 55.54 -15.43
CA PHE B 774 -14.08 54.35 -14.79
C PHE B 774 -12.66 54.09 -15.31
N ASN B 775 -11.68 53.89 -14.45
CA ASN B 775 -10.26 53.75 -14.83
C ASN B 775 -9.91 52.26 -14.97
N PHE B 776 -10.19 51.65 -16.12
CA PHE B 776 -9.88 50.24 -16.38
C PHE B 776 -8.41 49.92 -16.68
N SER B 777 -7.49 50.87 -16.56
CA SER B 777 -6.08 50.72 -16.97
C SER B 777 -5.34 49.55 -16.32
N GLN B 778 -5.75 49.13 -15.12
CA GLN B 778 -5.07 48.10 -14.33
C GLN B 778 -5.47 46.68 -14.68
N ILE B 779 -6.52 46.49 -15.48
CA ILE B 779 -7.04 45.18 -15.87
C ILE B 779 -7.07 44.99 -17.39
N LEU B 780 -7.09 46.07 -18.17
CA LEU B 780 -6.76 46.06 -19.58
C LEU B 780 -5.27 45.72 -19.81
N PRO B 781 -4.85 45.30 -21.01
CA PRO B 781 -3.45 44.97 -21.26
C PRO B 781 -2.48 46.12 -21.02
N ASP B 782 -1.24 45.81 -20.70
CA ASP B 782 -0.13 46.76 -20.68
C ASP B 782 0.70 46.58 -21.96
N PRO B 783 0.66 47.52 -22.91
CA PRO B 783 1.37 47.37 -24.18
C PRO B 783 2.89 47.53 -24.06
N SER B 784 3.43 47.91 -22.90
CA SER B 784 4.87 48.12 -22.72
C SER B 784 5.70 46.82 -22.60
N LYS B 785 5.06 45.65 -22.45
CA LYS B 785 5.74 44.37 -22.13
C LYS B 785 5.69 43.37 -23.28
N SER B 787 5.02 39.06 -22.32
CA SER B 787 3.59 39.11 -22.65
C SER B 787 2.94 40.42 -22.20
N LYS B 788 1.97 40.95 -22.96
CA LYS B 788 1.33 42.25 -22.71
C LYS B 788 0.30 42.29 -21.55
N ARG B 789 0.42 41.40 -20.57
CA ARG B 789 -0.55 41.16 -19.49
C ARG B 789 -0.91 42.43 -18.73
N SER B 790 -2.11 42.50 -18.17
CA SER B 790 -2.53 43.64 -17.36
C SER B 790 -1.72 43.77 -16.06
N PHE B 791 -1.85 44.89 -15.33
CA PHE B 791 -1.18 45.01 -14.04
C PHE B 791 -1.61 43.89 -13.08
N ILE B 792 -2.91 43.61 -12.96
CA ILE B 792 -3.40 42.52 -12.11
C ILE B 792 -2.93 41.15 -12.63
N GLU B 793 -3.00 40.85 -13.93
CA GLU B 793 -2.48 39.58 -14.43
C GLU B 793 -0.98 39.39 -14.14
N ASP B 794 -0.17 40.44 -14.11
CA ASP B 794 1.22 40.31 -13.70
C ASP B 794 1.35 39.84 -12.25
N LEU B 795 0.59 40.42 -11.32
CA LEU B 795 0.62 39.93 -9.93
C LEU B 795 0.23 38.45 -9.87
N LEU B 796 -0.76 38.04 -10.65
CA LEU B 796 -1.24 36.67 -10.64
C LEU B 796 -0.17 35.69 -11.14
N PHE B 797 0.61 36.02 -12.16
CA PHE B 797 1.72 35.15 -12.59
C PHE B 797 2.92 35.25 -11.64
N ASN B 798 3.13 36.35 -10.94
CA ASN B 798 4.21 36.45 -9.96
C ASN B 798 3.93 35.66 -8.66
N LYS B 799 2.68 35.58 -8.20
CA LYS B 799 2.34 35.04 -6.87
C LYS B 799 2.26 33.52 -6.76
N VAL B 800 2.05 32.80 -7.85
CA VAL B 800 2.12 31.32 -7.82
C VAL B 800 3.57 30.86 -7.87
N THR B 801 3.93 29.94 -6.97
CA THR B 801 5.30 29.44 -6.81
C THR B 801 5.59 28.23 -7.71
N LYS B 828 12.84 13.05 -11.83
CA LYS B 828 12.42 14.14 -12.72
C LYS B 828 12.49 13.77 -14.20
N PHE B 829 13.33 12.79 -14.54
CA PHE B 829 13.61 12.31 -15.91
C PHE B 829 13.46 10.79 -16.09
N ASN B 830 12.96 10.09 -15.07
CA ASN B 830 12.84 8.62 -15.01
C ASN B 830 11.63 8.06 -15.79
N GLY B 831 11.49 8.41 -17.07
CA GLY B 831 10.26 8.13 -17.86
C GLY B 831 9.13 9.15 -17.66
N LEU B 832 9.25 10.04 -16.67
CA LEU B 832 8.40 11.22 -16.46
C LEU B 832 8.67 12.25 -17.56
N THR B 833 7.62 12.88 -18.11
CA THR B 833 7.69 13.97 -19.10
C THR B 833 6.55 14.96 -18.90
N VAL B 834 6.72 16.23 -19.27
CA VAL B 834 5.68 17.25 -19.15
C VAL B 834 5.40 17.85 -20.51
N LEU B 835 4.21 17.62 -21.04
CA LEU B 835 3.77 18.19 -22.31
C LEU B 835 3.39 19.66 -22.13
N PRO B 836 3.58 20.52 -23.13
CA PRO B 836 3.14 21.91 -23.04
C PRO B 836 1.60 22.01 -23.15
N PRO B 837 0.97 23.05 -22.58
CA PRO B 837 -0.42 23.37 -22.84
C PRO B 837 -0.59 23.80 -24.30
N LEU B 838 -1.79 23.65 -24.87
CA LEU B 838 -2.02 24.09 -26.25
C LEU B 838 -1.94 25.61 -26.36
N LEU B 839 -2.72 26.34 -25.56
CA LEU B 839 -2.68 27.80 -25.52
C LEU B 839 -1.53 28.26 -24.63
N THR B 840 -0.55 29.00 -25.16
CA THR B 840 0.52 29.58 -24.33
C THR B 840 -0.04 30.64 -23.39
N ASP B 841 0.65 30.99 -22.32
CA ASP B 841 0.13 32.02 -21.41
C ASP B 841 -0.01 33.40 -22.07
N GLU B 842 0.74 33.71 -23.13
CA GLU B 842 0.47 34.90 -23.96
C GLU B 842 -0.86 34.78 -24.71
N MET B 843 -1.14 33.66 -25.36
CA MET B 843 -2.42 33.45 -26.02
C MET B 843 -3.59 33.43 -25.02
N ILE B 844 -3.41 32.96 -23.80
CA ILE B 844 -4.41 33.12 -22.75
C ILE B 844 -4.61 34.60 -22.43
N ALA B 845 -3.56 35.43 -22.38
CA ALA B 845 -3.73 36.86 -22.18
C ALA B 845 -4.45 37.54 -23.35
N GLN B 846 -4.30 37.05 -24.58
CA GLN B 846 -5.08 37.56 -25.70
C GLN B 846 -6.57 37.20 -25.62
N TYR B 847 -6.93 36.03 -25.09
CA TYR B 847 -8.33 35.75 -24.81
C TYR B 847 -8.86 36.61 -23.67
N THR B 848 -8.19 36.73 -22.52
CA THR B 848 -8.70 37.61 -21.47
C THR B 848 -8.81 39.05 -21.96
N SER B 849 -7.85 39.56 -22.73
CA SER B 849 -7.96 40.88 -23.36
C SER B 849 -9.22 41.03 -24.22
N ALA B 850 -9.53 40.06 -25.07
CA ALA B 850 -10.75 40.10 -25.85
C ALA B 850 -12.01 40.06 -24.99
N LEU B 851 -12.03 39.30 -23.91
CA LEU B 851 -13.19 39.25 -23.00
C LEU B 851 -13.36 40.56 -22.24
N LEU B 852 -12.27 41.22 -21.85
CA LEU B 852 -12.28 42.57 -21.30
C LEU B 852 -12.85 43.56 -22.31
N ALA B 853 -12.30 43.62 -23.52
CA ALA B 853 -12.76 44.55 -24.54
C ALA B 853 -14.22 44.31 -24.94
N GLY B 854 -14.67 43.07 -25.03
CA GLY B 854 -16.09 42.78 -25.21
C GLY B 854 -16.92 43.36 -24.07
N THR B 855 -16.54 43.06 -22.83
CA THR B 855 -17.32 43.46 -21.64
C THR B 855 -17.32 44.97 -21.44
N ILE B 856 -16.22 45.67 -21.72
CA ILE B 856 -16.12 47.12 -21.54
C ILE B 856 -16.82 47.88 -22.67
N THR B 857 -16.65 47.48 -23.92
CA THR B 857 -17.15 48.28 -25.05
C THR B 857 -18.58 47.94 -25.44
N SER B 858 -19.09 46.77 -25.09
CA SER B 858 -20.34 46.24 -25.68
C SER B 858 -21.22 45.45 -24.72
N GLY B 859 -21.02 45.59 -23.42
CA GLY B 859 -21.89 45.02 -22.41
C GLY B 859 -22.00 43.51 -22.45
N TRP B 860 -23.21 43.02 -22.29
CA TRP B 860 -23.55 41.61 -22.49
C TRP B 860 -23.73 41.22 -23.97
N THR B 861 -23.76 42.17 -24.89
CA THR B 861 -24.22 41.89 -26.27
C THR B 861 -23.30 40.91 -26.98
N PHE B 862 -21.99 41.01 -26.78
CA PHE B 862 -21.00 40.13 -27.41
C PHE B 862 -21.07 38.67 -26.99
N GLY B 863 -21.81 38.34 -25.92
CA GLY B 863 -22.14 36.95 -25.59
C GLY B 863 -23.28 36.39 -26.45
N ALA B 864 -24.16 37.25 -26.96
CA ALA B 864 -25.34 36.91 -27.75
C ALA B 864 -25.14 37.00 -29.26
N GLY B 865 -23.94 37.26 -29.73
CA GLY B 865 -23.63 37.51 -31.14
C GLY B 865 -22.68 38.70 -31.30
N ALA B 866 -23.05 39.64 -32.16
CA ALA B 866 -22.22 40.79 -32.48
C ALA B 866 -22.01 41.72 -31.29
N ALA B 867 -20.83 42.32 -31.19
CA ALA B 867 -20.54 43.37 -30.21
C ALA B 867 -21.23 44.68 -30.63
N LEU B 868 -22.43 44.94 -30.14
CA LEU B 868 -23.10 46.22 -30.33
C LEU B 868 -22.45 47.23 -29.40
N GLN B 869 -21.75 48.25 -29.88
CA GLN B 869 -21.14 49.20 -28.95
C GLN B 869 -22.21 49.96 -28.19
N ILE B 870 -21.90 50.38 -26.98
CA ILE B 870 -22.72 51.26 -26.14
C ILE B 870 -21.79 52.04 -25.21
N PRO B 871 -22.03 53.32 -24.89
CA PRO B 871 -21.13 54.07 -24.02
C PRO B 871 -21.12 53.46 -22.63
N PHE B 872 -19.99 53.47 -21.93
CA PHE B 872 -19.89 52.67 -20.71
C PHE B 872 -20.77 53.18 -19.57
N ALA B 873 -20.94 54.50 -19.44
CA ALA B 873 -21.87 55.08 -18.49
C ALA B 873 -23.30 54.56 -18.70
N MET B 874 -23.73 54.39 -19.95
CA MET B 874 -25.04 53.81 -20.23
C MET B 874 -25.07 52.31 -20.02
N GLN B 875 -24.01 51.57 -20.36
CA GLN B 875 -23.96 50.15 -20.05
C GLN B 875 -24.20 49.93 -18.58
N MET B 876 -23.49 50.65 -17.71
CA MET B 876 -23.69 50.58 -16.28
C MET B 876 -25.07 51.03 -15.84
N ALA B 877 -25.76 51.92 -16.55
CA ALA B 877 -27.15 52.20 -16.24
C ALA B 877 -28.05 51.01 -16.55
N TYR B 878 -27.77 50.19 -17.57
CA TYR B 878 -28.50 48.96 -17.80
C TYR B 878 -28.09 47.84 -16.84
N ARG B 879 -26.82 47.75 -16.42
CA ARG B 879 -26.40 46.87 -15.31
C ARG B 879 -27.15 47.23 -14.03
N PHE B 880 -27.22 48.51 -13.66
CA PHE B 880 -28.03 48.98 -12.52
C PHE B 880 -29.50 48.63 -12.71
N ASN B 881 -30.07 48.88 -13.88
CA ASN B 881 -31.50 48.69 -14.06
C ASN B 881 -31.87 47.21 -13.91
N GLY B 882 -30.99 46.29 -14.29
CA GLY B 882 -31.18 44.86 -14.13
C GLY B 882 -31.27 44.36 -12.69
N ILE B 883 -30.88 45.17 -11.71
CA ILE B 883 -30.96 44.87 -10.26
C ILE B 883 -31.92 45.80 -9.52
N GLY B 884 -32.86 46.45 -10.21
CA GLY B 884 -33.94 47.17 -9.54
C GLY B 884 -33.54 48.51 -8.94
N VAL B 885 -32.42 49.07 -9.35
CA VAL B 885 -32.01 50.44 -9.02
C VAL B 885 -32.14 51.27 -10.29
N THR B 886 -32.99 52.30 -10.30
CA THR B 886 -33.40 52.98 -11.53
C THR B 886 -32.25 53.76 -12.14
N GLN B 887 -32.26 53.97 -13.45
CA GLN B 887 -31.09 54.48 -14.17
C GLN B 887 -30.58 55.83 -13.65
N ASN B 888 -31.48 56.70 -13.19
CA ASN B 888 -31.08 57.98 -12.64
C ASN B 888 -30.18 57.84 -11.40
N VAL B 889 -30.31 56.77 -10.63
CA VAL B 889 -29.46 56.55 -9.46
C VAL B 889 -28.03 56.23 -9.86
N LEU B 890 -27.74 55.72 -11.06
CA LEU B 890 -26.38 55.79 -11.60
C LEU B 890 -26.07 57.20 -12.07
N TYR B 891 -26.89 57.76 -12.94
CA TYR B 891 -26.53 58.99 -13.64
C TYR B 891 -26.36 60.22 -12.74
N GLU B 892 -27.10 60.33 -11.65
CA GLU B 892 -26.93 61.38 -10.65
C GLU B 892 -25.68 61.20 -9.80
N ASN B 893 -25.06 60.03 -9.81
CA ASN B 893 -23.97 59.63 -8.91
C ASN B 893 -22.76 59.05 -9.65
N GLN B 894 -22.62 59.27 -10.96
CA GLN B 894 -21.61 58.62 -11.80
C GLN B 894 -20.18 58.98 -11.38
N LYS B 895 -19.93 60.19 -10.87
CA LYS B 895 -18.62 60.58 -10.31
C LYS B 895 -18.27 59.80 -9.04
N LEU B 896 -19.21 59.66 -8.11
CA LEU B 896 -19.07 58.81 -6.92
C LEU B 896 -18.81 57.36 -7.30
N ILE B 897 -19.54 56.82 -8.27
CA ILE B 897 -19.44 55.42 -8.70
C ILE B 897 -18.13 55.14 -9.42
N ALA B 898 -17.63 56.04 -10.26
CA ALA B 898 -16.28 55.93 -10.80
C ALA B 898 -15.22 55.90 -9.69
N ASN B 899 -15.29 56.79 -8.71
CA ASN B 899 -14.33 56.82 -7.61
C ASN B 899 -14.40 55.56 -6.74
N GLN B 900 -15.58 55.09 -6.36
CA GLN B 900 -15.75 53.82 -5.63
C GLN B 900 -15.14 52.65 -6.40
N PHE B 901 -15.44 52.53 -7.69
CA PHE B 901 -14.88 51.46 -8.52
C PHE B 901 -13.37 51.54 -8.59
N ASN B 902 -12.80 52.70 -8.92
CA ASN B 902 -11.35 52.87 -9.01
C ASN B 902 -10.66 52.50 -7.69
N SER B 903 -11.21 52.96 -6.57
CA SER B 903 -10.71 52.58 -5.25
C SER B 903 -10.68 51.06 -5.09
N ALA B 904 -11.77 50.38 -5.41
CA ALA B 904 -11.86 48.93 -5.26
C ALA B 904 -10.88 48.16 -6.17
N ILE B 905 -10.59 48.64 -7.37
CA ILE B 905 -9.58 48.02 -8.23
C ILE B 905 -8.20 48.19 -7.59
N GLY B 906 -7.83 49.37 -7.09
CA GLY B 906 -6.57 49.54 -6.38
C GLY B 906 -6.42 48.58 -5.19
N LYS B 907 -7.49 48.41 -4.41
CA LYS B 907 -7.51 47.47 -3.30
C LYS B 907 -7.24 46.03 -3.72
N ILE B 908 -7.63 45.60 -4.93
CA ILE B 908 -7.31 44.25 -5.38
C ILE B 908 -5.83 44.12 -5.70
N GLN B 909 -5.20 45.13 -6.30
CA GLN B 909 -3.76 45.08 -6.54
C GLN B 909 -3.00 44.98 -5.21
N ASP B 910 -3.36 45.76 -4.22
CA ASP B 910 -2.77 45.66 -2.88
C ASP B 910 -3.03 44.29 -2.25
N SER B 911 -4.25 43.77 -2.32
CA SER B 911 -4.64 42.48 -1.75
C SER B 911 -3.92 41.30 -2.41
N LEU B 912 -3.72 41.31 -3.72
CA LEU B 912 -2.88 40.31 -4.41
C LEU B 912 -1.39 40.54 -4.13
N SER B 913 -0.91 41.78 -4.00
CA SER B 913 0.50 42.10 -3.81
C SER B 913 1.01 41.72 -2.42
N SER B 914 0.22 41.95 -1.37
CA SER B 914 0.68 41.81 0.01
C SER B 914 0.78 40.35 0.46
N THR B 915 -0.18 39.49 0.10
CA THR B 915 -0.21 38.08 0.49
C THR B 915 -0.62 37.16 -0.66
N ALA B 916 0.11 36.07 -0.86
CA ALA B 916 -0.23 35.02 -1.83
C ALA B 916 -1.43 34.15 -1.41
N SER B 917 -1.89 34.26 -0.16
CA SER B 917 -2.90 33.36 0.44
C SER B 917 -4.20 33.25 -0.37
N ALA B 918 -4.60 34.28 -1.11
CA ALA B 918 -5.74 34.22 -2.02
C ALA B 918 -5.56 33.16 -3.13
N LEU B 919 -4.38 33.09 -3.76
CA LEU B 919 -4.04 32.11 -4.81
C LEU B 919 -3.81 30.69 -4.24
N GLY B 920 -4.09 30.48 -2.96
CA GLY B 920 -4.01 29.19 -2.28
C GLY B 920 -4.86 28.10 -2.94
N LYS B 921 -5.93 28.44 -3.65
CA LYS B 921 -6.74 27.46 -4.39
C LYS B 921 -6.06 26.95 -5.65
N LEU B 922 -5.23 27.77 -6.30
CA LEU B 922 -4.34 27.33 -7.39
C LEU B 922 -3.14 26.60 -6.80
N GLN B 923 -2.47 27.19 -5.82
CA GLN B 923 -1.26 26.64 -5.21
C GLN B 923 -1.47 25.23 -4.62
N ASP B 924 -2.62 24.93 -4.03
CA ASP B 924 -2.97 23.58 -3.56
C ASP B 924 -2.99 22.58 -4.73
N VAL B 925 -3.53 22.95 -5.87
CA VAL B 925 -3.56 22.11 -7.07
C VAL B 925 -2.14 21.86 -7.60
N VAL B 926 -1.27 22.87 -7.57
CA VAL B 926 0.14 22.69 -7.94
C VAL B 926 0.86 21.79 -6.93
N ASN B 927 0.68 22.04 -5.63
CA ASN B 927 1.34 21.29 -4.57
C ASN B 927 0.92 19.81 -4.55
N GLN B 928 -0.37 19.50 -4.72
CA GLN B 928 -0.81 18.11 -4.87
C GLN B 928 -0.19 17.42 -6.09
N ASN B 929 -0.17 18.08 -7.25
CA ASN B 929 0.43 17.48 -8.43
C ASN B 929 1.93 17.23 -8.24
N ALA B 930 2.65 18.10 -7.53
CA ALA B 930 4.04 17.86 -7.14
C ALA B 930 4.21 16.73 -6.12
N GLN B 931 3.42 16.68 -5.05
CA GLN B 931 3.49 15.63 -4.01
C GLN B 931 3.12 14.23 -4.55
N ALA B 932 2.27 14.14 -5.55
CA ALA B 932 1.99 12.91 -6.27
C ALA B 932 3.18 12.44 -7.12
N LEU B 933 3.81 13.32 -7.88
CA LEU B 933 4.96 12.98 -8.73
C LEU B 933 6.22 12.69 -7.93
N ASN B 934 6.53 13.43 -6.87
CA ASN B 934 7.62 13.07 -5.97
C ASN B 934 7.41 11.69 -5.36
N THR B 935 6.20 11.35 -4.91
CA THR B 935 5.91 10.02 -4.35
C THR B 935 6.06 8.92 -5.41
N LEU B 936 5.63 9.17 -6.65
CA LEU B 936 5.86 8.25 -7.75
C LEU B 936 7.36 8.03 -8.00
N VAL B 937 8.18 9.08 -7.91
CA VAL B 937 9.63 9.00 -8.13
C VAL B 937 10.35 8.31 -6.99
N LYS B 938 10.09 8.69 -5.74
CA LYS B 938 10.71 8.10 -4.55
C LYS B 938 10.46 6.59 -4.49
N GLN B 939 9.28 6.14 -4.88
CA GLN B 939 8.96 4.71 -4.93
C GLN B 939 9.78 3.91 -5.96
N LEU B 940 10.56 4.50 -6.87
CA LEU B 940 11.53 3.71 -7.65
C LEU B 940 12.64 3.14 -6.78
N SER B 941 13.02 3.84 -5.72
CA SER B 941 14.11 3.45 -4.80
C SER B 941 13.69 2.38 -3.79
N SER B 942 12.39 2.08 -3.64
CA SER B 942 11.88 1.08 -2.71
C SER B 942 12.14 -0.34 -3.22
N ASN B 943 12.38 -1.31 -2.33
CA ASN B 943 12.81 -2.65 -2.69
C ASN B 943 11.70 -3.65 -2.97
N PHE B 944 10.50 -3.50 -2.40
CA PHE B 944 9.35 -4.40 -2.64
C PHE B 944 9.64 -5.90 -2.39
N GLY B 945 10.59 -6.23 -1.53
CA GLY B 945 11.05 -7.61 -1.26
C GLY B 945 12.16 -8.11 -2.18
N ALA B 946 12.54 -7.34 -3.20
CA ALA B 946 13.73 -7.62 -4.00
C ALA B 946 15.03 -7.29 -3.25
N ILE B 947 16.15 -7.82 -3.70
CA ILE B 947 17.46 -7.62 -3.05
C ILE B 947 18.01 -6.21 -3.14
N SER B 948 17.74 -5.46 -4.22
CA SER B 948 18.11 -4.05 -4.34
C SER B 948 17.36 -3.35 -5.46
N SER B 949 16.78 -2.19 -5.18
CA SER B 949 15.98 -1.41 -6.11
C SER B 949 16.74 -0.86 -7.32
N VAL B 950 18.08 -0.84 -7.31
CA VAL B 950 18.86 -0.53 -8.52
C VAL B 950 18.79 -1.75 -9.45
N LEU B 951 17.87 -1.73 -10.40
CA LEU B 951 17.56 -2.84 -11.31
C LEU B 951 18.77 -3.29 -12.14
N ASN B 952 19.70 -2.39 -12.47
CA ASN B 952 20.94 -2.75 -13.16
C ASN B 952 21.92 -3.51 -12.24
N ASP B 953 21.84 -3.35 -10.92
CA ASP B 953 22.60 -4.18 -9.99
C ASP B 953 22.07 -5.61 -9.98
N ILE B 954 20.75 -5.83 -9.86
CA ILE B 954 20.19 -7.19 -10.00
C ILE B 954 20.66 -7.83 -11.31
N LEU B 955 20.52 -7.14 -12.43
CA LEU B 955 20.86 -7.68 -13.75
C LEU B 955 22.34 -8.01 -13.89
N SER B 956 23.22 -7.16 -13.37
CA SER B 956 24.66 -7.40 -13.44
C SER B 956 25.13 -8.48 -12.44
N ARG B 957 24.48 -8.63 -11.27
CA ARG B 957 24.90 -9.60 -10.23
C ARG B 957 24.32 -11.00 -10.38
N LEU B 958 23.11 -11.19 -10.90
CA LEU B 958 22.43 -12.50 -10.90
C LEU B 958 22.23 -13.06 -12.31
N ASP B 959 22.29 -14.38 -12.42
CA ASP B 959 21.96 -15.06 -13.68
C ASP B 959 20.46 -15.20 -13.88
N PRO B 960 19.99 -15.35 -15.13
CA PRO B 960 18.59 -15.17 -15.46
C PRO B 960 17.58 -15.98 -14.64
N PRO B 961 17.80 -17.26 -14.26
CA PRO B 961 16.81 -17.97 -13.44
C PRO B 961 16.55 -17.34 -12.08
N GLU B 962 17.54 -16.66 -11.51
CA GLU B 962 17.43 -15.98 -10.21
C GLU B 962 17.00 -14.53 -10.41
N ALA B 963 17.48 -13.87 -11.46
CA ALA B 963 17.06 -12.51 -11.80
C ALA B 963 15.58 -12.45 -12.17
N GLU B 964 15.01 -13.44 -12.87
CA GLU B 964 13.58 -13.48 -13.16
C GLU B 964 12.73 -13.43 -11.90
N VAL B 965 13.22 -13.89 -10.75
CA VAL B 965 12.52 -13.79 -9.46
C VAL B 965 12.72 -12.43 -8.80
N GLN B 966 13.91 -11.83 -8.90
CA GLN B 966 14.20 -10.53 -8.28
C GLN B 966 13.61 -9.36 -9.05
N ILE B 967 13.71 -9.34 -10.38
CA ILE B 967 13.11 -8.31 -11.23
C ILE B 967 11.59 -8.30 -11.04
N ASP B 968 10.96 -9.47 -11.04
CA ASP B 968 9.52 -9.61 -10.93
C ASP B 968 8.94 -9.01 -9.63
N ARG B 969 9.68 -9.03 -8.52
CA ARG B 969 9.33 -8.32 -7.28
C ARG B 969 9.39 -6.79 -7.45
N LEU B 970 10.39 -6.26 -8.16
CA LEU B 970 10.40 -4.83 -8.49
C LEU B 970 9.27 -4.47 -9.45
N ILE B 971 9.08 -5.19 -10.55
CA ILE B 971 7.96 -4.97 -11.48
C ILE B 971 6.64 -4.93 -10.71
N THR B 972 6.37 -5.95 -9.89
CA THR B 972 5.11 -6.02 -9.15
C THR B 972 4.91 -4.84 -8.20
N GLY B 973 5.97 -4.34 -7.56
CA GLY B 973 5.86 -3.14 -6.74
C GLY B 973 5.68 -1.88 -7.58
N ARG B 974 6.54 -1.68 -8.57
CA ARG B 974 6.56 -0.48 -9.42
C ARG B 974 5.29 -0.33 -10.24
N LEU B 975 4.68 -1.42 -10.67
CA LEU B 975 3.42 -1.36 -11.39
C LEU B 975 2.35 -0.80 -10.45
N GLN B 976 2.19 -1.33 -9.24
CA GLN B 976 1.27 -0.75 -8.26
C GLN B 976 1.62 0.70 -7.90
N SER B 977 2.89 1.09 -7.87
CA SER B 977 3.29 2.50 -7.69
C SER B 977 2.76 3.40 -8.81
N LEU B 978 2.84 2.96 -10.07
CA LEU B 978 2.35 3.71 -11.22
C LEU B 978 0.83 3.70 -11.27
N GLN B 979 0.19 2.55 -11.10
CA GLN B 979 -1.27 2.44 -11.13
C GLN B 979 -1.96 3.15 -9.96
N THR B 980 -1.29 3.30 -8.82
CA THR B 980 -1.76 4.16 -7.72
C THR B 980 -1.78 5.60 -8.16
N TYR B 981 -0.65 6.10 -8.68
CA TYR B 981 -0.55 7.48 -9.15
C TYR B 981 -1.55 7.79 -10.26
N VAL B 982 -1.72 6.91 -11.24
CA VAL B 982 -2.72 7.13 -12.30
C VAL B 982 -4.12 7.19 -11.71
N THR B 983 -4.47 6.34 -10.76
CA THR B 983 -5.80 6.40 -10.13
C THR B 983 -6.00 7.67 -9.33
N GLN B 984 -4.97 8.18 -8.62
CA GLN B 984 -5.02 9.50 -7.99
C GLN B 984 -5.20 10.59 -9.05
N GLN B 985 -4.44 10.59 -10.14
CA GLN B 985 -4.60 11.60 -11.18
C GLN B 985 -5.94 11.53 -11.90
N LEU B 986 -6.54 10.37 -12.17
CA LEU B 986 -7.89 10.31 -12.77
C LEU B 986 -8.95 10.92 -11.85
N ILE B 987 -8.79 10.82 -10.53
CA ILE B 987 -9.70 11.44 -9.55
C ILE B 987 -9.42 12.93 -9.43
N ARG B 988 -8.17 13.37 -9.33
CA ARG B 988 -7.77 14.78 -9.30
C ARG B 988 -8.12 15.50 -10.61
N ALA B 989 -8.00 14.86 -11.76
CA ALA B 989 -8.46 15.41 -13.03
C ALA B 989 -9.97 15.67 -13.01
N ALA B 990 -10.78 14.77 -12.45
CA ALA B 990 -12.22 14.98 -12.35
C ALA B 990 -12.60 16.12 -11.40
N GLU B 991 -11.87 16.29 -10.31
CA GLU B 991 -11.96 17.43 -9.40
C GLU B 991 -11.56 18.74 -10.06
N ILE B 992 -10.66 18.72 -11.04
CA ILE B 992 -10.33 19.87 -11.88
C ILE B 992 -11.37 20.08 -12.99
N ARG B 993 -11.91 19.06 -13.64
CA ARG B 993 -13.02 19.21 -14.60
C ARG B 993 -14.27 19.81 -13.97
N ALA B 994 -14.65 19.38 -12.78
CA ALA B 994 -15.70 20.02 -11.99
C ALA B 994 -15.44 21.53 -11.76
N SER B 995 -14.19 21.92 -11.57
CA SER B 995 -13.76 23.33 -11.44
C SER B 995 -13.61 24.09 -12.75
N ALA B 996 -13.12 23.47 -13.82
CA ALA B 996 -13.11 24.07 -15.14
C ALA B 996 -14.53 24.33 -15.62
N ASN B 997 -15.46 23.40 -15.46
CA ASN B 997 -16.84 23.63 -15.82
C ASN B 997 -17.47 24.78 -15.03
N LEU B 998 -17.17 24.92 -13.74
CA LEU B 998 -17.62 26.07 -12.96
C LEU B 998 -17.00 27.37 -13.45
N ALA B 999 -15.73 27.40 -13.83
CA ALA B 999 -15.08 28.59 -14.38
C ALA B 999 -15.60 28.92 -15.77
N ALA B 1000 -15.94 27.93 -16.59
CA ALA B 1000 -16.56 28.16 -17.88
C ALA B 1000 -17.96 28.71 -17.69
N THR B 1001 -18.73 28.22 -16.71
CA THR B 1001 -20.06 28.71 -16.40
C THR B 1001 -20.01 30.12 -15.86
N LYS B 1002 -19.15 30.43 -14.89
CA LYS B 1002 -19.02 31.79 -14.37
C LYS B 1002 -18.56 32.76 -15.43
N MET B 1003 -17.73 32.35 -16.37
CA MET B 1003 -17.42 33.25 -17.48
C MET B 1003 -18.62 33.50 -18.39
N SER B 1004 -19.35 32.45 -18.79
CA SER B 1004 -20.52 32.63 -19.65
C SER B 1004 -21.58 33.49 -19.01
N GLU B 1005 -21.85 33.33 -17.72
CA GLU B 1005 -22.93 34.05 -17.06
C GLU B 1005 -22.50 35.39 -16.49
N CYS B 1006 -21.33 35.48 -15.86
CA CYS B 1006 -20.93 36.66 -15.11
C CYS B 1006 -19.95 37.59 -15.81
N VAL B 1007 -19.25 37.17 -16.85
CA VAL B 1007 -18.47 38.08 -17.71
C VAL B 1007 -19.30 38.45 -18.92
N LEU B 1008 -19.70 37.46 -19.71
CA LEU B 1008 -20.51 37.62 -20.92
C LEU B 1008 -21.95 38.11 -20.67
N GLY B 1009 -22.38 38.25 -19.42
CA GLY B 1009 -23.76 38.56 -19.05
C GLY B 1009 -23.85 39.25 -17.71
N GLN B 1010 -25.05 39.32 -17.15
CA GLN B 1010 -25.30 39.75 -15.78
C GLN B 1010 -26.24 38.76 -15.13
N SER B 1011 -25.71 37.85 -14.32
CA SER B 1011 -26.55 36.84 -13.67
C SER B 1011 -27.41 37.45 -12.58
N LYS B 1012 -28.62 36.93 -12.40
CA LYS B 1012 -29.53 37.24 -11.28
C LYS B 1012 -29.57 36.12 -10.24
N ARG B 1013 -28.53 35.29 -10.19
CA ARG B 1013 -28.42 34.11 -9.30
C ARG B 1013 -27.70 34.51 -8.03
N VAL B 1014 -28.39 34.52 -6.90
CA VAL B 1014 -27.86 35.11 -5.66
C VAL B 1014 -26.58 34.41 -5.20
N ASP B 1015 -25.59 35.18 -4.78
CA ASP B 1015 -24.24 34.79 -4.36
C ASP B 1015 -23.41 34.01 -5.38
N PHE B 1016 -23.88 33.77 -6.60
CA PHE B 1016 -23.07 33.08 -7.61
C PHE B 1016 -21.83 33.86 -8.03
N CYS B 1017 -21.91 35.18 -8.07
CA CYS B 1017 -20.83 36.05 -8.54
C CYS B 1017 -20.60 37.19 -7.56
N GLY B 1018 -20.01 36.85 -6.41
CA GLY B 1018 -19.71 37.77 -5.31
C GLY B 1018 -20.91 38.01 -4.40
N LYS B 1019 -20.66 38.50 -3.19
CA LYS B 1019 -21.71 39.08 -2.37
C LYS B 1019 -22.19 40.42 -2.95
N GLY B 1020 -23.35 40.92 -2.55
CA GLY B 1020 -24.00 42.04 -3.23
C GLY B 1020 -24.65 41.63 -4.54
N TYR B 1021 -25.42 42.53 -5.13
CA TYR B 1021 -26.11 42.31 -6.39
C TYR B 1021 -25.13 42.45 -7.55
N HIS B 1022 -25.07 41.48 -8.44
CA HIS B 1022 -24.06 41.44 -9.49
C HIS B 1022 -24.27 42.54 -10.52
N LEU B 1023 -23.22 43.28 -10.87
CA LEU B 1023 -23.27 44.21 -11.99
C LEU B 1023 -22.57 43.64 -13.20
N MET B 1024 -21.31 43.22 -13.06
CA MET B 1024 -20.46 42.75 -14.16
C MET B 1024 -19.22 42.05 -13.59
N SER B 1025 -18.42 41.36 -14.39
CA SER B 1025 -17.12 40.91 -13.90
C SER B 1025 -16.09 40.89 -15.00
N PHE B 1026 -14.83 40.97 -14.61
CA PHE B 1026 -13.70 41.01 -15.52
C PHE B 1026 -12.76 39.82 -15.29
N PRO B 1027 -12.52 38.94 -16.26
CA PRO B 1027 -11.65 37.81 -16.07
C PRO B 1027 -10.21 38.22 -16.23
N GLN B 1028 -9.32 37.72 -15.41
CA GLN B 1028 -7.89 37.89 -15.47
C GLN B 1028 -7.29 36.49 -15.45
N SER B 1029 -6.30 36.22 -16.27
CA SER B 1029 -5.69 34.90 -16.28
C SER B 1029 -4.77 34.71 -15.09
N ALA B 1030 -4.59 33.46 -14.68
CA ALA B 1030 -3.61 33.07 -13.69
C ALA B 1030 -2.96 31.76 -14.14
N PRO B 1031 -1.72 31.45 -13.73
CA PRO B 1031 -1.09 30.21 -14.13
C PRO B 1031 -1.93 29.04 -13.65
N HIS B 1032 -2.41 28.25 -14.59
CA HIS B 1032 -3.29 27.10 -14.39
C HIS B 1032 -4.67 27.38 -13.79
N GLY B 1033 -5.13 28.63 -13.79
CA GLY B 1033 -6.45 29.02 -13.29
C GLY B 1033 -7.03 30.22 -14.00
N VAL B 1034 -8.11 30.77 -13.46
CA VAL B 1034 -8.68 32.04 -13.88
C VAL B 1034 -9.13 32.81 -12.66
N VAL B 1035 -9.12 34.13 -12.75
CA VAL B 1035 -9.50 35.01 -11.65
C VAL B 1035 -10.58 35.94 -12.12
N PHE B 1036 -11.70 36.03 -11.43
CA PHE B 1036 -12.80 36.91 -11.78
C PHE B 1036 -12.81 38.08 -10.83
N LEU B 1037 -12.84 39.27 -11.35
CA LEU B 1037 -13.10 40.47 -10.58
C LEU B 1037 -14.59 40.77 -10.63
N HIS B 1038 -15.38 40.17 -9.76
CA HIS B 1038 -16.82 40.37 -9.72
C HIS B 1038 -17.17 41.73 -9.11
N VAL B 1039 -17.81 42.61 -9.88
CA VAL B 1039 -18.22 43.94 -9.46
C VAL B 1039 -19.67 43.92 -9.03
N THR B 1040 -19.98 44.33 -7.81
CA THR B 1040 -21.32 44.18 -7.25
C THR B 1040 -21.77 45.41 -6.49
N TYR B 1041 -23.06 45.73 -6.58
CA TYR B 1041 -23.71 46.74 -5.77
C TYR B 1041 -24.01 46.13 -4.42
N VAL B 1042 -23.29 46.55 -3.38
CA VAL B 1042 -23.58 46.23 -1.98
C VAL B 1042 -24.32 47.43 -1.40
N PRO B 1043 -25.58 47.32 -0.95
CA PRO B 1043 -26.33 48.44 -0.41
C PRO B 1043 -25.69 49.01 0.86
N ALA B 1044 -25.93 50.26 1.20
CA ALA B 1044 -25.26 50.95 2.29
C ALA B 1044 -26.12 52.02 2.96
N GLN B 1045 -25.73 52.45 4.15
CA GLN B 1045 -26.35 53.53 4.94
C GLN B 1045 -27.88 53.41 5.05
N GLU B 1046 -28.36 52.26 5.46
CA GLU B 1046 -29.79 52.04 5.68
C GLU B 1046 -30.36 52.92 6.78
N LYS B 1047 -31.62 53.33 6.62
CA LYS B 1047 -32.40 54.09 7.60
C LYS B 1047 -33.83 53.54 7.66
N ASN B 1048 -34.48 53.65 8.81
CA ASN B 1048 -35.82 53.08 9.00
C ASN B 1048 -36.90 53.97 8.41
N PHE B 1049 -38.01 53.38 8.01
CA PHE B 1049 -39.22 54.10 7.67
C PHE B 1049 -40.44 53.28 8.08
N THR B 1050 -41.52 53.93 8.50
CA THR B 1050 -42.83 53.27 8.67
C THR B 1050 -43.33 52.87 7.28
N THR B 1051 -44.08 51.79 7.15
CA THR B 1051 -44.45 51.26 5.82
C THR B 1051 -45.81 50.60 5.78
N ALA B 1052 -46.39 50.45 4.61
CA ALA B 1052 -47.75 49.99 4.44
C ALA B 1052 -47.88 49.12 3.18
N PRO B 1053 -48.75 48.11 3.18
CA PRO B 1053 -49.01 47.33 1.99
C PRO B 1053 -49.78 48.14 0.95
N ALA B 1054 -50.66 49.01 1.40
CA ALA B 1054 -51.55 49.77 0.57
C ALA B 1054 -51.93 51.06 1.25
N ILE B 1055 -52.23 52.08 0.47
CA ILE B 1055 -52.76 53.35 0.94
C ILE B 1055 -54.19 53.51 0.41
N CYS B 1056 -55.05 54.08 1.22
CA CYS B 1056 -56.48 54.18 1.05
C CYS B 1056 -56.92 55.65 1.15
N HIS B 1057 -57.91 56.06 0.37
CA HIS B 1057 -58.48 57.41 0.48
C HIS B 1057 -59.98 57.46 0.18
N ASP B 1058 -60.38 57.64 -1.09
CA ASP B 1058 -61.78 57.82 -1.46
C ASP B 1058 -62.64 56.60 -1.09
N GLY B 1059 -62.08 55.41 -1.21
CA GLY B 1059 -62.66 54.12 -0.86
C GLY B 1059 -61.90 52.92 -1.42
N LYS B 1060 -60.98 53.13 -2.36
CA LYS B 1060 -60.17 52.08 -2.99
C LYS B 1060 -58.74 51.99 -2.45
N ALA B 1061 -58.14 50.81 -2.54
CA ALA B 1061 -56.76 50.55 -2.14
C ALA B 1061 -55.80 50.71 -3.32
N HIS B 1062 -54.73 51.46 -3.12
CA HIS B 1062 -53.66 51.66 -4.08
C HIS B 1062 -52.41 50.93 -3.66
N PHE B 1063 -51.77 50.22 -4.59
CA PHE B 1063 -50.54 49.45 -4.38
C PHE B 1063 -49.42 50.02 -5.26
N PRO B 1064 -48.15 49.99 -4.85
CA PRO B 1064 -47.08 50.59 -5.62
C PRO B 1064 -46.74 49.72 -6.82
N ARG B 1065 -46.45 50.32 -7.98
CA ARG B 1065 -46.04 49.57 -9.18
C ARG B 1065 -44.67 48.93 -9.06
N GLU B 1066 -43.66 49.67 -8.66
CA GLU B 1066 -42.26 49.22 -8.65
C GLU B 1066 -41.50 49.90 -7.51
N GLY B 1067 -41.93 49.66 -6.28
CA GLY B 1067 -41.47 50.39 -5.10
C GLY B 1067 -42.15 49.95 -3.82
N VAL B 1068 -42.05 50.76 -2.78
CA VAL B 1068 -42.56 50.53 -1.44
C VAL B 1068 -43.21 51.80 -0.95
N PHE B 1069 -44.38 51.74 -0.32
CA PHE B 1069 -44.86 52.91 0.41
C PHE B 1069 -44.04 53.08 1.67
N VAL B 1070 -43.63 54.30 2.00
CA VAL B 1070 -42.86 54.59 3.21
C VAL B 1070 -43.29 55.90 3.81
N SER B 1071 -43.04 56.10 5.09
CA SER B 1071 -43.31 57.36 5.77
C SER B 1071 -42.17 57.69 6.69
N ASN B 1072 -41.85 58.97 6.77
CA ASN B 1072 -40.87 59.48 7.71
C ASN B 1072 -41.52 60.07 8.98
N GLY B 1073 -42.84 59.98 9.11
CA GLY B 1073 -43.62 60.66 10.13
C GLY B 1073 -44.81 61.39 9.54
N THR B 1074 -44.71 62.70 9.41
CA THR B 1074 -45.83 63.61 9.07
C THR B 1074 -46.31 63.55 7.61
N HIS B 1075 -45.73 62.66 6.79
CA HIS B 1075 -45.90 62.58 5.33
C HIS B 1075 -45.84 61.13 4.85
N TRP B 1076 -46.30 60.87 3.64
CA TRP B 1076 -46.16 59.57 2.97
C TRP B 1076 -45.53 59.71 1.58
N PHE B 1077 -44.72 58.73 1.17
CA PHE B 1077 -44.02 58.68 -0.09
C PHE B 1077 -44.01 57.26 -0.64
N VAL B 1078 -43.68 57.08 -1.91
CA VAL B 1078 -43.33 55.77 -2.47
C VAL B 1078 -41.91 55.82 -3.01
N THR B 1079 -41.10 54.80 -2.77
CA THR B 1079 -39.71 54.75 -3.24
C THR B 1079 -39.40 53.45 -3.93
N GLN B 1080 -38.45 53.45 -4.86
CA GLN B 1080 -37.83 52.21 -5.34
C GLN B 1080 -37.28 51.42 -4.15
N ARG B 1081 -37.24 50.10 -4.22
CA ARG B 1081 -36.97 49.25 -3.04
C ARG B 1081 -35.50 48.98 -2.73
N ASN B 1082 -34.56 49.29 -3.62
CA ASN B 1082 -33.13 49.06 -3.43
C ASN B 1082 -32.30 50.34 -3.26
N PHE B 1083 -32.94 51.50 -3.10
CA PHE B 1083 -32.29 52.80 -2.83
C PHE B 1083 -33.35 53.81 -2.38
N TYR B 1084 -33.04 54.79 -1.55
CA TYR B 1084 -34.04 55.71 -1.05
C TYR B 1084 -34.29 56.86 -2.03
N GLU B 1085 -35.46 56.91 -2.64
CA GLU B 1085 -35.86 57.88 -3.65
C GLU B 1085 -37.35 58.21 -3.43
N PRO B 1086 -37.70 59.13 -2.52
CA PRO B 1086 -39.08 59.32 -2.10
C PRO B 1086 -39.89 60.11 -3.13
N GLN B 1087 -40.59 59.42 -4.02
CA GLN B 1087 -41.56 60.01 -4.95
C GLN B 1087 -42.88 60.32 -4.24
N ILE B 1088 -43.62 61.32 -4.69
CA ILE B 1088 -45.00 61.55 -4.23
C ILE B 1088 -45.85 60.35 -4.67
N ILE B 1089 -46.82 59.96 -3.84
CA ILE B 1089 -47.81 58.94 -4.20
C ILE B 1089 -48.83 59.54 -5.18
N THR B 1090 -48.64 59.33 -6.48
CA THR B 1090 -49.64 59.75 -7.47
C THR B 1090 -50.42 58.58 -8.05
N THR B 1091 -51.44 58.88 -8.84
CA THR B 1091 -52.18 57.89 -9.62
C THR B 1091 -51.31 57.20 -10.68
N ASP B 1092 -50.15 57.75 -11.02
CA ASP B 1092 -49.21 57.13 -11.96
C ASP B 1092 -48.44 55.98 -11.29
N ASN B 1093 -47.89 56.23 -10.10
CA ASN B 1093 -47.02 55.29 -9.40
C ASN B 1093 -47.75 54.07 -8.84
N THR B 1094 -49.08 54.09 -8.82
CA THR B 1094 -49.93 53.14 -8.10
C THR B 1094 -51.04 52.55 -8.94
N PHE B 1095 -51.33 51.28 -8.75
CA PHE B 1095 -52.44 50.60 -9.40
C PHE B 1095 -53.54 50.34 -8.38
N VAL B 1096 -54.79 50.60 -8.71
CA VAL B 1096 -55.91 50.25 -7.82
C VAL B 1096 -56.12 48.75 -7.87
N SER B 1097 -56.46 48.15 -6.73
CA SER B 1097 -57.25 46.92 -6.74
C SER B 1097 -58.20 46.85 -5.56
N GLY B 1098 -59.48 47.01 -5.83
CA GLY B 1098 -60.57 46.84 -4.88
C GLY B 1098 -60.68 47.89 -3.79
N ASN B 1099 -61.74 47.74 -2.99
CA ASN B 1099 -62.07 48.62 -1.87
C ASN B 1099 -61.12 48.40 -0.67
N CYS B 1100 -61.00 49.38 0.21
CA CYS B 1100 -60.07 49.32 1.33
C CYS B 1100 -60.31 48.20 2.36
N ASP B 1101 -61.42 47.45 2.32
CA ASP B 1101 -61.74 46.56 3.44
C ASP B 1101 -60.94 45.26 3.43
N VAL B 1102 -60.40 44.81 2.30
CA VAL B 1102 -59.82 43.45 2.21
C VAL B 1102 -58.44 43.36 2.85
N VAL B 1103 -57.59 44.37 2.65
CA VAL B 1103 -56.15 44.32 2.96
C VAL B 1103 -55.87 44.43 4.45
N ILE B 1104 -55.19 43.44 5.04
CA ILE B 1104 -54.67 43.51 6.41
C ILE B 1104 -53.53 44.54 6.49
N GLY B 1105 -53.64 45.56 7.34
CA GLY B 1105 -52.59 46.57 7.53
C GLY B 1105 -52.64 47.79 6.64
N ILE B 1106 -53.70 48.00 5.88
CA ILE B 1106 -53.90 49.19 5.04
C ILE B 1106 -53.90 50.49 5.86
N VAL B 1107 -53.53 51.62 5.26
CA VAL B 1107 -53.46 52.94 5.92
C VAL B 1107 -54.14 54.04 5.10
N ASN B 1108 -54.47 55.17 5.72
CA ASN B 1108 -55.09 56.31 5.03
C ASN B 1108 -54.03 57.32 4.57
N ASN B 1109 -53.95 57.59 3.27
CA ASN B 1109 -53.31 58.80 2.73
C ASN B 1109 -53.84 59.15 1.34
N THR B 1110 -53.86 60.44 0.99
CA THR B 1110 -54.39 60.96 -0.30
C THR B 1110 -53.57 60.52 -1.51
N VAL B 1111 -54.19 60.43 -2.70
CA VAL B 1111 -53.47 60.17 -3.97
C VAL B 1111 -53.56 61.38 -4.88
N TYR B 1112 -52.41 61.95 -5.24
CA TYR B 1112 -52.36 63.02 -6.23
C TYR B 1112 -52.66 62.50 -7.64
N ASP B 1113 -53.18 63.34 -8.49
CA ASP B 1113 -53.62 62.95 -9.83
C ASP B 1113 -53.39 64.12 -10.79
N PRO B 1114 -52.58 63.97 -11.85
CA PRO B 1114 -52.41 65.00 -12.85
C PRO B 1114 -53.69 65.52 -13.53
N LEU B 1115 -54.85 64.92 -13.31
CA LEU B 1115 -56.14 65.50 -13.69
C LEU B 1115 -56.43 66.81 -12.94
N GLN B 1116 -56.18 66.88 -11.62
CA GLN B 1116 -56.63 67.99 -10.76
C GLN B 1116 -55.94 69.33 -11.04
N PRO B 1117 -54.62 69.38 -11.35
CA PRO B 1117 -53.98 70.60 -11.80
C PRO B 1117 -54.48 71.08 -13.16
N GLU B 1118 -54.44 70.23 -14.18
CA GLU B 1118 -54.80 70.63 -15.55
C GLU B 1118 -56.30 70.90 -15.73
N LEU B 1119 -57.19 70.21 -15.01
CA LEU B 1119 -58.64 70.41 -15.09
C LEU B 1119 -59.13 71.79 -14.62
N ASP B 1120 -58.26 72.67 -14.09
CA ASP B 1120 -58.57 74.09 -13.91
C ASP B 1120 -58.53 74.92 -15.21
N SER B 1121 -57.86 74.41 -16.25
CA SER B 1121 -57.79 75.00 -17.60
C SER B 1121 -57.47 73.95 -18.67
N GLU C 1 31.09 -40.46 45.24
CA GLU C 1 32.54 -40.33 44.93
C GLU C 1 32.95 -41.37 43.89
N VAL C 2 33.76 -41.02 42.89
CA VAL C 2 34.29 -41.96 41.87
C VAL C 2 35.41 -42.82 42.48
N GLN C 3 35.08 -43.81 43.30
CA GLN C 3 36.09 -44.54 44.07
C GLN C 3 36.87 -45.53 43.21
N LEU C 4 37.97 -45.08 42.57
CA LEU C 4 38.79 -45.84 41.62
C LEU C 4 39.81 -46.74 42.33
N VAL C 5 39.82 -48.02 41.94
CA VAL C 5 40.62 -49.09 42.56
C VAL C 5 41.40 -49.81 41.45
N GLU C 6 42.73 -49.82 41.52
CA GLU C 6 43.55 -50.47 40.50
C GLU C 6 43.76 -51.97 40.80
N SER C 7 44.06 -52.82 39.81
CA SER C 7 44.07 -54.29 39.94
C SER C 7 45.02 -55.00 38.96
N GLY C 8 45.23 -56.31 39.15
CA GLY C 8 45.80 -57.16 38.11
C GLY C 8 47.28 -56.97 37.83
N GLY C 9 48.09 -56.72 38.86
CA GLY C 9 49.55 -56.55 38.76
C GLY C 9 50.29 -57.84 38.37
N GLY C 10 51.53 -57.71 37.88
CA GLY C 10 52.28 -58.85 37.35
C GLY C 10 53.81 -58.68 37.35
N LEU C 11 54.52 -59.82 37.38
CA LEU C 11 55.99 -59.91 37.30
C LEU C 11 56.38 -60.84 36.15
N VAL C 12 57.12 -60.32 35.16
CA VAL C 12 57.61 -61.08 33.99
C VAL C 12 59.01 -60.59 33.57
N GLN C 13 59.74 -61.44 32.87
CA GLN C 13 61.08 -61.18 32.33
C GLN C 13 61.16 -59.91 31.45
N PRO C 14 62.34 -59.26 31.36
CA PRO C 14 62.59 -58.19 30.39
C PRO C 14 62.26 -58.67 28.96
N GLY C 15 61.60 -57.83 28.18
CA GLY C 15 61.15 -58.19 26.83
C GLY C 15 59.91 -59.10 26.74
N GLY C 16 59.27 -59.44 27.86
CA GLY C 16 57.97 -60.16 27.89
C GLY C 16 56.73 -59.29 27.68
N SER C 17 55.55 -59.82 27.97
CA SER C 17 54.23 -59.22 27.70
C SER C 17 53.18 -59.53 28.78
N LEU C 18 52.21 -58.63 28.94
CA LEU C 18 51.25 -58.60 30.07
C LEU C 18 49.85 -58.12 29.67
N ARG C 19 48.86 -58.34 30.54
CA ARG C 19 47.59 -57.61 30.56
C ARG C 19 47.20 -57.20 32.00
N LEU C 20 46.75 -55.94 32.21
CA LEU C 20 46.47 -55.32 33.53
C LEU C 20 45.15 -54.50 33.49
N SER C 21 44.58 -54.08 34.64
CA SER C 21 43.25 -53.41 34.69
C SER C 21 42.97 -52.56 35.94
N CYS C 22 42.01 -51.63 35.93
CA CYS C 22 41.56 -50.85 37.08
C CYS C 22 40.07 -50.44 36.98
N ALA C 23 39.34 -50.31 38.08
CA ALA C 23 37.88 -50.11 38.08
C ALA C 23 37.34 -49.00 39.01
N ALA C 24 36.39 -48.22 38.52
CA ALA C 24 35.64 -47.23 39.28
C ALA C 24 34.57 -47.93 40.13
N SER C 25 34.90 -48.30 41.36
CA SER C 25 34.07 -49.19 42.19
C SER C 25 32.64 -48.66 42.42
N GLY C 26 31.65 -49.38 41.87
CA GLY C 26 30.23 -49.08 41.99
C GLY C 26 29.74 -47.81 41.28
N VAL C 27 30.56 -47.19 40.42
CA VAL C 27 30.26 -45.92 39.73
C VAL C 27 30.57 -46.01 38.24
N THR C 28 29.60 -45.65 37.40
CA THR C 28 29.66 -45.86 35.96
C THR C 28 30.83 -45.09 35.35
N PHE C 29 31.60 -45.73 34.48
CA PHE C 29 32.85 -45.17 33.96
C PHE C 29 32.67 -44.19 32.78
N SER C 30 31.53 -44.23 32.08
CA SER C 30 31.24 -43.41 30.89
C SER C 30 31.25 -41.90 31.12
N SER C 31 31.12 -41.42 32.37
CA SER C 31 31.24 -39.99 32.75
C SER C 31 32.67 -39.55 33.09
N TYR C 32 33.57 -40.49 33.41
CA TYR C 32 34.84 -40.21 34.10
C TYR C 32 35.97 -41.11 33.57
N TRP C 33 36.06 -41.31 32.25
CA TRP C 33 36.97 -42.25 31.59
C TRP C 33 38.44 -41.87 31.79
N MET C 34 39.07 -42.36 32.86
CA MET C 34 40.44 -41.98 33.21
C MET C 34 41.49 -42.67 32.35
N SER C 35 42.57 -41.96 32.05
CA SER C 35 43.78 -42.48 31.42
C SER C 35 44.70 -43.19 32.42
N TRP C 36 45.57 -44.11 31.97
CA TRP C 36 46.65 -44.68 32.80
C TRP C 36 47.67 -43.61 33.18
N VAL C 37 48.21 -43.70 34.40
CA VAL C 37 49.32 -42.88 34.90
C VAL C 37 50.19 -43.73 35.82
N ARG C 38 51.49 -43.41 35.96
CA ARG C 38 52.44 -44.15 36.83
C ARG C 38 53.52 -43.25 37.39
N GLN C 39 54.09 -43.63 38.53
CA GLN C 39 55.37 -43.07 38.98
C GLN C 39 56.54 -43.54 38.07
N ALA C 40 57.53 -42.67 37.86
CA ALA C 40 58.90 -43.09 37.54
C ALA C 40 59.66 -43.23 38.88
N PRO C 41 60.23 -44.39 39.23
CA PRO C 41 60.74 -44.65 40.58
C PRO C 41 61.85 -43.67 40.97
N GLY C 42 61.78 -43.15 42.20
CA GLY C 42 62.66 -42.09 42.70
C GLY C 42 62.42 -40.68 42.12
N LYS C 43 61.45 -40.53 41.20
CA LYS C 43 61.11 -39.30 40.47
C LYS C 43 59.58 -39.11 40.44
N GLY C 44 59.11 -38.16 39.63
CA GLY C 44 57.70 -37.82 39.52
C GLY C 44 56.85 -38.87 38.82
N LEU C 45 55.56 -38.56 38.64
CA LEU C 45 54.74 -39.27 37.65
C LEU C 45 55.32 -39.03 36.24
N GLU C 46 55.20 -40.03 35.38
CA GLU C 46 55.59 -39.99 33.97
C GLU C 46 54.34 -39.90 33.09
N TRP C 47 54.35 -39.11 32.01
CA TRP C 47 53.21 -39.14 31.08
C TRP C 47 53.17 -40.45 30.28
N VAL C 48 52.18 -41.29 30.59
CA VAL C 48 51.87 -42.51 29.85
C VAL C 48 50.96 -42.19 28.67
N ALA C 49 49.75 -41.72 28.93
CA ALA C 49 48.75 -41.51 27.88
C ALA C 49 47.69 -40.47 28.27
N ASN C 50 46.84 -40.10 27.31
CA ASN C 50 45.52 -39.51 27.52
C ASN C 50 44.43 -40.46 26.97
N ILE C 51 43.15 -40.09 27.11
CA ILE C 51 42.01 -40.86 26.61
C ILE C 51 40.85 -39.93 26.22
N ARG C 52 39.91 -40.41 25.41
CA ARG C 52 38.63 -39.77 25.15
C ARG C 52 37.51 -40.81 25.06
N GLN C 53 36.27 -40.38 25.25
CA GLN C 53 35.09 -41.24 25.14
C GLN C 53 35.05 -41.92 23.77
N ASP C 54 35.26 -41.13 22.73
CA ASP C 54 35.25 -41.48 21.30
C ASP C 54 36.45 -42.32 20.83
N GLY C 55 37.43 -42.62 21.69
CA GLY C 55 38.76 -43.07 21.26
C GLY C 55 39.72 -41.88 21.22
N SER C 56 40.32 -41.58 20.07
CA SER C 56 41.25 -40.44 19.88
C SER C 56 42.44 -40.41 20.85
N GLU C 57 42.84 -41.54 21.45
CA GLU C 57 43.87 -41.59 22.48
C GLU C 57 45.29 -41.40 21.95
N LYS C 58 46.16 -40.80 22.75
CA LYS C 58 47.61 -40.67 22.45
C LYS C 58 48.47 -41.09 23.65
N TYR C 59 49.68 -41.55 23.34
CA TYR C 59 50.69 -42.07 24.28
C TYR C 59 52.01 -41.30 24.14
N SER C 60 52.83 -41.28 25.19
CA SER C 60 54.20 -40.77 25.11
C SER C 60 55.15 -41.64 24.27
N VAL C 61 55.86 -41.01 23.35
CA VAL C 61 57.01 -41.60 22.65
C VAL C 61 58.23 -41.85 23.57
N ASP C 62 58.33 -41.16 24.71
CA ASP C 62 59.46 -41.24 25.64
C ASP C 62 59.72 -42.62 26.27
N SER C 63 58.68 -43.47 26.37
CA SER C 63 58.79 -44.81 26.96
C SER C 63 57.66 -45.78 26.62
N VAL C 64 56.45 -45.33 26.29
CA VAL C 64 55.27 -46.22 26.20
C VAL C 64 54.65 -46.45 24.80
N LYS C 65 54.87 -45.58 23.80
CA LYS C 65 54.47 -45.87 22.41
C LYS C 65 55.08 -47.18 21.93
N GLY C 66 54.34 -47.89 21.09
CA GLY C 66 54.74 -49.17 20.52
C GLY C 66 54.75 -50.34 21.52
N ARG C 67 54.32 -50.09 22.77
CA ARG C 67 54.29 -51.07 23.86
C ARG C 67 52.95 -51.11 24.59
N PHE C 68 52.51 -49.98 25.15
CA PHE C 68 51.25 -49.88 25.89
C PHE C 68 50.05 -49.78 24.94
N THR C 69 48.86 -50.03 25.50
CA THR C 69 47.56 -49.94 24.82
C THR C 69 46.52 -49.52 25.85
N ILE C 70 45.42 -48.89 25.46
CA ILE C 70 44.39 -48.43 26.39
C ILE C 70 42.96 -48.75 25.88
N SER C 71 42.10 -49.29 26.75
CA SER C 71 40.68 -49.59 26.46
C SER C 71 39.89 -49.77 27.75
N ARG C 72 38.55 -49.72 27.66
CA ARG C 72 37.63 -49.86 28.80
C ARG C 72 36.38 -50.64 28.41
N ASP C 73 35.67 -51.19 29.40
CA ASP C 73 34.39 -51.86 29.16
C ASP C 73 33.34 -51.51 30.23
N ASN C 74 32.31 -50.77 29.81
CA ASN C 74 31.26 -50.26 30.69
C ASN C 74 30.24 -51.32 31.13
N ALA C 75 30.34 -52.58 30.67
CA ALA C 75 29.67 -53.69 31.34
C ALA C 75 30.38 -54.05 32.68
N LYS C 76 31.68 -53.68 32.79
CA LYS C 76 32.59 -54.05 33.88
C LYS C 76 33.20 -52.83 34.60
N ASN C 77 32.91 -51.60 34.13
CA ASN C 77 33.41 -50.32 34.65
C ASN C 77 34.92 -50.35 34.97
N SER C 78 35.66 -50.91 34.00
CA SER C 78 37.08 -51.25 34.08
C SER C 78 37.86 -50.76 32.86
N LEU C 79 39.01 -50.13 33.09
CA LEU C 79 40.08 -49.89 32.10
C LEU C 79 40.96 -51.16 31.96
N TYR C 80 41.66 -51.32 30.83
CA TYR C 80 42.61 -52.41 30.55
C TYR C 80 43.90 -51.90 29.89
N LEU C 81 44.95 -52.71 29.93
CA LEU C 81 46.28 -52.44 29.37
C LEU C 81 46.87 -53.72 28.83
N GLN C 82 46.79 -53.91 27.52
CA GLN C 82 47.49 -54.96 26.78
C GLN C 82 48.90 -54.45 26.46
N MET C 83 49.97 -55.13 26.88
CA MET C 83 51.32 -54.56 26.86
C MET C 83 52.39 -55.54 26.36
N ASN C 84 53.36 -55.03 25.59
CA ASN C 84 54.44 -55.80 24.95
C ASN C 84 55.84 -55.21 25.20
N SER C 85 56.83 -56.09 25.32
CA SER C 85 58.27 -55.78 25.48
C SER C 85 58.60 -54.99 26.75
N LEU C 86 58.49 -55.62 27.92
CA LEU C 86 58.69 -54.94 29.21
C LEU C 86 60.09 -54.27 29.31
N ARG C 87 60.19 -53.11 29.97
CA ARG C 87 61.43 -52.38 30.25
C ARG C 87 61.56 -52.09 31.73
N ALA C 88 62.78 -52.05 32.28
CA ALA C 88 63.00 -52.09 33.73
C ALA C 88 62.30 -50.97 34.51
N GLU C 89 62.43 -49.73 34.04
CA GLU C 89 61.79 -48.52 34.59
C GLU C 89 60.25 -48.54 34.54
N ASP C 90 59.61 -49.50 33.87
CA ASP C 90 58.17 -49.75 34.01
C ASP C 90 57.79 -50.11 35.46
N THR C 91 58.74 -50.54 36.28
CA THR C 91 58.51 -51.09 37.62
C THR C 91 58.14 -50.00 38.64
N ALA C 92 56.84 -49.81 38.90
CA ALA C 92 56.27 -48.71 39.69
C ALA C 92 54.79 -48.95 40.11
N VAL C 93 54.19 -48.05 40.90
CA VAL C 93 52.72 -47.97 41.11
C VAL C 93 52.01 -47.17 40.01
N TYR C 94 50.91 -47.72 39.51
CA TYR C 94 50.05 -47.20 38.43
C TYR C 94 48.68 -46.80 38.96
N TYR C 95 48.26 -45.56 38.73
CA TYR C 95 46.96 -45.00 39.11
C TYR C 95 46.16 -44.59 37.87
N CYS C 96 44.83 -44.64 37.95
CA CYS C 96 43.93 -44.38 36.82
C CYS C 96 43.00 -43.20 37.15
N ALA C 97 43.43 -41.94 37.03
CA ALA C 97 42.85 -40.85 37.84
C ALA C 97 42.25 -39.58 37.18
N ARG C 98 42.52 -39.29 35.90
CA ARG C 98 41.92 -38.14 35.18
C ARG C 98 41.68 -38.46 33.70
N ALA C 99 40.68 -37.81 33.13
CA ALA C 99 40.02 -38.28 31.92
C ALA C 99 40.19 -37.43 30.66
N ARG C 100 40.38 -36.11 30.78
CA ARG C 100 40.17 -35.18 29.65
C ARG C 100 41.45 -35.03 28.80
N ARG C 101 41.29 -34.84 27.49
CA ARG C 101 42.34 -35.07 26.48
C ARG C 101 43.39 -33.94 26.39
N ALA C 102 44.29 -34.06 25.41
CA ALA C 102 45.15 -32.98 24.96
C ALA C 102 44.33 -31.77 24.48
N ASP C 103 43.33 -31.99 23.64
CA ASP C 103 42.32 -30.97 23.37
C ASP C 103 41.59 -30.64 24.66
N ASN C 104 41.44 -29.35 24.98
CA ASN C 104 40.96 -28.94 26.29
C ASN C 104 39.50 -29.40 26.50
N SER C 105 39.22 -30.00 27.66
CA SER C 105 37.86 -30.27 28.14
C SER C 105 37.84 -30.39 29.67
N GLY C 106 36.69 -30.13 30.28
CA GLY C 106 36.58 -29.88 31.72
C GLY C 106 36.67 -28.39 32.01
N TYR C 107 37.89 -27.86 32.11
CA TYR C 107 38.20 -26.42 32.04
C TYR C 107 39.66 -26.22 31.59
N TYR C 108 40.08 -24.99 31.24
CA TYR C 108 41.49 -24.70 30.92
C TYR C 108 42.45 -24.95 32.11
N GLY C 109 41.92 -24.93 33.33
CA GLY C 109 42.47 -25.63 34.48
C GLY C 109 41.64 -26.88 34.84
N PHE C 110 42.27 -28.05 34.84
CA PHE C 110 41.66 -29.31 35.27
C PHE C 110 41.40 -29.36 36.80
N HIS C 111 40.68 -30.39 37.20
CA HIS C 111 40.61 -30.94 38.55
C HIS C 111 40.79 -32.46 38.39
N PHE C 112 41.42 -33.16 39.35
CA PHE C 112 41.73 -34.60 39.26
C PHE C 112 40.93 -35.40 40.28
N ASP C 113 40.11 -36.33 39.81
CA ASP C 113 38.94 -36.84 40.54
C ASP C 113 39.27 -37.87 41.64
N CYS C 114 39.93 -38.99 41.32
CA CYS C 114 40.43 -39.96 42.30
C CYS C 114 41.69 -40.67 41.80
N TRP C 115 42.78 -40.59 42.57
CA TRP C 115 43.92 -41.49 42.51
C TRP C 115 43.67 -42.64 43.49
N GLY C 116 43.72 -43.90 43.03
CA GLY C 116 43.40 -45.08 43.82
C GLY C 116 44.48 -45.52 44.80
N GLN C 117 44.95 -46.77 44.68
CA GLN C 117 45.92 -47.41 45.57
C GLN C 117 47.12 -48.06 44.84
N GLY C 118 47.07 -48.16 43.51
CA GLY C 118 48.17 -48.60 42.66
C GLY C 118 48.08 -50.08 42.25
N THR C 119 48.09 -50.35 40.94
CA THR C 119 48.51 -51.66 40.39
C THR C 119 49.94 -51.60 39.86
N LEU C 120 50.56 -52.73 39.50
CA LEU C 120 51.98 -52.74 39.16
C LEU C 120 52.33 -53.59 37.94
N VAL C 121 53.01 -52.97 36.98
CA VAL C 121 53.94 -53.69 36.09
C VAL C 121 55.21 -53.86 36.92
N THR C 122 55.78 -55.05 36.97
CA THR C 122 57.11 -55.28 37.57
C THR C 122 57.95 -56.17 36.67
N VAL C 123 59.25 -55.90 36.60
CA VAL C 123 60.15 -56.49 35.61
C VAL C 123 61.47 -56.91 36.26
N SER C 124 61.86 -58.17 36.09
CA SER C 124 63.18 -58.69 36.50
C SER C 124 63.48 -60.06 35.87
N SER C 125 64.74 -60.45 35.85
CA SER C 125 65.20 -61.85 35.62
C SER C 125 65.41 -62.66 36.90
N ALA C 126 65.20 -62.06 38.07
CA ALA C 126 64.96 -62.78 39.31
C ALA C 126 63.59 -63.47 39.32
N SER C 127 63.34 -64.26 40.36
CA SER C 127 62.06 -64.93 40.64
C SER C 127 61.77 -64.85 42.15
N THR C 128 60.52 -65.12 42.55
CA THR C 128 60.06 -65.04 43.95
C THR C 128 60.94 -65.85 44.90
N LYS C 129 61.48 -65.22 45.95
CA LYS C 129 62.34 -65.84 46.98
C LYS C 129 62.18 -65.14 48.33
N GLY C 130 62.40 -65.88 49.41
CA GLY C 130 62.29 -65.41 50.79
C GLY C 130 63.56 -64.81 51.38
N PRO C 131 63.47 -63.79 52.26
CA PRO C 131 64.65 -63.12 52.80
C PRO C 131 65.41 -63.97 53.82
N SER C 132 66.73 -63.90 53.74
CA SER C 132 67.70 -64.53 54.64
C SER C 132 67.87 -63.72 55.94
N VAL C 133 66.79 -63.57 56.72
CA VAL C 133 66.77 -62.88 58.03
C VAL C 133 67.29 -63.78 59.15
N PHE C 134 67.97 -63.16 60.12
CA PHE C 134 68.47 -63.74 61.37
C PHE C 134 68.28 -62.74 62.53
N PRO C 135 68.30 -63.18 63.80
CA PRO C 135 68.52 -62.27 64.91
C PRO C 135 69.90 -61.61 64.76
N LEU C 136 69.95 -60.28 64.75
CA LEU C 136 71.20 -59.50 64.64
C LEU C 136 71.57 -58.91 66.03
N ALA C 137 72.20 -59.75 66.86
CA ALA C 137 72.35 -59.57 68.30
C ALA C 137 72.84 -58.15 68.65
N PRO C 138 71.99 -57.22 69.12
CA PRO C 138 72.30 -55.78 69.21
C PRO C 138 73.47 -55.44 70.16
N ALA C 148 67.09 -52.37 73.92
CA ALA C 148 68.20 -51.90 73.11
C ALA C 148 67.76 -51.14 71.85
N ALA C 149 68.69 -50.52 71.13
CA ALA C 149 68.45 -49.83 69.86
C ALA C 149 68.54 -50.78 68.64
N LEU C 150 67.87 -51.93 68.73
CA LEU C 150 68.03 -53.08 67.82
C LEU C 150 67.37 -52.90 66.44
N GLY C 151 67.78 -53.73 65.48
CA GLY C 151 67.32 -53.67 64.08
C GLY C 151 67.64 -54.92 63.27
N CYS C 152 67.18 -54.97 62.02
CA CYS C 152 67.32 -56.12 61.10
C CYS C 152 67.79 -55.67 59.69
N LEU C 153 68.41 -56.55 58.89
CA LEU C 153 68.66 -56.33 57.45
C LEU C 153 68.07 -57.48 56.63
N VAL C 154 67.10 -57.18 55.77
CA VAL C 154 66.21 -58.17 55.15
C VAL C 154 66.78 -58.68 53.82
N LYS C 155 67.98 -59.26 53.85
CA LYS C 155 68.76 -59.62 52.66
C LYS C 155 68.11 -60.69 51.78
N ASP C 156 68.23 -60.51 50.47
CA ASP C 156 67.92 -61.44 49.37
C ASP C 156 66.48 -61.95 49.29
N TYR C 157 65.55 -61.11 48.81
CA TYR C 157 64.17 -61.52 48.52
C TYR C 157 63.60 -60.87 47.27
N PHE C 158 62.47 -61.42 46.83
CA PHE C 158 61.64 -60.89 45.75
C PHE C 158 60.19 -61.45 45.87
N PRO C 159 59.14 -60.75 45.41
CA PRO C 159 59.09 -59.34 45.05
C PRO C 159 58.79 -58.40 46.24
N GLU C 160 59.06 -57.10 46.08
CA GLU C 160 58.59 -56.01 46.97
C GLU C 160 57.16 -55.53 46.61
N PRO C 161 56.45 -54.81 47.52
CA PRO C 161 56.76 -54.54 48.93
C PRO C 161 56.25 -55.65 49.87
N VAL C 162 56.52 -55.52 51.16
CA VAL C 162 56.04 -56.40 52.25
C VAL C 162 55.80 -55.59 53.54
N THR C 163 54.88 -56.05 54.41
CA THR C 163 54.60 -55.43 55.72
C THR C 163 55.68 -55.80 56.75
N VAL C 164 56.34 -54.78 57.32
CA VAL C 164 57.41 -54.91 58.35
C VAL C 164 56.98 -54.17 59.62
N SER C 165 57.06 -54.83 60.77
CA SER C 165 56.65 -54.30 62.08
C SER C 165 57.35 -55.03 63.24
N TRP C 166 57.05 -54.67 64.49
CA TRP C 166 57.67 -55.28 65.69
C TRP C 166 56.61 -55.64 66.74
N ASN C 167 56.79 -56.80 67.40
CA ASN C 167 55.84 -57.47 68.30
C ASN C 167 54.43 -57.63 67.67
N SER C 168 54.37 -58.05 66.41
CA SER C 168 53.14 -58.14 65.58
C SER C 168 52.36 -56.82 65.46
N GLY C 169 53.07 -55.69 65.58
CA GLY C 169 52.54 -54.32 65.59
C GLY C 169 52.44 -53.67 66.98
N ALA C 170 52.64 -54.42 68.09
CA ALA C 170 52.54 -53.87 69.45
C ALA C 170 53.71 -52.94 69.85
N LEU C 171 54.86 -53.02 69.15
CA LEU C 171 56.03 -52.16 69.40
C LEU C 171 56.17 -50.99 68.39
N THR C 172 55.15 -50.74 67.54
CA THR C 172 55.22 -49.79 66.39
C THR C 172 55.64 -48.37 66.77
N SER C 173 55.31 -47.91 67.99
CA SER C 173 55.55 -46.52 68.41
C SER C 173 57.02 -46.08 68.40
N GLY C 174 57.97 -47.01 68.52
CA GLY C 174 59.42 -46.74 68.51
C GLY C 174 60.17 -47.09 67.21
N VAL C 175 59.47 -47.44 66.13
CA VAL C 175 60.03 -48.07 64.91
C VAL C 175 60.42 -47.06 63.82
N HIS C 176 61.58 -47.25 63.19
CA HIS C 176 62.05 -46.48 62.02
C HIS C 176 62.81 -47.35 61.00
N THR C 177 62.53 -47.16 59.71
CA THR C 177 63.02 -47.99 58.61
C THR C 177 63.78 -47.12 57.60
N PHE C 178 65.04 -47.46 57.31
CA PHE C 178 65.93 -46.76 56.37
C PHE C 178 65.50 -46.92 54.90
N PRO C 179 66.06 -46.14 53.95
CA PRO C 179 65.89 -46.39 52.51
C PRO C 179 66.28 -47.81 52.08
N ALA C 180 65.60 -48.28 51.03
CA ALA C 180 65.67 -49.65 50.52
C ALA C 180 67.01 -50.02 49.85
N VAL C 181 67.31 -51.32 49.81
CA VAL C 181 68.58 -51.92 49.39
C VAL C 181 68.31 -53.01 48.33
N LEU C 182 69.31 -53.35 47.53
CA LEU C 182 69.28 -54.43 46.53
C LEU C 182 70.70 -55.00 46.42
N GLN C 183 70.85 -56.26 46.05
CA GLN C 183 72.13 -56.98 46.05
C GLN C 183 72.46 -57.61 44.68
N SER C 184 73.72 -57.97 44.47
CA SER C 184 74.28 -58.54 43.21
C SER C 184 73.62 -59.86 42.77
N SER C 185 72.92 -60.52 43.68
CA SER C 185 71.99 -61.62 43.48
C SER C 185 70.78 -61.29 42.59
N GLY C 186 70.50 -60.00 42.35
CA GLY C 186 69.28 -59.52 41.69
C GLY C 186 68.07 -59.40 42.64
N LEU C 187 68.31 -59.39 43.96
CA LEU C 187 67.29 -59.47 45.01
C LEU C 187 67.32 -58.27 45.96
N TYR C 188 66.17 -57.93 46.55
CA TYR C 188 65.98 -56.79 47.47
C TYR C 188 66.50 -57.02 48.89
N SER C 189 66.53 -55.91 49.62
CA SER C 189 66.64 -55.81 51.07
C SER C 189 66.14 -54.45 51.57
N LEU C 190 66.04 -54.31 52.89
CA LEU C 190 65.76 -53.07 53.61
C LEU C 190 66.25 -53.25 55.05
N SER C 191 66.27 -52.20 55.85
CA SER C 191 66.53 -52.30 57.29
C SER C 191 65.50 -51.53 58.11
N SER C 192 64.98 -52.18 59.15
CA SER C 192 64.05 -51.65 60.15
C SER C 192 64.65 -51.72 61.56
N VAL C 193 64.39 -50.69 62.37
CA VAL C 193 65.03 -50.37 63.66
C VAL C 193 63.97 -50.05 64.71
N VAL C 194 64.19 -50.38 65.98
CA VAL C 194 63.32 -49.96 67.08
C VAL C 194 64.15 -49.50 68.29
N THR C 195 63.76 -48.39 68.93
CA THR C 195 64.53 -47.85 70.07
C THR C 195 63.73 -48.00 71.36
N VAL C 196 64.21 -48.89 72.22
CA VAL C 196 63.52 -49.36 73.44
C VAL C 196 64.53 -49.58 74.59
N PRO C 197 64.11 -49.63 75.86
CA PRO C 197 65.06 -49.70 76.98
C PRO C 197 65.95 -50.94 76.95
N SER C 198 67.24 -50.76 77.26
CA SER C 198 68.25 -51.82 77.26
C SER C 198 68.16 -52.71 78.49
N SER C 199 67.80 -52.14 79.65
CA SER C 199 67.70 -52.84 80.93
C SER C 199 66.51 -53.81 81.00
N SER C 200 65.47 -53.61 80.19
CA SER C 200 64.28 -54.48 80.16
C SER C 200 64.49 -55.82 79.45
N LEU C 201 65.65 -56.09 78.84
CA LEU C 201 65.94 -57.36 78.18
C LEU C 201 65.68 -58.55 79.11
N GLY C 202 65.04 -59.58 78.59
CA GLY C 202 64.72 -60.81 79.34
C GLY C 202 63.43 -60.78 80.16
N THR C 203 62.93 -59.60 80.58
CA THR C 203 61.58 -59.45 81.18
C THR C 203 60.57 -58.80 80.23
N GLN C 204 61.01 -57.94 79.32
CA GLN C 204 60.26 -57.52 78.14
C GLN C 204 60.79 -58.22 76.87
N THR C 205 59.88 -58.68 76.01
CA THR C 205 60.18 -59.39 74.75
C THR C 205 60.30 -58.41 73.57
N TYR C 206 61.32 -58.57 72.71
CA TYR C 206 61.47 -57.83 71.46
C TYR C 206 61.54 -58.79 70.25
N ILE C 207 60.64 -58.60 69.29
CA ILE C 207 60.47 -59.45 68.11
C ILE C 207 60.36 -58.57 66.85
N CYS C 208 61.04 -58.94 65.76
CA CYS C 208 60.82 -58.34 64.44
C CYS C 208 59.92 -59.24 63.61
N ASN C 209 58.93 -58.63 62.95
CA ASN C 209 57.87 -59.31 62.20
C ASN C 209 57.83 -58.87 60.74
N VAL C 210 57.76 -59.85 59.84
CA VAL C 210 57.61 -59.66 58.38
C VAL C 210 56.50 -60.59 57.90
N ASN C 211 55.33 -60.03 57.56
CA ASN C 211 54.15 -60.79 57.15
C ASN C 211 54.24 -61.20 55.67
N HIS C 212 55.20 -62.07 55.34
CA HIS C 212 55.65 -62.27 53.95
C HIS C 212 54.75 -63.18 53.11
N LYS C 213 53.52 -62.73 52.84
CA LYS C 213 52.64 -63.31 51.82
C LYS C 213 53.23 -63.29 50.40
N PRO C 214 54.05 -62.29 49.99
CA PRO C 214 54.68 -62.30 48.66
C PRO C 214 55.72 -63.41 48.45
N SER C 215 56.63 -63.67 49.41
CA SER C 215 57.64 -64.72 49.29
C SER C 215 57.20 -66.11 49.77
N ASN C 216 56.10 -66.19 50.51
CA ASN C 216 55.64 -67.36 51.27
C ASN C 216 56.62 -67.85 52.39
N THR C 217 57.42 -66.93 52.95
CA THR C 217 58.37 -67.20 54.06
C THR C 217 58.23 -66.14 55.16
N LYS C 218 57.31 -66.35 56.09
CA LYS C 218 57.07 -65.44 57.24
C LYS C 218 58.28 -65.41 58.18
N VAL C 219 58.54 -64.26 58.83
CA VAL C 219 59.61 -64.10 59.84
C VAL C 219 59.00 -63.40 61.06
N ASP C 220 59.17 -63.95 62.27
CA ASP C 220 58.53 -63.44 63.50
C ASP C 220 59.41 -63.72 64.73
N LYS C 221 60.71 -63.43 64.64
CA LYS C 221 61.72 -63.96 65.58
C LYS C 221 62.05 -62.99 66.73
N LYS C 222 62.06 -63.52 67.97
CA LYS C 222 62.56 -62.86 69.19
C LYS C 222 64.08 -62.66 69.14
N VAL C 223 64.55 -61.53 69.63
CA VAL C 223 65.97 -61.13 69.61
C VAL C 223 66.42 -60.71 71.02
N GLU C 224 67.60 -61.18 71.43
CA GLU C 224 68.35 -60.66 72.58
C GLU C 224 69.87 -60.77 72.32
N PRO C 225 70.70 -59.80 72.76
CA PRO C 225 72.15 -59.88 72.66
C PRO C 225 72.75 -60.87 73.68
N LYS C 226 74.03 -61.22 73.49
CA LYS C 226 74.82 -62.07 74.39
C LYS C 226 75.03 -61.40 75.77
N GLN D 1 60.96 -35.63 28.06
CA GLN D 1 61.70 -34.42 27.61
C GLN D 1 61.41 -33.20 28.49
N SER D 2 60.35 -32.42 28.24
CA SER D 2 60.03 -31.22 29.05
C SER D 2 59.54 -31.58 30.46
N VAL D 3 59.91 -30.77 31.45
CA VAL D 3 59.57 -30.94 32.88
C VAL D 3 59.30 -29.57 33.51
N LEU D 4 58.32 -29.47 34.42
CA LEU D 4 58.11 -28.28 35.26
C LEU D 4 59.07 -28.32 36.48
N THR D 5 60.35 -28.00 36.30
CA THR D 5 61.39 -28.15 37.35
C THR D 5 60.97 -27.43 38.65
N GLN D 6 61.15 -28.11 39.77
CA GLN D 6 60.66 -27.75 41.09
C GLN D 6 61.85 -27.64 42.05
N PRO D 7 61.82 -26.76 43.07
CA PRO D 7 62.91 -26.58 44.02
C PRO D 7 62.94 -27.72 45.05
N PRO D 8 64.13 -28.27 45.36
CA PRO D 8 64.25 -29.51 46.13
C PRO D 8 63.84 -29.32 47.59
N SER D 9 64.11 -28.17 48.20
CA SER D 9 63.51 -27.78 49.48
C SER D 9 63.43 -26.26 49.71
N VAL D 10 62.43 -25.88 50.51
CA VAL D 10 62.16 -24.55 51.10
C VAL D 10 61.56 -24.75 52.50
N SER D 11 61.72 -23.79 53.41
CA SER D 11 61.67 -24.07 54.86
C SER D 11 60.99 -22.98 55.72
N GLY D 12 60.26 -23.38 56.77
CA GLY D 12 59.76 -22.53 57.83
C GLY D 12 59.51 -23.34 59.12
N ALA D 13 59.61 -22.72 60.29
CA ALA D 13 59.32 -23.39 61.57
C ALA D 13 57.81 -23.73 61.75
N PRO D 14 57.39 -24.44 62.81
CA PRO D 14 55.98 -24.70 63.09
C PRO D 14 55.16 -23.40 63.21
N GLY D 15 54.07 -23.31 62.44
CA GLY D 15 53.21 -22.13 62.35
C GLY D 15 53.61 -21.04 61.35
N GLN D 16 54.79 -21.14 60.70
CA GLN D 16 55.38 -20.07 59.86
C GLN D 16 54.98 -20.20 58.37
N ARG D 17 55.76 -19.63 57.44
CA ARG D 17 55.40 -19.45 56.02
C ARG D 17 56.50 -19.77 54.99
N VAL D 18 56.07 -20.30 53.84
CA VAL D 18 56.86 -20.60 52.64
C VAL D 18 56.04 -20.30 51.37
N THR D 19 56.67 -19.91 50.26
CA THR D 19 56.09 -19.96 48.89
C THR D 19 57.14 -20.34 47.85
N ILE D 20 56.75 -21.22 46.93
CA ILE D 20 57.61 -22.18 46.21
C ILE D 20 57.67 -21.86 44.69
N SER D 21 58.15 -22.78 43.86
CA SER D 21 58.09 -22.70 42.39
C SER D 21 57.85 -24.06 41.73
N CYS D 22 57.36 -24.07 40.48
CA CYS D 22 57.14 -25.22 39.59
C CYS D 22 57.23 -24.61 38.18
N THR D 23 58.36 -24.79 37.50
CA THR D 23 58.80 -23.92 36.39
C THR D 23 59.06 -24.71 35.10
N GLY D 24 58.36 -24.40 34.01
CA GLY D 24 58.42 -25.19 32.78
C GLY D 24 59.03 -24.41 31.63
N SER D 25 58.18 -23.92 30.74
CA SER D 25 58.50 -23.15 29.53
C SER D 25 57.25 -22.40 29.04
N SER D 26 57.43 -21.48 28.10
CA SER D 26 56.33 -20.86 27.36
C SER D 26 55.46 -21.87 26.58
N SER D 27 55.97 -23.05 26.21
CA SER D 27 55.17 -24.11 25.56
C SER D 27 54.19 -24.82 26.51
N ASN D 28 54.31 -24.63 27.82
CA ASN D 28 53.40 -25.19 28.83
C ASN D 28 52.74 -24.10 29.68
N ILE D 29 53.39 -23.58 30.71
CA ILE D 29 52.75 -22.66 31.68
C ILE D 29 52.30 -21.37 31.00
N GLY D 30 53.04 -20.91 29.98
CA GLY D 30 52.64 -19.78 29.13
C GLY D 30 51.63 -20.13 28.02
N ALA D 31 51.46 -21.41 27.67
CA ALA D 31 50.60 -21.90 26.58
C ALA D 31 49.12 -22.03 26.98
N GLY D 32 48.64 -21.13 27.85
CA GLY D 32 47.26 -21.05 28.32
C GLY D 32 46.84 -22.10 29.35
N TYR D 33 47.41 -23.30 29.31
CA TYR D 33 47.11 -24.37 30.27
C TYR D 33 47.65 -24.03 31.67
N ASP D 34 46.81 -24.20 32.68
CA ASP D 34 47.15 -23.98 34.09
C ASP D 34 47.80 -25.21 34.73
N VAL D 35 48.16 -25.11 36.02
CA VAL D 35 49.04 -26.06 36.73
C VAL D 35 48.34 -26.61 37.97
N HIS D 36 48.70 -27.84 38.36
CA HIS D 36 48.19 -28.53 39.55
C HIS D 36 49.35 -29.16 40.31
N TRP D 37 49.11 -29.53 41.57
CA TRP D 37 50.08 -30.23 42.41
C TRP D 37 49.42 -31.38 43.14
N TYR D 38 50.26 -32.33 43.55
CA TYR D 38 49.91 -33.48 44.37
C TYR D 38 50.88 -33.56 45.55
N GLN D 39 50.40 -33.71 46.78
CA GLN D 39 51.24 -34.30 47.83
C GLN D 39 51.20 -35.84 47.68
N GLN D 40 52.36 -36.51 47.79
CA GLN D 40 52.42 -37.98 47.83
C GLN D 40 53.72 -38.44 48.51
N LEU D 41 53.63 -38.94 49.74
CA LEU D 41 54.65 -39.85 50.28
C LEU D 41 54.44 -41.24 49.65
N PRO D 42 55.49 -42.07 49.46
CA PRO D 42 55.35 -43.38 48.82
C PRO D 42 54.23 -44.25 49.44
N GLY D 43 53.32 -44.77 48.62
CA GLY D 43 52.18 -45.59 49.08
C GLY D 43 51.01 -44.83 49.73
N THR D 44 51.13 -43.51 49.92
CA THR D 44 49.98 -42.63 50.13
C THR D 44 49.36 -42.29 48.76
N ALA D 45 48.07 -41.96 48.73
CA ALA D 45 47.47 -41.51 47.49
C ALA D 45 48.00 -40.11 47.09
N PRO D 46 48.18 -39.82 45.79
CA PRO D 46 48.36 -38.46 45.30
C PRO D 46 47.18 -37.58 45.68
N LYS D 47 47.37 -36.68 46.63
CA LYS D 47 46.35 -35.75 47.12
C LYS D 47 46.42 -34.44 46.36
N LEU D 48 45.43 -34.17 45.50
CA LEU D 48 45.37 -32.98 44.66
C LEU D 48 45.21 -31.70 45.48
N LEU D 49 46.04 -30.69 45.21
CA LEU D 49 46.04 -29.41 45.96
C LEU D 49 45.23 -28.27 45.30
N ILE D 50 44.90 -28.34 44.01
CA ILE D 50 44.26 -27.24 43.27
C ILE D 50 43.06 -27.68 42.41
N TYR D 51 42.10 -26.78 42.24
CA TYR D 51 40.87 -26.96 41.47
C TYR D 51 40.67 -25.72 40.61
N GLY D 52 40.46 -25.84 39.30
CA GLY D 52 40.16 -24.71 38.40
C GLY D 52 41.23 -23.61 38.26
N ASN D 53 42.31 -23.66 39.06
CA ASN D 53 43.21 -22.55 39.40
C ASN D 53 42.54 -21.32 40.07
N ASN D 54 41.39 -21.54 40.73
CA ASN D 54 40.63 -20.53 41.50
C ASN D 54 40.07 -21.06 42.84
N ASN D 55 40.35 -22.32 43.19
CA ASN D 55 39.76 -23.05 44.31
C ASN D 55 40.75 -24.11 44.81
N ARG D 56 40.47 -24.70 45.96
CA ARG D 56 41.10 -25.94 46.46
C ARG D 56 40.09 -27.10 46.43
N PRO D 57 40.52 -28.34 46.17
CA PRO D 57 39.65 -29.52 46.16
C PRO D 57 39.01 -29.82 47.53
N SER D 58 38.13 -30.82 47.54
CA SER D 58 37.28 -31.13 48.69
C SER D 58 38.10 -31.37 49.96
N GLY D 59 37.98 -30.46 50.93
CA GLY D 59 38.63 -30.54 52.24
C GLY D 59 40.10 -30.13 52.31
N VAL D 60 40.74 -29.70 51.23
CA VAL D 60 42.17 -29.31 51.20
C VAL D 60 42.37 -27.91 51.80
N PRO D 61 43.14 -27.73 52.90
CA PRO D 61 43.14 -26.48 53.68
C PRO D 61 43.79 -25.26 53.01
N ASP D 62 43.49 -24.07 53.55
CA ASP D 62 43.94 -22.76 53.05
C ASP D 62 45.45 -22.60 52.86
N ARG D 63 46.27 -23.33 53.63
CA ARG D 63 47.72 -23.28 53.47
C ARG D 63 48.20 -23.72 52.10
N PHE D 64 47.47 -24.63 51.45
CA PHE D 64 47.74 -25.12 50.11
C PHE D 64 47.18 -24.21 49.01
N SER D 65 47.54 -22.93 49.07
CA SER D 65 47.28 -21.95 48.00
C SER D 65 48.37 -22.01 46.91
N ASP D 66 48.05 -21.60 45.68
CA ASP D 66 48.99 -21.59 44.53
C ASP D 66 48.77 -20.34 43.65
N SER D 67 49.81 -19.93 42.94
CA SER D 67 49.85 -18.71 42.13
C SER D 67 50.73 -18.91 40.90
N LYS D 68 50.26 -18.52 39.71
CA LYS D 68 50.84 -18.94 38.42
C LYS D 68 50.88 -17.80 37.41
N SER D 69 51.97 -17.69 36.66
CA SER D 69 52.22 -16.66 35.64
C SER D 69 53.39 -17.06 34.73
N GLY D 70 53.64 -16.29 33.67
CA GLY D 70 54.89 -16.32 32.89
C GLY D 70 55.34 -17.72 32.42
N THR D 71 56.30 -18.31 33.15
CA THR D 71 56.73 -19.72 33.00
C THR D 71 56.78 -20.49 34.31
N SER D 72 56.12 -20.04 35.39
CA SER D 72 56.12 -20.78 36.67
C SER D 72 54.82 -20.66 37.47
N ALA D 73 54.46 -21.76 38.11
CA ALA D 73 53.57 -21.81 39.26
C ALA D 73 54.37 -21.66 40.57
N SER D 74 53.69 -21.39 41.68
CA SER D 74 54.25 -21.12 43.00
C SER D 74 53.21 -21.48 44.06
N LEU D 75 53.19 -22.78 44.42
CA LEU D 75 52.40 -23.29 45.54
C LEU D 75 53.00 -22.80 46.87
N ALA D 76 52.23 -22.88 47.96
CA ALA D 76 52.56 -22.31 49.26
C ALA D 76 52.27 -23.27 50.43
N ILE D 77 52.86 -22.97 51.60
CA ILE D 77 52.31 -23.36 52.92
C ILE D 77 52.50 -22.18 53.89
N THR D 78 51.42 -21.77 54.56
CA THR D 78 51.43 -21.04 55.85
C THR D 78 50.93 -22.00 56.94
N ARG D 79 51.32 -21.82 58.21
CA ARG D 79 51.06 -22.81 59.28
C ARG D 79 51.64 -24.19 58.97
N LEU D 80 52.94 -24.24 58.63
CA LEU D 80 53.68 -25.51 58.54
C LEU D 80 53.58 -26.30 59.85
N GLN D 81 53.43 -27.63 59.75
CA GLN D 81 53.52 -28.62 60.82
C GLN D 81 54.22 -29.89 60.32
N ALA D 82 54.67 -30.77 61.21
CA ALA D 82 55.67 -31.81 60.90
C ALA D 82 55.33 -32.75 59.73
N GLU D 83 54.07 -33.16 59.57
CA GLU D 83 53.65 -34.04 58.46
C GLU D 83 53.76 -33.38 57.07
N ASP D 84 53.91 -32.06 56.99
CA ASP D 84 54.16 -31.31 55.76
C ASP D 84 55.58 -31.53 55.19
N GLU D 85 56.53 -32.02 56.00
CA GLU D 85 57.86 -32.47 55.59
C GLU D 85 57.77 -33.75 54.73
N ALA D 86 57.39 -33.60 53.47
CA ALA D 86 56.95 -34.69 52.60
C ALA D 86 57.27 -34.45 51.12
N ASP D 87 57.14 -35.48 50.28
CA ASP D 87 57.25 -35.35 48.82
C ASP D 87 55.97 -34.78 48.16
N TYR D 88 56.15 -33.94 47.15
CA TYR D 88 55.08 -33.35 46.35
C TYR D 88 55.48 -33.31 44.88
N TYR D 89 54.52 -33.26 43.95
CA TYR D 89 54.73 -33.17 42.49
C TYR D 89 53.85 -32.07 41.87
N CYS D 90 54.08 -31.71 40.60
CA CYS D 90 53.22 -30.80 39.84
C CYS D 90 52.91 -31.30 38.41
N GLN D 91 51.84 -30.80 37.77
CA GLN D 91 51.36 -31.23 36.45
C GLN D 91 50.66 -30.09 35.68
N SER D 92 50.75 -30.13 34.34
CA SER D 92 50.06 -29.26 33.39
C SER D 92 50.00 -29.93 32.01
N TYR D 93 49.78 -29.18 30.93
CA TYR D 93 49.87 -29.65 29.55
C TYR D 93 50.99 -28.95 28.77
N ASP D 94 51.68 -29.66 27.87
CA ASP D 94 52.72 -29.07 27.03
C ASP D 94 52.46 -29.24 25.54
N SER D 95 52.38 -28.12 24.84
CA SER D 95 52.19 -28.05 23.38
C SER D 95 53.41 -28.54 22.58
N SER D 96 54.61 -28.58 23.15
CA SER D 96 55.77 -29.19 22.51
C SER D 96 55.71 -30.73 22.50
N LEU D 97 54.94 -31.33 23.42
CA LEU D 97 54.62 -32.75 23.47
C LEU D 97 53.23 -32.99 22.87
N SER D 98 52.80 -34.25 22.83
CA SER D 98 51.40 -34.59 22.50
C SER D 98 50.47 -34.15 23.64
N GLY D 99 50.83 -34.52 24.88
CA GLY D 99 49.96 -34.53 26.05
C GLY D 99 50.53 -33.87 27.30
N TRP D 100 50.26 -34.48 28.46
CA TRP D 100 50.55 -33.88 29.78
C TRP D 100 52.05 -33.68 30.02
N VAL D 101 52.38 -32.77 30.95
CA VAL D 101 53.73 -32.52 31.46
C VAL D 101 53.74 -32.50 32.97
N PHE D 102 54.83 -33.00 33.55
CA PHE D 102 55.02 -33.22 34.97
C PHE D 102 56.22 -32.46 35.53
N GLY D 103 56.17 -32.12 36.82
CA GLY D 103 57.19 -31.36 37.53
C GLY D 103 58.32 -32.17 38.17
N GLY D 104 59.34 -31.45 38.63
CA GLY D 104 60.59 -32.00 39.15
C GLY D 104 60.52 -32.61 40.56
N GLY D 105 59.42 -32.42 41.29
CA GLY D 105 59.24 -32.84 42.67
C GLY D 105 59.78 -31.84 43.69
N THR D 106 59.03 -31.63 44.77
CA THR D 106 59.32 -30.69 45.87
C THR D 106 59.26 -31.40 47.21
N LYS D 107 60.13 -31.01 48.15
CA LYS D 107 59.96 -31.27 49.57
C LYS D 107 59.79 -29.95 50.35
N LEU D 108 58.58 -29.71 50.83
CA LEU D 108 58.35 -28.76 51.93
C LEU D 108 59.11 -29.23 53.17
N THR D 109 59.51 -28.32 54.05
CA THR D 109 60.23 -28.66 55.28
C THR D 109 59.84 -27.77 56.47
N VAL D 110 59.59 -28.41 57.61
CA VAL D 110 59.73 -27.77 58.91
C VAL D 110 61.22 -27.46 59.16
N LEU D 111 61.53 -26.35 59.83
CA LEU D 111 62.89 -25.84 60.05
C LEU D 111 63.81 -26.79 60.88
N GLY D 112 65.12 -26.67 60.71
CA GLY D 112 66.17 -27.42 61.41
C GLY D 112 66.52 -26.91 62.82
N GLN D 113 65.54 -26.79 63.71
CA GLN D 113 65.66 -26.08 65.00
C GLN D 113 66.75 -26.62 65.97
N PRO D 114 66.61 -27.78 66.66
CA PRO D 114 67.64 -28.29 67.57
C PRO D 114 68.82 -28.97 66.86
N LYS D 115 70.05 -28.77 67.35
CA LYS D 115 71.21 -29.60 66.99
C LYS D 115 71.23 -30.92 67.80
N ALA D 116 70.30 -31.83 67.55
CA ALA D 116 70.31 -33.15 68.20
C ALA D 116 71.48 -34.02 67.69
N ASN D 117 72.22 -34.66 68.60
CA ASN D 117 73.38 -35.49 68.26
C ASN D 117 72.98 -36.94 67.91
N PRO D 118 73.56 -37.56 66.86
CA PRO D 118 73.26 -38.94 66.50
C PRO D 118 73.65 -39.99 67.56
N THR D 119 72.95 -41.13 67.57
CA THR D 119 73.48 -42.41 68.07
C THR D 119 74.26 -43.15 66.97
N VAL D 120 75.31 -43.88 67.34
CA VAL D 120 76.32 -44.43 66.41
C VAL D 120 76.74 -45.85 66.82
N THR D 121 76.40 -46.86 65.99
CA THR D 121 76.92 -48.24 66.06
C THR D 121 76.49 -49.02 64.81
N LEU D 122 77.13 -50.16 64.54
CA LEU D 122 76.74 -51.13 63.50
C LEU D 122 75.99 -52.28 64.17
N PHE D 123 74.74 -52.63 63.86
CA PHE D 123 74.05 -53.71 64.59
C PHE D 123 74.73 -55.09 64.31
N PRO D 124 75.19 -55.87 65.31
CA PRO D 124 76.10 -56.99 65.03
C PRO D 124 75.51 -58.13 64.19
N PRO D 125 76.25 -58.71 63.23
CA PRO D 125 75.96 -60.04 62.72
C PRO D 125 76.10 -61.05 63.87
N SER D 126 75.16 -61.99 63.99
CA SER D 126 75.18 -63.05 65.00
C SER D 126 75.93 -64.28 64.50
N SER D 127 76.50 -65.07 65.41
CA SER D 127 77.03 -66.42 65.10
C SER D 127 75.95 -67.37 64.53
N GLU D 128 74.67 -67.08 64.77
CA GLU D 128 73.53 -67.77 64.15
C GLU D 128 73.41 -67.53 62.64
N GLU D 129 73.86 -66.39 62.09
CA GLU D 129 73.92 -66.19 60.62
C GLU D 129 74.76 -67.25 59.89
N LEU D 130 75.72 -67.87 60.60
CA LEU D 130 76.53 -68.96 60.05
C LEU D 130 75.71 -70.23 59.73
N GLN D 131 74.45 -70.35 60.17
CA GLN D 131 73.51 -71.37 59.68
C GLN D 131 73.29 -71.30 58.15
N ALA D 132 73.61 -70.16 57.53
CA ALA D 132 73.66 -69.95 56.08
C ALA D 132 75.03 -69.44 55.58
N ASN D 133 76.12 -69.70 56.30
CA ASN D 133 77.52 -69.40 55.92
C ASN D 133 77.82 -67.93 55.54
N LYS D 134 77.07 -66.95 56.06
CA LYS D 134 77.04 -65.54 55.63
C LYS D 134 77.00 -64.57 56.82
N ALA D 135 77.18 -63.26 56.58
CA ALA D 135 77.14 -62.21 57.61
C ALA D 135 76.55 -60.90 57.08
N THR D 136 76.05 -60.04 57.96
CA THR D 136 75.50 -58.71 57.60
C THR D 136 75.93 -57.55 58.54
N LEU D 137 76.26 -56.40 57.94
CA LEU D 137 76.63 -55.13 58.63
C LEU D 137 75.95 -53.92 57.97
N VAL D 138 75.47 -53.01 58.80
CA VAL D 138 75.03 -51.66 58.44
C VAL D 138 75.55 -50.72 59.52
N CYS D 139 76.02 -49.53 59.16
CA CYS D 139 76.38 -48.48 60.11
C CYS D 139 75.17 -47.56 60.34
N LEU D 140 74.70 -47.45 61.59
CA LEU D 140 73.54 -46.66 61.96
C LEU D 140 73.94 -45.31 62.55
N ILE D 141 73.28 -44.28 62.07
CA ILE D 141 73.42 -42.88 62.42
C ILE D 141 72.01 -42.37 62.75
N SER D 142 71.40 -42.92 63.78
CA SER D 142 70.03 -42.59 64.21
C SER D 142 70.03 -41.29 65.05
N ASP D 143 68.86 -40.74 65.34
CA ASP D 143 68.63 -39.77 66.43
C ASP D 143 69.25 -38.36 66.28
N PHE D 144 69.77 -37.97 65.12
CA PHE D 144 70.32 -36.63 64.87
C PHE D 144 69.30 -35.58 64.41
N TYR D 145 69.66 -34.30 64.47
CA TYR D 145 69.01 -33.24 63.68
C TYR D 145 70.00 -32.06 63.50
N PRO D 146 69.86 -31.19 62.47
CA PRO D 146 69.05 -31.32 61.25
C PRO D 146 69.81 -31.90 60.05
N GLY D 147 69.07 -32.33 59.01
CA GLY D 147 69.59 -32.53 57.65
C GLY D 147 70.35 -33.85 57.40
N ALA D 148 71.66 -33.85 57.63
CA ALA D 148 72.53 -34.97 57.32
C ALA D 148 73.82 -35.00 58.17
N VAL D 149 74.48 -36.17 58.17
CA VAL D 149 75.64 -36.50 59.01
C VAL D 149 76.79 -37.02 58.15
N THR D 150 78.05 -36.84 58.58
CA THR D 150 79.23 -37.40 57.90
C THR D 150 79.33 -38.90 58.14
N VAL D 151 79.09 -39.69 57.10
CA VAL D 151 79.35 -41.14 57.07
C VAL D 151 80.86 -41.38 57.22
N ALA D 152 81.28 -42.02 58.31
CA ALA D 152 82.67 -42.41 58.57
C ALA D 152 82.74 -43.69 59.41
N TRP D 153 83.21 -44.77 58.81
CA TRP D 153 83.50 -46.05 59.45
C TRP D 153 84.60 -46.82 58.70
N LYS D 154 85.18 -47.81 59.37
CA LYS D 154 86.46 -48.43 59.05
C LYS D 154 86.40 -49.96 59.23
N ALA D 155 87.26 -50.69 58.55
CA ALA D 155 87.57 -52.09 58.77
C ALA D 155 89.11 -52.25 58.80
N ASP D 156 89.65 -52.91 59.83
CA ASP D 156 91.10 -53.02 60.09
C ASP D 156 91.83 -51.65 60.00
N SER D 157 91.22 -50.60 60.56
CA SER D 157 91.60 -49.17 60.50
C SER D 157 91.56 -48.49 59.11
N SER D 158 91.43 -49.25 58.02
CA SER D 158 91.21 -48.71 56.67
C SER D 158 89.75 -48.23 56.49
N PRO D 159 89.49 -47.12 55.78
CA PRO D 159 88.16 -46.54 55.64
C PRO D 159 87.24 -47.31 54.67
N VAL D 160 85.97 -47.43 55.02
CA VAL D 160 84.91 -48.03 54.17
C VAL D 160 84.51 -47.04 53.05
N LYS D 161 84.36 -47.53 51.81
CA LYS D 161 84.25 -46.71 50.59
C LYS D 161 83.03 -47.09 49.73
N ALA D 162 82.40 -46.10 49.10
CA ALA D 162 81.16 -46.17 48.31
C ALA D 162 79.90 -46.64 49.09
N GLY D 163 79.95 -46.71 50.41
CA GLY D 163 78.90 -47.26 51.27
C GLY D 163 77.79 -46.27 51.68
N VAL D 164 77.81 -45.05 51.15
CA VAL D 164 76.87 -43.96 51.48
C VAL D 164 75.42 -44.28 51.12
N GLU D 165 74.46 -43.69 51.85
CA GLU D 165 73.03 -43.75 51.51
C GLU D 165 72.26 -42.52 52.07
N THR D 166 71.09 -42.25 51.50
CA THR D 166 70.18 -41.12 51.78
C THR D 166 69.72 -41.08 53.24
N THR D 167 69.50 -39.88 53.80
CA THR D 167 68.99 -39.69 55.17
C THR D 167 67.46 -39.81 55.26
N THR D 168 66.94 -40.28 56.39
CA THR D 168 65.52 -40.58 56.61
C THR D 168 64.87 -39.46 57.43
N PRO D 169 63.67 -38.96 57.04
CA PRO D 169 63.06 -37.76 57.65
C PRO D 169 62.63 -37.92 59.11
N SER D 170 62.00 -36.89 59.66
CA SER D 170 61.74 -36.75 61.10
C SER D 170 60.85 -37.86 61.71
N LYS D 171 61.23 -38.29 62.91
CA LYS D 171 60.50 -39.19 63.81
C LYS D 171 59.28 -38.52 64.47
N GLN D 172 58.42 -39.33 65.07
CA GLN D 172 57.28 -38.90 65.89
C GLN D 172 57.75 -38.26 67.23
N SER D 173 56.89 -37.45 67.83
CA SER D 173 57.06 -36.76 69.14
C SER D 173 58.24 -35.77 69.28
N ASN D 174 59.12 -35.72 68.28
CA ASN D 174 60.38 -34.98 68.23
C ASN D 174 60.54 -34.37 66.81
N ASN D 175 61.76 -34.03 66.39
CA ASN D 175 62.08 -33.83 64.97
C ASN D 175 63.19 -34.77 64.43
N LYS D 176 63.82 -35.58 65.30
CA LYS D 176 65.03 -36.37 65.03
C LYS D 176 64.93 -37.25 63.76
N TYR D 177 66.00 -37.30 62.97
CA TYR D 177 66.22 -38.08 61.74
C TYR D 177 66.91 -39.41 62.06
N ALA D 178 67.08 -40.25 61.03
CA ALA D 178 67.99 -41.40 61.05
C ALA D 178 68.64 -41.63 59.67
N ALA D 179 69.87 -42.14 59.60
CA ALA D 179 70.52 -42.50 58.36
C ALA D 179 71.37 -43.77 58.54
N SER D 180 71.74 -44.43 57.45
CA SER D 180 72.61 -45.61 57.49
C SER D 180 73.63 -45.68 56.36
N SER D 181 74.66 -46.50 56.51
CA SER D 181 75.68 -46.78 55.50
C SER D 181 75.99 -48.27 55.39
N TYR D 182 76.24 -48.78 54.19
CA TYR D 182 76.24 -50.22 53.89
C TYR D 182 77.55 -50.72 53.24
N LEU D 183 77.89 -51.99 53.47
CA LEU D 183 79.09 -52.70 52.99
C LEU D 183 78.78 -54.20 52.80
N SER D 184 79.50 -54.88 51.89
CA SER D 184 79.49 -56.35 51.78
C SER D 184 80.85 -56.91 51.35
N LEU D 185 81.12 -58.18 51.70
CA LEU D 185 82.35 -58.94 51.42
C LEU D 185 81.99 -60.42 51.14
N THR D 186 82.92 -61.20 50.59
CA THR D 186 82.83 -62.68 50.61
C THR D 186 82.86 -63.13 52.08
N PRO D 187 82.09 -64.13 52.55
CA PRO D 187 81.97 -64.44 53.98
C PRO D 187 83.29 -64.75 54.70
N GLU D 188 84.23 -65.45 54.06
CA GLU D 188 85.56 -65.73 54.61
C GLU D 188 86.44 -64.46 54.66
N GLN D 189 86.34 -63.58 53.67
CA GLN D 189 86.92 -62.23 53.74
C GLN D 189 86.27 -61.41 54.88
N TRP D 190 84.97 -61.62 55.15
CA TRP D 190 84.23 -60.97 56.23
C TRP D 190 84.70 -61.45 57.62
N LYS D 191 85.19 -62.69 57.75
CA LYS D 191 85.93 -63.16 58.94
C LYS D 191 87.36 -62.60 58.98
N SER D 192 88.01 -62.46 57.83
CA SER D 192 89.41 -62.05 57.70
C SER D 192 89.66 -60.59 58.11
N HIS D 193 88.81 -59.64 57.70
CA HIS D 193 88.73 -58.30 58.31
C HIS D 193 88.00 -58.40 59.66
N ARG D 194 88.64 -57.99 60.76
CA ARG D 194 88.07 -58.03 62.12
C ARG D 194 87.40 -56.71 62.51
N SER D 195 88.09 -55.58 62.31
CA SER D 195 87.84 -54.37 63.11
C SER D 195 86.81 -53.40 62.53
N TYR D 196 85.62 -53.91 62.18
CA TYR D 196 84.47 -53.10 61.78
C TYR D 196 84.07 -52.12 62.91
N SER D 197 84.22 -50.82 62.67
CA SER D 197 84.12 -49.77 63.71
C SER D 197 83.82 -48.39 63.12
N CYS D 198 83.00 -47.60 63.82
CA CYS D 198 82.41 -46.33 63.34
C CYS D 198 82.96 -45.09 64.09
N GLN D 199 83.26 -44.04 63.33
CA GLN D 199 83.87 -42.79 63.78
C GLN D 199 83.14 -41.56 63.16
N VAL D 200 81.81 -41.64 63.17
CA VAL D 200 80.84 -40.71 62.57
C VAL D 200 80.89 -39.31 63.19
N THR D 201 80.75 -38.25 62.37
CA THR D 201 80.76 -36.85 62.84
C THR D 201 79.55 -36.04 62.37
N HIS D 202 78.99 -35.25 63.27
CA HIS D 202 77.83 -34.34 63.12
C HIS D 202 78.17 -33.01 63.81
N GLU D 203 77.50 -31.92 63.44
CA GLU D 203 77.89 -30.56 63.85
C GLU D 203 77.79 -30.28 65.36
N GLY D 204 77.00 -31.04 66.13
CA GLY D 204 76.98 -30.97 67.60
C GLY D 204 77.77 -32.08 68.31
N SER D 205 77.93 -33.25 67.69
CA SER D 205 78.45 -34.49 68.32
C SER D 205 79.97 -34.50 68.61
N THR D 206 80.37 -35.04 69.75
CA THR D 206 81.77 -35.04 70.25
C THR D 206 82.44 -36.42 70.15
N VAL D 207 81.77 -37.50 70.58
CA VAL D 207 82.30 -38.88 70.67
C VAL D 207 81.23 -39.92 70.29
N GLU D 208 81.66 -41.11 69.89
CA GLU D 208 80.74 -42.18 69.50
C GLU D 208 80.40 -43.13 70.66
N LYS D 209 79.18 -43.68 70.61
CA LYS D 209 78.73 -44.84 71.40
C LYS D 209 79.23 -46.18 70.80
N THR D 210 80.31 -46.15 70.02
CA THR D 210 80.84 -47.29 69.24
C THR D 210 81.26 -48.47 70.12
N VAL D 211 80.65 -49.63 69.86
CA VAL D 211 80.99 -50.95 70.41
C VAL D 211 81.91 -51.73 69.44
N ALA D 212 81.97 -53.06 69.54
CA ALA D 212 82.68 -53.94 68.60
C ALA D 212 81.73 -54.93 67.89
N PRO D 213 81.03 -54.53 66.80
CA PRO D 213 80.21 -55.38 65.92
C PRO D 213 81.02 -56.35 65.05
N THR D 214 82.01 -57.03 65.63
CA THR D 214 82.80 -58.05 64.92
C THR D 214 81.92 -59.12 64.31
N GLU D 215 82.40 -59.72 63.22
CA GLU D 215 81.91 -61.01 62.74
C GLU D 215 81.96 -62.07 63.87
N CYS D 216 81.04 -63.02 63.83
CA CYS D 216 80.89 -64.15 64.75
C CYS D 216 80.63 -63.74 66.21
N SER D 217 79.83 -62.69 66.42
CA SER D 217 79.34 -62.24 67.73
C SER D 217 78.03 -61.44 67.59
N ALA E 1 -41.68 -45.10 7.03
CA ALA E 1 -42.57 -43.92 7.13
C ALA E 1 -41.79 -42.61 7.33
N TYR E 2 -42.20 -41.52 6.67
CA TYR E 2 -41.51 -40.23 6.69
C TYR E 2 -42.36 -39.12 7.31
N THR E 3 -41.76 -38.37 8.24
CA THR E 3 -42.28 -37.10 8.75
C THR E 3 -41.36 -35.98 8.27
N ASN E 4 -41.87 -34.92 7.66
CA ASN E 4 -41.02 -33.83 7.19
C ASN E 4 -40.47 -33.00 8.38
N SER E 5 -39.22 -32.55 8.33
CA SER E 5 -38.59 -31.82 9.45
C SER E 5 -39.05 -30.36 9.47
N PHE E 6 -39.90 -30.02 10.44
CA PHE E 6 -40.53 -28.72 10.57
C PHE E 6 -39.59 -27.66 11.16
N THR E 7 -38.48 -27.37 10.50
CA THR E 7 -37.43 -26.39 10.86
C THR E 7 -36.59 -26.70 12.10
N ARG E 8 -36.71 -27.90 12.65
CA ARG E 8 -35.86 -28.40 13.75
C ARG E 8 -34.41 -28.65 13.32
N GLY E 9 -33.56 -29.04 14.25
CA GLY E 9 -32.28 -29.72 13.94
C GLY E 9 -31.06 -28.82 13.68
N VAL E 10 -31.10 -27.60 14.21
CA VAL E 10 -30.01 -26.61 14.18
C VAL E 10 -29.44 -26.47 15.59
N TYR E 11 -28.17 -26.13 15.70
CA TYR E 11 -27.38 -26.23 16.93
C TYR E 11 -26.33 -25.11 17.00
N TYR E 12 -25.83 -24.81 18.20
CA TYR E 12 -24.78 -23.80 18.37
C TYR E 12 -23.47 -24.32 17.74
N PRO E 13 -22.92 -23.71 16.70
CA PRO E 13 -21.88 -24.31 15.88
C PRO E 13 -20.45 -24.19 16.43
N ASP E 14 -20.23 -23.38 17.47
CA ASP E 14 -18.92 -23.06 18.04
C ASP E 14 -19.06 -22.59 19.50
N LYS E 15 -17.93 -22.37 20.18
CA LYS E 15 -17.87 -21.90 21.58
C LYS E 15 -18.10 -20.39 21.74
N VAL E 16 -18.69 -19.71 20.75
CA VAL E 16 -18.60 -18.25 20.65
C VAL E 16 -19.89 -17.55 21.04
N PHE E 17 -19.79 -16.62 21.98
CA PHE E 17 -20.85 -15.68 22.31
C PHE E 17 -21.01 -14.60 21.22
N ARG E 18 -22.25 -14.26 20.88
CA ARG E 18 -22.58 -13.32 19.81
C ARG E 18 -23.78 -12.51 20.23
N SER E 19 -23.61 -11.25 20.62
CA SER E 19 -24.73 -10.41 20.99
C SER E 19 -25.34 -9.76 19.74
N SER E 20 -26.64 -9.98 19.53
CA SER E 20 -27.50 -9.44 18.46
C SER E 20 -27.12 -9.78 17.00
N VAL E 21 -25.88 -10.19 16.71
CA VAL E 21 -25.35 -10.32 15.36
C VAL E 21 -25.97 -11.49 14.58
N LEU E 22 -26.45 -11.21 13.37
CA LEU E 22 -27.02 -12.18 12.44
C LEU E 22 -25.91 -12.96 11.71
N HIS E 23 -25.12 -13.73 12.44
CA HIS E 23 -23.97 -14.47 11.90
C HIS E 23 -24.38 -15.58 10.95
N SER E 24 -23.61 -15.79 9.90
CA SER E 24 -23.85 -16.85 8.92
C SER E 24 -22.63 -17.75 8.82
N THR E 25 -22.87 -19.05 8.68
CA THR E 25 -21.83 -20.07 8.73
C THR E 25 -22.19 -21.26 7.83
N GLN E 26 -21.18 -21.96 7.30
CA GLN E 26 -21.33 -23.21 6.56
C GLN E 26 -20.86 -24.37 7.42
N ASP E 27 -21.68 -25.41 7.52
CA ASP E 27 -21.35 -26.63 8.26
C ASP E 27 -22.23 -27.78 7.83
N LEU E 28 -22.06 -28.93 8.47
CA LEU E 28 -23.10 -29.96 8.51
C LEU E 28 -24.30 -29.45 9.33
N PHE E 29 -25.49 -29.40 8.74
CA PHE E 29 -26.75 -29.07 9.42
C PHE E 29 -27.89 -29.91 8.83
N LEU E 30 -28.98 -30.14 9.58
CA LEU E 30 -30.18 -30.83 9.06
C LEU E 30 -31.02 -29.83 8.24
N PRO E 31 -31.23 -30.01 6.93
CA PRO E 31 -31.98 -29.02 6.14
C PRO E 31 -33.44 -28.85 6.57
N PHE E 32 -33.94 -27.62 6.57
CA PHE E 32 -35.33 -27.35 6.89
C PHE E 32 -36.25 -28.04 5.88
N PHE E 33 -37.33 -28.63 6.35
CA PHE E 33 -38.31 -29.33 5.53
C PHE E 33 -37.75 -30.52 4.72
N SER E 34 -36.69 -31.16 5.22
CA SER E 34 -36.16 -32.45 4.75
C SER E 34 -36.84 -33.64 5.46
N ASN E 35 -36.91 -34.81 4.83
CA ASN E 35 -37.60 -35.97 5.44
C ASN E 35 -36.80 -36.62 6.58
N VAL E 36 -37.28 -36.49 7.82
CA VAL E 36 -36.85 -37.37 8.92
C VAL E 36 -37.69 -38.65 8.89
N THR E 37 -37.07 -39.77 9.24
CA THR E 37 -37.64 -41.10 9.08
C THR E 37 -38.15 -41.60 10.43
N TRP E 38 -39.43 -41.92 10.53
CA TRP E 38 -40.05 -42.42 11.74
C TRP E 38 -39.58 -43.86 12.03
N PHE E 39 -39.13 -44.13 13.27
CA PHE E 39 -38.66 -45.42 13.75
C PHE E 39 -39.19 -45.70 15.16
N HIS E 40 -39.55 -46.95 15.44
CA HIS E 40 -40.59 -47.23 16.43
C HIS E 40 -40.51 -48.67 16.95
N ASN E 55 -36.02 -49.85 18.00
CA ASN E 55 -35.90 -51.27 17.65
C ASN E 55 -34.76 -51.61 16.66
N PRO E 56 -34.67 -50.97 15.49
CA PRO E 56 -33.75 -51.41 14.43
C PRO E 56 -32.25 -51.13 14.70
N VAL E 57 -31.44 -51.72 13.82
CA VAL E 57 -30.05 -51.32 13.51
C VAL E 57 -30.02 -50.65 12.12
N LEU E 58 -29.36 -49.49 12.01
CA LEU E 58 -29.63 -48.41 11.04
C LEU E 58 -28.38 -47.89 10.28
N PRO E 59 -28.55 -47.10 9.20
CA PRO E 59 -27.46 -46.51 8.43
C PRO E 59 -27.00 -45.17 9.04
N PHE E 60 -25.93 -44.59 8.52
CA PHE E 60 -25.35 -43.33 9.02
C PHE E 60 -24.82 -42.45 7.89
N ASN E 61 -24.82 -41.14 8.12
CA ASN E 61 -24.26 -40.08 7.28
C ASN E 61 -23.50 -39.10 8.19
N ASP E 62 -22.66 -38.22 7.63
CA ASP E 62 -21.56 -37.51 8.33
C ASP E 62 -21.93 -36.80 9.65
N GLY E 63 -23.21 -36.50 9.83
CA GLY E 63 -23.83 -36.40 11.13
C GLY E 63 -25.27 -36.93 11.11
N VAL E 64 -25.86 -37.12 12.28
CA VAL E 64 -27.24 -37.59 12.48
C VAL E 64 -27.97 -36.64 13.40
N TYR E 65 -29.26 -36.47 13.14
CA TYR E 65 -30.24 -35.89 14.07
C TYR E 65 -31.15 -37.00 14.57
N PHE E 66 -31.43 -37.03 15.88
CA PHE E 66 -32.36 -37.96 16.52
C PHE E 66 -33.33 -37.21 17.42
N ALA E 67 -34.62 -37.57 17.44
CA ALA E 67 -35.56 -37.05 18.42
C ALA E 67 -36.64 -38.05 18.83
N SER E 68 -37.17 -38.01 20.06
CA SER E 68 -38.02 -39.12 20.54
C SER E 68 -39.04 -38.81 21.63
N THR E 69 -40.08 -39.64 21.69
CA THR E 69 -41.07 -39.72 22.78
C THR E 69 -40.48 -40.42 24.02
N GLU E 70 -39.57 -39.77 24.75
CA GLU E 70 -38.77 -40.32 25.86
C GLU E 70 -39.54 -40.63 27.17
N LYS E 71 -40.66 -41.35 27.07
CA LYS E 71 -41.79 -41.35 28.01
C LYS E 71 -41.54 -42.02 29.36
N SER E 72 -40.36 -42.60 29.60
CA SER E 72 -39.98 -43.13 30.91
C SER E 72 -38.49 -42.93 31.26
N ASN E 73 -37.74 -42.21 30.42
CA ASN E 73 -36.28 -42.07 30.47
C ASN E 73 -35.48 -43.40 30.48
N ILE E 74 -36.07 -44.52 30.05
CA ILE E 74 -35.40 -45.85 30.05
C ILE E 74 -34.35 -46.02 28.95
N ILE E 75 -34.33 -45.14 27.95
CA ILE E 75 -33.52 -45.31 26.74
C ILE E 75 -32.04 -45.50 27.11
N ARG E 76 -31.46 -46.61 26.64
CA ARG E 76 -30.07 -46.97 26.88
C ARG E 76 -29.16 -46.07 26.03
N GLY E 77 -29.37 -46.01 24.73
CA GLY E 77 -28.55 -45.20 23.83
C GLY E 77 -28.37 -45.79 22.44
N TRP E 78 -27.32 -45.33 21.78
CA TRP E 78 -27.09 -45.50 20.35
C TRP E 78 -25.80 -46.26 20.10
N ILE E 79 -25.82 -47.09 19.05
CA ILE E 79 -24.71 -47.96 18.67
C ILE E 79 -24.09 -47.41 17.39
N PHE E 80 -22.78 -47.24 17.31
CA PHE E 80 -22.11 -46.62 16.17
C PHE E 80 -21.13 -47.59 15.50
N GLY E 81 -19.92 -47.13 15.15
CA GLY E 81 -18.84 -47.92 14.55
C GLY E 81 -19.14 -48.33 13.10
N THR E 82 -18.85 -49.58 12.77
CA THR E 82 -19.30 -50.22 11.51
C THR E 82 -19.83 -51.66 11.75
N THR E 83 -19.17 -52.44 12.62
CA THR E 83 -19.48 -53.86 12.89
C THR E 83 -20.39 -54.14 14.09
N LEU E 84 -20.65 -53.14 14.94
CA LEU E 84 -21.40 -53.20 16.22
C LEU E 84 -20.80 -54.13 17.31
N ASP E 85 -20.63 -55.43 17.06
CA ASP E 85 -20.17 -56.39 18.08
C ASP E 85 -18.63 -56.41 18.27
N SER E 86 -17.88 -56.59 17.17
CA SER E 86 -16.52 -57.17 17.17
C SER E 86 -15.68 -56.88 15.91
N LYS E 87 -14.38 -57.22 15.99
CA LYS E 87 -13.37 -57.18 14.92
C LYS E 87 -12.93 -55.80 14.41
N THR E 88 -13.39 -54.71 15.03
CA THR E 88 -13.06 -53.29 14.75
C THR E 88 -13.44 -52.43 15.96
N GLN E 89 -12.95 -51.20 16.03
CA GLN E 89 -13.20 -50.21 17.07
C GLN E 89 -14.66 -49.69 17.12
N SER E 90 -15.57 -50.53 17.61
CA SER E 90 -17.01 -50.27 17.69
C SER E 90 -17.38 -49.25 18.79
N LEU E 91 -17.72 -48.00 18.42
CA LEU E 91 -18.22 -46.98 19.36
C LEU E 91 -19.64 -47.27 19.87
N LEU E 92 -19.86 -47.07 21.16
CA LEU E 92 -21.10 -47.36 21.88
C LEU E 92 -21.30 -46.33 23.00
N ILE E 93 -22.55 -45.96 23.31
CA ILE E 93 -22.90 -45.03 24.40
C ILE E 93 -23.97 -45.68 25.25
N VAL E 94 -24.00 -45.42 26.56
CA VAL E 94 -25.04 -45.90 27.47
C VAL E 94 -25.40 -44.84 28.52
N ASN E 95 -26.59 -44.27 28.42
CA ASN E 95 -27.28 -43.57 29.50
C ASN E 95 -27.59 -44.56 30.65
N ASN E 96 -26.58 -44.89 31.45
CA ASN E 96 -26.70 -45.84 32.55
C ASN E 96 -27.26 -45.14 33.80
N ALA E 97 -27.71 -45.90 34.79
CA ALA E 97 -28.69 -45.49 35.79
C ALA E 97 -28.45 -44.13 36.46
N THR E 98 -27.20 -43.79 36.82
CA THR E 98 -26.79 -42.50 37.38
C THR E 98 -25.64 -41.83 36.63
N ASN E 99 -25.27 -42.33 35.44
CA ASN E 99 -24.16 -41.81 34.63
C ASN E 99 -24.28 -42.11 33.12
N VAL E 100 -24.06 -41.11 32.28
CA VAL E 100 -23.97 -41.29 30.82
C VAL E 100 -22.58 -41.85 30.53
N VAL E 101 -22.50 -43.17 30.35
CA VAL E 101 -21.31 -43.91 29.96
C VAL E 101 -21.03 -43.73 28.47
N ILE E 102 -19.77 -43.69 28.09
CA ILE E 102 -19.31 -43.90 26.70
C ILE E 102 -18.37 -45.11 26.71
N LYS E 103 -18.28 -45.88 25.62
CA LYS E 103 -17.47 -47.11 25.52
C LYS E 103 -16.98 -47.41 24.09
N VAL E 104 -15.92 -48.20 23.95
CA VAL E 104 -15.52 -48.88 22.69
C VAL E 104 -14.71 -50.14 22.97
N CYS E 105 -15.30 -51.32 22.78
CA CYS E 105 -14.76 -52.63 23.18
C CYS E 105 -15.37 -53.78 22.33
N GLU E 106 -14.78 -54.98 22.31
CA GLU E 106 -15.22 -56.10 21.46
C GLU E 106 -15.91 -57.27 22.21
N PHE E 107 -17.14 -57.63 21.79
CA PHE E 107 -18.01 -58.62 22.45
C PHE E 107 -18.89 -59.39 21.43
N GLN E 108 -19.89 -60.13 21.91
CA GLN E 108 -21.04 -60.65 21.15
C GLN E 108 -22.34 -60.54 21.97
N PHE E 109 -23.49 -60.63 21.31
CA PHE E 109 -24.85 -60.39 21.86
C PHE E 109 -25.89 -61.31 21.19
N CYS E 110 -27.13 -61.33 21.70
CA CYS E 110 -28.26 -61.95 21.01
C CYS E 110 -28.53 -61.29 19.64
N ASN E 111 -29.32 -61.96 18.77
CA ASN E 111 -29.35 -61.71 17.32
C ASN E 111 -29.43 -60.23 16.90
N ASP E 112 -30.48 -59.54 17.31
CA ASP E 112 -30.55 -58.07 17.29
C ASP E 112 -30.39 -57.53 18.71
N PRO E 113 -29.52 -56.53 18.93
CA PRO E 113 -29.09 -56.16 20.27
C PRO E 113 -30.29 -55.67 21.09
N PHE E 114 -30.40 -56.14 22.34
CA PHE E 114 -31.69 -56.21 23.01
C PHE E 114 -32.30 -54.83 23.28
N ASN E 138 -13.34 -55.94 26.15
CA ASN E 138 -12.19 -56.47 25.45
C ASN E 138 -11.54 -55.46 24.49
N ASN E 139 -10.21 -55.36 24.49
CA ASN E 139 -9.43 -54.47 23.61
C ASN E 139 -9.82 -52.97 23.70
N CYS E 140 -10.37 -52.55 24.83
CA CYS E 140 -10.97 -51.22 25.04
C CYS E 140 -9.99 -50.06 24.89
N THR E 141 -10.45 -48.90 24.41
CA THR E 141 -9.59 -47.71 24.18
C THR E 141 -10.17 -46.39 24.69
N PHE E 142 -11.49 -46.24 24.78
CA PHE E 142 -12.13 -45.09 25.40
C PHE E 142 -13.37 -45.51 26.22
N GLU E 143 -13.41 -45.05 27.46
CA GLU E 143 -14.51 -45.22 28.40
C GLU E 143 -14.53 -44.03 29.36
N TYR E 144 -15.71 -43.49 29.64
CA TYR E 144 -15.99 -42.40 30.58
C TYR E 144 -17.41 -42.58 31.14
N VAL E 145 -17.70 -42.02 32.31
CA VAL E 145 -18.92 -42.27 33.13
C VAL E 145 -19.49 -40.95 33.64
N SER E 146 -20.09 -40.17 32.72
CA SER E 146 -20.46 -38.77 32.93
C SER E 146 -21.62 -38.59 33.91
N PHE E 160 -47.59 -35.80 27.16
CA PHE E 160 -46.50 -35.85 26.18
C PHE E 160 -45.18 -36.40 26.78
N LYS E 161 -45.03 -36.25 28.10
CA LYS E 161 -43.84 -36.41 28.95
C LYS E 161 -42.59 -35.67 28.48
N ASN E 162 -42.06 -35.98 27.30
CA ASN E 162 -40.75 -35.51 26.86
C ASN E 162 -40.61 -35.47 25.33
N LEU E 163 -39.64 -34.70 24.86
CA LEU E 163 -39.09 -34.70 23.50
C LEU E 163 -37.56 -34.51 23.57
N ARG E 164 -36.81 -35.61 23.72
CA ARG E 164 -35.35 -35.61 23.64
C ARG E 164 -34.92 -35.34 22.21
N GLU E 165 -33.93 -34.49 21.99
CA GLU E 165 -33.35 -34.23 20.69
C GLU E 165 -31.84 -34.25 20.79
N PHE E 166 -31.16 -35.00 19.92
CA PHE E 166 -29.70 -35.13 19.86
C PHE E 166 -29.18 -34.93 18.45
N VAL E 167 -27.99 -34.34 18.33
CA VAL E 167 -27.19 -34.35 17.09
C VAL E 167 -25.82 -34.95 17.37
N PHE E 168 -25.36 -35.79 16.45
CA PHE E 168 -24.06 -36.45 16.43
C PHE E 168 -23.34 -36.06 15.15
N LYS E 169 -22.05 -35.78 15.20
CA LYS E 169 -21.20 -35.59 14.00
C LYS E 169 -19.74 -35.97 14.26
N ASN E 170 -19.00 -36.38 13.25
CA ASN E 170 -17.67 -36.96 13.42
C ASN E 170 -16.57 -35.91 13.70
N TYR E 174 -12.88 -38.62 15.69
CA TYR E 174 -13.45 -37.60 16.57
C TYR E 174 -14.99 -37.66 16.55
N PHE E 175 -15.69 -37.24 17.61
CA PHE E 175 -17.17 -37.30 17.67
C PHE E 175 -17.80 -36.27 18.61
N LYS E 176 -18.84 -35.54 18.19
CA LYS E 176 -19.51 -34.44 18.92
C LYS E 176 -20.91 -34.84 19.41
N ILE E 177 -21.33 -34.44 20.61
CA ILE E 177 -22.73 -34.61 21.08
C ILE E 177 -23.38 -33.25 21.35
N TYR E 178 -24.54 -33.02 20.73
CA TYR E 178 -25.41 -31.85 20.95
C TYR E 178 -26.80 -32.31 21.38
N SER E 179 -27.53 -31.52 22.18
CA SER E 179 -28.91 -31.86 22.56
C SER E 179 -29.80 -30.67 22.89
N LYS E 180 -31.12 -30.90 22.92
CA LYS E 180 -32.15 -30.04 23.53
C LYS E 180 -33.26 -30.94 24.07
N HIS E 181 -34.00 -30.49 25.08
CA HIS E 181 -34.78 -31.42 25.91
C HIS E 181 -36.14 -30.87 26.35
N THR E 182 -36.48 -29.60 26.06
CA THR E 182 -37.65 -28.90 26.62
C THR E 182 -38.99 -29.47 26.12
N PRO E 183 -39.83 -30.09 26.96
CA PRO E 183 -40.99 -30.85 26.53
C PRO E 183 -42.12 -30.04 25.89
N ILE E 184 -43.11 -30.74 25.35
CA ILE E 184 -44.48 -30.25 25.16
C ILE E 184 -45.31 -30.28 26.47
N ASN E 185 -44.96 -31.20 27.39
CA ASN E 185 -45.51 -31.32 28.76
C ASN E 185 -45.29 -30.04 29.60
N ASP E 189 -45.54 -35.96 15.60
CA ASP E 189 -45.96 -34.92 16.52
C ASP E 189 -44.93 -33.81 16.77
N LEU E 190 -43.81 -33.80 16.05
CA LEU E 190 -42.65 -32.90 16.21
C LEU E 190 -43.04 -31.39 16.17
N PRO E 191 -42.83 -30.59 17.24
CA PRO E 191 -43.34 -29.21 17.33
C PRO E 191 -42.74 -28.26 16.30
N GLN E 192 -43.59 -27.66 15.49
CA GLN E 192 -43.26 -27.03 14.20
C GLN E 192 -42.64 -25.63 14.31
N GLY E 193 -41.73 -25.46 15.24
CA GLY E 193 -41.00 -24.22 15.50
C GLY E 193 -39.55 -24.46 15.89
N PHE E 194 -38.82 -23.37 16.14
CA PHE E 194 -37.37 -23.38 16.22
C PHE E 194 -36.83 -23.42 17.65
N SER E 195 -35.84 -24.27 17.91
CA SER E 195 -35.12 -24.37 19.18
C SER E 195 -33.76 -25.02 18.96
N ALA E 196 -32.68 -24.27 19.17
CA ALA E 196 -31.32 -24.73 18.86
C ALA E 196 -30.78 -25.73 19.89
N LEU E 197 -30.04 -26.74 19.44
CA LEU E 197 -29.40 -27.74 20.32
C LEU E 197 -28.08 -27.23 20.89
N GLU E 198 -27.93 -27.26 22.22
CA GLU E 198 -26.72 -26.88 22.92
C GLU E 198 -25.70 -28.03 22.93
N PRO E 199 -24.40 -27.76 22.76
CA PRO E 199 -23.39 -28.79 22.82
C PRO E 199 -23.32 -29.36 24.23
N LEU E 200 -23.35 -30.69 24.37
CA LEU E 200 -23.08 -31.35 25.65
C LEU E 200 -21.58 -31.52 25.85
N VAL E 201 -20.96 -32.38 25.06
CA VAL E 201 -19.58 -32.84 25.20
C VAL E 201 -19.09 -33.37 23.85
N ASP E 202 -17.80 -33.61 23.72
CA ASP E 202 -17.23 -34.32 22.58
C ASP E 202 -16.11 -35.29 22.98
N LEU E 203 -15.74 -36.16 22.04
CA LEU E 203 -14.81 -37.27 22.20
C LEU E 203 -13.62 -37.10 21.24
N PRO E 204 -12.37 -37.32 21.67
CA PRO E 204 -11.16 -37.18 20.85
C PRO E 204 -10.85 -38.40 19.96
N ILE E 205 -11.72 -39.41 19.98
CA ILE E 205 -11.46 -40.83 19.68
C ILE E 205 -10.73 -41.18 18.38
N GLY E 206 -11.01 -40.54 17.25
CA GLY E 206 -10.36 -40.83 15.95
C GLY E 206 -10.94 -42.01 15.13
N ILE E 207 -12.03 -42.61 15.59
CA ILE E 207 -12.80 -43.64 14.88
C ILE E 207 -13.54 -43.00 13.69
N ASN E 208 -13.77 -43.72 12.59
CA ASN E 208 -14.45 -43.20 11.38
C ASN E 208 -15.75 -43.97 11.05
N ILE E 209 -16.77 -43.68 11.84
CA ILE E 209 -18.07 -44.37 11.91
C ILE E 209 -18.81 -44.40 10.57
N THR E 210 -19.54 -45.48 10.29
CA THR E 210 -20.46 -45.62 9.15
C THR E 210 -21.76 -46.38 9.45
N ARG E 211 -22.06 -46.71 10.71
CA ARG E 211 -23.33 -47.34 11.12
C ARG E 211 -23.91 -46.75 12.40
N PHE E 212 -25.17 -47.08 12.68
CA PHE E 212 -26.00 -46.45 13.72
C PHE E 212 -27.06 -47.45 14.25
N GLN E 213 -27.68 -47.19 15.39
CA GLN E 213 -28.77 -48.00 15.97
C GLN E 213 -29.36 -47.36 17.24
N THR E 214 -30.32 -48.01 17.89
CA THR E 214 -30.98 -47.51 19.11
C THR E 214 -31.34 -48.66 20.05
N LEU E 215 -31.31 -48.43 21.36
CA LEU E 215 -31.66 -49.44 22.37
C LEU E 215 -32.53 -48.89 23.52
N LEU E 216 -33.58 -49.64 23.88
CA LEU E 216 -34.44 -49.43 25.05
C LEU E 216 -34.41 -50.67 25.96
N ALA E 237 -41.88 -47.11 22.35
CA ALA E 237 -41.62 -45.70 22.08
C ALA E 237 -41.38 -45.43 20.58
N ALA E 238 -41.44 -44.16 20.17
CA ALA E 238 -41.24 -43.70 18.80
C ALA E 238 -40.25 -42.52 18.68
N TYR E 239 -39.48 -42.50 17.60
CA TYR E 239 -38.39 -41.55 17.37
C TYR E 239 -38.16 -41.25 15.89
N TYR E 240 -37.56 -40.11 15.57
CA TYR E 240 -37.32 -39.67 14.20
C TYR E 240 -35.82 -39.53 13.94
N VAL E 241 -35.32 -40.17 12.89
CA VAL E 241 -33.91 -40.15 12.51
C VAL E 241 -33.74 -39.40 11.18
N GLY E 242 -32.78 -38.50 11.13
CA GLY E 242 -32.35 -37.84 9.90
C GLY E 242 -30.89 -37.51 9.89
N TYR E 243 -30.43 -36.83 8.85
CA TYR E 243 -29.02 -36.77 8.46
C TYR E 243 -28.54 -35.35 8.19
N LEU E 244 -27.42 -34.97 8.80
CA LEU E 244 -26.81 -33.68 8.53
C LEU E 244 -26.24 -33.66 7.11
N GLN E 245 -26.42 -32.56 6.39
CA GLN E 245 -25.92 -32.31 5.05
C GLN E 245 -25.13 -31.00 5.06
N PRO E 246 -24.12 -30.82 4.21
CA PRO E 246 -23.28 -29.62 4.20
C PRO E 246 -24.06 -28.44 3.63
N ARG E 247 -24.35 -27.45 4.47
CA ARG E 247 -25.39 -26.42 4.29
C ARG E 247 -24.94 -25.10 4.87
N THR E 248 -25.48 -23.99 4.37
CA THR E 248 -25.24 -22.66 4.96
C THR E 248 -26.49 -22.19 5.67
N PHE E 249 -26.33 -21.68 6.89
CA PHE E 249 -27.42 -21.07 7.63
C PHE E 249 -27.10 -19.60 7.97
N LEU E 250 -28.14 -18.81 8.15
CA LEU E 250 -28.08 -17.50 8.80
C LEU E 250 -28.73 -17.65 10.18
N LEU E 251 -28.13 -17.15 11.27
CA LEU E 251 -28.53 -17.43 12.65
C LEU E 251 -28.85 -16.14 13.41
N LYS E 252 -29.97 -16.06 14.14
CA LYS E 252 -30.40 -14.85 14.87
C LYS E 252 -30.02 -14.90 16.34
N TYR E 253 -28.74 -14.72 16.65
CA TYR E 253 -28.31 -14.57 18.03
C TYR E 253 -28.96 -13.32 18.64
N ASN E 254 -29.66 -13.43 19.76
CA ASN E 254 -30.22 -12.28 20.46
C ASN E 254 -29.18 -11.57 21.35
N GLU E 255 -29.61 -10.61 22.17
CA GLU E 255 -28.73 -9.79 23.00
C GLU E 255 -27.97 -10.62 24.04
N ASN E 256 -28.59 -11.70 24.51
CA ASN E 256 -28.08 -12.66 25.50
C ASN E 256 -27.30 -13.83 24.86
N GLY E 257 -27.05 -13.80 23.55
CA GLY E 257 -26.30 -14.84 22.83
C GLY E 257 -27.05 -16.13 22.50
N THR E 258 -28.37 -16.21 22.66
CA THR E 258 -29.15 -17.40 22.26
C THR E 258 -29.51 -17.34 20.79
N ILE E 259 -29.42 -18.44 20.03
CA ILE E 259 -29.91 -18.46 18.64
C ILE E 259 -31.45 -18.54 18.68
N THR E 260 -32.13 -17.44 18.46
CA THR E 260 -33.60 -17.37 18.52
C THR E 260 -34.32 -17.74 17.22
N ASP E 261 -33.65 -17.75 16.07
CA ASP E 261 -34.23 -18.14 14.78
C ASP E 261 -33.12 -18.43 13.77
N ALA E 262 -33.42 -19.09 12.66
CA ALA E 262 -32.44 -19.35 11.60
C ALA E 262 -33.05 -19.45 10.19
N VAL E 263 -32.30 -19.11 9.15
CA VAL E 263 -32.68 -19.26 7.75
C VAL E 263 -31.81 -20.33 7.11
N ASP E 264 -32.41 -21.33 6.46
CA ASP E 264 -31.70 -22.35 5.67
C ASP E 264 -31.46 -21.81 4.26
N CYS E 265 -30.24 -21.37 3.93
CA CYS E 265 -30.05 -20.53 2.74
C CYS E 265 -30.46 -21.16 1.42
N ALA E 266 -30.28 -22.46 1.25
CA ALA E 266 -30.61 -23.13 -0.01
C ALA E 266 -32.10 -23.51 -0.15
N LEU E 267 -32.92 -23.32 0.88
CA LEU E 267 -34.29 -23.84 0.95
C LEU E 267 -35.17 -23.35 -0.21
N ASP E 268 -35.32 -22.04 -0.36
CA ASP E 268 -36.14 -21.42 -1.39
C ASP E 268 -35.55 -20.06 -1.81
N PRO E 269 -35.98 -19.43 -2.90
CA PRO E 269 -35.32 -18.23 -3.40
C PRO E 269 -35.33 -17.09 -2.38
N LEU E 270 -36.38 -16.99 -1.57
CA LEU E 270 -36.43 -16.03 -0.48
C LEU E 270 -35.37 -16.32 0.59
N SER E 271 -35.08 -17.57 0.89
CA SER E 271 -34.00 -17.94 1.79
C SER E 271 -32.65 -17.55 1.24
N GLU E 272 -32.41 -17.68 -0.07
CA GLU E 272 -31.19 -17.13 -0.65
C GLU E 272 -31.18 -15.61 -0.53
N THR E 273 -32.31 -14.95 -0.68
CA THR E 273 -32.39 -13.49 -0.61
C THR E 273 -32.01 -12.99 0.77
N LYS E 274 -32.65 -13.53 1.81
CA LYS E 274 -32.36 -13.26 3.22
C LYS E 274 -30.90 -13.47 3.52
N CYS E 275 -30.32 -14.57 3.05
CA CYS E 275 -28.90 -14.87 3.22
C CYS E 275 -27.98 -13.93 2.44
N THR E 276 -28.38 -13.49 1.25
CA THR E 276 -27.57 -12.59 0.39
C THR E 276 -27.39 -11.24 1.07
N LEU E 277 -28.44 -10.66 1.62
CA LEU E 277 -28.36 -9.38 2.35
C LEU E 277 -28.35 -9.53 3.88
N LYS E 278 -27.98 -10.71 4.39
CA LYS E 278 -27.73 -11.01 5.80
C LYS E 278 -28.84 -10.48 6.73
N SER E 279 -30.11 -10.70 6.38
CA SER E 279 -31.25 -10.17 7.14
C SER E 279 -32.46 -11.10 7.14
N PHE E 280 -33.19 -11.18 8.24
CA PHE E 280 -34.39 -12.02 8.34
C PHE E 280 -35.61 -11.35 7.70
N THR E 281 -35.65 -10.02 7.72
CA THR E 281 -36.62 -9.20 6.98
C THR E 281 -36.00 -8.72 5.67
N VAL E 282 -36.78 -8.65 4.59
CA VAL E 282 -36.35 -8.08 3.31
C VAL E 282 -37.31 -6.99 2.85
N GLU E 283 -36.80 -5.82 2.54
CA GLU E 283 -37.57 -4.73 1.96
C GLU E 283 -37.90 -4.96 0.47
N LYS E 284 -38.94 -4.29 -0.05
CA LYS E 284 -39.39 -4.44 -1.44
C LYS E 284 -38.26 -4.17 -2.42
N GLY E 285 -38.08 -5.03 -3.42
CA GLY E 285 -37.08 -4.84 -4.47
C GLY E 285 -36.76 -6.07 -5.30
N ILE E 286 -35.79 -5.93 -6.19
CA ILE E 286 -35.15 -7.01 -6.91
C ILE E 286 -33.72 -7.19 -6.36
N TYR E 287 -33.33 -8.44 -6.08
CA TYR E 287 -32.08 -8.78 -5.42
C TYR E 287 -31.35 -9.90 -6.17
N GLN E 288 -30.17 -9.66 -6.73
CA GLN E 288 -29.37 -10.73 -7.34
C GLN E 288 -28.79 -11.64 -6.24
N THR E 289 -29.32 -12.86 -6.10
CA THR E 289 -28.91 -13.78 -5.02
C THR E 289 -27.73 -14.65 -5.36
N SER E 290 -27.60 -15.03 -6.63
CA SER E 290 -26.79 -16.14 -7.07
C SER E 290 -26.45 -15.97 -8.55
N ASN E 291 -25.53 -16.75 -9.10
CA ASN E 291 -25.43 -16.98 -10.54
C ASN E 291 -25.94 -18.39 -10.88
N PHE E 292 -26.28 -18.59 -12.14
CA PHE E 292 -26.74 -19.84 -12.72
C PHE E 292 -25.87 -20.20 -13.92
N ARG E 293 -25.42 -21.45 -14.00
CA ARG E 293 -24.74 -22.02 -15.18
C ARG E 293 -25.31 -23.40 -15.48
N VAL E 294 -25.59 -23.70 -16.74
CA VAL E 294 -25.96 -25.05 -17.15
C VAL E 294 -24.73 -25.96 -17.11
N GLN E 295 -24.76 -27.02 -16.30
CA GLN E 295 -23.68 -28.00 -16.20
C GLN E 295 -23.75 -29.06 -17.32
N PRO E 296 -22.60 -29.64 -17.73
CA PRO E 296 -22.52 -30.56 -18.86
C PRO E 296 -23.13 -31.93 -18.54
N THR E 297 -23.72 -32.57 -19.56
CA THR E 297 -24.35 -33.89 -19.44
C THR E 297 -23.36 -35.04 -19.54
N GLU E 298 -22.28 -34.90 -20.31
CA GLU E 298 -21.22 -35.90 -20.48
C GLU E 298 -19.93 -35.27 -21.01
N SER E 299 -18.84 -36.02 -20.97
CA SER E 299 -17.53 -35.61 -21.49
C SER E 299 -17.16 -36.27 -22.82
N ILE E 300 -16.70 -35.46 -23.77
CA ILE E 300 -16.09 -35.88 -25.02
C ILE E 300 -14.57 -35.84 -24.86
N VAL E 301 -13.86 -36.81 -25.45
CA VAL E 301 -12.41 -36.76 -25.68
C VAL E 301 -12.14 -37.19 -27.12
N ARG E 302 -11.27 -36.50 -27.86
CA ARG E 302 -10.94 -36.85 -29.25
C ARG E 302 -9.44 -36.75 -29.54
N PHE E 303 -8.91 -37.75 -30.25
CA PHE E 303 -7.50 -37.90 -30.67
C PHE E 303 -7.44 -38.59 -32.04
N PRO E 304 -6.35 -38.45 -32.83
CA PRO E 304 -6.10 -39.29 -34.00
C PRO E 304 -5.99 -40.79 -33.69
N ASN E 305 -6.27 -41.63 -34.68
CA ASN E 305 -6.32 -43.09 -34.54
C ASN E 305 -5.00 -43.68 -34.04
N LYS E 503 -7.67 -42.01 -25.19
CA LYS E 503 -8.42 -42.53 -26.33
C LYS E 503 -9.78 -41.84 -26.50
N SER E 504 -10.31 -41.83 -27.72
CA SER E 504 -11.52 -41.07 -28.05
C SER E 504 -12.81 -41.68 -27.49
N THR E 505 -13.75 -40.80 -27.13
CA THR E 505 -15.18 -41.09 -26.89
C THR E 505 -16.00 -40.98 -28.18
N ASN E 506 -17.30 -41.29 -28.12
CA ASN E 506 -18.29 -40.81 -29.08
C ASN E 506 -18.56 -39.28 -28.91
N LEU E 507 -19.30 -38.68 -29.84
CA LEU E 507 -19.47 -37.24 -30.06
C LEU E 507 -20.93 -36.79 -29.85
N VAL E 508 -21.18 -35.52 -29.48
CA VAL E 508 -22.51 -35.00 -29.13
C VAL E 508 -22.70 -33.56 -29.62
N LYS E 509 -23.94 -33.16 -29.92
CA LYS E 509 -24.35 -31.79 -30.32
C LYS E 509 -25.51 -31.26 -29.48
N ASN E 510 -25.66 -29.94 -29.44
CA ASN E 510 -26.76 -29.18 -28.81
C ASN E 510 -26.89 -29.30 -27.28
N LYS E 511 -26.47 -30.39 -26.66
CA LYS E 511 -26.27 -30.48 -25.21
C LYS E 511 -25.01 -29.72 -24.76
N CYS E 512 -24.99 -29.30 -23.49
CA CYS E 512 -23.76 -28.83 -22.82
C CYS E 512 -22.89 -30.04 -22.48
N VAL E 513 -21.62 -30.01 -22.84
CA VAL E 513 -20.70 -31.15 -22.78
C VAL E 513 -19.28 -30.67 -22.51
N ASN E 514 -18.44 -31.53 -21.96
CA ASN E 514 -17.00 -31.31 -22.00
C ASN E 514 -16.42 -31.82 -23.32
N PHE E 515 -15.24 -31.33 -23.70
CA PHE E 515 -14.51 -31.76 -24.89
C PHE E 515 -12.99 -31.69 -24.70
N ASN E 516 -12.27 -32.47 -25.50
CA ASN E 516 -10.82 -32.44 -25.65
C ASN E 516 -10.50 -32.62 -27.15
N PHE E 517 -9.65 -31.75 -27.71
CA PHE E 517 -9.40 -31.59 -29.14
C PHE E 517 -8.00 -30.98 -29.40
N ASN E 518 -7.62 -30.87 -30.68
CA ASN E 518 -6.39 -30.21 -31.12
C ASN E 518 -6.26 -28.73 -30.67
N GLY E 519 -7.32 -27.93 -30.79
CA GLY E 519 -7.29 -26.50 -30.47
C GLY E 519 -7.45 -26.18 -28.97
N LEU E 520 -8.27 -26.95 -28.25
CA LEU E 520 -8.57 -26.74 -26.83
C LEU E 520 -9.09 -28.01 -26.13
N THR E 521 -9.13 -27.96 -24.80
CA THR E 521 -9.93 -28.85 -23.94
C THR E 521 -10.76 -27.97 -23.01
N GLY E 522 -12.03 -28.32 -22.76
CA GLY E 522 -12.92 -27.42 -22.02
C GLY E 522 -14.37 -27.89 -21.97
N THR E 523 -15.28 -26.93 -21.76
CA THR E 523 -16.72 -27.16 -21.56
C THR E 523 -17.54 -26.17 -22.38
N GLY E 524 -18.63 -26.61 -23.00
CA GLY E 524 -19.48 -25.75 -23.83
C GLY E 524 -20.63 -26.52 -24.47
N VAL E 525 -21.50 -25.83 -25.20
CA VAL E 525 -22.45 -26.49 -26.11
C VAL E 525 -21.80 -26.57 -27.47
N LEU E 526 -21.63 -27.78 -28.00
CA LEU E 526 -21.12 -27.98 -29.35
C LEU E 526 -22.26 -27.87 -30.35
N THR E 527 -22.05 -27.16 -31.44
CA THR E 527 -23.05 -27.00 -32.52
C THR E 527 -22.41 -27.22 -33.87
N GLU E 528 -23.02 -28.00 -34.77
CA GLU E 528 -22.55 -28.06 -36.15
C GLU E 528 -22.59 -26.66 -36.78
N SER E 529 -21.59 -26.26 -37.57
CA SER E 529 -21.44 -24.86 -37.97
C SER E 529 -20.88 -24.62 -39.36
N ASN E 530 -21.11 -23.40 -39.87
CA ASN E 530 -20.80 -22.96 -41.22
C ASN E 530 -19.42 -22.28 -41.42
N LYS E 531 -18.65 -22.00 -40.37
CA LYS E 531 -17.37 -21.27 -40.48
C LYS E 531 -16.41 -21.97 -41.45
N LYS E 532 -16.02 -21.27 -42.50
CA LYS E 532 -15.28 -21.81 -43.66
C LYS E 532 -13.78 -21.76 -43.45
N PHE E 533 -13.28 -22.72 -42.70
CA PHE E 533 -11.84 -22.92 -42.53
C PHE E 533 -11.16 -23.23 -43.86
N LEU E 534 -9.96 -22.68 -44.05
CA LEU E 534 -9.00 -23.16 -45.04
C LEU E 534 -8.54 -24.56 -44.62
N PRO E 535 -8.20 -25.47 -45.54
CA PRO E 535 -8.03 -26.88 -45.22
C PRO E 535 -7.02 -27.19 -44.12
N PHE E 536 -5.94 -26.43 -44.05
CA PHE E 536 -4.85 -26.61 -43.07
C PHE E 536 -5.20 -26.12 -41.65
N GLN E 537 -6.24 -25.30 -41.50
CA GLN E 537 -6.68 -24.77 -40.21
C GLN E 537 -7.38 -25.87 -39.40
N GLN E 538 -6.93 -26.06 -38.16
CA GLN E 538 -7.52 -27.04 -37.23
C GLN E 538 -8.56 -26.41 -36.29
N PHE E 539 -8.41 -25.14 -35.91
CA PHE E 539 -9.29 -24.45 -34.97
C PHE E 539 -9.33 -22.95 -35.21
N GLY E 540 -10.35 -22.28 -34.70
CA GLY E 540 -10.58 -20.85 -34.91
C GLY E 540 -10.92 -20.12 -33.63
N ARG E 541 -10.88 -18.79 -33.68
CA ARG E 541 -11.11 -17.90 -32.53
C ARG E 541 -12.09 -16.78 -32.87
N ASP E 542 -13.03 -16.52 -31.97
CA ASP E 542 -13.91 -15.35 -31.97
C ASP E 542 -13.18 -14.10 -31.44
N ILE E 543 -13.66 -12.91 -31.82
CA ILE E 543 -12.86 -11.66 -31.95
C ILE E 543 -11.89 -11.35 -30.79
N ALA E 544 -12.27 -11.58 -29.53
CA ALA E 544 -11.38 -11.44 -28.37
C ALA E 544 -10.56 -12.73 -28.12
N ASP E 545 -9.89 -13.25 -29.14
CA ASP E 545 -9.03 -14.44 -29.15
C ASP E 545 -9.66 -15.72 -28.56
N THR E 546 -10.98 -15.78 -28.48
CA THR E 546 -11.72 -16.83 -27.76
C THR E 546 -11.93 -18.04 -28.66
N THR E 547 -11.30 -19.18 -28.38
CA THR E 547 -11.40 -20.37 -29.24
C THR E 547 -12.85 -20.84 -29.35
N ASP E 548 -13.36 -20.98 -30.57
CA ASP E 548 -14.80 -21.09 -30.81
C ASP E 548 -15.19 -22.12 -31.89
N ALA E 549 -14.24 -22.84 -32.48
CA ALA E 549 -14.53 -23.95 -33.38
C ALA E 549 -13.31 -24.82 -33.60
N VAL E 550 -13.55 -26.09 -33.93
CA VAL E 550 -12.50 -27.12 -34.06
C VAL E 550 -12.84 -28.09 -35.18
N ARG E 551 -11.80 -28.70 -35.77
CA ARG E 551 -11.88 -29.82 -36.68
C ARG E 551 -11.63 -31.12 -35.93
N ASP E 552 -12.65 -31.94 -35.79
CA ASP E 552 -12.59 -33.17 -34.98
C ASP E 552 -11.64 -34.22 -35.63
N PRO E 553 -10.63 -34.74 -34.93
CA PRO E 553 -9.60 -35.57 -35.56
C PRO E 553 -10.13 -36.86 -36.17
N GLN E 554 -11.17 -37.45 -35.60
CA GLN E 554 -11.73 -38.72 -36.10
C GLN E 554 -12.86 -38.55 -37.13
N THR E 555 -13.38 -37.34 -37.37
CA THR E 555 -14.33 -37.01 -38.43
C THR E 555 -14.21 -35.52 -38.73
N LEU E 556 -13.47 -35.19 -39.79
CA LEU E 556 -12.84 -33.89 -40.05
C LEU E 556 -13.80 -32.76 -40.50
N GLU E 557 -15.06 -32.80 -40.08
CA GLU E 557 -16.00 -31.68 -40.13
C GLU E 557 -15.75 -30.67 -39.00
N ILE E 558 -16.31 -29.47 -39.11
CA ILE E 558 -16.20 -28.40 -38.12
C ILE E 558 -17.37 -28.41 -37.13
N LEU E 559 -17.06 -28.30 -35.85
CA LEU E 559 -18.02 -27.93 -34.79
C LEU E 559 -17.67 -26.56 -34.22
N ASP E 560 -18.65 -25.70 -33.99
CA ASP E 560 -18.49 -24.56 -33.10
C ASP E 560 -18.53 -24.99 -31.64
N ILE E 561 -17.61 -24.44 -30.85
CA ILE E 561 -17.75 -24.29 -29.40
C ILE E 561 -18.60 -23.05 -29.15
N THR E 562 -19.64 -23.18 -28.32
CA THR E 562 -20.48 -22.06 -27.87
C THR E 562 -20.60 -22.12 -26.35
N PRO E 563 -20.71 -21.01 -25.60
CA PRO E 563 -20.69 -21.06 -24.15
C PRO E 563 -21.92 -21.78 -23.57
N CYS E 564 -21.77 -22.58 -22.51
CA CYS E 564 -22.95 -23.15 -21.84
C CYS E 564 -23.75 -22.02 -21.18
N SER E 565 -25.08 -22.07 -21.27
CA SER E 565 -25.96 -20.98 -20.83
C SER E 565 -25.66 -20.58 -19.39
N PHE E 566 -25.49 -19.26 -19.20
CA PHE E 566 -25.03 -18.63 -17.97
C PHE E 566 -25.79 -17.32 -17.69
N GLY E 567 -25.96 -16.93 -16.44
CA GLY E 567 -26.49 -15.62 -16.09
C GLY E 567 -26.80 -15.42 -14.62
N GLY E 568 -26.94 -14.18 -14.20
CA GLY E 568 -27.31 -13.85 -12.81
C GLY E 568 -28.74 -14.27 -12.46
N VAL E 569 -28.97 -14.66 -11.21
CA VAL E 569 -30.28 -15.01 -10.66
C VAL E 569 -30.74 -13.91 -9.73
N SER E 570 -31.91 -13.37 -9.98
CA SER E 570 -32.47 -12.25 -9.22
C SER E 570 -33.84 -12.56 -8.68
N VAL E 571 -34.10 -12.27 -7.42
CA VAL E 571 -35.38 -12.51 -6.77
C VAL E 571 -36.13 -11.20 -6.70
N ILE E 572 -37.31 -11.14 -7.30
CA ILE E 572 -38.29 -10.06 -7.13
C ILE E 572 -39.06 -10.39 -5.88
N THR E 573 -39.06 -9.49 -4.90
CA THR E 573 -39.82 -9.66 -3.66
C THR E 573 -40.68 -8.45 -3.38
N PRO E 574 -41.97 -8.60 -3.04
CA PRO E 574 -42.66 -7.58 -2.30
C PRO E 574 -41.92 -7.35 -0.99
N GLY E 575 -42.10 -6.18 -0.38
CA GLY E 575 -41.56 -5.94 0.95
C GLY E 575 -42.18 -6.94 1.89
N THR E 576 -41.36 -7.73 2.60
CA THR E 576 -41.80 -8.99 3.24
C THR E 576 -42.80 -8.82 4.36
N ASN E 577 -42.96 -7.61 4.91
CA ASN E 577 -44.13 -7.25 5.73
C ASN E 577 -45.48 -7.47 4.99
N THR E 578 -45.51 -7.32 3.67
CA THR E 578 -46.70 -7.51 2.81
C THR E 578 -46.97 -8.99 2.59
N SER E 579 -45.95 -9.75 2.21
CA SER E 579 -46.07 -11.15 1.82
C SER E 579 -44.71 -11.83 1.72
N ASN E 580 -44.69 -13.14 1.93
CA ASN E 580 -43.53 -14.02 1.67
C ASN E 580 -43.57 -14.72 0.29
N GLU E 581 -44.57 -14.48 -0.56
CA GLU E 581 -44.52 -14.90 -1.97
C GLU E 581 -43.42 -14.15 -2.73
N VAL E 582 -42.63 -14.80 -3.60
CA VAL E 582 -41.61 -14.15 -4.45
C VAL E 582 -41.65 -14.68 -5.89
N ALA E 583 -41.03 -13.94 -6.80
CA ALA E 583 -40.78 -14.37 -8.17
C ALA E 583 -39.27 -14.33 -8.45
N VAL E 584 -38.78 -15.07 -9.44
CA VAL E 584 -37.36 -15.12 -9.76
C VAL E 584 -37.16 -14.82 -11.22
N LEU E 585 -36.28 -13.89 -11.52
CA LEU E 585 -35.79 -13.56 -12.84
C LEU E 585 -34.41 -14.21 -13.04
N TYR E 586 -34.24 -14.94 -14.14
CA TYR E 586 -32.94 -15.46 -14.55
C TYR E 586 -32.47 -14.61 -15.72
N GLN E 587 -31.36 -13.90 -15.54
CA GLN E 587 -30.89 -12.92 -16.51
C GLN E 587 -30.37 -13.59 -17.79
N ASP E 588 -30.84 -13.13 -18.95
CA ASP E 588 -30.41 -13.54 -20.29
C ASP E 588 -30.62 -15.03 -20.68
N VAL E 589 -30.89 -15.94 -19.76
CA VAL E 589 -31.10 -17.37 -20.09
C VAL E 589 -32.33 -17.55 -20.99
N ASN E 590 -32.41 -18.67 -21.71
CA ASN E 590 -33.19 -18.79 -22.94
C ASN E 590 -34.56 -19.51 -22.81
N CYS E 591 -35.04 -19.65 -21.58
CA CYS E 591 -36.46 -19.88 -21.25
C CYS E 591 -37.08 -21.20 -21.74
N THR E 592 -36.24 -22.22 -21.80
CA THR E 592 -36.58 -23.64 -21.67
C THR E 592 -35.35 -24.29 -21.02
N GLU E 593 -34.92 -23.71 -19.90
CA GLU E 593 -33.60 -23.92 -19.28
C GLU E 593 -33.73 -24.18 -17.77
N VAL E 594 -34.68 -25.03 -17.39
CA VAL E 594 -34.95 -25.40 -16.00
C VAL E 594 -33.82 -26.23 -15.41
N ASN E 615 -47.23 -18.24 -15.01
CA ASN E 615 -46.30 -18.67 -13.97
C ASN E 615 -44.85 -18.74 -14.48
N VAL E 616 -44.61 -19.05 -15.76
CA VAL E 616 -43.27 -19.14 -16.39
C VAL E 616 -43.25 -18.42 -17.74
N PHE E 617 -42.26 -17.55 -17.96
CA PHE E 617 -42.33 -16.49 -18.97
C PHE E 617 -40.93 -16.01 -19.44
N GLN E 618 -40.84 -15.33 -20.58
CA GLN E 618 -39.62 -14.75 -21.15
C GLN E 618 -39.75 -13.24 -21.32
N THR E 619 -39.22 -12.47 -20.39
CA THR E 619 -39.00 -11.03 -20.59
C THR E 619 -37.84 -10.84 -21.57
N ARG E 620 -37.65 -9.64 -22.12
CA ARG E 620 -36.39 -9.31 -22.79
C ARG E 620 -35.16 -9.41 -21.88
N ALA E 621 -35.31 -9.16 -20.59
CA ALA E 621 -34.26 -9.32 -19.58
C ALA E 621 -33.90 -10.78 -19.25
N GLY E 622 -34.71 -11.74 -19.70
CA GLY E 622 -34.56 -13.18 -19.42
C GLY E 622 -35.82 -13.80 -18.79
N CYS E 623 -35.69 -14.97 -18.19
CA CYS E 623 -36.87 -15.76 -17.82
C CYS E 623 -37.38 -15.36 -16.46
N LEU E 624 -38.66 -14.99 -16.38
CA LEU E 624 -39.33 -14.66 -15.13
C LEU E 624 -40.23 -15.82 -14.75
N ILE E 625 -40.02 -16.34 -13.54
CA ILE E 625 -40.74 -17.48 -12.96
C ILE E 625 -41.43 -16.99 -11.70
N GLY E 626 -42.69 -17.39 -11.48
CA GLY E 626 -43.44 -17.07 -10.27
C GLY E 626 -44.28 -15.80 -10.33
N ALA E 627 -44.40 -15.16 -11.50
CA ALA E 627 -45.25 -13.98 -11.70
C ALA E 627 -46.03 -14.06 -13.02
N GLU E 628 -47.29 -13.64 -13.02
CA GLU E 628 -48.14 -13.68 -14.21
C GLU E 628 -47.95 -12.46 -15.13
N HIS E 629 -47.79 -12.66 -16.44
CA HIS E 629 -47.71 -11.52 -17.37
C HIS E 629 -49.10 -11.00 -17.73
N VAL E 630 -49.34 -9.71 -17.49
CA VAL E 630 -50.67 -9.09 -17.60
C VAL E 630 -50.79 -8.19 -18.83
N ASN E 631 -51.86 -8.33 -19.61
CA ASN E 631 -52.23 -7.38 -20.68
C ASN E 631 -52.77 -6.08 -20.06
N ASN E 632 -51.93 -5.39 -19.30
CA ASN E 632 -52.21 -4.12 -18.62
C ASN E 632 -50.90 -3.36 -18.32
N SER E 633 -50.96 -2.17 -17.74
CA SER E 633 -49.79 -1.40 -17.30
C SER E 633 -50.10 -0.51 -16.09
N TYR E 634 -49.09 -0.28 -15.26
CA TYR E 634 -49.14 0.49 -14.00
C TYR E 634 -47.85 1.29 -13.83
N GLU E 635 -47.71 2.10 -12.78
CA GLU E 635 -46.41 2.60 -12.38
C GLU E 635 -45.43 1.44 -12.14
N CYS E 636 -44.14 1.67 -12.35
CA CYS E 636 -43.11 0.64 -12.16
C CYS E 636 -42.83 0.42 -10.67
N ASP E 637 -43.50 -0.56 -10.05
CA ASP E 637 -43.41 -0.80 -8.61
C ASP E 637 -42.05 -1.40 -8.23
N ILE E 638 -41.75 -2.59 -8.74
CA ILE E 638 -40.43 -3.22 -8.71
C ILE E 638 -39.91 -3.20 -10.15
N PRO E 639 -38.73 -2.62 -10.45
CA PRO E 639 -38.14 -2.67 -11.79
C PRO E 639 -37.64 -4.06 -12.16
N ILE E 640 -37.69 -4.40 -13.45
CA ILE E 640 -37.06 -5.60 -14.01
C ILE E 640 -36.15 -5.24 -15.18
N GLY E 641 -36.57 -4.37 -16.08
CA GLY E 641 -35.76 -3.92 -17.23
C GLY E 641 -36.47 -4.06 -18.58
N ALA E 642 -35.98 -3.37 -19.60
CA ALA E 642 -36.59 -3.33 -20.92
C ALA E 642 -38.09 -3.00 -20.87
N GLY E 643 -38.47 -2.04 -20.05
CA GLY E 643 -39.85 -1.60 -19.86
C GLY E 643 -40.72 -2.54 -19.03
N ILE E 644 -40.25 -3.73 -18.65
CA ILE E 644 -40.97 -4.65 -17.77
C ILE E 644 -40.72 -4.29 -16.30
N CYS E 645 -41.78 -4.37 -15.49
CA CYS E 645 -41.77 -4.20 -14.05
C CYS E 645 -42.68 -5.25 -13.43
N ALA E 646 -42.62 -5.41 -12.11
CA ALA E 646 -43.51 -6.30 -11.38
C ALA E 646 -44.12 -5.59 -10.16
N SER E 647 -45.28 -6.05 -9.69
CA SER E 647 -45.98 -5.56 -8.49
C SER E 647 -46.85 -6.65 -7.87
N TYR E 648 -47.40 -6.43 -6.67
CA TYR E 648 -48.22 -7.42 -5.94
C TYR E 648 -49.70 -7.02 -5.91
N GLN E 649 -50.57 -7.76 -6.60
CA GLN E 649 -51.97 -7.36 -6.87
C GLN E 649 -52.93 -8.56 -6.91
N THR E 650 -54.23 -8.29 -6.74
CA THR E 650 -55.33 -9.27 -6.78
C THR E 650 -55.38 -10.03 -8.09
N SER E 663 -56.27 -14.72 -3.82
CA SER E 663 -56.34 -14.03 -5.12
C SER E 663 -55.14 -13.11 -5.39
N GLN E 664 -54.31 -12.83 -4.37
CA GLN E 664 -53.07 -12.05 -4.56
C GLN E 664 -52.03 -12.84 -5.35
N SER E 665 -51.25 -12.13 -6.14
CA SER E 665 -50.12 -12.66 -6.89
C SER E 665 -49.06 -11.59 -7.06
N ILE E 666 -47.85 -11.99 -7.43
CA ILE E 666 -46.95 -11.10 -8.13
C ILE E 666 -47.40 -11.07 -9.60
N ILE E 667 -47.59 -9.86 -10.12
CA ILE E 667 -47.92 -9.58 -11.51
C ILE E 667 -46.73 -8.91 -12.18
N ALA E 668 -46.58 -9.11 -13.48
CA ALA E 668 -45.54 -8.51 -14.30
C ALA E 668 -46.15 -7.89 -15.56
N TYR E 669 -45.65 -6.74 -15.98
CA TYR E 669 -46.29 -5.91 -17.00
C TYR E 669 -45.29 -4.96 -17.62
N THR E 670 -45.60 -4.36 -18.77
CA THR E 670 -44.87 -3.17 -19.24
C THR E 670 -45.28 -1.97 -18.40
N MET E 671 -44.34 -1.17 -17.88
CA MET E 671 -44.69 0.04 -17.12
C MET E 671 -45.49 1.04 -17.94
N SER E 672 -46.24 1.91 -17.26
CA SER E 672 -46.96 3.04 -17.83
C SER E 672 -46.27 4.34 -17.48
N LEU E 673 -46.06 5.22 -18.46
CA LEU E 673 -45.30 6.45 -18.23
C LEU E 673 -46.14 7.62 -17.68
N GLY E 674 -47.47 7.50 -17.66
CA GLY E 674 -48.40 8.47 -17.09
C GLY E 674 -49.73 8.56 -17.85
N ALA E 675 -50.70 9.28 -17.29
CA ALA E 675 -51.99 9.52 -17.94
C ALA E 675 -51.77 10.25 -19.26
N GLU E 676 -52.34 9.78 -20.36
CA GLU E 676 -52.29 10.52 -21.61
C GLU E 676 -53.21 11.75 -21.55
N ASN E 677 -52.76 12.92 -22.00
CA ASN E 677 -53.52 14.16 -21.86
C ASN E 677 -53.43 15.01 -23.12
N SER E 678 -54.49 15.04 -23.91
CA SER E 678 -54.61 15.95 -25.04
C SER E 678 -54.87 17.34 -24.53
N VAL E 679 -53.80 18.13 -24.35
CA VAL E 679 -53.93 19.54 -23.96
C VAL E 679 -54.81 20.21 -25.01
N ALA E 680 -55.88 20.87 -24.58
CA ALA E 680 -56.98 21.31 -25.43
C ALA E 680 -56.63 22.55 -26.26
N TYR E 681 -55.52 22.47 -26.98
CA TYR E 681 -55.00 23.53 -27.82
C TYR E 681 -55.95 23.80 -28.97
N SER E 682 -56.22 25.08 -29.18
CA SER E 682 -56.88 25.62 -30.35
C SER E 682 -56.29 27.00 -30.53
N ASN E 683 -56.09 27.46 -31.76
CA ASN E 683 -55.30 28.66 -32.03
C ASN E 683 -55.88 30.00 -31.52
N ASN E 684 -57.00 29.99 -30.80
CA ASN E 684 -57.56 31.16 -30.13
C ASN E 684 -57.94 30.92 -28.67
N SER E 685 -57.49 29.84 -28.02
CA SER E 685 -57.84 29.51 -26.63
C SER E 685 -56.67 29.68 -25.69
N ILE E 686 -56.90 30.19 -24.48
CA ILE E 686 -55.93 30.21 -23.38
C ILE E 686 -56.62 29.76 -22.11
N ALA E 687 -55.91 29.07 -21.23
CA ALA E 687 -56.38 28.77 -19.89
C ALA E 687 -55.62 29.60 -18.87
N ILE E 688 -56.31 30.17 -17.89
CA ILE E 688 -55.70 30.98 -16.85
C ILE E 688 -56.10 30.39 -15.51
N PRO E 689 -55.20 30.22 -14.54
CA PRO E 689 -55.53 29.65 -13.24
C PRO E 689 -56.34 30.67 -12.46
N THR E 690 -57.58 30.39 -12.09
CA THR E 690 -58.35 31.38 -11.34
C THR E 690 -57.89 31.52 -9.90
N ASN E 691 -56.98 30.67 -9.43
CA ASN E 691 -56.59 30.51 -8.04
C ASN E 691 -55.15 29.98 -7.92
N PHE E 692 -54.71 29.68 -6.70
CA PHE E 692 -53.41 29.09 -6.42
C PHE E 692 -53.43 28.18 -5.20
N THR E 693 -52.43 27.31 -5.12
CA THR E 693 -52.11 26.54 -3.92
C THR E 693 -50.66 26.80 -3.59
N ILE E 694 -50.36 27.41 -2.45
CA ILE E 694 -49.00 27.43 -1.90
C ILE E 694 -48.62 25.99 -1.61
N SER E 695 -47.44 25.58 -2.02
CA SER E 695 -46.97 24.22 -1.83
C SER E 695 -45.60 24.22 -1.17
N VAL E 696 -45.27 23.18 -0.42
CA VAL E 696 -43.98 23.01 0.23
C VAL E 696 -43.44 21.63 -0.11
N THR E 697 -42.27 21.56 -0.71
CA THR E 697 -41.60 20.30 -1.04
C THR E 697 -40.33 20.15 -0.21
N THR E 698 -40.18 19.05 0.50
CA THR E 698 -38.92 18.70 1.16
C THR E 698 -37.91 18.21 0.12
N GLU E 699 -36.75 18.84 0.00
CA GLU E 699 -35.61 18.29 -0.73
C GLU E 699 -34.49 17.94 0.25
N ILE E 700 -33.89 16.76 0.14
CA ILE E 700 -32.84 16.27 1.03
C ILE E 700 -31.55 16.16 0.24
N LEU E 701 -30.47 16.82 0.63
CA LEU E 701 -29.15 16.72 0.01
C LEU E 701 -28.09 16.33 1.02
N PRO E 702 -27.31 15.26 0.83
CA PRO E 702 -26.17 14.97 1.69
C PRO E 702 -25.05 15.99 1.48
N VAL E 703 -24.29 16.28 2.53
CA VAL E 703 -23.23 17.30 2.54
C VAL E 703 -21.88 16.76 2.99
N SER E 704 -21.83 15.77 3.88
CA SER E 704 -20.57 15.28 4.41
C SER E 704 -20.58 13.78 4.67
N MET E 705 -19.44 13.12 4.52
CA MET E 705 -19.23 11.76 5.00
C MET E 705 -18.83 11.76 6.47
N THR E 706 -18.85 10.58 7.09
CA THR E 706 -18.14 10.37 8.36
C THR E 706 -16.64 10.51 8.14
N LYS E 707 -15.99 11.49 8.78
CA LYS E 707 -14.54 11.67 8.71
C LYS E 707 -13.84 10.45 9.31
N THR E 708 -13.03 9.76 8.51
CA THR E 708 -12.30 8.57 8.95
C THR E 708 -10.82 8.72 8.61
N SER E 709 -9.95 8.28 9.52
CA SER E 709 -8.53 8.10 9.22
C SER E 709 -8.09 6.73 9.73
N VAL E 710 -7.41 5.96 8.89
CA VAL E 710 -6.93 4.62 9.21
C VAL E 710 -5.43 4.68 9.36
N ASP E 711 -4.92 4.33 10.53
CA ASP E 711 -3.50 4.23 10.79
C ASP E 711 -2.99 3.00 10.04
N CYS E 712 -2.37 3.21 8.91
CA CYS E 712 -2.06 2.16 7.95
C CYS E 712 -1.11 1.09 8.51
N THR E 713 -0.17 1.45 9.38
CA THR E 713 0.71 0.47 10.04
C THR E 713 -0.05 -0.38 11.04
N MET E 714 -0.92 0.20 11.85
CA MET E 714 -1.76 -0.55 12.80
C MET E 714 -2.80 -1.42 12.09
N TYR E 715 -3.24 -1.06 10.87
CA TYR E 715 -4.11 -1.92 10.07
C TYR E 715 -3.33 -3.10 9.48
N ILE E 716 -2.24 -2.84 8.76
CA ILE E 716 -1.50 -3.88 8.05
C ILE E 716 -0.77 -4.81 9.04
N CYS E 717 -0.10 -4.24 10.04
CA CYS E 717 0.80 -4.95 10.93
C CYS E 717 0.31 -5.09 12.38
N GLY E 718 -0.18 -4.02 13.00
CA GLY E 718 -0.46 -4.01 14.44
C GLY E 718 0.80 -3.82 15.30
N ASP E 719 0.76 -4.27 16.55
CA ASP E 719 1.92 -4.25 17.45
C ASP E 719 2.93 -5.36 17.07
N SER E 720 3.64 -5.19 15.95
CA SER E 720 4.55 -6.19 15.39
C SER E 720 5.66 -5.54 14.56
N THR E 721 6.82 -5.33 15.20
CA THR E 721 8.01 -4.78 14.52
C THR E 721 8.56 -5.74 13.46
N GLU E 722 8.44 -7.05 13.66
CA GLU E 722 8.92 -8.08 12.73
C GLU E 722 8.31 -7.99 11.33
N CYS E 723 7.02 -7.63 11.21
CA CYS E 723 6.41 -7.30 9.91
C CYS E 723 6.53 -5.83 9.53
N SER E 724 6.56 -4.89 10.48
CA SER E 724 6.66 -3.46 10.17
C SER E 724 7.96 -3.17 9.40
N ASN E 725 9.06 -3.83 9.73
CA ASN E 725 10.29 -3.75 8.96
C ASN E 725 10.18 -4.32 7.53
N LEU E 726 9.26 -5.25 7.26
CA LEU E 726 8.92 -5.66 5.89
C LEU E 726 8.04 -4.62 5.20
N LEU E 727 7.10 -4.00 5.92
CA LEU E 727 6.23 -2.98 5.35
C LEU E 727 7.05 -1.78 4.85
N LEU E 728 8.15 -1.41 5.51
CA LEU E 728 9.08 -0.39 5.01
C LEU E 728 9.66 -0.70 3.63
N GLN E 729 9.71 -1.96 3.17
CA GLN E 729 10.22 -2.25 1.82
C GLN E 729 9.28 -1.77 0.72
N TYR E 730 7.98 -1.66 1.00
CA TYR E 730 6.98 -1.06 0.11
C TYR E 730 7.00 0.46 0.19
N GLY E 731 7.85 1.05 1.02
CA GLY E 731 8.10 2.48 1.08
C GLY E 731 6.87 3.30 1.42
N SER E 732 6.59 4.27 0.55
CA SER E 732 5.64 5.37 0.81
C SER E 732 4.16 4.98 0.78
N PHE E 733 3.75 3.75 0.47
CA PHE E 733 2.32 3.41 0.37
C PHE E 733 1.55 3.72 1.65
N CYS E 734 2.07 3.40 2.82
CA CYS E 734 1.43 3.77 4.09
C CYS E 734 1.16 5.28 4.17
N THR E 735 2.16 6.12 3.89
CA THR E 735 2.05 7.60 3.91
C THR E 735 1.15 8.15 2.81
N GLN E 736 1.22 7.60 1.60
CA GLN E 736 0.40 7.99 0.45
C GLN E 736 -1.09 7.74 0.75
N LEU E 737 -1.41 6.61 1.39
CA LEU E 737 -2.75 6.32 1.86
C LEU E 737 -3.18 7.25 3.00
N ASN E 738 -2.32 7.52 3.99
CA ASN E 738 -2.64 8.49 5.05
C ASN E 738 -2.91 9.91 4.52
N ARG E 739 -2.17 10.41 3.53
CA ARG E 739 -2.41 11.72 2.92
C ARG E 739 -3.77 11.77 2.24
N ALA E 740 -4.14 10.75 1.47
CA ALA E 740 -5.44 10.65 0.81
C ALA E 740 -6.62 10.65 1.79
N LEU E 741 -6.60 9.85 2.85
CA LEU E 741 -7.67 9.87 3.87
C LEU E 741 -7.69 11.18 4.66
N THR E 742 -6.55 11.82 4.88
CA THR E 742 -6.49 13.15 5.49
C THR E 742 -7.18 14.19 4.62
N GLY E 743 -6.88 14.22 3.32
CA GLY E 743 -7.55 15.11 2.36
C GLY E 743 -9.07 14.95 2.36
N ILE E 744 -9.56 13.70 2.29
CA ILE E 744 -11.00 13.42 2.41
C ILE E 744 -11.54 13.95 3.73
N ALA E 745 -10.89 13.68 4.85
CA ALA E 745 -11.37 14.11 6.17
C ALA E 745 -11.46 15.63 6.28
N VAL E 746 -10.46 16.37 5.80
CA VAL E 746 -10.46 17.83 5.76
C VAL E 746 -11.55 18.38 4.84
N GLU E 747 -11.78 17.77 3.67
CA GLU E 747 -12.82 18.19 2.74
C GLU E 747 -14.20 18.17 3.37
N GLN E 748 -14.49 17.25 4.28
CA GLN E 748 -15.82 17.19 4.89
C GLN E 748 -16.11 18.39 5.78
N ASP E 749 -15.09 19.04 6.32
CA ASP E 749 -15.26 20.31 7.01
C ASP E 749 -15.41 21.48 6.03
N LYS E 750 -14.69 21.48 4.89
CA LYS E 750 -14.91 22.49 3.85
C LYS E 750 -16.32 22.39 3.25
N ASN E 751 -16.85 21.19 3.02
CA ASN E 751 -18.23 21.01 2.56
C ASN E 751 -19.23 21.58 3.55
N THR E 752 -19.09 21.26 4.82
CA THR E 752 -20.05 21.68 5.83
C THR E 752 -19.91 23.17 6.13
N GLN E 753 -18.71 23.75 6.01
CA GLN E 753 -18.49 25.18 6.01
C GLN E 753 -19.22 25.87 4.84
N GLU E 754 -18.96 25.49 3.59
CA GLU E 754 -19.52 26.16 2.42
C GLU E 754 -21.04 26.11 2.31
N VAL E 755 -21.67 25.03 2.77
CA VAL E 755 -23.12 24.95 2.80
C VAL E 755 -23.66 25.92 3.83
N PHE E 756 -23.30 25.78 5.10
CA PHE E 756 -24.01 26.47 6.17
C PHE E 756 -23.43 27.85 6.49
N ALA E 757 -22.13 28.06 6.41
CA ALA E 757 -21.48 29.30 6.81
C ALA E 757 -21.56 30.40 5.74
N GLN E 758 -22.70 30.53 5.08
CA GLN E 758 -22.98 31.57 4.07
C GLN E 758 -23.44 32.88 4.70
N VAL E 759 -23.80 32.87 5.98
CA VAL E 759 -24.36 34.02 6.71
C VAL E 759 -23.35 34.62 7.68
N LYS E 760 -23.01 35.88 7.49
CA LYS E 760 -21.94 36.56 8.20
C LYS E 760 -22.26 36.91 9.65
N GLN E 761 -23.53 36.84 10.08
CA GLN E 761 -23.99 37.14 11.43
C GLN E 761 -25.10 36.19 11.84
N ILE E 762 -25.16 35.84 13.12
CA ILE E 762 -26.25 35.04 13.70
C ILE E 762 -27.45 35.95 13.99
N TYR E 763 -28.26 36.22 12.96
CA TYR E 763 -29.55 36.86 13.17
C TYR E 763 -30.42 36.01 14.10
N LYS E 764 -31.32 36.62 14.88
CA LYS E 764 -32.28 35.91 15.76
C LYS E 764 -33.68 36.52 15.67
N THR E 765 -34.73 35.70 15.67
CA THR E 765 -36.13 36.19 15.59
C THR E 765 -36.56 36.90 16.86
N PRO E 766 -37.26 38.03 16.81
CA PRO E 766 -37.78 38.69 18.00
C PRO E 766 -38.83 37.83 18.72
N PRO E 767 -39.15 38.11 19.98
CA PRO E 767 -40.08 37.29 20.76
C PRO E 767 -41.51 37.33 20.22
N ILE E 768 -42.01 38.49 19.76
CA ILE E 768 -43.35 38.62 19.16
C ILE E 768 -43.39 38.15 17.69
N LYS E 769 -44.05 37.02 17.41
CA LYS E 769 -44.04 36.33 16.10
C LYS E 769 -45.06 36.89 15.09
N ASP E 770 -45.07 38.19 14.87
CA ASP E 770 -45.97 38.90 13.96
C ASP E 770 -45.63 38.72 12.48
N PHE E 771 -45.42 37.50 12.03
CA PHE E 771 -45.05 37.19 10.63
C PHE E 771 -46.26 37.10 9.70
N GLY E 772 -47.21 38.01 9.80
CA GLY E 772 -48.33 38.15 8.86
C GLY E 772 -49.37 37.03 8.89
N GLY E 773 -49.30 36.13 9.85
CA GLY E 773 -50.15 34.92 9.94
C GLY E 773 -49.45 33.61 9.53
N PHE E 774 -48.26 33.69 8.95
CA PHE E 774 -47.44 32.52 8.68
C PHE E 774 -46.81 32.05 10.01
N ASN E 775 -47.05 30.82 10.43
CA ASN E 775 -46.66 30.29 11.74
C ASN E 775 -45.46 29.37 11.58
N PHE E 776 -44.26 29.92 11.67
CA PHE E 776 -43.00 29.18 11.51
C PHE E 776 -42.60 28.35 12.73
N SER E 777 -43.44 28.16 13.73
CA SER E 777 -43.09 27.50 15.00
C SER E 777 -42.49 26.09 14.85
N GLN E 778 -42.82 25.38 13.77
CA GLN E 778 -42.29 24.05 13.52
C GLN E 778 -40.83 24.06 13.02
N ILE E 779 -40.36 25.14 12.41
CA ILE E 779 -39.05 25.22 11.73
C ILE E 779 -38.08 26.19 12.38
N LEU E 780 -38.58 27.19 13.11
CA LEU E 780 -37.79 28.00 14.03
C LEU E 780 -37.36 27.17 15.25
N PRO E 781 -36.23 27.50 15.90
CA PRO E 781 -35.76 26.77 17.06
C PRO E 781 -36.78 26.71 18.19
N ASP E 782 -36.76 25.60 18.91
CA ASP E 782 -37.48 25.36 20.15
C ASP E 782 -36.47 25.34 21.30
N PRO E 783 -36.37 26.42 22.11
CA PRO E 783 -35.33 26.57 23.13
C PRO E 783 -35.51 25.62 24.33
N SER E 784 -36.61 24.86 24.39
CA SER E 784 -36.80 23.79 25.38
C SER E 784 -35.93 22.55 25.13
N LYS E 785 -35.47 22.30 23.90
CA LYS E 785 -34.72 21.09 23.53
C LYS E 785 -33.30 21.11 24.09
N SER E 787 -28.31 22.31 22.48
CA SER E 787 -28.76 21.64 21.25
C SER E 787 -30.22 21.96 20.91
N LYS E 788 -30.59 23.23 21.01
CA LYS E 788 -31.91 23.76 20.65
C LYS E 788 -32.17 23.72 19.13
N ARG E 789 -32.60 22.57 18.61
CA ARG E 789 -33.09 22.38 17.23
C ARG E 789 -34.51 22.93 17.07
N SER E 790 -35.02 23.07 15.85
CA SER E 790 -36.46 23.22 15.60
C SER E 790 -37.22 21.90 15.79
N PHE E 791 -38.54 21.84 15.58
CA PHE E 791 -39.21 20.54 15.54
C PHE E 791 -38.86 19.73 14.30
N ILE E 792 -38.89 20.29 13.10
CA ILE E 792 -38.60 19.51 11.89
C ILE E 792 -37.12 19.11 11.84
N GLU E 793 -36.17 19.94 12.25
CA GLU E 793 -34.79 19.48 12.45
C GLU E 793 -34.70 18.32 13.45
N ASP E 794 -35.40 18.40 14.58
CA ASP E 794 -35.41 17.31 15.56
C ASP E 794 -36.09 16.03 15.05
N LEU E 795 -37.10 16.10 14.17
CA LEU E 795 -37.60 14.93 13.44
C LEU E 795 -36.51 14.34 12.54
N LEU E 796 -35.81 15.19 11.80
CA LEU E 796 -34.78 14.74 10.88
C LEU E 796 -33.63 14.05 11.63
N PHE E 797 -33.18 14.59 12.77
CA PHE E 797 -32.15 13.96 13.59
C PHE E 797 -32.58 12.65 14.26
N ASN E 798 -33.87 12.37 14.43
CA ASN E 798 -34.33 11.06 14.90
C ASN E 798 -34.35 10.00 13.77
N LYS E 799 -34.72 10.38 12.55
CA LYS E 799 -35.07 9.41 11.50
C LYS E 799 -33.88 8.77 10.77
N VAL E 800 -32.64 9.20 11.00
CA VAL E 800 -31.40 8.57 10.50
C VAL E 800 -30.69 7.78 11.61
N THR E 801 -30.24 6.56 11.31
CA THR E 801 -29.53 5.65 12.24
C THR E 801 -28.05 5.50 11.86
N LYS E 828 -13.86 -0.36 13.80
CA LYS E 828 -13.74 0.89 14.57
C LYS E 828 -12.50 0.90 15.49
N PHE E 829 -11.71 -0.17 15.49
CA PHE E 829 -10.64 -0.40 16.46
C PHE E 829 -9.32 -0.96 15.90
N ASN E 830 -9.35 -1.65 14.77
CA ASN E 830 -8.20 -2.35 14.18
C ASN E 830 -7.20 -1.40 13.46
N GLY E 831 -6.84 -0.28 14.08
CA GLY E 831 -6.13 0.84 13.44
C GLY E 831 -7.03 1.91 12.81
N LEU E 832 -8.34 1.67 12.71
CA LEU E 832 -9.35 2.64 12.31
C LEU E 832 -9.54 3.72 13.37
N THR E 833 -9.78 4.96 12.95
CA THR E 833 -10.22 6.05 13.84
C THR E 833 -11.27 6.92 13.16
N VAL E 834 -12.30 7.33 13.88
CA VAL E 834 -13.36 8.23 13.39
C VAL E 834 -13.24 9.56 14.09
N LEU E 835 -13.21 10.63 13.30
CA LEU E 835 -12.87 11.98 13.76
C LEU E 835 -14.13 12.83 13.91
N PRO E 836 -14.27 13.66 14.96
CA PRO E 836 -15.41 14.56 15.07
C PRO E 836 -15.37 15.64 13.97
N PRO E 837 -16.53 16.13 13.49
CA PRO E 837 -16.57 17.23 12.54
C PRO E 837 -16.06 18.52 13.19
N LEU E 838 -15.60 19.48 12.41
CA LEU E 838 -15.19 20.76 12.97
C LEU E 838 -16.38 21.52 13.55
N LEU E 839 -17.55 21.50 12.89
CA LEU E 839 -18.76 22.15 13.39
C LEU E 839 -19.67 21.10 14.02
N THR E 840 -20.05 21.29 15.27
CA THR E 840 -21.00 20.40 15.98
C THR E 840 -22.40 20.50 15.38
N ASP E 841 -23.27 19.52 15.63
CA ASP E 841 -24.69 19.61 15.24
C ASP E 841 -25.40 20.79 15.89
N GLU E 842 -24.95 21.22 17.07
CA GLU E 842 -25.45 22.43 17.74
C GLU E 842 -25.03 23.68 16.99
N MET E 843 -23.79 23.75 16.49
CA MET E 843 -23.34 24.88 15.68
C MET E 843 -24.00 24.90 14.31
N ILE E 844 -24.26 23.75 13.70
CA ILE E 844 -25.04 23.69 12.47
C ILE E 844 -26.48 24.13 12.67
N ALA E 845 -27.15 23.76 13.77
CA ALA E 845 -28.47 24.29 14.09
C ALA E 845 -28.46 25.80 14.44
N GLN E 846 -27.34 26.36 14.91
CA GLN E 846 -27.19 27.82 15.03
C GLN E 846 -27.04 28.50 13.68
N TYR E 847 -26.33 27.94 12.70
CA TYR E 847 -26.33 28.49 11.36
C TYR E 847 -27.70 28.40 10.69
N THR E 848 -28.42 27.27 10.73
CA THR E 848 -29.77 27.26 10.16
C THR E 848 -30.68 28.23 10.87
N SER E 849 -30.57 28.43 12.18
CA SER E 849 -31.30 29.50 12.86
C SER E 849 -30.99 30.87 12.28
N ALA E 850 -29.72 31.23 12.08
CA ALA E 850 -29.35 32.49 11.47
C ALA E 850 -29.92 32.67 10.06
N LEU E 851 -29.96 31.59 9.27
CA LEU E 851 -30.52 31.58 7.91
C LEU E 851 -32.04 31.74 7.95
N LEU E 852 -32.74 31.09 8.88
CA LEU E 852 -34.16 31.30 9.11
C LEU E 852 -34.39 32.75 9.51
N ALA E 853 -33.73 33.24 10.54
CA ALA E 853 -34.00 34.56 11.08
C ALA E 853 -33.71 35.67 10.05
N GLY E 854 -32.69 35.53 9.23
CA GLY E 854 -32.47 36.42 8.10
C GLY E 854 -33.64 36.33 7.12
N THR E 855 -33.93 35.13 6.61
CA THR E 855 -34.97 34.92 5.59
C THR E 855 -36.33 35.42 6.03
N ILE E 856 -36.69 35.23 7.28
CA ILE E 856 -38.00 35.62 7.80
C ILE E 856 -38.06 37.11 8.05
N THR E 857 -37.08 37.69 8.73
CA THR E 857 -37.18 39.10 9.13
C THR E 857 -36.75 40.10 8.05
N SER E 858 -36.01 39.67 7.04
CA SER E 858 -35.24 40.56 6.18
C SER E 858 -35.17 40.17 4.71
N GLY E 859 -36.05 39.28 4.26
CA GLY E 859 -36.12 38.84 2.87
C GLY E 859 -34.81 38.29 2.33
N TRP E 860 -34.52 38.52 1.06
CA TRP E 860 -33.21 38.24 0.47
C TRP E 860 -32.13 39.25 0.87
N THR E 861 -32.47 40.39 1.48
CA THR E 861 -31.52 41.50 1.65
C THR E 861 -30.30 41.10 2.44
N PHE E 862 -30.42 40.19 3.42
CA PHE E 862 -29.27 39.73 4.19
C PHE E 862 -28.20 39.00 3.36
N GLY E 863 -28.50 38.55 2.13
CA GLY E 863 -27.47 38.05 1.22
C GLY E 863 -26.65 39.16 0.56
N ALA E 864 -27.24 40.33 0.33
CA ALA E 864 -26.63 41.43 -0.41
C ALA E 864 -25.62 42.26 0.38
N GLY E 865 -25.68 42.21 1.70
CA GLY E 865 -24.96 43.07 2.62
C GLY E 865 -25.71 43.11 3.95
N ALA E 866 -25.81 44.27 4.60
CA ALA E 866 -26.54 44.38 5.85
C ALA E 866 -28.00 43.94 5.71
N ALA E 867 -28.51 43.13 6.64
CA ALA E 867 -29.90 42.72 6.65
C ALA E 867 -30.83 43.91 6.95
N LEU E 868 -31.82 44.11 6.10
CA LEU E 868 -32.80 45.18 6.21
C LEU E 868 -34.12 44.59 6.70
N GLN E 869 -34.68 45.03 7.82
CA GLN E 869 -35.95 44.47 8.25
C GLN E 869 -37.04 44.82 7.26
N ILE E 870 -37.92 43.88 6.95
CA ILE E 870 -39.13 44.09 6.15
C ILE E 870 -40.29 43.31 6.78
N PRO E 871 -41.49 43.87 6.90
CA PRO E 871 -42.61 43.12 7.45
C PRO E 871 -42.91 41.92 6.55
N PHE E 872 -43.12 40.75 7.13
CA PHE E 872 -43.12 39.53 6.35
C PHE E 872 -44.23 39.50 5.30
N ALA E 873 -45.40 40.06 5.58
CA ALA E 873 -46.47 40.16 4.59
C ALA E 873 -46.05 40.98 3.36
N MET E 874 -45.25 42.04 3.50
CA MET E 874 -44.67 42.77 2.36
C MET E 874 -43.58 41.99 1.66
N GLN E 875 -42.76 41.21 2.38
CA GLN E 875 -41.76 40.36 1.74
C GLN E 875 -42.42 39.34 0.81
N MET E 876 -43.51 38.73 1.23
CA MET E 876 -44.20 37.79 0.36
C MET E 876 -44.76 38.47 -0.87
N ALA E 877 -45.13 39.74 -0.80
CA ALA E 877 -45.56 40.47 -1.99
C ALA E 877 -44.44 40.66 -3.02
N TYR E 878 -43.19 40.89 -2.62
CA TYR E 878 -42.08 40.91 -3.57
C TYR E 878 -41.77 39.51 -4.10
N ARG E 879 -41.92 38.47 -3.29
CA ARG E 879 -41.83 37.09 -3.80
C ARG E 879 -42.89 36.85 -4.88
N PHE E 880 -44.14 37.26 -4.67
CA PHE E 880 -45.24 37.17 -5.65
C PHE E 880 -44.96 37.98 -6.90
N ASN E 881 -44.60 39.26 -6.75
CA ASN E 881 -44.29 40.13 -7.87
C ASN E 881 -43.07 39.64 -8.66
N GLY E 882 -42.13 38.93 -8.03
CA GLY E 882 -41.00 38.29 -8.70
C GLY E 882 -41.35 37.09 -9.56
N ILE E 883 -42.52 36.46 -9.35
CA ILE E 883 -43.03 35.36 -10.19
C ILE E 883 -44.19 35.79 -11.10
N GLY E 884 -44.30 37.09 -11.37
CA GLY E 884 -45.26 37.63 -12.32
C GLY E 884 -46.70 37.65 -11.84
N VAL E 885 -46.93 37.53 -10.54
CA VAL E 885 -48.25 37.69 -9.91
C VAL E 885 -48.30 39.04 -9.21
N THR E 886 -49.27 39.89 -9.49
CA THR E 886 -49.33 41.24 -8.92
C THR E 886 -49.60 41.21 -7.43
N GLN E 887 -49.00 42.14 -6.70
CA GLN E 887 -48.91 42.11 -5.24
C GLN E 887 -50.27 42.00 -4.56
N ASN E 888 -51.30 42.58 -5.14
CA ASN E 888 -52.66 42.53 -4.60
C ASN E 888 -53.19 41.11 -4.50
N VAL E 889 -52.74 40.17 -5.33
CA VAL E 889 -53.14 38.76 -5.24
C VAL E 889 -52.70 38.15 -3.92
N LEU E 890 -51.61 38.63 -3.29
CA LEU E 890 -51.32 38.28 -1.90
C LEU E 890 -52.27 39.01 -0.95
N TYR E 891 -52.32 40.33 -0.98
CA TYR E 891 -53.01 41.12 0.04
C TYR E 891 -54.52 40.85 0.09
N GLU E 892 -55.17 40.65 -1.05
CA GLU E 892 -56.58 40.26 -1.13
C GLU E 892 -56.83 38.82 -0.66
N ASN E 893 -55.80 37.98 -0.53
CA ASN E 893 -55.90 36.54 -0.24
C ASN E 893 -54.92 36.11 0.87
N GLN E 894 -54.50 37.00 1.75
CA GLN E 894 -53.45 36.75 2.73
C GLN E 894 -53.85 35.71 3.78
N LYS E 895 -55.11 35.73 4.22
CA LYS E 895 -55.70 34.70 5.07
C LYS E 895 -55.57 33.32 4.43
N LEU E 896 -55.96 33.17 3.17
CA LEU E 896 -55.85 31.92 2.42
C LEU E 896 -54.39 31.48 2.27
N ILE E 897 -53.48 32.39 1.93
CA ILE E 897 -52.06 32.06 1.73
C ILE E 897 -51.39 31.65 3.04
N ALA E 898 -51.70 32.31 4.15
CA ALA E 898 -51.23 31.89 5.47
C ALA E 898 -51.78 30.53 5.87
N ASN E 899 -53.07 30.26 5.70
CA ASN E 899 -53.67 28.95 5.99
C ASN E 899 -53.15 27.83 5.06
N GLN E 900 -52.88 28.12 3.80
CA GLN E 900 -52.23 27.16 2.89
C GLN E 900 -50.77 26.90 3.28
N PHE E 901 -49.99 27.92 3.60
CA PHE E 901 -48.61 27.73 4.03
C PHE E 901 -48.52 26.98 5.36
N ASN E 902 -49.29 27.37 6.36
CA ASN E 902 -49.30 26.67 7.65
C ASN E 902 -49.69 25.20 7.47
N SER E 903 -50.71 24.91 6.66
CA SER E 903 -51.12 23.55 6.32
C SER E 903 -49.98 22.77 5.64
N ALA E 904 -49.31 23.39 4.67
CA ALA E 904 -48.22 22.74 3.93
C ALA E 904 -46.99 22.46 4.80
N ILE E 905 -46.65 23.31 5.78
CA ILE E 905 -45.62 22.99 6.79
C ILE E 905 -46.08 21.82 7.66
N GLY E 906 -47.33 21.81 8.10
CA GLY E 906 -47.90 20.73 8.90
C GLY E 906 -47.75 19.36 8.26
N LYS E 907 -48.02 19.25 6.96
CA LYS E 907 -47.84 18.00 6.20
C LYS E 907 -46.38 17.51 6.14
N ILE E 908 -45.37 18.34 6.37
CA ILE E 908 -43.97 17.87 6.38
C ILE E 908 -43.67 16.98 7.59
N GLN E 909 -44.22 17.28 8.77
CA GLN E 909 -44.14 16.35 9.90
C GLN E 909 -44.80 15.01 9.57
N ASP E 910 -45.92 15.02 8.87
CA ASP E 910 -46.58 13.82 8.38
C ASP E 910 -45.73 13.06 7.36
N SER E 911 -44.94 13.72 6.52
CA SER E 911 -44.03 13.06 5.57
C SER E 911 -42.91 12.32 6.29
N LEU E 912 -42.24 12.97 7.24
CA LEU E 912 -41.14 12.39 8.01
C LEU E 912 -41.61 11.33 9.01
N SER E 913 -42.86 11.43 9.46
CA SER E 913 -43.54 10.39 10.26
C SER E 913 -43.97 9.17 9.42
N SER E 914 -44.56 9.38 8.24
CA SER E 914 -45.08 8.33 7.35
C SER E 914 -44.00 7.31 6.95
N THR E 915 -42.76 7.73 6.74
CA THR E 915 -41.63 6.81 6.73
C THR E 915 -40.31 7.51 7.04
N ALA E 916 -39.45 6.84 7.83
CA ALA E 916 -38.06 7.25 8.01
C ALA E 916 -37.27 7.25 6.69
N SER E 917 -37.67 6.41 5.70
CA SER E 917 -37.10 6.40 4.34
C SER E 917 -37.42 7.66 3.51
N ALA E 918 -38.08 8.66 4.08
CA ALA E 918 -38.07 10.00 3.50
C ALA E 918 -36.62 10.54 3.44
N LEU E 919 -35.81 10.34 4.49
CA LEU E 919 -34.39 10.71 4.56
C LEU E 919 -33.45 9.71 3.86
N GLY E 920 -33.97 8.93 2.90
CA GLY E 920 -33.25 7.86 2.21
C GLY E 920 -31.88 8.29 1.68
N LYS E 921 -31.77 9.47 1.08
CA LYS E 921 -30.50 9.97 0.54
C LYS E 921 -29.43 10.24 1.60
N LEU E 922 -29.79 10.53 2.85
CA LEU E 922 -28.82 10.58 3.96
C LEU E 922 -28.50 9.17 4.46
N GLN E 923 -29.50 8.32 4.67
CA GLN E 923 -29.29 6.97 5.19
C GLN E 923 -28.50 6.10 4.22
N ASP E 924 -28.68 6.24 2.92
CA ASP E 924 -27.87 5.57 1.89
C ASP E 924 -26.37 5.95 2.01
N VAL E 925 -26.07 7.22 2.23
CA VAL E 925 -24.68 7.69 2.44
C VAL E 925 -24.11 7.15 3.73
N VAL E 926 -24.87 7.05 4.80
CA VAL E 926 -24.40 6.45 6.06
C VAL E 926 -24.12 4.96 5.90
N ASN E 927 -25.07 4.24 5.32
CA ASN E 927 -24.95 2.80 5.07
C ASN E 927 -23.75 2.45 4.22
N GLN E 928 -23.45 3.19 3.15
CA GLN E 928 -22.30 2.91 2.30
C GLN E 928 -20.96 3.04 3.02
N ASN E 929 -20.78 4.05 3.86
CA ASN E 929 -19.59 4.19 4.68
C ASN E 929 -19.48 3.03 5.69
N ALA E 930 -20.56 2.68 6.39
CA ALA E 930 -20.56 1.53 7.27
C ALA E 930 -20.21 0.23 6.53
N GLN E 931 -20.80 -0.04 5.37
CA GLN E 931 -20.49 -1.23 4.56
C GLN E 931 -19.05 -1.23 4.03
N ALA E 932 -18.48 -0.09 3.67
CA ALA E 932 -17.07 -0.02 3.27
C ALA E 932 -16.10 -0.25 4.43
N LEU E 933 -16.36 0.29 5.63
CA LEU E 933 -15.54 0.00 6.81
C LEU E 933 -15.69 -1.44 7.30
N ASN E 934 -16.91 -1.98 7.34
CA ASN E 934 -17.12 -3.36 7.75
C ASN E 934 -16.44 -4.32 6.78
N THR E 935 -16.47 -4.05 5.48
CA THR E 935 -15.69 -4.81 4.50
C THR E 935 -14.19 -4.65 4.69
N LEU E 936 -13.69 -3.45 5.00
CA LEU E 936 -12.27 -3.22 5.29
C LEU E 936 -11.79 -4.05 6.48
N VAL E 937 -12.54 -4.09 7.58
CA VAL E 937 -12.16 -4.85 8.77
C VAL E 937 -12.29 -6.34 8.53
N LYS E 938 -13.38 -6.82 7.92
CA LYS E 938 -13.54 -8.23 7.58
C LYS E 938 -12.41 -8.78 6.72
N GLN E 939 -11.82 -8.00 5.82
CA GLN E 939 -10.62 -8.41 5.09
C GLN E 939 -9.37 -8.68 5.97
N LEU E 940 -9.33 -8.34 7.27
CA LEU E 940 -8.30 -8.84 8.19
C LEU E 940 -8.49 -10.32 8.56
N SER E 941 -9.68 -10.87 8.41
CA SER E 941 -9.95 -12.30 8.60
C SER E 941 -9.46 -13.16 7.43
N SER E 942 -9.08 -12.57 6.30
CA SER E 942 -8.71 -13.30 5.08
C SER E 942 -7.26 -13.78 5.09
N ASN E 943 -6.98 -14.93 4.45
CA ASN E 943 -5.63 -15.50 4.40
C ASN E 943 -4.77 -14.98 3.27
N PHE E 944 -5.37 -14.62 2.12
CA PHE E 944 -4.66 -14.22 0.90
C PHE E 944 -3.64 -15.23 0.38
N GLY E 945 -3.79 -16.51 0.75
CA GLY E 945 -2.82 -17.58 0.47
C GLY E 945 -1.72 -17.82 1.53
N ALA E 946 -1.62 -17.01 2.60
CA ALA E 946 -0.76 -17.32 3.74
C ALA E 946 -1.32 -18.47 4.61
N ILE E 947 -0.53 -19.05 5.51
CA ILE E 947 -0.99 -20.15 6.36
C ILE E 947 -2.14 -19.80 7.30
N SER E 948 -2.20 -18.57 7.81
CA SER E 948 -3.23 -18.11 8.76
C SER E 948 -3.47 -16.62 8.59
N SER E 949 -4.71 -16.20 8.81
CA SER E 949 -5.13 -14.80 8.81
C SER E 949 -4.56 -13.97 9.96
N VAL E 950 -4.04 -14.61 11.01
CA VAL E 950 -3.47 -13.93 12.18
C VAL E 950 -1.97 -13.82 11.99
N LEU E 951 -1.45 -12.60 11.96
CA LEU E 951 -0.02 -12.36 11.76
C LEU E 951 0.81 -12.84 12.96
N ASN E 952 0.26 -12.77 14.18
CA ASN E 952 0.91 -13.31 15.37
C ASN E 952 0.95 -14.85 15.39
N ASP E 953 0.15 -15.57 14.61
CA ASP E 953 0.38 -17.01 14.40
C ASP E 953 1.67 -17.23 13.65
N ILE E 954 1.85 -16.58 12.52
CA ILE E 954 3.01 -16.81 11.65
C ILE E 954 4.32 -16.54 12.40
N LEU E 955 4.38 -15.52 13.24
CA LEU E 955 5.54 -15.26 14.09
C LEU E 955 5.70 -16.20 15.29
N SER E 956 4.70 -17.02 15.63
CA SER E 956 4.73 -17.98 16.75
C SER E 956 4.68 -19.44 16.32
N ARG E 957 4.48 -19.73 15.04
CA ARG E 957 4.43 -21.09 14.48
C ARG E 957 5.40 -21.35 13.32
N LEU E 958 6.22 -20.39 12.91
CA LEU E 958 7.25 -20.54 11.88
C LEU E 958 8.55 -19.79 12.22
N ASP E 959 9.67 -20.31 11.75
CA ASP E 959 10.96 -19.63 11.84
C ASP E 959 11.11 -18.55 10.75
N PRO E 960 11.90 -17.49 10.98
CA PRO E 960 11.95 -16.32 10.13
C PRO E 960 12.02 -16.56 8.61
N PRO E 961 12.81 -17.52 8.08
CA PRO E 961 12.93 -17.70 6.63
C PRO E 961 11.67 -18.16 5.93
N GLU E 962 10.79 -18.89 6.62
CA GLU E 962 9.46 -19.26 6.14
C GLU E 962 8.46 -18.14 6.46
N ALA E 963 8.51 -17.63 7.70
CA ALA E 963 7.56 -16.67 8.25
C ALA E 963 7.46 -15.39 7.41
N GLU E 964 8.58 -14.78 7.00
CA GLU E 964 8.53 -13.58 6.19
C GLU E 964 7.90 -13.83 4.81
N VAL E 965 8.12 -14.98 4.20
CA VAL E 965 7.46 -15.30 2.93
C VAL E 965 5.97 -15.47 3.11
N GLN E 966 5.52 -16.05 4.23
CA GLN E 966 4.09 -16.09 4.53
C GLN E 966 3.51 -14.70 4.81
N ILE E 967 4.20 -13.88 5.60
CA ILE E 967 3.80 -12.51 5.92
C ILE E 967 3.72 -11.64 4.67
N ASP E 968 4.58 -11.81 3.67
CA ASP E 968 4.49 -11.05 2.42
C ASP E 968 3.12 -11.15 1.75
N ARG E 969 2.41 -12.29 1.85
CA ARG E 969 1.00 -12.38 1.41
C ARG E 969 0.03 -11.64 2.33
N LEU E 970 0.22 -11.63 3.64
CA LEU E 970 -0.60 -10.81 4.54
C LEU E 970 -0.37 -9.33 4.29
N ILE E 971 0.85 -8.87 4.14
CA ILE E 971 1.12 -7.46 3.81
C ILE E 971 0.51 -7.12 2.45
N THR E 972 0.73 -7.94 1.42
CA THR E 972 0.20 -7.65 0.09
C THR E 972 -1.32 -7.61 0.07
N GLY E 973 -1.98 -8.59 0.68
CA GLY E 973 -3.44 -8.62 0.80
C GLY E 973 -4.01 -7.48 1.64
N ARG E 974 -3.33 -7.07 2.71
CA ARG E 974 -3.77 -5.94 3.54
C ARG E 974 -3.51 -4.59 2.88
N LEU E 975 -2.44 -4.41 2.11
CA LEU E 975 -2.28 -3.23 1.25
C LEU E 975 -3.34 -3.17 0.16
N GLN E 976 -3.55 -4.25 -0.59
CA GLN E 976 -4.58 -4.29 -1.62
C GLN E 976 -5.99 -4.10 -1.03
N SER E 977 -6.25 -4.58 0.19
CA SER E 977 -7.48 -4.27 0.95
C SER E 977 -7.61 -2.80 1.32
N LEU E 978 -6.59 -2.20 1.95
CA LEU E 978 -6.62 -0.82 2.38
C LEU E 978 -6.68 0.15 1.19
N GLN E 979 -5.88 -0.06 0.15
CA GLN E 979 -5.92 0.79 -1.04
C GLN E 979 -7.23 0.64 -1.80
N THR E 980 -7.86 -0.54 -1.82
CA THR E 980 -9.19 -0.66 -2.44
C THR E 980 -10.17 0.24 -1.72
N TYR E 981 -10.19 0.22 -0.39
CA TYR E 981 -11.04 1.11 0.40
C TYR E 981 -10.71 2.60 0.26
N VAL E 982 -9.44 3.01 0.25
CA VAL E 982 -9.08 4.42 0.02
C VAL E 982 -9.49 4.86 -1.38
N THR E 983 -9.41 3.98 -2.37
CA THR E 983 -9.87 4.30 -3.73
C THR E 983 -11.36 4.47 -3.76
N GLN E 984 -12.15 3.56 -3.21
CA GLN E 984 -13.61 3.73 -3.15
C GLN E 984 -13.99 5.00 -2.37
N GLN E 985 -13.31 5.32 -1.26
CA GLN E 985 -13.61 6.53 -0.50
C GLN E 985 -13.23 7.80 -1.26
N LEU E 986 -12.14 7.84 -2.02
CA LEU E 986 -11.79 9.03 -2.80
C LEU E 986 -12.83 9.35 -3.87
N ILE E 987 -13.45 8.32 -4.44
CA ILE E 987 -14.52 8.45 -5.43
C ILE E 987 -15.82 8.87 -4.73
N ARG E 988 -16.18 8.25 -3.62
CA ARG E 988 -17.36 8.64 -2.84
C ARG E 988 -17.25 10.03 -2.25
N ALA E 989 -16.06 10.48 -1.88
CA ALA E 989 -15.82 11.86 -1.48
C ALA E 989 -16.12 12.82 -2.63
N ALA E 990 -15.69 12.52 -3.85
CA ALA E 990 -15.97 13.35 -5.02
C ALA E 990 -17.47 13.42 -5.33
N GLU E 991 -18.21 12.34 -5.10
CA GLU E 991 -19.67 12.34 -5.17
C GLU E 991 -20.31 13.23 -4.11
N ILE E 992 -19.89 13.13 -2.85
CA ILE E 992 -20.44 13.96 -1.77
C ILE E 992 -20.02 15.42 -1.89
N ARG E 993 -18.81 15.73 -2.34
CA ARG E 993 -18.40 17.10 -2.69
C ARG E 993 -19.26 17.67 -3.79
N ALA E 994 -19.62 16.91 -4.81
CA ALA E 994 -20.53 17.39 -5.84
C ALA E 994 -21.92 17.71 -5.25
N SER E 995 -22.44 16.86 -4.37
CA SER E 995 -23.66 17.12 -3.63
C SER E 995 -23.56 18.30 -2.65
N ALA E 996 -22.44 18.52 -1.98
CA ALA E 996 -22.20 19.68 -1.14
C ALA E 996 -22.15 20.97 -1.97
N ASN E 997 -21.45 20.99 -3.11
CA ASN E 997 -21.46 22.12 -4.04
C ASN E 997 -22.89 22.45 -4.47
N LEU E 998 -23.68 21.44 -4.81
CA LEU E 998 -25.08 21.60 -5.16
C LEU E 998 -25.88 22.17 -4.00
N ALA E 999 -25.73 21.65 -2.79
CA ALA E 999 -26.43 22.16 -1.61
C ALA E 999 -26.03 23.60 -1.28
N ALA E 1000 -24.75 23.95 -1.38
CA ALA E 1000 -24.27 25.30 -1.19
C ALA E 1000 -24.85 26.26 -2.21
N THR E 1001 -25.05 25.79 -3.45
CA THR E 1001 -25.74 26.55 -4.49
C THR E 1001 -27.23 26.67 -4.20
N LYS E 1002 -27.92 25.61 -3.77
CA LYS E 1002 -29.35 25.71 -3.42
C LYS E 1002 -29.57 26.61 -2.24
N MET E 1003 -28.64 26.68 -1.29
CA MET E 1003 -28.72 27.65 -0.23
C MET E 1003 -28.45 29.08 -0.70
N SER E 1004 -27.40 29.32 -1.48
CA SER E 1004 -27.13 30.64 -2.05
C SER E 1004 -28.28 31.15 -2.90
N GLU E 1005 -28.95 30.29 -3.68
CA GLU E 1005 -30.00 30.69 -4.61
C GLU E 1005 -31.41 30.62 -4.06
N CYS E 1006 -31.86 29.48 -3.56
CA CYS E 1006 -33.24 29.30 -3.15
C CYS E 1006 -33.53 30.01 -1.82
N VAL E 1007 -32.59 29.97 -0.86
CA VAL E 1007 -32.78 30.48 0.51
C VAL E 1007 -32.41 31.97 0.58
N LEU E 1008 -31.15 32.29 0.33
CA LEU E 1008 -30.63 33.65 0.39
C LEU E 1008 -31.24 34.57 -0.68
N GLY E 1009 -31.94 34.04 -1.68
CA GLY E 1009 -32.50 34.80 -2.78
C GLY E 1009 -33.93 34.39 -3.13
N GLN E 1010 -34.29 34.58 -4.38
CA GLN E 1010 -35.43 33.93 -5.00
C GLN E 1010 -35.02 33.48 -6.40
N SER E 1011 -34.64 32.22 -6.59
CA SER E 1011 -34.21 31.75 -7.91
C SER E 1011 -35.38 31.70 -8.87
N LYS E 1012 -35.15 32.12 -10.13
CA LYS E 1012 -36.07 31.96 -11.26
C LYS E 1012 -35.78 30.71 -12.09
N ARG E 1013 -34.80 29.90 -11.69
CA ARG E 1013 -34.41 28.67 -12.39
C ARG E 1013 -35.53 27.66 -12.24
N VAL E 1014 -36.20 27.31 -13.34
CA VAL E 1014 -37.37 26.41 -13.30
C VAL E 1014 -37.01 25.05 -12.71
N ASP E 1015 -37.77 24.63 -11.72
CA ASP E 1015 -37.64 23.35 -11.01
C ASP E 1015 -36.26 23.08 -10.40
N PHE E 1016 -35.46 24.11 -10.14
CA PHE E 1016 -34.29 23.98 -9.28
C PHE E 1016 -34.71 23.93 -7.82
N CYS E 1017 -35.56 24.85 -7.39
CA CYS E 1017 -36.08 24.97 -6.02
C CYS E 1017 -37.48 24.34 -5.87
N GLY E 1018 -37.63 23.06 -6.20
CA GLY E 1018 -38.90 22.31 -6.17
C GLY E 1018 -39.88 22.73 -7.27
N LYS E 1019 -40.90 21.91 -7.55
CA LYS E 1019 -41.91 22.20 -8.56
C LYS E 1019 -42.83 23.37 -8.18
N GLY E 1020 -43.36 24.08 -9.17
CA GLY E 1020 -44.04 25.36 -9.00
C GLY E 1020 -43.12 26.57 -9.21
N TYR E 1021 -43.69 27.75 -9.12
CA TYR E 1021 -42.92 29.00 -9.18
C TYR E 1021 -42.33 29.27 -7.80
N HIS E 1022 -41.03 29.53 -7.70
CA HIS E 1022 -40.36 29.63 -6.40
C HIS E 1022 -40.74 30.89 -5.63
N LEU E 1023 -41.13 30.79 -4.36
CA LEU E 1023 -41.34 31.95 -3.50
C LEU E 1023 -40.16 32.15 -2.55
N MET E 1024 -39.79 31.15 -1.77
CA MET E 1024 -38.70 31.17 -0.78
C MET E 1024 -38.40 29.74 -0.35
N SER E 1025 -37.25 29.45 0.26
CA SER E 1025 -37.08 28.16 0.92
C SER E 1025 -36.36 28.28 2.24
N PHE E 1026 -36.59 27.32 3.12
CA PHE E 1026 -36.04 27.28 4.46
C PHE E 1026 -35.09 26.10 4.61
N PRO E 1027 -33.85 26.27 5.07
CA PRO E 1027 -32.99 25.15 5.38
C PRO E 1027 -33.35 24.60 6.74
N GLN E 1028 -33.33 23.30 6.88
CA GLN E 1028 -33.39 22.60 8.15
C GLN E 1028 -32.18 21.68 8.15
N SER E 1029 -31.40 21.69 9.21
CA SER E 1029 -30.26 20.80 9.35
C SER E 1029 -30.71 19.34 9.47
N ALA E 1030 -29.86 18.43 9.03
CA ALA E 1030 -30.07 17.00 9.20
C ALA E 1030 -28.72 16.31 9.41
N PRO E 1031 -28.63 15.11 9.99
CA PRO E 1031 -27.35 14.47 10.25
C PRO E 1031 -26.60 14.17 8.95
N HIS E 1032 -25.39 14.71 8.82
CA HIS E 1032 -24.54 14.64 7.62
C HIS E 1032 -25.13 15.24 6.32
N GLY E 1033 -26.14 16.09 6.40
CA GLY E 1033 -26.72 16.73 5.23
C GLY E 1033 -27.53 17.97 5.55
N VAL E 1034 -28.36 18.40 4.61
CA VAL E 1034 -29.25 19.54 4.74
C VAL E 1034 -30.56 19.24 4.06
N VAL E 1035 -31.66 19.72 4.62
CA VAL E 1035 -33.00 19.49 4.12
C VAL E 1035 -33.62 20.83 3.85
N PHE E 1036 -34.04 21.11 2.62
CA PHE E 1036 -34.67 22.35 2.25
C PHE E 1036 -36.17 22.15 2.19
N LEU E 1037 -36.92 23.02 2.81
CA LEU E 1037 -38.35 23.13 2.57
C LEU E 1037 -38.55 24.20 1.51
N HIS E 1038 -38.78 23.83 0.26
CA HIS E 1038 -38.97 24.81 -0.81
C HIS E 1038 -40.42 25.21 -0.91
N VAL E 1039 -40.74 26.50 -0.76
CA VAL E 1039 -42.10 27.03 -0.80
C VAL E 1039 -42.34 27.63 -2.17
N THR E 1040 -43.38 27.18 -2.86
CA THR E 1040 -43.62 27.56 -4.24
C THR E 1040 -45.10 27.83 -4.47
N TYR E 1041 -45.42 28.84 -5.27
CA TYR E 1041 -46.76 29.05 -5.78
C TYR E 1041 -47.02 27.99 -6.84
N VAL E 1042 -48.02 27.15 -6.68
CA VAL E 1042 -48.50 26.28 -7.75
C VAL E 1042 -49.84 26.82 -8.20
N PRO E 1043 -50.05 27.17 -9.47
CA PRO E 1043 -51.34 27.71 -9.90
C PRO E 1043 -52.44 26.65 -9.88
N ALA E 1044 -53.71 27.03 -9.70
CA ALA E 1044 -54.82 26.08 -9.56
C ALA E 1044 -56.18 26.60 -10.08
N GLN E 1045 -57.14 25.71 -10.26
CA GLN E 1045 -58.51 26.00 -10.73
C GLN E 1045 -58.57 26.78 -12.05
N GLU E 1046 -57.93 26.30 -13.10
CA GLU E 1046 -57.97 26.95 -14.40
C GLU E 1046 -59.35 27.00 -15.06
N LYS E 1047 -59.66 28.13 -15.69
CA LYS E 1047 -60.81 28.31 -16.60
C LYS E 1047 -60.31 28.44 -18.04
N ASN E 1048 -61.16 28.12 -19.03
CA ASN E 1048 -60.87 28.46 -20.41
C ASN E 1048 -61.31 29.88 -20.75
N PHE E 1049 -60.63 30.50 -21.72
CA PHE E 1049 -61.03 31.74 -22.35
C PHE E 1049 -60.68 31.71 -23.84
N THR E 1050 -61.44 32.44 -24.66
CA THR E 1050 -60.98 32.85 -25.99
C THR E 1050 -59.93 33.95 -25.80
N THR E 1051 -58.97 34.10 -26.70
CA THR E 1051 -57.89 35.08 -26.58
C THR E 1051 -57.47 35.64 -27.92
N ALA E 1052 -56.85 36.81 -27.90
CA ALA E 1052 -56.41 37.57 -29.06
C ALA E 1052 -54.93 37.97 -28.88
N PRO E 1053 -54.14 38.03 -29.95
CA PRO E 1053 -52.78 38.57 -29.88
C PRO E 1053 -52.76 40.09 -29.63
N ALA E 1054 -53.75 40.80 -30.17
CA ALA E 1054 -53.98 42.24 -30.05
C ALA E 1054 -55.45 42.56 -30.33
N ILE E 1055 -55.92 43.74 -29.98
CA ILE E 1055 -57.27 44.21 -30.32
C ILE E 1055 -57.18 45.49 -31.15
N CYS E 1056 -58.07 45.68 -32.11
CA CYS E 1056 -58.15 46.87 -32.94
C CYS E 1056 -59.31 47.79 -32.52
N HIS E 1057 -58.99 49.07 -32.37
CA HIS E 1057 -59.85 50.10 -31.76
C HIS E 1057 -60.28 51.22 -32.72
N ASP E 1058 -59.36 51.74 -33.53
CA ASP E 1058 -59.64 52.78 -34.53
C ASP E 1058 -59.03 52.48 -35.92
N GLY E 1059 -58.46 51.28 -36.06
CA GLY E 1059 -57.55 50.89 -37.12
C GLY E 1059 -56.17 50.51 -36.57
N LYS E 1060 -55.73 51.13 -35.47
CA LYS E 1060 -54.48 50.75 -34.80
C LYS E 1060 -54.66 49.54 -33.88
N ALA E 1061 -53.63 48.72 -33.80
CA ALA E 1061 -53.58 47.50 -32.99
C ALA E 1061 -53.04 47.81 -31.60
N HIS E 1062 -53.83 47.56 -30.58
CA HIS E 1062 -53.44 47.71 -29.20
C HIS E 1062 -53.07 46.34 -28.61
N PHE E 1063 -51.91 46.26 -27.98
CA PHE E 1063 -51.36 45.11 -27.30
C PHE E 1063 -51.45 45.31 -25.78
N PRO E 1064 -51.50 44.26 -24.97
CA PRO E 1064 -51.55 44.41 -23.52
C PRO E 1064 -50.15 44.73 -22.97
N ARG E 1065 -50.05 45.61 -21.98
CA ARG E 1065 -48.82 45.72 -21.18
C ARG E 1065 -48.79 44.59 -20.17
N GLU E 1066 -47.79 43.72 -20.22
CA GLU E 1066 -47.56 42.66 -19.22
C GLU E 1066 -48.77 41.80 -18.87
N GLY E 1067 -49.64 41.48 -19.83
CA GLY E 1067 -50.87 40.73 -19.61
C GLY E 1067 -51.29 39.93 -20.83
N VAL E 1068 -52.49 39.39 -20.81
CA VAL E 1068 -53.14 38.74 -21.96
C VAL E 1068 -54.58 39.19 -22.07
N PHE E 1069 -55.06 39.33 -23.30
CA PHE E 1069 -56.46 39.56 -23.59
C PHE E 1069 -57.23 38.25 -23.51
N VAL E 1070 -58.40 38.30 -22.90
CA VAL E 1070 -59.30 37.17 -22.77
C VAL E 1070 -60.72 37.61 -23.04
N SER E 1071 -61.55 36.69 -23.50
CA SER E 1071 -62.98 36.88 -23.46
C SER E 1071 -63.73 35.59 -23.16
N ASN E 1072 -64.80 35.78 -22.42
CA ASN E 1072 -65.77 34.79 -21.97
C ASN E 1072 -67.15 34.98 -22.62
N GLY E 1073 -67.29 35.94 -23.55
CA GLY E 1073 -68.56 36.40 -24.08
C GLY E 1073 -68.41 37.30 -25.31
N THR E 1074 -69.32 38.24 -25.50
CA THR E 1074 -69.19 39.26 -26.56
C THR E 1074 -68.07 40.26 -26.27
N HIS E 1075 -67.65 40.39 -25.02
CA HIS E 1075 -66.79 41.49 -24.58
C HIS E 1075 -65.59 41.01 -23.77
N TRP E 1076 -64.59 41.87 -23.75
CA TRP E 1076 -63.19 41.51 -23.57
C TRP E 1076 -62.59 42.15 -22.33
N PHE E 1077 -61.60 41.49 -21.78
CA PHE E 1077 -60.89 41.88 -20.59
C PHE E 1077 -59.41 41.62 -20.78
N VAL E 1078 -58.58 42.26 -19.98
CA VAL E 1078 -57.13 42.02 -19.93
C VAL E 1078 -56.77 41.58 -18.53
N THR E 1079 -55.86 40.64 -18.38
CA THR E 1079 -55.51 40.04 -17.09
C THR E 1079 -54.02 39.76 -17.04
N GLN E 1080 -53.44 39.73 -15.85
CA GLN E 1080 -52.14 39.10 -15.68
C GLN E 1080 -52.21 37.63 -16.09
N ARG E 1081 -51.07 37.03 -16.40
CA ARG E 1081 -50.99 35.70 -17.04
C ARG E 1081 -51.17 34.55 -16.05
N ASN E 1082 -50.65 34.71 -14.83
CA ASN E 1082 -50.53 33.65 -13.84
C ASN E 1082 -51.65 33.60 -12.79
N PHE E 1083 -52.69 34.42 -12.90
CA PHE E 1083 -53.86 34.44 -12.02
C PHE E 1083 -54.99 35.26 -12.67
N TYR E 1084 -56.21 34.75 -12.73
CA TYR E 1084 -57.30 35.45 -13.41
C TYR E 1084 -57.74 36.71 -12.64
N GLU E 1085 -57.50 37.89 -13.21
CA GLU E 1085 -57.92 39.17 -12.67
C GLU E 1085 -58.40 40.08 -13.82
N PRO E 1086 -59.68 40.00 -14.23
CA PRO E 1086 -60.14 40.65 -15.44
C PRO E 1086 -60.28 42.16 -15.24
N GLN E 1087 -59.32 42.94 -15.73
CA GLN E 1087 -59.45 44.40 -15.85
C GLN E 1087 -60.19 44.75 -17.14
N ILE E 1088 -60.71 45.98 -17.25
CA ILE E 1088 -61.18 46.51 -18.54
C ILE E 1088 -59.97 46.76 -19.46
N ILE E 1089 -60.13 46.64 -20.77
CA ILE E 1089 -59.07 46.99 -21.72
C ILE E 1089 -58.98 48.51 -21.80
N THR E 1090 -57.89 49.13 -21.35
CA THR E 1090 -57.81 50.59 -21.23
C THR E 1090 -56.49 51.17 -21.69
N THR E 1091 -56.47 52.47 -21.89
CA THR E 1091 -55.28 53.21 -22.32
C THR E 1091 -54.17 53.25 -21.27
N ASP E 1092 -54.42 52.84 -20.03
CA ASP E 1092 -53.34 52.66 -19.06
C ASP E 1092 -52.64 51.30 -19.21
N ASN E 1093 -53.38 50.22 -19.49
CA ASN E 1093 -52.86 48.85 -19.49
C ASN E 1093 -52.62 48.27 -20.89
N THR E 1094 -52.56 49.13 -21.91
CA THR E 1094 -52.30 48.77 -23.31
C THR E 1094 -51.36 49.76 -23.98
N PHE E 1095 -50.72 49.33 -25.07
CA PHE E 1095 -49.84 50.14 -25.90
C PHE E 1095 -50.09 49.80 -27.37
N VAL E 1096 -49.60 50.60 -28.30
CA VAL E 1096 -49.94 50.50 -29.72
C VAL E 1096 -48.72 50.23 -30.56
N SER E 1097 -48.86 49.43 -31.61
CA SER E 1097 -47.91 49.48 -32.73
C SER E 1097 -48.57 49.14 -34.06
N GLY E 1098 -48.68 50.13 -34.94
CA GLY E 1098 -49.19 49.95 -36.30
C GLY E 1098 -50.69 49.70 -36.43
N ASN E 1099 -51.12 49.51 -37.67
CA ASN E 1099 -52.51 49.24 -38.05
C ASN E 1099 -52.82 47.74 -38.14
N CYS E 1100 -54.10 47.37 -38.13
CA CYS E 1100 -54.55 45.99 -37.85
C CYS E 1100 -53.84 44.93 -38.70
N ASP E 1101 -53.69 45.16 -40.00
CA ASP E 1101 -53.57 44.07 -40.96
C ASP E 1101 -52.37 43.15 -40.76
N VAL E 1102 -51.28 43.64 -40.15
CA VAL E 1102 -50.06 42.87 -39.94
C VAL E 1102 -50.15 41.86 -38.80
N VAL E 1103 -51.06 42.01 -37.85
CA VAL E 1103 -51.17 41.10 -36.69
C VAL E 1103 -52.12 39.93 -37.00
N ILE E 1104 -51.59 38.74 -37.24
CA ILE E 1104 -52.35 37.55 -37.62
C ILE E 1104 -53.20 37.10 -36.44
N GLY E 1105 -54.53 37.16 -36.55
CA GLY E 1105 -55.47 36.80 -35.48
C GLY E 1105 -56.01 37.96 -34.63
N ILE E 1106 -55.74 39.22 -34.96
CA ILE E 1106 -56.29 40.41 -34.29
C ILE E 1106 -57.83 40.42 -34.23
N VAL E 1107 -58.42 41.08 -33.25
CA VAL E 1107 -59.88 41.18 -33.04
C VAL E 1107 -60.34 42.63 -33.00
N ASN E 1108 -61.65 42.87 -33.01
CA ASN E 1108 -62.24 44.20 -32.86
C ASN E 1108 -62.83 44.36 -31.46
N ASN E 1109 -62.44 45.42 -30.76
CA ASN E 1109 -63.04 45.85 -29.51
C ASN E 1109 -62.72 47.32 -29.24
N THR E 1110 -63.48 48.01 -28.39
CA THR E 1110 -63.02 49.32 -27.91
C THR E 1110 -61.79 49.18 -27.01
N VAL E 1111 -61.07 50.28 -26.78
CA VAL E 1111 -60.15 50.46 -25.66
C VAL E 1111 -60.67 51.65 -24.87
N TYR E 1112 -61.04 51.47 -23.60
CA TYR E 1112 -61.48 52.64 -22.84
C TYR E 1112 -60.32 53.62 -22.64
N ASP E 1113 -60.60 54.92 -22.66
CA ASP E 1113 -59.63 55.96 -22.35
C ASP E 1113 -59.93 56.56 -20.97
N PRO E 1114 -59.06 56.40 -19.96
CA PRO E 1114 -59.27 56.95 -18.63
C PRO E 1114 -59.31 58.49 -18.49
N LEU E 1115 -59.05 59.27 -19.54
CA LEU E 1115 -59.00 60.73 -19.47
C LEU E 1115 -59.72 61.46 -20.64
N GLN E 1116 -59.94 60.81 -21.78
CA GLN E 1116 -60.64 61.42 -22.92
C GLN E 1116 -62.14 61.80 -22.73
N PRO E 1117 -62.92 61.20 -21.80
CA PRO E 1117 -64.26 61.67 -21.47
C PRO E 1117 -64.37 63.06 -20.84
N GLU E 1118 -63.27 63.68 -20.42
CA GLU E 1118 -63.25 64.89 -19.59
C GLU E 1118 -63.37 66.22 -20.34
N LEU E 1119 -63.58 66.18 -21.65
CA LEU E 1119 -63.84 67.37 -22.45
C LEU E 1119 -65.09 68.16 -21.99
N ASP E 1120 -66.13 67.46 -21.54
CA ASP E 1120 -67.38 68.04 -21.06
C ASP E 1120 -67.34 68.62 -19.63
N SER E 1121 -66.22 68.44 -18.90
CA SER E 1121 -66.08 68.77 -17.48
C SER E 1121 -64.61 69.04 -17.08
C1 NAG F . -16.68 -16.61 -49.88
C2 NAG F . -18.13 -16.54 -49.34
C3 NAG F . -19.01 -17.13 -50.46
C4 NAG F . -18.82 -16.41 -51.82
C5 NAG F . -17.32 -16.27 -52.19
C6 NAG F . -16.99 -15.40 -53.40
C7 NAG F . -19.20 -16.97 -47.18
C8 NAG F . -19.19 -17.76 -45.87
N2 NAG F . -18.29 -17.28 -48.09
O3 NAG F . -20.41 -17.06 -50.06
O4 NAG F . -19.51 -17.22 -52.84
O5 NAG F . -16.56 -15.73 -51.04
O6 NAG F . -17.67 -14.13 -53.33
O7 NAG F . -20.04 -16.10 -47.38
H1 NAG F . -16.46 -17.63 -50.18
H2 NAG F . -18.41 -15.49 -49.20
H3 NAG F . -18.74 -18.18 -50.57
H4 NAG F . -19.26 -15.41 -51.75
H5 NAG F . -16.93 -17.27 -52.40
H61 NAG F . -15.92 -15.22 -53.46
H62 NAG F . -17.29 -15.91 -54.32
H81 NAG F . -18.38 -17.50 -45.29
H82 NAG F . -20.05 -17.58 -45.32
H83 NAG F . -19.14 -18.79 -46.05
HN2 NAG F . -17.66 -18.04 -47.92
HO3 NAG F . -20.46 -16.98 -49.11
HO6 NAG F . -18.03 -13.94 -54.19
C1 NAG F . -20.43 -16.58 -53.83
C2 NAG F . -21.54 -15.71 -53.17
C3 NAG F . -22.41 -15.06 -54.25
C4 NAG F . -21.55 -14.24 -55.22
C5 NAG F . -20.44 -15.09 -55.86
C6 NAG F . -19.46 -14.26 -56.72
C7 NAG F . -23.02 -17.55 -52.41
C8 NAG F . -23.64 -18.22 -51.19
N2 NAG F . -22.32 -16.44 -52.18
O3 NAG F . -23.40 -14.18 -53.65
O4 NAG F . -22.45 -13.76 -56.25
O5 NAG F . -19.67 -15.76 -54.79
O6 NAG F . -18.65 -13.42 -55.90
O7 NAG F . -23.18 -17.99 -53.55
H1 NAG F . -20.89 -17.38 -54.40
H2 NAG F . -21.05 -14.89 -52.64
H3 NAG F . -22.94 -15.83 -54.82
H4 NAG F . -21.13 -13.39 -54.69
H5 NAG F . -20.90 -15.85 -56.48
H61 NAG F . -18.83 -14.93 -57.27
H62 NAG F . -20.01 -13.66 -57.44
H81 NAG F . -22.93 -18.73 -50.65
H82 NAG F . -24.08 -17.53 -50.58
H83 NAG F . -24.37 -18.91 -51.44
HN2 NAG F . -22.10 -16.23 -51.23
HO3 NAG F . -23.88 -14.65 -53.00
HO4 NAG F . -23.21 -13.41 -55.81
HO6 NAG F . -18.13 -12.85 -56.46
C1 NAG G . -17.72 62.79 -25.17
C2 NAG G . -18.33 63.88 -24.25
C3 NAG G . -17.70 65.25 -24.53
C4 NAG G . -16.18 65.15 -24.51
C5 NAG G . -15.71 64.16 -25.57
C6 NAG G . -14.19 64.02 -25.69
C7 NAG G . -20.66 63.20 -23.73
C8 NAG G . -22.11 63.15 -24.25
N2 NAG G . -19.79 63.92 -24.45
O3 NAG G . -18.15 66.23 -23.55
O4 NAG G . -15.50 66.45 -24.66
O5 NAG G . -16.26 62.85 -25.19
O6 NAG G . -13.89 63.05 -26.69
O7 NAG G . -20.30 62.58 -22.74
H1 NAG G . -18.10 62.89 -26.19
H2 NAG G . -18.11 63.61 -23.22
H3 NAG G . -18.03 65.58 -25.52
H4 NAG G . -15.87 64.75 -23.54
H5 NAG G . -16.13 64.44 -26.54
H61 NAG G . -13.74 64.97 -25.97
H62 NAG G . -13.77 63.71 -24.74
H81 NAG G . -22.67 62.43 -23.69
H82 NAG G . -22.56 64.11 -24.17
H83 NAG G . -22.11 62.85 -25.28
HN2 NAG G . -20.15 64.42 -25.24
HO3 NAG G . -19.10 66.26 -23.54
HO6 NAG G . -14.38 62.28 -26.48
C1 NAG G . -15.94 67.39 -25.69
C2 NAG G . -15.25 68.75 -25.46
C3 NAG G . -15.75 69.75 -26.52
C4 NAG G . -15.45 69.19 -27.92
C5 NAG G . -16.08 67.81 -28.12
C6 NAG G . -15.72 67.16 -29.46
C7 NAG G . -14.68 70.04 -23.44
C8 NAG G . -15.00 70.31 -21.97
N2 NAG G . -15.51 69.24 -24.10
O3 NAG G . -15.10 71.04 -26.39
O4 NAG G . -16.00 70.12 -28.87
O5 NAG G . -15.61 66.91 -27.03
O6 NAG G . -16.26 65.83 -29.51
O7 NAG G . -13.72 70.55 -24.01
H1 NAG G . -17.02 67.53 -25.61
H2 NAG G . -14.18 68.61 -25.57
H3 NAG G . -16.81 69.88 -26.40
H4 NAG G . -14.37 69.12 -28.07
H5 NAG G . -17.16 67.89 -28.06
H61 NAG G . -14.64 67.10 -29.56
H62 NAG G . -16.12 67.75 -30.28
H81 NAG G . -14.57 69.53 -21.37
H82 NAG G . -16.06 70.34 -21.82
H83 NAG G . -14.58 71.24 -21.66
HN2 NAG G . -16.30 68.86 -23.61
HO3 NAG G . -14.62 71.07 -25.58
HO4 NAG G . -15.72 70.99 -28.60
HO6 NAG G . -15.90 65.35 -28.80
C1 NAG H . -34.89 41.43 -41.85
C2 NAG H . -35.12 42.22 -43.16
C3 NAG H . -36.16 41.45 -43.98
C4 NAG H . -35.56 40.08 -44.29
C5 NAG H . -35.21 39.30 -43.02
C6 NAG H . -34.48 37.98 -43.30
C7 NAG H . -36.07 44.26 -42.04
C8 NAG H . -36.03 45.79 -42.05
N2 NAG H . -35.41 43.64 -43.01
O3 NAG H . -36.45 42.11 -45.23
O4 NAG H . -36.50 39.27 -45.07
O5 NAG H . -34.34 40.13 -42.17
O6 NAG H . -34.03 37.42 -42.07
O7 NAG H . -36.66 43.64 -41.16
H1 NAG H . -35.83 41.29 -41.32
H2 NAG H . -34.18 42.19 -43.70
H3 NAG H . -37.08 41.34 -43.41
H4 NAG H . -34.64 40.22 -44.85
H5 NAG H . -36.13 39.09 -42.47
H61 NAG H . -35.14 37.29 -43.81
H62 NAG H . -33.63 38.18 -43.94
H81 NAG H . -36.96 46.17 -41.74
H82 NAG H . -35.29 46.15 -41.38
H83 NAG H . -35.82 46.16 -43.01
HN2 NAG H . -35.08 44.22 -43.76
HO3 NAG H . -36.97 41.52 -45.77
HO6 NAG H . -33.53 38.07 -41.61
C1 NAG H . -36.07 39.04 -46.45
C2 NAG H . -36.79 37.81 -47.02
C3 NAG H . -36.42 37.66 -48.51
C4 NAG H . -36.65 38.95 -49.31
C5 NAG H . -35.96 40.15 -48.66
C6 NAG H . -36.33 41.48 -49.32
C7 NAG H . -37.25 35.89 -45.55
C8 NAG H . -36.67 34.72 -44.76
N2 NAG H . -36.40 36.60 -46.30
O3 NAG H . -37.25 36.63 -49.10
O4 NAG H . -36.10 38.74 -50.62
O5 NAG H . -36.40 40.21 -47.26
O6 NAG H . -35.79 42.59 -48.57
O7 NAG H . -38.44 36.17 -45.49
H1 NAG H . -35.00 38.87 -46.47
H2 NAG H . -37.86 37.99 -46.94
H3 NAG H . -35.39 37.37 -48.58
H4 NAG H . -37.72 39.15 -49.39
H5 NAG H . -34.88 40.01 -48.69
H61 NAG H . -35.95 41.52 -50.33
H62 NAG H . -37.41 41.59 -49.35
H81 NAG H . -36.01 35.09 -44.00
H82 NAG H . -37.44 34.14 -44.29
H83 NAG H . -36.11 34.07 -45.41
HN2 NAG H . -35.45 36.30 -46.35
HO3 NAG H . -37.16 35.83 -48.60
HO4 NAG H . -36.43 37.90 -50.93
HO6 NAG H . -36.00 42.46 -47.66
C1 NAG I . -44.25 21.42 -42.52
C2 NAG I . -45.04 21.92 -43.74
C3 NAG I . -45.27 20.77 -44.73
C4 NAG I . -43.92 20.11 -45.08
C5 NAG I . -43.09 19.70 -43.86
C6 NAG I . -41.69 19.26 -44.26
C7 NAG I . -47.25 22.09 -42.65
C8 NAG I . -48.39 23.02 -42.26
N2 NAG I . -46.27 22.62 -43.38
O3 NAG I . -45.90 21.27 -45.93
O4 NAG I . -44.17 18.87 -45.82
O5 NAG I . -42.98 20.83 -42.95
O6 NAG I . -40.96 18.84 -43.11
O7 NAG I . -47.23 20.92 -42.31
H1 NAG I . -44.82 20.67 -41.97
H2 NAG I . -44.41 22.66 -44.25
H3 NAG I . -45.92 20.02 -44.28
H4 NAG I . -43.33 20.80 -45.69
H5 NAG I . -43.61 18.88 -43.34
H61 NAG I . -41.75 18.44 -44.97
H62 NAG I . -41.17 20.09 -44.73
H81 NAG I . -48.84 23.46 -43.14
H82 NAG I . -48.01 23.82 -41.62
H83 NAG I . -49.15 22.47 -41.71
HN2 NAG I . -46.36 23.56 -43.71
HO3 NAG I . -45.80 20.61 -46.63
HO6 NAG I . -40.06 18.67 -43.36
C1 NAG I . -43.89 18.91 -47.26
C2 NAG I . -43.83 17.46 -47.75
C3 NAG I . -43.73 17.41 -49.28
C4 NAG I . -44.94 18.15 -49.88
C5 NAG I . -44.97 19.60 -49.40
C6 NAG I . -46.21 20.37 -49.88
C7 NAG I . -41.46 17.01 -47.14
C8 NAG I . -40.52 16.12 -46.32
N2 NAG I . -42.75 16.70 -47.09
O3 NAG I . -43.72 16.04 -49.76
O4 NAG I . -44.79 18.12 -51.31
O5 NAG I . -44.97 19.63 -47.93
O6 NAG I . -47.40 19.83 -49.27
O7 NAG I . -41.06 17.98 -47.78
H1 NAG I . -42.95 19.42 -47.42
H2 NAG I . -44.76 16.97 -47.45
H3 NAG I . -42.82 17.90 -49.60
H4 NAG I . -45.86 17.62 -49.61
H5 NAG I . -44.09 20.10 -49.76
H61 NAG I . -46.11 21.41 -49.60
H62 NAG I . -46.31 20.33 -50.97
H81 NAG I . -39.51 16.35 -46.54
H82 NAG I . -40.69 16.28 -45.29
H83 NAG I . -40.71 15.09 -46.54
HN2 NAG I . -43.04 15.93 -46.52
HO3 NAG I . -43.00 15.56 -49.35
HO4 NAG I . -44.52 17.24 -51.55
HO6 NAG I . -48.15 20.37 -49.51
C1 NAG J . -20.37 52.80 -37.10
C2 NAG J . -20.00 51.48 -37.81
C3 NAG J . -18.54 51.24 -37.45
C4 NAG J . -17.65 52.40 -37.99
C5 NAG J . -18.14 53.74 -37.45
C6 NAG J . -17.41 54.94 -38.05
C7 NAG J . -21.71 49.75 -38.19
C8 NAG J . -22.49 48.56 -37.62
N2 NAG J . -20.86 50.36 -37.39
O3 NAG J . -18.11 49.94 -37.93
O4 NAG J . -16.24 52.28 -37.54
O5 NAG J . -19.60 53.89 -37.68
O6 NAG J . -17.76 55.05 -39.43
O7 NAG J . -21.88 50.11 -39.36
H1 NAG J . -20.13 52.73 -36.03
H2 NAG J . -20.09 51.62 -38.89
H3 NAG J . -18.44 51.22 -36.37
H4 NAG J . -17.69 52.41 -39.08
H5 NAG J . -17.98 53.75 -36.37
H61 NAG J . -17.71 55.85 -37.53
H62 NAG J . -16.34 54.83 -37.94
H81 NAG J . -22.03 47.66 -37.90
H82 NAG J . -23.49 48.57 -37.98
H83 NAG J . -22.52 48.62 -36.57
HN2 NAG J . -20.78 50.04 -36.44
HO3 NAG J . -17.77 49.96 -38.82
HO6 NAG J . -18.67 55.31 -39.49
C1 NAG J . -15.32 51.24 -38.03
C2 NAG J . -14.64 51.60 -39.38
C3 NAG J . -13.66 50.47 -39.75
C4 NAG J . -12.62 50.25 -38.64
C5 NAG J . -13.25 50.02 -37.26
C6 NAG J . -12.18 50.03 -36.15
C7 NAG J . -16.49 51.04 -40.96
C8 NAG J . -17.16 51.40 -42.28
N2 NAG J . -15.55 51.86 -40.50
O3 NAG J . -12.95 50.79 -40.97
O4 NAG J . -11.84 49.09 -39.00
O5 NAG J . -14.26 51.09 -37.02
O6 NAG J . -12.78 50.10 -34.85
O7 NAG J . -16.81 50.05 -40.32
H1 NAG J . -15.84 50.29 -38.09
H2 NAG J . -14.07 52.51 -39.22
H3 NAG J . -14.22 49.56 -39.90
H4 NAG J . -11.96 51.12 -38.60
H5 NAG J . -13.77 49.06 -37.24
H61 NAG J . -11.54 50.91 -36.28
H62 NAG J . -11.56 49.15 -36.22
H81 NAG J . -16.73 52.24 -42.73
H82 NAG J . -18.15 51.59 -42.13
H83 NAG J . -17.07 50.63 -42.95
HN2 NAG J . -15.35 52.70 -41.03
HO3 NAG J . -13.57 50.94 -41.67
HO4 NAG J . -11.57 49.20 -39.90
HO6 NAG J . -13.15 49.25 -34.61
C1 NAG K . -34.93 61.30 -39.27
C2 NAG K . -34.88 61.53 -40.79
C3 NAG K . -35.89 62.62 -41.15
C4 NAG K . -37.29 62.22 -40.68
C5 NAG K . -37.33 61.81 -39.21
C6 NAG K . -38.65 61.17 -38.77
C7 NAG K . -32.83 62.89 -41.24
C8 NAG K . -31.47 62.89 -41.97
N2 NAG K . -33.52 61.75 -41.30
O3 NAG K . -35.91 62.89 -42.58
O4 NAG K . -38.09 63.43 -40.87
O5 NAG K . -36.27 60.81 -38.94
O6 NAG K . -39.55 62.16 -38.28
O7 NAG K . -33.24 63.88 -40.64
H1 NAG K . -34.73 62.22 -38.73
H2 NAG K . -35.21 60.61 -41.27
H3 NAG K . -35.61 63.55 -40.64
H4 NAG K . -37.66 61.41 -41.30
H5 NAG K . -37.14 62.67 -38.58
H61 NAG K . -39.11 60.63 -39.59
H62 NAG K . -38.48 60.45 -37.97
H81 NAG K . -31.56 63.34 -42.88
H82 NAG K . -31.11 61.96 -42.11
H83 NAG K . -30.77 63.42 -41.45
HN2 NAG K . -33.10 60.98 -41.78
HO3 NAG K . -36.58 63.54 -42.75
HO6 NAG K . -40.22 61.77 -37.78
C1 NAG K . -39.44 63.26 -41.41
C2 NAG K . -40.12 64.62 -41.32
C3 NAG K . -41.41 64.65 -42.15
C4 NAG K . -41.18 64.16 -43.57
C5 NAG K . -40.60 62.75 -43.56
C6 NAG K . -40.27 62.18 -44.95
C7 NAG K . -39.71 65.86 -39.24
C8 NAG K . -40.13 66.05 -37.78
N2 NAG K . -40.38 64.95 -39.92
O3 NAG K . -41.95 66.00 -42.27
O4 NAG K . -42.50 64.24 -44.23
O5 NAG K . -39.33 62.80 -42.78
O6 NAG K . -39.31 61.12 -44.83
O7 NAG K . -38.84 66.53 -39.74
H1 NAG K . -39.98 62.52 -40.82
H2 NAG K . -39.43 65.36 -41.75
H3 NAG K . -42.16 64.02 -41.68
H4 NAG K . -40.48 64.83 -44.07
H5 NAG K . -41.28 62.07 -43.05
H61 NAG K . -41.17 61.80 -45.43
H62 NAG K . -39.85 62.95 -45.58
H81 NAG K . -39.72 66.80 -37.37
H82 NAG K . -39.92 65.31 -37.21
H83 NAG K . -41.06 66.19 -37.68
HN2 NAG K . -41.07 64.40 -39.44
HO3 NAG K . -42.63 65.98 -42.93
HO6 NAG K . -38.69 61.38 -44.16
C1 BMA K . -42.58 64.44 -45.68
C2 BMA K . -43.98 64.99 -46.02
C3 BMA K . -44.07 65.26 -47.52
C4 BMA K . -42.94 66.14 -48.06
C5 BMA K . -41.56 65.61 -47.60
C6 BMA K . -40.41 66.58 -47.89
O2 BMA K . -44.20 66.24 -45.31
O3 BMA K . -45.33 65.91 -47.81
O4 BMA K . -43.00 66.13 -49.50
O5 BMA K . -41.58 65.40 -46.14
O6 BMA K . -40.27 66.78 -49.31
H1 BMA K . -42.42 63.48 -46.17
H2 BMA K . -44.73 64.29 -45.72
H3 BMA K . -44.04 64.31 -48.04
H4 BMA K . -43.05 67.16 -47.70
H5 BMA K . -41.36 64.66 -48.09
H61 BMA K . -40.58 67.53 -47.40
H62 BMA K . -39.49 66.16 -47.51
HO2 BMA K . -45.02 66.59 -45.62
HO3 BMA K . -45.36 66.11 -48.73
HO4 BMA K . -42.18 66.45 -49.81
HO6 BMA K . -39.48 67.29 -49.47
C1 NAG L . -29.19 73.54 -23.41
C2 NAG L . -27.80 74.04 -23.90
C3 NAG L . -27.19 74.94 -22.81
C4 NAG L . -28.15 75.98 -22.20
C5 NAG L . -29.54 75.41 -21.88
C6 NAG L . -30.61 76.43 -21.47
C7 NAG L . -26.93 72.19 -25.24
C8 NAG L . -26.07 70.92 -25.26
N2 NAG L . -26.93 72.89 -24.12
O3 NAG L . -26.03 75.62 -23.32
O4 NAG L . -27.48 76.40 -20.96
O5 NAG L . -30.03 74.68 -23.07
O6 NAG L . -30.80 77.39 -22.53
O7 NAG L . -27.60 72.53 -26.19
H1 NAG L . -29.05 72.93 -22.53
H2 NAG L . -27.93 74.60 -24.82
H3 NAG L . -26.87 74.29 -22.00
H4 NAG L . -28.25 76.82 -22.90
H5 NAG L . -29.43 74.70 -21.06
H61 NAG L . -31.55 75.93 -21.27
H62 NAG L . -30.31 76.95 -20.57
H81 NAG L . -25.65 70.73 -24.29
H82 NAG L . -25.28 71.03 -25.98
H83 NAG L . -26.67 70.07 -25.55
HN2 NAG L . -26.34 72.61 -23.36
HO3 NAG L . -25.66 76.14 -22.61
HO6 NAG L . -31.14 76.93 -23.28
C1 NAG L . -27.49 77.83 -20.66
C2 NAG L . -26.69 78.13 -19.38
C3 NAG L . -26.77 79.64 -19.10
C4 NAG L . -26.29 80.47 -20.30
C5 NAG L . -26.98 80.03 -21.60
C6 NAG L . -26.42 80.71 -22.85
C7 NAG L . -26.60 76.28 -17.76
C8 NAG L . -27.36 75.48 -16.70
N2 NAG L . -27.22 77.35 -18.27
O3 NAG L . -25.99 80.00 -17.94
O4 NAG L . -26.63 81.87 -20.04
O5 NAG L . -26.84 78.57 -21.75
O6 NAG L . -26.87 80.00 -24.00
O7 NAG L . -25.49 75.95 -18.14
H1 NAG L . -28.52 78.17 -20.54
H2 NAG L . -25.65 77.87 -19.56
H3 NAG L . -27.81 79.90 -18.90
H4 NAG L . -25.21 80.35 -20.41
H5 NAG L . -28.04 80.28 -21.52
H61 NAG L . -26.75 81.74 -22.91
H62 NAG L . -25.34 80.69 -22.83
H81 NAG L . -28.14 74.95 -17.16
H82 NAG L . -26.72 74.78 -16.22
H83 NAG L . -27.75 76.12 -15.98
HN2 NAG L . -28.12 77.60 -17.89
HO3 NAG L . -25.98 80.96 -17.87
HO6 NAG L . -26.85 79.07 -23.79
C1 BMA L . -25.52 82.80 -20.19
C2 BMA L . -26.11 84.23 -20.15
C3 BMA L . -25.00 85.27 -20.09
C4 BMA L . -23.98 85.00 -18.97
C5 BMA L . -23.44 83.58 -19.12
C6 BMA L . -22.46 83.19 -18.00
O2 BMA L . -26.95 84.35 -18.99
O3 BMA L . -25.61 86.58 -19.88
O4 BMA L . -22.89 85.94 -19.07
O5 BMA L . -24.59 82.63 -19.08
O6 BMA L . -22.03 81.85 -18.21
H1 BMA L . -25.03 82.62 -21.13
H2 BMA L . -26.71 84.37 -21.05
H3 BMA L . -24.47 85.29 -21.04
H4 BMA L . -24.46 85.11 -18.00
H5 BMA L . -22.94 83.47 -20.07
H61 BMA L . -21.60 83.86 -18.00
H62 BMA L . -22.95 83.26 -17.04
HO2 BMA L . -27.52 83.59 -18.97
HO3 BMA L . -26.39 86.44 -19.35
HO4 BMA L . -23.27 86.80 -19.15
HO6 BMA L . -22.79 81.28 -18.23
C1 NAG M . 29.42 28.00 -2.37
C2 NAG M . 28.79 28.87 -1.25
C3 NAG M . 29.16 30.36 -1.40
C4 NAG M . 30.62 30.63 -1.79
C5 NAG M . 31.12 29.70 -2.90
C6 NAG M . 32.63 29.84 -3.10
C7 NAG M . 26.51 28.99 -0.29
C8 NAG M . 25.02 28.82 -0.58
N2 NAG M . 27.33 28.73 -1.29
O3 NAG M . 28.89 31.04 -0.14
O4 NAG M . 30.72 32.00 -2.34
O5 NAG M . 30.83 28.29 -2.54
O6 NAG M . 33.05 28.84 -4.03
O7 NAG M . 26.91 29.38 0.80
H1 NAG M . 28.91 28.19 -3.31
H2 NAG M . 29.16 28.51 -0.29
H3 NAG M . 28.51 30.79 -2.17
H4 NAG M . 31.26 30.52 -0.93
H5 NAG M . 30.61 29.93 -3.83
H61 NAG M . 32.88 30.82 -3.49
H62 NAG M . 33.15 29.70 -2.16
H81 NAG M . 24.74 27.79 -0.41
H82 NAG M . 24.80 29.08 -1.61
H83 NAG M . 24.44 29.46 0.06
HN2 NAG M . 26.94 28.43 -2.17
HO3 NAG M . 28.11 30.66 0.27
HO6 NAG M . 32.68 28.02 -3.74
C1 NAG M . 31.56 32.96 -1.61
C2 NAG M . 31.69 34.29 -2.39
C3 NAG M . 32.50 35.32 -1.56
C4 NAG M . 31.86 35.51 -0.17
C5 NAG M . 31.70 34.17 0.56
C6 NAG M . 30.94 34.28 1.89
C7 NAG M . 31.63 33.83 -4.81
C8 NAG M . 32.45 33.51 -6.07
N2 NAG M . 32.33 34.06 -3.69
O3 NAG M . 32.59 36.62 -2.22
O4 NAG M . 32.73 36.36 0.60
O5 NAG M . 30.94 33.24 -0.30
O6 NAG M . 30.58 32.95 2.31
O7 NAG M . 30.41 33.88 -4.84
H1 NAG M . 32.54 32.52 -1.45
H2 NAG M . 30.69 34.69 -2.55
H3 NAG M . 33.51 34.93 -1.44
H4 NAG M . 30.89 36.00 -0.27
H5 NAG M . 32.67 33.73 0.75
H61 NAG M . 30.04 34.87 1.76
H62 NAG M . 31.56 34.75 2.65
H81 NAG M . 31.82 33.55 -6.95
H82 NAG M . 32.87 32.51 -6.00
H83 NAG M . 33.25 34.22 -6.18
HN2 NAG M . 33.33 33.98 -3.73
HO3 NAG M . 32.93 36.51 -3.10
HO4 NAG M . 32.92 37.11 0.08
HO6 NAG M . 30.21 32.52 1.54
C1 NAG N . -22.40 57.36 0.01
C2 NAG N . -22.21 58.77 0.57
C3 NAG N . -20.82 59.32 0.21
C4 NAG N . -19.69 58.32 0.53
C5 NAG N . -20.01 56.92 0.06
C6 NAG N . -18.97 55.90 0.55
C7 NAG N . -23.71 60.67 0.77
C8 NAG N . -24.97 61.37 0.23
N2 NAG N . -23.26 59.64 0.09
O3 NAG N . -20.60 60.56 0.91
O4 NAG N . -18.43 58.65 -0.17
O5 NAG N . -21.34 56.51 0.51
O6 NAG N . -19.39 54.61 0.10
O7 NAG N . -23.12 61.06 1.77
H1 NAG N . -22.38 57.37 -1.08
H2 NAG N . -22.27 58.71 1.66
H3 NAG N . -20.80 59.52 -0.87
H4 NAG N . -19.54 58.28 1.62
H5 NAG N . -20.00 56.92 -1.04
H61 NAG N . -17.99 56.12 0.13
H62 NAG N . -18.91 55.92 1.63
H81 NAG N . -25.62 60.68 -0.17
H82 NAG N . -25.46 61.87 1.00
H83 NAG N . -24.71 62.05 -0.49
HN2 NAG N . -23.73 59.39 -0.77
HO3 NAG N . -21.43 60.91 1.21
HO6 NAG N . -20.23 54.41 0.52
C1 NAG N . -17.45 59.56 0.42
C2 NAG N . -17.49 60.92 -0.31
C3 NAG N . -16.55 61.92 0.37
C4 NAG N . -16.83 62.01 1.88
C5 NAG N . -16.73 60.63 2.54
C6 NAG N . -17.11 60.67 4.02
C7 NAG N . -17.75 61.33 -2.72
C8 NAG N . -17.07 61.23 -4.09
N2 NAG N . -17.11 60.75 -1.71
O3 NAG N . -16.73 63.22 -0.24
O4 NAG N . -15.81 62.83 2.55
O5 NAG N . -17.63 59.69 1.86
O6 NAG N . -17.10 59.32 4.55
O7 NAG N . -18.84 61.88 -2.57
H1 NAG N . -16.46 59.11 0.26
H2 NAG N . -18.50 61.31 -0.24
H3 NAG N . -15.51 61.61 0.22
H4 NAG N . -17.81 62.43 2.05
H5 NAG N . -15.71 60.27 2.44
H61 NAG N . -18.10 61.09 4.15
H62 NAG N . -16.40 61.27 4.59
H81 NAG N . -16.12 61.72 -4.04
H82 NAG N . -16.93 60.22 -4.36
H83 NAG N . -17.67 61.72 -4.82
HN2 NAG N . -16.25 60.27 -1.90
HO3 NAG N . -16.15 63.86 0.16
HO6 NAG N . -17.56 58.78 3.95
C1 BMA N . -15.97 64.27 2.64
C2 BMA N . -15.20 64.72 3.90
C3 BMA N . -14.89 66.22 3.91
C4 BMA N . -14.27 66.70 2.59
C5 BMA N . -15.19 66.33 1.42
C6 BMA N . -14.58 66.72 0.06
O2 BMA N . -13.95 63.99 3.96
O3 BMA N . -13.95 66.49 4.98
O4 BMA N . -14.10 68.13 2.65
O5 BMA N . -15.40 64.87 1.44
O6 BMA N . -15.35 66.13 -1.00
H1 BMA N . -17.03 64.54 2.73
H2 BMA N . -15.78 64.46 4.79
H3 BMA N . -15.80 66.77 4.10
H4 BMA N . -13.31 66.22 2.44
H5 BMA N . -16.15 66.83 1.53
H61 BMA N . -13.56 66.37 -0.01
H62 BMA N . -14.58 67.80 -0.06
HO2 BMA N . -14.12 63.12 3.58
HO3 BMA N . -13.39 65.73 5.05
HO4 BMA N . -13.69 68.31 3.50
HO6 BMA N . -14.95 66.37 -1.84
C1 NAG O . -34.42 51.29 13.34
C2 NAG O . -32.91 51.27 13.58
C3 NAG O . -32.64 50.23 14.67
C4 NAG O . -33.45 50.51 15.93
C5 NAG O . -34.95 50.69 15.65
C6 NAG O . -35.73 51.24 16.85
C7 NAG O . -31.35 51.75 11.74
C8 NAG O . -30.71 51.24 10.46
N2 NAG O . -32.20 50.93 12.34
O3 NAG O . -31.24 50.22 15.04
O4 NAG O . -33.30 49.31 16.76
O5 NAG O . -35.13 51.64 14.55
O6 NAG O . -35.35 52.60 17.06
O7 NAG O . -31.10 52.87 12.20
H1 NAG O . -34.76 50.31 13.00
H2 NAG O . -32.60 52.25 13.94
H3 NAG O . -32.90 49.24 14.29
H4 NAG O . -33.06 51.38 16.43
H5 NAG O . -35.38 49.74 15.37
H61 NAG O . -36.80 51.19 16.65
H62 NAG O . -35.53 50.66 17.75
H81 NAG O . -29.77 51.76 10.28
H82 NAG O . -30.51 50.17 10.52
H83 NAG O . -31.37 51.43 9.62
HN2 NAG O . -32.40 50.05 11.92
HO3 NAG O . -31.16 49.82 15.90
HO6 NAG O . -35.55 53.08 16.28
C1 NAG O . -32.76 49.59 18.08
C2 NAG O . -32.83 48.32 18.97
C3 NAG O . -32.28 48.71 20.36
C4 NAG O . -30.86 49.31 20.25
C5 NAG O . -30.77 50.46 19.25
C6 NAG O . -29.33 50.91 18.94
C7 NAG O . -34.60 46.59 18.78
C8 NAG O . -36.08 46.28 18.98
N2 NAG O . -34.21 47.84 19.07
O3 NAG O . -32.25 47.56 21.24
O4 NAG O . -30.53 49.80 21.56
O5 NAG O . -31.38 50.05 17.96
O6 NAG O . -28.69 51.40 20.12
O7 NAG O . -33.83 45.73 18.36
H1 NAG O . -33.36 50.38 18.54
H2 NAG O . -32.20 47.56 18.52
H3 NAG O . -32.94 49.46 20.80
H4 NAG O . -30.17 48.52 19.96
H5 NAG O . -31.33 51.32 19.62
H61 NAG O . -29.34 51.70 18.20
H62 NAG O . -28.76 50.09 18.54
H81 NAG O . -36.61 46.37 18.04
H82 NAG O . -36.51 46.97 19.70
H83 NAG O . -36.20 45.27 19.35
HN2 NAG O . -34.90 48.47 19.45
HO3 NAG O . -31.78 47.81 22.03
HO4 NAG O . -29.77 50.36 21.46
HO6 NAG O . -27.89 51.81 19.90
C1 NAG P . -40.35 64.12 6.29
C2 NAG P . -39.66 65.16 7.19
C3 NAG P . -40.35 66.51 6.97
C4 NAG P . -40.29 66.89 5.48
C5 NAG P . -40.71 65.78 4.53
C6 NAG P . -40.33 66.13 3.07
C7 NAG P . -40.39 64.15 9.36
C8 NAG P . -39.96 63.93 10.82
N2 NAG P . -39.52 64.81 8.61
O3 NAG P . -39.70 67.56 7.72
O4 NAG P . -41.26 67.96 5.26
O5 NAG P . -40.05 64.50 4.90
O6 NAG P . -38.92 66.19 2.94
O7 NAG P . -41.48 63.77 8.95
H1 NAG P . -41.43 64.13 6.44
H2 NAG P . -38.64 65.26 6.83
H3 NAG P . -41.39 66.45 7.28
H4 NAG P . -39.28 67.24 5.24
H5 NAG P . -41.78 65.64 4.60
H61 NAG P . -40.72 65.37 2.39
H62 NAG P . -40.76 67.09 2.80
H81 NAG P . -39.51 63.09 10.95
H82 NAG P . -39.36 64.61 11.14
H83 NAG P . -40.71 63.92 11.43
HN2 NAG P . -38.70 65.18 9.05
HO3 NAG P . -39.99 68.41 7.39
HO6 NAG P . -38.57 65.33 3.12
C1 NAG P . -40.71 69.26 4.91
C2 NAG P . -41.86 70.20 4.50
C3 NAG P . -41.28 71.57 4.17
C4 NAG P . -40.50 72.14 5.37
C5 NAG P . -39.46 71.15 5.92
C6 NAG P . -38.85 71.57 7.27
C7 NAG P . -43.92 69.57 3.30
C8 NAG P . -44.53 69.16 1.96
N2 NAG P . -42.58 69.65 3.34
O3 NAG P . -42.37 72.46 3.81
O4 NAG P . -39.74 73.34 4.97
O5 NAG P . -40.07 69.82 6.10
O6 NAG P . -39.88 71.71 8.26
O7 NAG P . -44.62 69.77 4.30
H1 NAG P . -39.99 69.15 4.11
H2 NAG P . -42.54 70.29 5.34
H3 NAG P . -40.61 71.49 3.31
H4 NAG P . -41.21 72.39 6.16
H5 NAG P . -38.65 71.06 5.21
H61 NAG P . -38.33 72.52 7.17
H62 NAG P . -38.14 70.82 7.60
H81 NAG P . -45.47 69.32 1.94
H82 NAG P . -44.17 69.65 1.21
H83 NAG P . -44.39 68.24 1.78
HN2 NAG P . -42.07 69.48 2.50
HO3 NAG P . -42.00 73.28 3.46
HO6 NAG P . -39.47 71.87 9.11
C1 BMA P . -40.51 74.58 4.98
C2 BMA P . -39.58 75.76 5.36
C3 BMA P . -40.35 77.08 5.25
C4 BMA P . -41.05 77.26 3.90
C5 BMA P . -41.88 76.03 3.51
C6 BMA P . -42.38 76.10 2.06
O2 BMA P . -38.45 75.78 4.46
O3 BMA P . -39.43 78.18 5.48
O4 BMA P . -41.96 78.38 4.01
O5 BMA P . -41.04 74.82 3.64
O6 BMA P . -42.98 74.85 1.69
H1 BMA P . -41.32 74.51 5.69
H2 BMA P . -39.22 75.62 6.37
H3 BMA P . -41.10 77.09 6.04
H4 BMA P . -40.32 77.47 3.13
H5 BMA P . -42.74 75.94 4.17
H61 BMA P . -43.13 76.89 1.96
H62 BMA P . -41.56 76.31 1.38
HO2 BMA P . -38.12 74.89 4.38
HO3 BMA P . -38.60 77.94 5.09
HO4 BMA P . -41.49 79.09 4.42
HO6 BMA P . -43.29 74.90 0.84
C1 NAG Q . -59.46 55.68 7.37
C2 NAG Q . -59.39 54.92 8.72
C3 NAG Q . -60.68 54.09 8.79
C4 NAG Q . -61.91 55.00 8.77
C5 NAG Q . -61.91 55.94 7.55
C6 NAG Q . -62.99 57.03 7.66
C7 NAG Q . -57.05 54.52 9.26
C8 NAG Q . -55.90 53.49 9.34
N2 NAG Q . -58.20 54.07 8.80
O3 NAG Q . -60.74 53.27 9.97
O4 NAG Q . -63.07 54.10 8.70
O5 NAG Q . -60.60 56.62 7.42
O6 NAG Q . -62.82 57.93 6.55
O7 NAG Q . -56.90 55.69 9.60
H1 NAG Q . -59.63 54.97 6.56
H2 NAG Q . -59.38 55.62 9.54
H3 NAG Q . -60.72 53.43 7.92
H4 NAG Q . -61.93 55.58 9.69
H5 NAG Q . -62.08 55.36 6.66
H61 NAG Q . -63.98 56.59 7.62
H62 NAG Q . -62.88 57.57 8.58
H81 NAG Q . -56.14 52.61 8.85
H82 NAG Q . -55.71 53.26 10.35
H83 NAG Q . -55.03 53.89 8.93
HN2 NAG Q . -58.30 53.11 8.56
HO3 NAG Q . -61.62 52.94 10.06
HO6 NAG Q . -61.91 58.14 6.50
C1 NAG Q . -64.16 54.39 9.66
C2 NAG Q . -65.45 53.65 9.26
C3 NAG Q . -66.54 54.08 10.27
C4 NAG Q . -66.11 53.60 11.66
C5 NAG Q . -64.76 54.21 12.08
C6 NAG Q . -64.18 53.60 13.36
C7 NAG Q . -65.68 53.11 6.88
C8 NAG Q . -65.99 53.61 5.46
N2 NAG Q . -65.84 53.97 7.88
O3 NAG Q . -67.82 53.50 9.94
O4 NAG Q . -67.14 54.02 12.58
O5 NAG Q . -63.77 53.95 11.01
O6 NAG Q . -65.06 53.88 14.47
O7 NAG Q . -65.30 51.96 7.07
H1 NAG Q . -64.34 55.46 9.67
H2 NAG Q . -65.28 52.58 9.36
H3 NAG Q . -66.63 55.16 10.27
H4 NAG Q . -66.05 52.52 11.68
H5 NAG Q . -64.87 55.28 12.20
H61 NAG Q . -64.06 52.53 13.25
H62 NAG Q . -63.22 54.03 13.56
H81 NAG Q . -65.64 54.63 5.35
H82 NAG Q . -65.49 52.99 4.73
H83 NAG Q . -67.05 53.58 5.30
HN2 NAG Q . -66.22 54.87 7.68
HO3 NAG Q . -68.40 53.64 10.68
HO4 NAG Q . -66.75 54.00 13.46
HO6 NAG Q . -64.68 53.64 15.23
C1 NAG R . -32.15 -12.07 28.43
C2 NAG R . -33.38 -12.99 28.66
C3 NAG R . -34.28 -12.46 29.79
C4 NAG R . -33.51 -12.10 31.06
C5 NAG R . -32.35 -11.17 30.74
C6 NAG R . -31.49 -10.86 31.98
C7 NAG R . -33.93 -13.92 26.44
C8 NAG R . -35.05 -14.14 25.42
N2 NAG R . -34.20 -13.10 27.45
O3 NAG R . -35.29 -13.44 30.15
O4 NAG R . -34.46 -11.38 31.93
O5 NAG R . -31.50 -11.81 29.71
O6 NAG R . -30.41 -10.02 31.58
O7 NAG R . -32.84 -14.47 26.34
H1 NAG R . -32.42 -11.13 27.96
H2 NAG R . -33.02 -13.98 28.94
H3 NAG R . -34.79 -11.57 29.45
H4 NAG R . -33.16 -13.00 31.56
H5 NAG R . -32.74 -10.23 30.35
H61 NAG R . -32.08 -10.36 32.73
H62 NAG R . -31.09 -11.78 32.39
H81 NAG R . -35.79 -14.82 25.82
H82 NAG R . -35.52 -13.19 25.18
H83 NAG R . -34.64 -14.54 24.51
HN2 NAG R . -35.08 -12.63 27.46
HO3 NAG R . -35.74 -13.15 30.94
HO6 NAG R . -30.00 -10.39 30.81
C1 NAG R . -34.69 -11.91 33.27
C2 NAG R . -35.72 -11.00 33.98
C3 NAG R . -36.16 -11.62 35.32
C4 NAG R . -36.67 -13.06 35.09
C5 NAG R . -35.61 -13.93 34.42
C6 NAG R . -36.08 -15.35 34.10
C7 NAG R . -35.39 -8.62 33.40
C8 NAG R . -34.64 -7.32 33.73
N2 NAG R . -35.14 -9.66 34.20
O3 NAG R . -37.22 -10.85 35.94
O4 NAG R . -37.00 -13.61 36.38
O5 NAG R . -35.23 -13.28 33.15
O6 NAG R . -35.06 -16.03 33.34
O7 NAG R . -36.17 -8.69 32.46
H1 NAG R . -33.75 -11.95 33.82
H2 NAG R . -36.58 -10.91 33.34
H3 NAG R . -35.31 -11.66 36.00
H4 NAG R . -37.57 -13.02 34.48
H5 NAG R . -34.72 -13.99 35.06
H61 NAG R . -36.28 -15.92 35.00
H62 NAG R . -36.98 -15.31 33.50
H81 NAG R . -34.84 -7.03 34.75
H82 NAG R . -34.98 -6.53 33.08
H83 NAG R . -33.59 -7.46 33.61
HN2 NAG R . -34.47 -9.55 34.94
HO3 NAG R . -36.93 -9.97 36.07
HO4 NAG R . -37.54 -12.96 36.83
HO6 NAG R . -34.82 -15.45 32.61
C1 NAG S . -59.08 29.12 -3.97
C2 NAG S . -60.49 29.64 -3.62
C3 NAG S . -60.64 29.54 -2.10
C4 NAG S . -60.40 28.11 -1.64
C5 NAG S . -59.06 27.57 -2.11
C6 NAG S . -58.83 26.10 -1.79
C7 NAG S . -61.43 31.39 -5.07
C8 NAG S . -61.37 32.86 -5.49
N2 NAG S . -60.64 31.03 -4.07
O3 NAG S . -61.95 29.94 -1.68
O4 NAG S . -60.41 28.12 -0.17
O5 NAG S . -58.96 27.73 -3.57
O6 NAG S . -57.56 25.73 -2.35
O7 NAG S . -62.15 30.59 -5.66
H1 NAG S . -58.33 29.71 -3.46
H2 NAG S . -61.23 29.01 -4.10
H3 NAG S . -59.91 30.18 -1.62
H4 NAG S . -61.20 27.48 -2.02
H5 NAG S . -58.28 28.16 -1.65
H61 NAG S . -58.82 25.93 -0.72
H62 NAG S . -59.62 25.49 -2.24
H81 NAG S . -61.58 33.49 -4.62
H82 NAG S . -60.39 33.10 -5.86
H83 NAG S . -62.10 33.07 -6.25
HN2 NAG S . -60.09 31.74 -3.63
HO3 NAG S . -62.05 29.73 -0.75
HO6 NAG S . -57.57 25.98 -3.27
C1 NAG S . -61.33 27.15 0.40
C2 NAG S . -61.06 26.96 1.91
C3 NAG S . -62.11 26.01 2.52
C4 NAG S . -63.55 26.38 2.11
C5 NAG S . -63.69 26.61 0.61
C6 NAG S . -65.08 27.10 0.19
C7 NAG S . -58.75 27.09 2.75
C8 NAG S . -57.37 26.42 2.77
N2 NAG S . -59.71 26.43 2.12
O3 NAG S . -62.02 26.05 3.96
O4 NAG S . -64.42 25.25 2.48
O5 NAG S . -62.70 27.62 0.20
O6 NAG S . -65.09 27.40 -1.22
O7 NAG S . -58.93 28.20 3.25
H1 NAG S . -61.19 26.19 -0.11
H2 NAG S . -61.16 27.94 2.38
H3 NAG S . -61.91 25.01 2.19
H4 NAG S . -63.86 27.28 2.64
H5 NAG S . -63.47 25.68 0.08
H61 NAG S . -65.83 26.33 0.39
H62 NAG S . -65.35 28.00 0.73
H81 NAG S . -56.88 26.55 1.84
H82 NAG S . -56.77 26.84 3.53
H83 NAG S . -57.47 25.38 2.96
HN2 NAG S . -59.52 25.49 1.80
HO3 NAG S . -62.82 25.70 4.34
HO6 NAG S . -64.53 28.11 -1.37
C1 BMA S . -65.36 25.57 3.55
C2 BMA S . -66.50 24.53 3.56
C3 BMA S . -67.47 24.85 4.70
C4 BMA S . -66.75 24.95 6.06
C5 BMA S . -65.54 25.90 6.00
C6 BMA S . -64.69 25.85 7.26
O2 BMA S . -65.94 23.20 3.74
O3 BMA S . -68.48 23.80 4.75
O4 BMA S . -67.69 25.46 7.02
O5 BMA S . -64.67 25.54 4.84
O6 BMA S . -63.44 26.52 7.06
H1 BMA S . -65.78 26.56 3.38
H2 BMA S . -67.03 24.56 2.60
H3 BMA S . -67.97 25.79 4.49
H4 BMA S . -66.42 23.96 6.37
H5 BMA S . -65.88 26.92 5.84
H61 BMA S . -65.21 26.32 8.08
H62 BMA S . -64.49 24.82 7.53
HO2 BMA S . -65.23 23.09 3.12
HO3 BMA S . -68.03 22.98 4.54
HO4 BMA S . -68.48 24.95 6.96
HO6 BMA S . -62.94 26.50 7.87
C1 NAG T . -61.42 23.81 -22.08
C2 NAG T . -61.44 22.71 -20.98
C3 NAG T . -60.97 21.41 -21.66
C4 NAG T . -61.82 21.05 -22.88
C5 NAG T . -61.95 22.22 -23.87
C6 NAG T . -62.95 21.98 -25.00
C7 NAG T . -61.01 23.64 -18.77
C8 NAG T . -59.97 23.86 -17.67
N2 NAG T . -60.58 23.04 -19.85
O3 NAG T . -60.99 20.31 -20.72
O4 NAG T . -61.11 19.94 -23.56
O5 NAG T . -62.34 23.45 -23.14
O6 NAG T . -64.27 21.80 -24.45
O7 NAG T . -62.17 24.01 -18.64
H1 NAG T . -60.42 23.90 -22.48
H2 NAG T . -62.46 22.57 -20.63
H3 NAG T . -59.94 21.55 -21.99
H4 NAG T . -62.80 20.72 -22.54
H5 NAG T . -60.97 22.39 -24.33
H61 NAG T . -62.67 21.10 -25.57
H62 NAG T . -62.96 22.84 -25.66
H81 NAG T . -59.57 24.81 -17.73
H82 NAG T . -60.38 23.73 -16.74
H83 NAG T . -59.18 23.19 -17.76
HN2 NAG T . -59.60 22.78 -19.93
HO3 NAG T . -60.99 19.50 -21.19
HO6 NAG T . -64.91 21.88 -25.16
C1 NAG T . -61.86 18.70 -23.67
C2 NAG T . -61.09 17.70 -24.58
C3 NAG T . -61.91 16.41 -24.71
C4 NAG T . -62.22 15.81 -23.33
C5 NAG T . -62.87 16.83 -22.39
C6 NAG T . -63.05 16.33 -20.95
C7 NAG T . -59.68 18.17 -26.52
C8 NAG T . -59.58 18.78 -27.92
N2 NAG T . -60.83 18.31 -25.89
O3 NAG T . -61.20 15.42 -25.51
O4 NAG T . -63.13 14.70 -23.54
O5 NAG T . -62.05 18.06 -22.36
O6 NAG T . -64.00 15.25 -20.93
O7 NAG T . -58.73 17.59 -26.00
H1 NAG T . -62.84 18.91 -24.11
H2 NAG T . -60.14 17.48 -24.09
H3 NAG T . -62.84 16.63 -25.22
H4 NAG T . -61.30 15.43 -22.89
H5 NAG T . -63.86 17.10 -22.78
H61 NAG T . -62.10 15.98 -20.55
H62 NAG T . -63.41 17.14 -20.34
H81 NAG T . -58.63 18.53 -28.37
H82 NAG T . -59.66 19.87 -27.84
H83 NAG T . -60.39 18.42 -28.54
HN2 NAG T . -61.59 18.74 -26.38
HO3 NAG T . -61.70 14.61 -25.49
HO4 NAG T . -63.57 14.55 -22.71
HO6 NAG T . -64.21 15.04 -20.03
C1 NAG U . -68.26 37.68 -19.41
C2 NAG U . -69.79 37.55 -19.44
C3 NAG U . -70.46 38.85 -19.00
C4 NAG U . -69.88 39.40 -17.70
C5 NAG U . -68.35 39.36 -17.64
C6 NAG U . -67.78 39.72 -16.27
C7 NAG U . -70.71 35.96 -21.06
C8 NAG U . -71.49 35.78 -22.38
N2 NAG U . -70.30 37.19 -20.77
O3 NAG U . -71.87 38.59 -18.81
O4 NAG U . -70.19 40.85 -17.62
O5 NAG U . -67.89 38.02 -18.04
O6 NAG U . -68.31 38.92 -15.21
O7 NAG U . -70.51 35.03 -20.29
H1 NAG U . -67.90 38.43 -20.10
H2 NAG U . -70.07 36.79 -18.72
H3 NAG U . -70.34 39.59 -19.79
H4 NAG U . -70.30 38.88 -16.85
H5 NAG U . -67.97 40.07 -18.36
H61 NAG U . -66.71 39.59 -16.28
H62 NAG U . -67.97 40.76 -16.04
H81 NAG U . -71.07 34.95 -22.92
H82 NAG U . -71.44 36.67 -22.97
H83 NAG U . -72.52 35.56 -22.16
HN2 NAG U . -70.44 37.92 -21.44
HO3 NAG U . -72.23 38.18 -19.55
HO6 NAG U . -68.99 39.40 -14.78
C1 NAG U . -71.55 41.36 -17.62
C2 NAG U . -72.11 41.38 -16.20
C3 NAG U . -73.44 42.14 -16.17
C4 NAG U . -73.23 43.57 -16.72
C5 NAG U . -72.76 43.46 -18.17
C6 NAG U . -72.53 44.81 -18.85
C7 NAG U . -71.59 39.57 -14.62
C8 NAG U . -72.07 38.26 -13.96
N2 NAG U . -72.30 40.04 -15.64
O3 NAG U . -73.97 42.17 -14.83
O4 NAG U . -74.50 44.32 -16.70
O5 NAG U . -71.49 42.72 -18.18
O6 NAG U . -71.48 45.52 -18.18
O7 NAG U . -70.57 40.14 -14.23
H1 NAG U . -72.20 40.78 -18.28
H2 NAG U . -71.41 41.92 -15.57
H3 NAG U . -74.16 41.62 -16.80
H4 NAG U . -72.48 44.08 -16.13
H5 NAG U . -73.50 42.92 -18.75
H61 NAG U . -72.24 44.65 -19.89
H62 NAG U . -73.43 45.40 -18.84
H81 NAG U . -71.23 37.64 -13.74
H82 NAG U . -72.72 37.72 -14.62
H83 NAG U . -72.59 38.48 -13.07
HN2 NAG U . -73.10 39.51 -15.95
HO3 NAG U . -74.70 42.74 -14.79
HO6 NAG U . -70.71 44.98 -18.23
C1 BMA U . -74.65 45.36 -15.67
C2 BMA U . -75.91 46.16 -16.01
C3 BMA U . -76.42 47.03 -14.87
C4 BMA U . -76.55 46.24 -13.55
C5 BMA U . -75.19 45.61 -13.24
C6 BMA U . -75.17 44.73 -11.97
O2 BMA U . -76.95 45.21 -16.35
O3 BMA U . -77.73 47.55 -15.24
O4 BMA U . -76.94 47.13 -12.49
O5 BMA U . -74.82 44.73 -14.37
O6 BMA U . -73.88 44.11 -11.87
H1 BMA U . -73.78 46.01 -15.66
H2 BMA U . -75.71 46.78 -16.89
H3 BMA U . -75.74 47.87 -14.73
H4 BMA U . -77.29 45.46 -13.66
H5 BMA U . -74.43 46.37 -13.14
H61 BMA U . -75.36 45.33 -11.08
H62 BMA U . -75.93 43.96 -12.04
HO2 BMA U . -76.54 44.53 -16.88
HO3 BMA U . -78.17 46.85 -15.72
HO4 BMA U . -77.69 47.63 -12.80
HO6 BMA U . -73.71 43.62 -12.67
C1 NAG V . -63.22 45.36 -37.61
C2 NAG V . -62.81 44.40 -38.74
C3 NAG V . -62.57 45.23 -40.02
C4 NAG V . -63.78 46.12 -40.36
C5 NAG V . -64.18 46.98 -39.17
C6 NAG V . -65.47 47.76 -39.42
C7 NAG V . -61.52 42.47 -37.95
C8 NAG V . -60.11 41.90 -37.71
N2 NAG V . -61.57 43.71 -38.40
O3 NAG V . -62.30 44.38 -41.17
O4 NAG V . -63.36 46.97 -41.48
O5 NAG V . -64.41 46.13 -37.99
O6 NAG V . -65.84 48.39 -38.20
O7 NAG V . -62.54 41.84 -37.72
H1 NAG V . -62.42 46.07 -37.42
H2 NAG V . -63.60 43.69 -38.91
H3 NAG V . -61.72 45.87 -39.87
H4 NAG V . -64.62 45.49 -40.66
H5 NAG V . -63.38 47.68 -38.94
H61 NAG V . -65.32 48.50 -40.19
H62 NAG V . -66.25 47.09 -39.73
H81 NAG V . -59.68 42.35 -36.97
H82 NAG V . -60.13 40.95 -37.52
H83 NAG V . -59.51 42.02 -38.49
HN2 NAG V . -60.70 44.21 -38.52
HO3 NAG V . -62.50 44.86 -41.96
HO6 NAG V . -65.76 47.74 -37.52
C1 NAG V . -64.10 46.81 -42.74
C2 NAG V . -63.67 47.93 -43.73
C3 NAG V . -64.41 47.73 -45.07
C4 NAG V . -64.11 46.34 -45.65
C5 NAG V . -64.47 45.23 -44.64
C6 NAG V . -64.03 43.83 -45.09
C7 NAG V . -63.02 50.00 -42.60
C8 NAG V . -63.50 51.28 -41.90
N2 NAG V . -63.96 49.24 -43.16
O3 NAG V . -64.00 48.71 -46.06
O4 NAG V . -64.91 46.21 -46.84
O5 NAG V . -63.80 45.50 -43.34
O6 NAG V . -64.64 43.47 -46.34
O7 NAG V . -61.84 49.68 -42.60
H1 NAG V . -65.16 46.89 -42.54
H2 NAG V . -62.60 47.83 -43.90
H3 NAG V . -65.48 47.82 -44.90
H4 NAG V . -63.05 46.26 -45.91
H5 NAG V . -65.54 45.23 -44.48
H61 NAG V . -62.94 43.80 -45.20
H62 NAG V . -64.31 43.10 -44.34
H81 NAG V . -63.43 51.15 -40.83
H82 NAG V . -64.53 51.51 -42.17
H83 NAG V . -62.87 52.10 -42.21
HN2 NAG V . -64.92 49.56 -43.14
HO3 NAG V . -64.38 48.44 -46.89
HO4 NAG V . -64.92 45.29 -47.07
HO6 NAG V . -64.41 42.57 -46.54
C1 NAG W . 8.27 -39.77 -58.97
C2 NAG W . 7.53 -39.12 -60.17
C3 NAG W . 8.28 -39.47 -61.47
C4 NAG W . 9.76 -39.08 -61.39
C5 NAG W . 10.43 -39.77 -60.20
C6 NAG W . 11.92 -39.44 -60.03
C7 NAG W . 5.18 -39.00 -60.88
C8 NAG W . 3.83 -39.72 -60.96
N2 NAG W . 6.15 -39.63 -60.25
O3 NAG W . 7.69 -38.83 -62.63
O4 NAG W . 10.37 -39.53 -62.61
O5 NAG W . 9.70 -39.42 -58.95
O6 NAG W . 12.12 -38.03 -59.90
O7 NAG W . 5.37 -37.93 -61.45
H1 NAG W . 8.20 -40.85 -59.07
H2 NAG W . 7.51 -38.04 -60.08
H3 NAG W . 8.20 -40.55 -61.62
H4 NAG W . 9.85 -38.00 -61.30
H5 NAG W . 10.35 -40.85 -60.33
H61 NAG W . 12.32 -39.94 -59.16
H62 NAG W . 12.49 -39.80 -60.90
H81 NAG W . 3.96 -40.68 -61.39
H82 NAG W . 3.14 -39.17 -61.55
H83 NAG W . 3.42 -39.83 -59.97
HN2 NAG W . 5.96 -40.51 -59.82
HO3 NAG W . 6.83 -38.48 -62.41
HO4 NAG W . 9.77 -39.27 -63.31
HO6 NAG W . 13.05 -37.87 -59.80
C1 NAG X . 47.67 4.56 -13.25
C2 NAG X . 48.32 5.71 -12.44
C3 NAG X . 49.61 6.17 -13.12
C4 NAG X . 50.57 4.99 -13.31
C5 NAG X . 49.89 3.93 -14.19
C6 NAG X . 50.74 2.69 -14.47
C7 NAG X . 46.98 7.37 -11.21
C8 NAG X . 45.97 8.51 -11.35
N2 NAG X . 47.40 6.83 -12.35
O3 NAG X . 50.27 7.22 -12.37
O4 NAG X . 51.75 5.47 -13.97
O5 NAG X . 48.63 3.50 -13.53
O6 NAG X . 49.93 1.72 -15.15
O7 NAG X . 47.37 6.98 -10.12
H1 NAG X . 47.32 4.98 -14.20
H2 NAG X . 48.57 5.35 -11.44
H3 NAG X . 49.35 6.57 -14.10
H4 NAG X . 50.84 4.56 -12.35
H5 NAG X . 49.62 4.39 -15.15
H61 NAG X . 51.60 2.94 -15.07
H62 NAG X . 51.09 2.27 -13.54
H81 NAG X . 45.59 8.54 -12.33
H82 NAG X . 45.16 8.37 -10.67
H83 NAG X . 46.43 9.42 -11.13
HN2 NAG X . 47.05 7.22 -13.22
HO3 NAG X . 49.67 7.94 -12.26
HO4 NAG X . 51.99 6.28 -13.54
HO6 NAG X . 49.08 1.71 -14.71
C1 NAG Y . 47.12 -23.36 -4.41
C2 NAG Y . 45.94 -22.73 -5.21
C3 NAG Y . 46.33 -22.63 -6.71
C4 NAG Y . 47.72 -22.01 -6.93
C5 NAG Y . 48.78 -22.72 -6.06
C6 NAG Y . 50.17 -22.11 -6.17
C7 NAG Y . 43.51 -23.12 -5.20
C8 NAG Y . 42.39 -24.04 -4.73
N2 NAG Y . 44.75 -23.55 -5.02
O3 NAG Y . 45.38 -21.81 -7.45
O4 NAG Y . 48.04 -22.17 -8.32
O5 NAG Y . 48.36 -22.63 -4.65
O6 NAG Y . 51.01 -22.72 -5.19
O7 NAG Y . 43.31 -22.03 -5.74
H1 NAG Y . 47.25 -24.39 -4.74
H2 NAG Y . 45.75 -21.71 -4.89
H3 NAG Y . 46.31 -23.63 -7.13
H4 NAG Y . 47.70 -20.96 -6.68
H5 NAG Y . 48.84 -23.77 -6.34
H61 NAG Y . 50.60 -22.28 -7.14
H62 NAG Y . 50.15 -21.05 -5.99
H81 NAG Y . 42.59 -25.06 -5.01
H82 NAG Y . 41.45 -23.74 -5.15
H83 NAG Y . 42.31 -23.99 -3.65
HN2 NAG Y . 44.88 -24.46 -4.60
HO3 NAG Y . 44.53 -21.83 -7.00
HO4 NAG Y . 47.29 -21.89 -8.81
HO6 NAG Y . 50.54 -22.69 -4.37
C1 NAG Z . 20.36 22.58 -29.05
C2 NAG Z . 20.10 23.57 -27.88
C3 NAG Z . 20.72 24.92 -28.28
C4 NAG Z . 22.22 24.73 -28.56
C5 NAG Z . 22.51 23.64 -29.61
C6 NAG Z . 24.00 23.30 -29.70
C7 NAG Z . 18.14 23.62 -26.41
C8 NAG Z . 16.61 23.59 -26.34
N2 NAG Z . 18.67 23.68 -27.62
O3 NAG Z . 20.57 25.90 -27.23
O4 NAG Z . 22.70 26.00 -29.03
O5 NAG Z . 21.79 22.40 -29.23
O6 NAG Z . 24.75 24.48 -30.07
O7 NAG Z . 18.82 23.56 -25.40
H1 NAG Z . 19.93 22.98 -29.97
H2 NAG Z . 20.61 23.19 -27.00
H3 NAG Z . 20.23 25.29 -29.17
H4 NAG Z . 22.72 24.49 -27.64
H5 NAG Z . 22.15 23.96 -30.58
H61 NAG Z . 24.36 22.93 -28.75
H62 NAG Z . 24.14 22.54 -30.45
H81 NAG Z . 16.21 24.20 -27.00
H82 NAG Z . 16.23 23.85 -25.46
H83 NAG Z . 16.28 22.70 -26.53
HN2 NAG Z . 18.07 23.70 -28.41
HO3 NAG Z . 21.13 26.64 -27.46
HO4 NAG Z . 23.56 25.85 -29.42
HO6 NAG Z . 25.58 24.21 -30.38
C1 NAG AA . 8.84 33.71 -41.90
C2 NAG AA . 9.05 33.55 -43.43
C3 NAG AA . 10.48 33.98 -43.83
C4 NAG AA . 10.78 35.39 -43.31
C5 NAG AA . 10.70 35.40 -41.79
C6 NAG AA . 11.01 36.75 -41.16
C7 NAG AA . 7.71 31.62 -44.18
C8 NAG AA . 7.77 30.20 -44.73
N2 NAG AA . 8.87 32.16 -43.85
O3 NAG AA . 10.62 33.96 -45.27
O4 NAG AA . 12.11 35.75 -43.73
O5 NAG AA . 9.32 35.01 -41.40
O6 NAG AA . 10.67 36.71 -39.77
O7 NAG AA . 6.64 32.22 -44.07
H1 NAG AA . 9.38 32.93 -41.38
H2 NAG AA . 8.36 34.16 -44.00
H3 NAG AA . 11.19 33.28 -43.41
H4 NAG AA . 10.07 36.09 -43.73
H5 NAG AA . 11.39 34.66 -41.38
H61 NAG AA . 12.06 37.00 -41.28
H62 NAG AA . 10.41 37.53 -41.64
H81 NAG AA . 8.28 29.55 -44.01
H82 NAG AA . 8.33 30.19 -45.64
H83 NAG AA . 6.77 29.82 -44.91
HN2 NAG AA . 9.69 31.57 -43.84
HO3 NAG AA . 10.36 33.13 -45.61
HO4 NAG AA . 12.17 35.52 -44.65
HO6 NAG AA . 9.82 36.27 -39.70
C1 NAG BA . 21.71 18.22 32.04
C2 NAG BA . 20.29 18.70 31.61
C3 NAG BA . 19.45 19.19 32.80
C4 NAG BA . 19.50 18.21 33.98
C5 NAG BA . 20.97 17.93 34.36
C6 NAG BA . 21.18 17.01 35.57
C7 NAG BA . 21.03 20.85 30.60
C8 NAG BA . 21.08 21.67 29.31
N2 NAG BA . 20.34 19.71 30.55
O3 NAG BA . 18.05 19.38 32.40
O4 NAG BA . 18.82 18.82 35.10
O5 NAG BA . 21.62 17.32 33.19
O6 NAG BA . 22.59 16.89 35.80
O7 NAG BA . 21.59 21.24 31.62
H1 NAG BA . 22.33 19.06 32.33
H2 NAG BA . 19.78 17.83 31.19
H3 NAG BA . 19.82 20.15 33.14
H4 NAG BA . 19.01 17.28 33.72
H5 NAG BA . 21.45 18.87 34.57
H61 NAG BA . 20.70 17.43 36.46
H62 NAG BA . 20.74 16.04 35.38
H81 NAG BA . 20.41 22.50 29.37
H82 NAG BA . 22.09 22.04 29.15
H83 NAG BA . 20.81 21.05 28.46
HN2 NAG BA . 19.87 19.48 29.70
HO3 NAG BA . 18.01 19.97 31.66
HO4 NAG BA . 17.99 19.12 34.77
HO6 NAG BA . 22.98 16.58 35.00
C1 NAG CA . 57.45 10.65 14.72
C2 NAG CA . 56.84 9.21 14.69
C3 NAG CA . 57.48 8.39 13.57
C4 NAG CA . 57.39 9.11 12.22
C5 NAG CA . 58.01 10.51 12.28
C6 NAG CA . 57.85 11.31 10.99
C7 NAG CA . 56.29 8.39 16.95
C8 NAG CA . 56.87 7.72 18.20
N2 NAG CA . 57.13 8.52 15.94
O3 NAG CA . 56.84 7.10 13.44
O4 NAG CA . 58.11 8.29 11.28
O5 NAG CA . 57.36 11.27 13.39
O6 NAG CA . 58.30 12.65 11.22
O7 NAG CA . 55.13 8.77 16.89
H1 NAG CA . 58.50 10.56 14.98
H2 NAG CA . 55.76 9.26 14.54
H3 NAG CA . 58.52 8.23 13.80
H4 NAG CA . 56.34 9.17 11.90
H5 NAG CA . 59.07 10.43 12.51
H61 NAG CA . 58.41 10.86 10.18
H62 NAG CA . 56.80 11.34 10.70
H81 NAG CA . 57.26 6.77 17.94
H82 NAG CA . 57.66 8.33 18.60
H83 NAG CA . 56.12 7.60 18.95
HN2 NAG CA . 58.09 8.21 16.08
HO3 NAG CA . 56.85 6.66 14.29
HO4 NAG CA . 57.83 7.40 11.43
HO6 NAG CA . 57.96 12.91 12.05
C1 NAG DA . 32.85 -7.13 25.38
C2 NAG DA . 32.20 -8.50 25.64
C3 NAG DA . 31.42 -8.44 26.97
C4 NAG DA . 32.35 -8.01 28.11
C5 NAG DA . 33.00 -6.66 27.81
C6 NAG DA . 33.98 -6.23 28.91
C7 NAG DA . 31.53 -9.79 23.64
C8 NAG DA . 30.48 -9.97 22.55
N2 NAG DA . 31.27 -8.86 24.56
O3 NAG DA . 30.81 -9.71 27.31
O4 NAG DA . 31.53 -7.91 29.29
O5 NAG DA . 33.71 -6.76 26.51
O6 NAG DA . 34.30 -4.83 28.77
O7 NAG DA . 32.55 -10.46 23.66
H1 NAG DA . 32.08 -6.38 25.28
H2 NAG DA . 32.98 -9.25 25.72
H3 NAG DA . 30.63 -7.70 26.87
H4 NAG DA . 33.12 -8.77 28.26
H5 NAG DA . 32.23 -5.90 27.73
H61 NAG DA . 33.54 -6.37 29.89
H62 NAG DA . 34.89 -6.81 28.86
H81 NAG DA . 30.90 -9.89 21.63
H82 NAG DA . 29.73 -9.27 22.59
H83 NAG DA . 30.03 -10.88 22.60
HN2 NAG DA . 30.43 -8.32 24.47
HO3 NAG DA . 30.24 -9.99 26.60
HO4 NAG DA . 31.01 -8.70 29.32
HO6 NAG DA . 34.68 -4.53 29.57
C1 NAG EA . -12.17 9.78 30.27
C2 NAG EA . -12.32 9.83 31.81
C3 NAG EA . -13.77 9.48 32.21
C4 NAG EA . -14.74 10.42 31.47
C5 NAG EA . -14.53 10.39 29.95
C6 NAG EA . -15.39 11.39 29.16
C7 NAG EA . -10.17 9.29 32.87
C8 NAG EA . -9.31 8.23 33.54
N2 NAG EA . -11.38 8.92 32.47
O3 NAG EA . -13.94 9.62 33.65
O4 NAG EA . -16.10 10.00 31.77
O5 NAG EA . -13.11 10.71 29.66
O6 NAG EA . -14.97 11.41 27.79
O7 NAG EA . -9.74 10.42 32.65
H1 NAG EA . -12.36 8.78 29.92
H2 NAG EA . -12.12 10.85 32.15
H3 NAG EA . -13.97 8.45 31.93
H4 NAG EA . -14.61 11.44 31.82
H5 NAG EA . -14.73 9.38 29.57
H61 NAG EA . -16.44 11.12 29.22
H62 NAG EA . -15.27 12.38 29.58
H81 NAG EA . -9.95 7.49 34.04
H82 NAG EA . -8.70 7.74 32.81
H83 NAG EA . -8.67 8.69 34.28
HN2 NAG EA . -11.63 7.95 32.55
HO3 NAG EA . -13.28 9.12 34.09
HO4 NAG EA . -16.16 9.89 32.70
HO6 NAG EA . -14.04 11.37 27.80
C1 NAG FA . -49.28 45.38 14.01
C2 NAG FA . -50.70 44.99 13.53
C3 NAG FA . -51.72 45.86 14.27
C4 NAG FA . -51.54 45.83 15.78
C5 NAG FA . -50.09 46.10 16.21
C6 NAG FA . -49.87 45.85 17.70
C7 NAG FA . -50.55 44.25 11.19
C8 NAG FA . -50.60 44.67 9.73
N2 NAG FA . -50.79 45.19 12.09
O3 NAG FA . -53.07 45.42 13.95
O4 NAG FA . -52.38 46.87 16.33
O5 NAG FA . -49.19 45.22 15.46
O6 NAG FA . -50.74 46.70 18.49
O7 NAG FA . -50.25 43.13 11.50
H1 NAG FA . -49.09 46.42 13.76
H2 NAG FA . -50.88 43.94 13.76
H3 NAG FA . -51.60 46.88 13.92
H4 NAG FA . -51.86 44.87 16.17
H5 NAG FA . -49.83 47.14 15.99
H61 NAG FA . -50.08 44.82 17.94
H62 NAG FA . -48.85 46.07 17.98
H81 NAG FA . -50.09 43.94 9.12
H82 NAG FA . -51.62 44.74 9.41
H83 NAG FA . -50.13 45.62 9.58
HN2 NAG FA . -51.05 46.11 11.77
HO3 NAG FA . -53.67 45.96 14.47
HO4 NAG FA . -52.09 47.00 17.23
HO6 NAG FA . -50.53 46.56 19.41
C1 NAG GA . -5.63 55.38 -13.74
C2 NAG GA . -5.02 56.80 -13.73
C3 NAG GA . -3.50 56.77 -13.50
C4 NAG GA . -3.14 55.96 -12.27
C5 NAG GA . -3.69 54.52 -12.39
C6 NAG GA . -3.39 53.66 -11.16
C7 NAG GA . -6.39 58.21 -15.20
C8 NAG GA . -6.50 58.88 -16.57
N2 NAG GA . -5.29 57.50 -14.99
O3 NAG GA . -2.96 58.11 -13.34
O4 NAG GA . -1.71 55.91 -12.18
O5 NAG GA . -5.15 54.60 -12.60
O6 NAG GA . -4.11 54.17 -10.01
O7 NAG GA . -7.27 58.30 -14.34
H1 NAG GA . -5.34 54.87 -14.67
H2 NAG GA . -5.47 57.37 -12.91
H3 NAG GA . -3.03 56.32 -14.38
H4 NAG GA . -3.54 56.44 -11.37
H5 NAG GA . -3.24 54.06 -13.25
H61 NAG GA . -3.72 52.64 -11.34
H62 NAG GA . -2.33 53.64 -10.93
H81 NAG GA . -5.60 59.37 -16.83
H82 NAG GA . -7.26 59.61 -16.54
H83 NAG GA . -6.73 58.18 -17.31
HN2 NAG GA . -4.65 57.37 -15.75
HO3 NAG GA . -3.17 58.63 -14.11
HO4 NAG GA . -1.40 56.79 -12.28
HO6 NAG GA . -5.04 54.20 -10.25
C1 NAG HA . -40.67 -37.11 1.69
C2 NAG HA . -40.27 -36.79 0.23
C3 NAG HA . -41.50 -36.80 -0.68
C4 NAG HA . -42.32 -38.08 -0.50
C5 NAG HA . -42.69 -38.31 0.96
C6 NAG HA . -43.47 -39.61 1.17
C7 NAG HA . -39.96 -34.33 0.49
C8 NAG HA . -39.00 -33.15 0.26
N2 NAG HA . -39.53 -35.52 0.10
O3 NAG HA . -41.08 -36.71 -2.07
O4 NAG HA . -43.52 -37.95 -1.27
O5 NAG HA . -41.45 -38.35 1.75
O6 NAG HA . -43.65 -39.81 2.58
O7 NAG HA . -41.07 -34.17 0.98
H1 NAG HA . -41.27 -36.31 2.11
H2 NAG HA . -39.61 -37.58 -0.10
H3 NAG HA . -42.13 -35.94 -0.45
H4 NAG HA . -41.75 -38.93 -0.86
H5 NAG HA . -43.30 -37.48 1.32
H61 NAG HA . -44.44 -39.58 0.68
H62 NAG HA . -42.91 -40.45 0.77
H81 NAG HA . -39.27 -32.34 0.81
H82 NAG HA . -38.04 -33.38 0.52
H83 NAG HA . -38.99 -32.87 -0.72
HN2 NAG HA . -38.60 -35.60 -0.28
HO3 NAG HA . -40.60 -35.91 -2.19
HO4 NAG HA . -43.27 -37.66 -2.14
HO6 NAG HA . -42.84 -39.54 3.00
C1 NAG IA . -24.36 -48.34 35.84
C2 NAG IA . -23.49 -49.56 36.18
C3 NAG IA . -23.68 -49.82 37.69
C4 NAG IA . -23.38 -48.57 38.53
C5 NAG IA . -24.13 -47.33 38.06
C6 NAG IA . -23.64 -46.03 38.72
C7 NAG IA . -23.08 -51.75 35.14
C8 NAG IA . -23.55 -52.75 34.08
N2 NAG IA . -23.87 -50.72 35.38
O3 NAG IA . -22.82 -50.89 38.16
O4 NAG IA . -23.79 -48.85 39.88
O5 NAG IA . -23.93 -47.19 36.61
O6 NAG IA . -24.05 -44.90 37.94
O7 NAG IA . -22.03 -51.89 35.75
H1 NAG IA . -25.40 -48.56 36.09
H2 NAG IA . -22.43 -49.32 35.98
H3 NAG IA . -24.71 -50.12 37.85
H4 NAG IA . -22.31 -48.37 38.51
H5 NAG IA . -25.20 -47.44 38.25
H61 NAG IA . -24.05 -45.96 39.74
H62 NAG IA . -22.55 -46.04 38.80
H81 NAG IA . -24.53 -53.12 34.34
H82 NAG IA . -23.59 -52.27 33.11
H83 NAG IA . -22.86 -53.59 34.03
HN2 NAG IA . -24.75 -50.66 34.90
HO3 NAG IA . -22.52 -51.41 37.42
HO4 NAG IA . -23.44 -49.71 40.10
HO6 NAG IA . -23.72 -45.05 37.06
C1 NAG JA . -12.76 -45.60 7.64
C2 NAG JA . -11.54 -46.53 7.85
C3 NAG JA . -11.79 -47.80 7.01
C4 NAG JA . -13.09 -48.49 7.45
C5 NAG JA . -14.31 -47.55 7.35
C6 NAG JA . -15.53 -48.11 8.07
C7 NAG JA . -9.49 -45.20 8.22
C8 NAG JA . -8.25 -44.57 7.58
N2 NAG JA . -10.30 -45.87 7.41
O3 NAG JA . -10.69 -48.73 7.15
O4 NAG JA . -13.32 -49.62 6.60
O5 NAG JA . -14.00 -46.27 8.02
O6 NAG JA . -16.47 -47.04 8.27
O7 NAG JA . -9.73 -45.09 9.42
H1 NAG JA . -12.82 -45.31 6.59
H2 NAG JA . -11.45 -46.80 8.89
H3 NAG JA . -11.86 -47.51 5.96
H4 NAG JA . -12.98 -48.83 8.48
H5 NAG JA . -14.54 -47.34 6.31
H61 NAG JA . -16.00 -48.90 7.48
H62 NAG JA . -15.26 -48.51 9.03
H81 NAG JA . -7.55 -44.29 8.32
H82 NAG JA . -7.79 -45.26 6.92
H83 NAG JA . -8.52 -43.71 7.02
HN2 NAG JA . -10.10 -45.85 6.41
HO3 NAG JA . -9.88 -48.30 7.00
HO4 NAG JA . -12.49 -50.09 6.54
HO6 NAG JA . -16.00 -46.34 8.69
C1 NAG KA . -33.41 -18.31 -27.44
C2 NAG KA . -34.86 -18.64 -27.88
C3 NAG KA . -34.95 -18.48 -29.40
C4 NAG KA . -34.53 -17.06 -29.81
C5 NAG KA . -33.13 -16.69 -29.28
C6 NAG KA . -32.78 -15.22 -29.52
C7 NAG KA . -36.45 -20.40 -27.22
C8 NAG KA . -36.61 -21.79 -26.58
N2 NAG KA . -35.22 -20.01 -27.48
O3 NAG KA . -36.29 -18.75 -29.88
O4 NAG KA . -34.52 -17.00 -31.25
O5 NAG KA . -33.07 -16.95 -27.83
O6 NAG KA . -31.57 -14.92 -28.80
O7 NAG KA . -37.41 -19.69 -27.48
H1 NAG KA . -32.72 -18.99 -27.91
H2 NAG KA . -35.55 -17.94 -27.40
H3 NAG KA . -34.26 -19.20 -29.86
H4 NAG KA . -35.27 -16.34 -29.43
H5 NAG KA . -32.40 -17.31 -29.76
H61 NAG KA . -32.64 -15.03 -30.57
H62 NAG KA . -33.57 -14.57 -29.15
H81 NAG KA . -35.65 -22.26 -26.47
H82 NAG KA . -37.23 -22.40 -27.22
H83 NAG KA . -37.08 -21.69 -25.61
HN2 NAG KA . -34.46 -20.60 -27.25
HO3 NAG KA . -36.78 -19.19 -29.20
HO4 NAG KA . -35.32 -17.36 -31.55
HO6 NAG KA . -31.65 -15.32 -27.94
C1 NAG LA . -57.86 29.91 -35.53
C2 NAG LA . -57.06 30.65 -36.64
C3 NAG LA . -58.07 31.06 -37.72
C4 NAG LA . -58.85 29.85 -38.26
C5 NAG LA . -59.52 29.05 -37.14
C6 NAG LA . -60.10 27.72 -37.65
C7 NAG LA . -55.14 32.01 -35.89
C8 NAG LA . -54.72 33.35 -35.30
N2 NAG LA . -56.44 31.85 -36.10
O3 NAG LA . -57.39 31.70 -38.82
O4 NAG LA . -59.86 30.36 -39.15
O5 NAG LA . -58.55 28.74 -36.07
O6 NAG LA . -61.09 27.98 -38.66
O7 NAG LA . -54.33 31.12 -36.13
H1 NAG LA . -58.60 30.59 -35.11
H2 NAG LA . -56.32 30.00 -37.08
H3 NAG LA . -58.78 31.77 -37.29
H4 NAG LA . -58.18 29.21 -38.81
H5 NAG LA . -60.33 29.64 -36.71
H61 NAG LA . -59.32 27.11 -38.07
H62 NAG LA . -60.56 27.18 -36.84
H81 NAG LA . -55.25 33.55 -34.41
H82 NAG LA . -53.70 33.36 -35.07
H83 NAG LA . -54.92 34.12 -35.99
HN2 NAG LA . -57.05 32.64 -35.93
HO3 NAG LA . -58.03 31.90 -39.48
HO4 NAG LA . -60.48 29.64 -39.30
HO6 NAG LA . -61.53 27.15 -38.87
C1 NAG MA . -48.48 27.57 15.55
C2 NAG MA . -49.60 27.98 16.54
C3 NAG MA . -49.46 27.12 17.80
C4 NAG MA . -49.47 25.62 17.48
C5 NAG MA . -48.36 25.29 16.46
C6 NAG MA . -48.36 23.82 16.00
C7 NAG MA . -50.10 30.35 16.21
C8 NAG MA . -49.88 31.78 16.69
N2 NAG MA . -49.48 29.39 16.88
O3 NAG MA . -50.54 27.41 18.74
O4 NAG MA . -49.25 24.88 18.71
O5 NAG MA . -48.53 26.14 15.27
O6 NAG MA . -49.57 23.55 15.27
O7 NAG MA . -50.80 30.08 15.23
H1 NAG MA . -47.52 27.82 16.00
H2 NAG MA . -50.57 27.79 16.09
H3 NAG MA . -48.51 27.38 18.30
H4 NAG MA . -50.43 25.35 17.06
H5 NAG MA . -47.38 25.50 16.90
H61 NAG MA . -47.52 23.65 15.34
H62 NAG MA . -48.28 23.16 16.84
H81 NAG MA . -48.84 32.04 16.61
H82 NAG MA . -50.21 31.88 17.72
H83 NAG MA . -50.45 32.46 16.07
HN2 NAG MA . -48.90 29.64 17.66
HO3 NAG MA . -50.54 26.74 19.41
HO4 NAG MA . -48.40 25.08 19.09
HO6 NAG MA . -49.62 24.17 14.55
#